data_8EU4
#
_entry.id   8EU4
#
_cell.length_a   129.334
_cell.length_b   74.473
_cell.length_c   240.826
_cell.angle_alpha   90.000
_cell.angle_beta   90.040
_cell.angle_gamma   90.000
#
_symmetry.space_group_name_H-M   'P 1 21 1'
#
loop_
_entity.id
_entity.type
_entity.pdbx_description
1 polymer 'Pyruvate kinase'
2 non-polymer 'SULFATE ION'
3 water water
#
_entity_poly.entity_id   1
_entity_poly.type   'polypeptide(L)'
_entity_poly.pdbx_seq_one_letter_code
;MKKTKIVCTIGPKTESEEMLAKMLDAGMNVMRLNFSHGDYAEHGQRIQNLRNVMSKTGKTAAILLDTKGPEIRTMKLEGG
NDVSLKAGQTFTFTTDKSVIGNSEMVAVTYEGFTTDLSVGNTVLVDDGLIGMEVTAIEGNKVICKVLNNGDLGENKGVNL
PGVSIALPALAEKDKQDLIFGCEQGVDFVAASFIRKRSDVIEIREHLKAHGGENIHIISKIENQEGLNNFDEILEASDGI
MVARGDLGVEIPVEEVIFAQKMMIEKCIRARKVVITATQMLDSMIKNPRPTRAEAGDVANSILDGTDAVMLSGESAKGKY
PLEAVSIMATICERTDRVMNSRLEFNNDNRKLRITEAVCRGAVETAEKLDAPLIVVATQGGKSARAVRKYFPDATILALT
TNEKTAHQLVLSKGVVPQLVKEITSTDDFYRLGKELALQSGLAHKGDVVVMVSGALVPSGTTNTASVHVL
;
_entity_poly.pdbx_strand_id   A,E,D,G,B,F,H,C
#
loop_
_chem_comp.id
_chem_comp.type
_chem_comp.name
_chem_comp.formula
SO4 non-polymer 'SULFATE ION' 'O4 S -2'
#
# COMPACT_ATOMS: atom_id res chain seq x y z
N MET A 1 22.17 12.06 -39.23
CA MET A 1 23.50 12.62 -38.82
C MET A 1 23.32 13.84 -37.90
N LYS A 2 22.34 13.79 -37.02
CA LYS A 2 22.26 14.76 -35.95
C LYS A 2 23.47 14.62 -35.02
N LYS A 3 23.75 15.70 -34.30
CA LYS A 3 24.76 15.69 -33.23
C LYS A 3 24.12 15.75 -31.86
N THR A 4 23.01 16.48 -31.72
CA THR A 4 22.30 16.52 -30.45
C THR A 4 21.75 15.15 -30.11
N LYS A 5 21.86 14.78 -28.83
CA LYS A 5 21.50 13.46 -28.36
C LYS A 5 20.10 13.49 -27.75
N ILE A 6 19.38 12.36 -27.83
CA ILE A 6 17.99 12.29 -27.40
C ILE A 6 17.87 11.34 -26.22
N VAL A 7 17.31 11.84 -25.12
CA VAL A 7 16.93 11.01 -23.98
C VAL A 7 15.46 10.67 -24.11
N CYS A 8 15.13 9.38 -24.03
CA CYS A 8 13.74 8.92 -24.12
C CYS A 8 13.38 8.18 -22.83
N THR A 9 12.34 8.65 -22.17
CA THR A 9 11.76 7.91 -21.05
C THR A 9 11.06 6.67 -21.56
N ILE A 10 11.44 5.51 -21.03
CA ILE A 10 10.89 4.23 -21.48
C ILE A 10 9.84 3.76 -20.49
N GLY A 11 8.69 3.36 -21.00
CA GLY A 11 7.60 2.87 -20.19
C GLY A 11 6.96 1.64 -20.81
N PRO A 12 5.74 1.31 -20.36
CA PRO A 12 5.11 0.08 -20.88
C PRO A 12 4.99 0.04 -22.39
N LYS A 13 4.67 1.18 -23.01
CA LYS A 13 4.45 1.24 -24.45
C LYS A 13 5.72 1.00 -25.22
N THR A 14 6.88 1.17 -24.59
CA THR A 14 8.12 1.17 -25.34
C THR A 14 9.24 0.34 -24.73
N GLU A 15 8.95 -0.53 -23.77
CA GLU A 15 10.02 -1.23 -23.06
C GLU A 15 10.48 -2.51 -23.77
N SER A 16 9.66 -3.08 -24.65
CA SER A 16 10.02 -4.33 -25.30
C SER A 16 11.23 -4.13 -26.20
N GLU A 17 11.95 -5.23 -26.43
CA GLU A 17 13.13 -5.19 -27.30
C GLU A 17 12.78 -4.67 -28.69
N GLU A 18 11.63 -5.08 -29.23
CA GLU A 18 11.29 -4.65 -30.58
C GLU A 18 11.07 -3.14 -30.66
N MET A 19 10.37 -2.59 -29.68
CA MET A 19 10.21 -1.14 -29.61
C MET A 19 11.55 -0.44 -29.41
N LEU A 20 12.38 -0.94 -28.49
CA LEU A 20 13.65 -0.29 -28.20
C LEU A 20 14.53 -0.24 -29.43
N ALA A 21 14.57 -1.34 -30.21
CA ALA A 21 15.36 -1.34 -31.44
C ALA A 21 14.86 -0.28 -32.41
N LYS A 22 13.53 -0.15 -32.55
CA LYS A 22 13.00 0.87 -33.45
C LYS A 22 13.25 2.27 -32.91
N MET A 23 13.31 2.43 -31.58
CA MET A 23 13.61 3.72 -30.98
C MET A 23 15.04 4.14 -31.29
N LEU A 24 16.00 3.22 -31.13
CA LEU A 24 17.38 3.53 -31.47
C LEU A 24 17.50 3.89 -32.95
N ASP A 25 16.86 3.10 -33.82
CA ASP A 25 16.83 3.42 -35.25
C ASP A 25 16.35 4.84 -35.48
N ALA A 26 15.31 5.27 -34.77
CA ALA A 26 14.72 6.58 -34.98
C ALA A 26 15.51 7.71 -34.34
N GLY A 27 16.51 7.40 -33.50
CA GLY A 27 17.41 8.40 -33.00
C GLY A 27 17.58 8.44 -31.49
N MET A 28 16.93 7.55 -30.76
CA MET A 28 17.12 7.51 -29.32
C MET A 28 18.56 7.16 -29.00
N ASN A 29 19.13 7.85 -28.01
CA ASN A 29 20.48 7.57 -27.56
C ASN A 29 20.55 7.11 -26.12
N VAL A 30 19.67 7.60 -25.26
CA VAL A 30 19.73 7.31 -23.83
C VAL A 30 18.34 6.93 -23.35
N MET A 31 18.26 5.85 -22.57
CA MET A 31 17.02 5.43 -21.92
C MET A 31 16.93 6.09 -20.55
N ARG A 32 15.85 6.82 -20.31
CA ARG A 32 15.53 7.35 -18.99
C ARG A 32 14.54 6.41 -18.32
N LEU A 33 14.87 5.97 -17.09
CA LEU A 33 13.97 5.21 -16.24
C LEU A 33 13.47 6.16 -15.16
N ASN A 34 12.18 6.46 -15.20
CA ASN A 34 11.55 7.38 -14.26
C ASN A 34 11.03 6.57 -13.07
N PHE A 35 11.73 6.66 -11.95
CA PHE A 35 11.37 5.91 -10.77
C PHE A 35 10.29 6.59 -9.96
N SER A 36 9.67 7.63 -10.53
CA SER A 36 8.39 8.10 -10.02
C SER A 36 7.32 7.03 -10.11
N HIS A 37 7.48 6.06 -11.03
CA HIS A 37 6.52 4.99 -11.22
C HIS A 37 7.29 3.70 -11.43
N GLY A 38 6.56 2.58 -11.40
CA GLY A 38 7.14 1.27 -11.66
C GLY A 38 7.82 0.65 -10.45
N ASP A 39 8.13 -0.64 -10.61
CA ASP A 39 8.82 -1.43 -9.59
C ASP A 39 10.12 -2.00 -10.16
N TYR A 40 10.89 -2.63 -9.29
CA TYR A 40 12.25 -3.04 -9.66
C TYR A 40 12.24 -4.11 -10.75
N ALA A 41 11.22 -4.97 -10.76
CA ALA A 41 11.14 -6.01 -11.79
C ALA A 41 10.90 -5.38 -13.15
N GLU A 42 10.03 -4.38 -13.22
CA GLU A 42 9.77 -3.70 -14.48
C GLU A 42 11.02 -3.00 -14.97
N HIS A 43 11.63 -2.16 -14.10
CA HIS A 43 12.83 -1.42 -14.50
C HIS A 43 13.97 -2.37 -14.81
N GLY A 44 14.13 -3.43 -14.01
CA GLY A 44 15.16 -4.41 -14.29
C GLY A 44 14.99 -5.05 -15.67
N GLN A 45 13.76 -5.34 -16.05
CA GLN A 45 13.51 -5.93 -17.36
C GLN A 45 13.80 -4.94 -18.48
N ARG A 46 13.46 -3.67 -18.26
CA ARG A 46 13.80 -2.63 -19.23
C ARG A 46 15.30 -2.59 -19.47
N ILE A 47 16.09 -2.62 -18.39
CA ILE A 47 17.54 -2.60 -18.53
C ILE A 47 18.03 -3.80 -19.33
N GLN A 48 17.51 -4.99 -19.01
CA GLN A 48 17.89 -6.19 -19.74
C GLN A 48 17.47 -6.10 -21.20
N ASN A 49 16.25 -5.62 -21.46
CA ASN A 49 15.79 -5.47 -22.84
C ASN A 49 16.71 -4.56 -23.65
N LEU A 50 17.09 -3.43 -23.08
CA LEU A 50 17.99 -2.53 -23.81
C LEU A 50 19.34 -3.18 -24.05
N ARG A 51 19.89 -3.83 -23.02
CA ARG A 51 21.20 -4.46 -23.16
C ARG A 51 21.15 -5.60 -24.16
N ASN A 52 20.03 -6.33 -24.23
CA ASN A 52 19.91 -7.35 -25.27
C ASN A 52 19.92 -6.70 -26.65
N VAL A 53 19.17 -5.60 -26.80
CA VAL A 53 19.14 -4.91 -28.09
C VAL A 53 20.52 -4.41 -28.47
N MET A 54 21.26 -3.82 -27.53
CA MET A 54 22.59 -3.32 -27.87
C MET A 54 23.50 -4.46 -28.31
N SER A 55 23.42 -5.61 -27.64
CA SER A 55 24.27 -6.74 -28.01
C SER A 55 23.91 -7.28 -29.38
N LYS A 56 22.60 -7.48 -29.62
CA LYS A 56 22.09 -8.01 -30.88
C LYS A 56 22.44 -7.10 -32.06
N THR A 57 22.40 -5.78 -31.84
CA THR A 57 22.55 -4.83 -32.93
C THR A 57 23.93 -4.19 -33.02
N GLY A 58 24.73 -4.24 -31.96
CA GLY A 58 25.97 -3.48 -31.91
C GLY A 58 25.80 -1.99 -31.73
N LYS A 59 24.57 -1.52 -31.50
CA LYS A 59 24.33 -0.12 -31.22
C LYS A 59 24.64 0.18 -29.76
N THR A 60 25.09 1.41 -29.50
CA THR A 60 25.46 1.85 -28.17
C THR A 60 24.45 2.85 -27.64
N ALA A 61 24.02 2.65 -26.39
CA ALA A 61 23.13 3.56 -25.71
C ALA A 61 23.52 3.61 -24.23
N ALA A 62 23.04 4.65 -23.55
CA ALA A 62 23.26 4.82 -22.12
C ALA A 62 21.94 4.67 -21.37
N ILE A 63 22.05 4.43 -20.06
CA ILE A 63 20.91 4.24 -19.19
C ILE A 63 20.98 5.28 -18.08
N LEU A 64 19.89 6.03 -17.91
CA LEU A 64 19.81 7.11 -16.93
C LEU A 64 18.65 6.83 -15.97
N LEU A 65 18.95 6.79 -14.68
CA LEU A 65 17.95 6.60 -13.63
C LEU A 65 17.58 7.95 -13.04
N ASP A 66 16.29 8.29 -13.07
CA ASP A 66 15.77 9.56 -12.61
C ASP A 66 14.97 9.34 -11.33
N THR A 67 15.43 9.92 -10.22
CA THR A 67 14.79 9.71 -8.93
C THR A 67 13.49 10.50 -8.85
N LYS A 68 12.55 10.01 -8.05
CA LYS A 68 11.34 10.79 -7.78
C LYS A 68 11.62 11.96 -6.85
N GLY A 69 12.23 11.70 -5.70
CA GLY A 69 12.56 12.73 -4.74
C GLY A 69 11.38 13.03 -3.82
N PRO A 70 11.65 13.69 -2.70
CA PRO A 70 10.56 14.08 -1.80
C PRO A 70 9.79 15.30 -2.29
N GLU A 71 8.57 15.42 -1.77
CA GLU A 71 7.68 16.53 -2.12
C GLU A 71 6.85 16.90 -0.90
N ILE A 72 6.46 18.17 -0.84
CA ILE A 72 5.47 18.66 0.10
C ILE A 72 4.14 18.77 -0.62
N ARG A 73 3.10 18.14 -0.08
CA ARG A 73 1.77 18.20 -0.66
C ARG A 73 0.75 18.57 0.39
N THR A 74 -0.31 19.26 -0.04
CA THR A 74 -1.52 19.35 0.77
C THR A 74 -2.17 17.97 0.87
N MET A 75 -3.19 17.87 1.72
CA MET A 75 -3.83 16.57 1.96
C MET A 75 -5.32 16.66 1.69
N LYS A 76 -6.13 15.98 2.51
CA LYS A 76 -7.53 15.76 2.16
C LYS A 76 -8.41 16.93 2.59
N LEU A 77 -9.60 16.98 1.99
CA LEU A 77 -10.56 18.04 2.20
C LEU A 77 -11.91 17.44 2.57
N GLU A 78 -12.76 18.27 3.18
CA GLU A 78 -14.12 17.83 3.51
C GLU A 78 -14.80 17.31 2.26
N GLY A 79 -15.38 16.12 2.37
CA GLY A 79 -15.93 15.45 1.21
C GLY A 79 -14.89 15.34 0.12
N GLY A 80 -15.29 14.93 -1.09
CA GLY A 80 -14.30 14.65 -2.11
C GLY A 80 -13.80 15.86 -2.87
N ASN A 81 -14.48 17.00 -2.74
CA ASN A 81 -14.41 18.05 -3.75
C ASN A 81 -13.72 19.31 -3.25
N ASP A 82 -13.54 20.21 -4.21
CA ASP A 82 -12.70 21.38 -4.09
C ASP A 82 -13.33 22.43 -3.18
N VAL A 83 -12.48 23.32 -2.67
CA VAL A 83 -12.92 24.51 -1.95
C VAL A 83 -12.35 25.72 -2.67
N SER A 84 -13.15 26.77 -2.80
CA SER A 84 -12.73 28.01 -3.47
C SER A 84 -12.17 29.04 -2.46
N LEU A 85 -10.93 29.48 -2.69
CA LEU A 85 -10.27 30.41 -1.78
C LEU A 85 -10.33 31.78 -2.41
N LYS A 86 -10.39 32.82 -1.57
CA LYS A 86 -10.65 34.17 -2.04
C LYS A 86 -9.45 35.03 -1.72
N ALA A 87 -9.03 35.81 -2.71
CA ALA A 87 -7.96 36.77 -2.50
C ALA A 87 -8.27 37.64 -1.28
N GLY A 88 -7.31 37.75 -0.38
CA GLY A 88 -7.44 38.55 0.80
C GLY A 88 -7.82 37.77 2.05
N GLN A 89 -8.47 36.62 1.90
CA GLN A 89 -8.84 35.82 3.05
C GLN A 89 -7.59 35.28 3.74
N THR A 90 -7.71 35.02 5.04
CA THR A 90 -6.70 34.25 5.75
C THR A 90 -6.95 32.77 5.53
N PHE A 91 -5.86 32.02 5.33
CA PHE A 91 -5.90 30.59 5.12
C PHE A 91 -4.73 29.98 5.87
N THR A 92 -4.94 28.79 6.44
CA THR A 92 -3.96 28.21 7.33
C THR A 92 -3.58 26.80 6.89
N PHE A 93 -2.30 26.53 6.91
CA PHE A 93 -1.74 25.21 6.75
C PHE A 93 -1.39 24.66 8.12
N THR A 94 -1.68 23.38 8.34
CA THR A 94 -1.35 22.73 9.60
C THR A 94 -0.43 21.54 9.36
N THR A 95 0.49 21.33 10.30
CA THR A 95 1.36 20.17 10.32
C THR A 95 0.72 18.96 11.00
N ASP A 96 -0.50 19.10 11.51
CA ASP A 96 -1.26 17.96 12.04
C ASP A 96 -1.89 17.20 10.87
N LYS A 97 -1.35 16.02 10.54
CA LYS A 97 -1.81 15.27 9.38
C LYS A 97 -3.19 14.63 9.54
N SER A 98 -3.77 14.59 10.75
CA SER A 98 -5.10 14.01 10.90
C SER A 98 -6.20 14.93 10.38
N VAL A 99 -5.90 16.20 10.18
CA VAL A 99 -6.92 17.19 9.88
C VAL A 99 -7.40 17.01 8.44
N ILE A 100 -8.71 17.00 8.25
CA ILE A 100 -9.35 17.08 6.94
C ILE A 100 -9.69 18.54 6.70
N GLY A 101 -9.33 19.06 5.52
CA GLY A 101 -9.34 20.50 5.31
C GLY A 101 -10.66 21.07 4.80
N ASN A 102 -10.70 22.40 4.77
CA ASN A 102 -11.86 23.15 4.29
C ASN A 102 -11.35 24.49 3.75
N SER A 103 -12.28 25.41 3.51
CA SER A 103 -11.93 26.70 2.93
C SER A 103 -11.08 27.55 3.86
N GLU A 104 -10.93 27.17 5.13
CA GLU A 104 -10.08 27.95 6.04
C GLU A 104 -8.74 27.28 6.35
N MET A 105 -8.61 25.96 6.16
CA MET A 105 -7.39 25.27 6.57
C MET A 105 -7.25 23.97 5.80
N VAL A 106 -6.00 23.54 5.62
CA VAL A 106 -5.68 22.23 5.06
C VAL A 106 -4.38 21.77 5.69
N ALA A 107 -4.21 20.45 5.76
CA ALA A 107 -2.97 19.87 6.28
C ALA A 107 -1.95 19.72 5.17
N VAL A 108 -0.68 19.74 5.56
CA VAL A 108 0.43 19.48 4.65
C VAL A 108 1.22 18.29 5.18
N THR A 109 1.92 17.62 4.25
CA THR A 109 2.61 16.39 4.57
C THR A 109 3.91 16.60 5.34
N TYR A 110 4.39 17.83 5.46
CA TYR A 110 5.71 18.12 6.02
C TYR A 110 5.53 18.75 7.40
N GLU A 111 5.96 18.02 8.45
CA GLU A 111 5.81 18.52 9.81
C GLU A 111 6.72 19.71 10.07
N GLY A 112 7.81 19.84 9.32
CA GLY A 112 8.73 20.94 9.49
C GLY A 112 8.25 22.22 8.81
N PHE A 113 7.00 22.22 8.37
CA PHE A 113 6.44 23.35 7.63
C PHE A 113 6.58 24.63 8.46
N THR A 114 6.23 24.58 9.74
CA THR A 114 6.27 25.78 10.57
C THR A 114 7.71 26.24 10.87
N THR A 115 8.65 25.31 10.93
CA THR A 115 10.00 25.67 11.34
C THR A 115 10.77 26.32 10.20
N ASP A 116 10.65 25.77 8.98
CA ASP A 116 11.44 26.25 7.86
C ASP A 116 10.91 27.55 7.27
N LEU A 117 9.62 27.85 7.46
CA LEU A 117 9.03 29.05 6.91
C LEU A 117 9.19 30.22 7.86
N SER A 118 9.13 31.43 7.30
CA SER A 118 9.19 32.67 8.06
C SER A 118 8.04 33.57 7.64
N VAL A 119 7.69 34.49 8.53
CA VAL A 119 6.67 35.48 8.18
C VAL A 119 7.14 36.26 6.98
N GLY A 120 6.27 36.40 5.98
CA GLY A 120 6.61 37.06 4.75
C GLY A 120 6.98 36.15 3.61
N ASN A 121 7.26 34.87 3.88
CA ASN A 121 7.56 33.93 2.80
C ASN A 121 6.33 33.75 1.92
N THR A 122 6.57 33.28 0.71
CA THR A 122 5.49 32.95 -0.22
C THR A 122 5.26 31.44 -0.20
N VAL A 123 4.00 31.05 -0.09
CA VAL A 123 3.59 29.66 -0.25
C VAL A 123 2.79 29.56 -1.54
N LEU A 124 3.19 28.62 -2.39
CA LEU A 124 2.48 28.32 -3.63
C LEU A 124 1.90 26.92 -3.56
N VAL A 125 0.66 26.76 -4.02
CA VAL A 125 -0.04 25.48 -3.97
C VAL A 125 -0.55 25.14 -5.36
N ASP A 126 -0.35 23.89 -5.75
CA ASP A 126 -0.86 23.33 -7.01
C ASP A 126 -0.24 24.03 -8.21
N ASP A 127 1.04 23.71 -8.43
CA ASP A 127 1.80 24.26 -9.56
C ASP A 127 1.67 25.77 -9.60
N GLY A 128 1.71 26.42 -8.44
CA GLY A 128 1.63 27.85 -8.40
C GLY A 128 0.27 28.45 -8.71
N LEU A 129 -0.79 27.64 -8.75
CA LEU A 129 -2.11 28.19 -9.04
C LEU A 129 -2.51 29.25 -8.03
N ILE A 130 -2.29 28.98 -6.74
CA ILE A 130 -2.70 29.87 -5.66
C ILE A 130 -1.46 30.29 -4.88
N GLY A 131 -1.23 31.59 -4.76
CA GLY A 131 -0.15 32.12 -3.98
C GLY A 131 -0.64 32.65 -2.63
N MET A 132 0.20 32.52 -1.62
CA MET A 132 -0.14 32.99 -0.28
C MET A 132 1.10 33.59 0.37
N GLU A 133 0.87 34.50 1.30
CA GLU A 133 1.95 35.13 2.07
C GLU A 133 1.79 34.77 3.54
N VAL A 134 2.85 34.24 4.13
CA VAL A 134 2.86 33.90 5.55
C VAL A 134 2.72 35.18 6.37
N THR A 135 1.69 35.22 7.22
CA THR A 135 1.50 36.34 8.14
C THR A 135 1.82 35.97 9.59
N ALA A 136 1.69 34.70 9.95
CA ALA A 136 2.03 34.27 11.31
C ALA A 136 2.25 32.77 11.32
N ILE A 137 3.08 32.33 12.27
CA ILE A 137 3.38 30.92 12.49
C ILE A 137 3.26 30.65 13.99
N GLU A 138 2.36 29.73 14.37
CA GLU A 138 2.28 29.37 15.78
C GLU A 138 1.69 27.98 15.93
N GLY A 139 2.29 27.21 16.84
CA GLY A 139 1.88 25.84 17.06
C GLY A 139 2.07 25.01 15.82
N ASN A 140 1.02 24.27 15.44
CA ASN A 140 1.03 23.46 14.24
C ASN A 140 0.37 24.17 13.06
N LYS A 141 0.50 25.49 12.98
CA LYS A 141 -0.20 26.26 11.97
C LYS A 141 0.71 27.31 11.34
N VAL A 142 0.62 27.43 10.02
CA VAL A 142 1.21 28.52 9.26
C VAL A 142 0.04 29.34 8.71
N ILE A 143 -0.15 30.54 9.25
CA ILE A 143 -1.28 31.38 8.89
C ILE A 143 -0.86 32.31 7.77
N CYS A 144 -1.65 32.34 6.69
CA CYS A 144 -1.31 33.11 5.50
C CYS A 144 -2.52 33.90 5.02
N LYS A 145 -2.27 34.79 4.07
CA LYS A 145 -3.29 35.47 3.29
C LYS A 145 -3.21 34.96 1.86
N VAL A 146 -4.37 34.63 1.28
CA VAL A 146 -4.41 34.20 -0.11
C VAL A 146 -4.20 35.41 -1.00
N LEU A 147 -3.32 35.29 -1.99
CA LEU A 147 -2.96 36.41 -2.84
C LEU A 147 -3.82 36.48 -4.09
N ASN A 148 -4.47 35.37 -4.46
CA ASN A 148 -5.33 35.35 -5.62
C ASN A 148 -6.41 34.28 -5.49
N ASN A 149 -7.54 34.54 -6.14
CA ASN A 149 -8.65 33.59 -6.19
C ASN A 149 -8.20 32.30 -6.85
N GLY A 150 -8.72 31.18 -6.33
CA GLY A 150 -8.41 29.88 -6.90
C GLY A 150 -9.11 28.77 -6.16
N ASP A 151 -9.31 27.66 -6.87
CA ASP A 151 -9.90 26.46 -6.32
C ASP A 151 -8.81 25.51 -5.84
N LEU A 152 -8.87 25.13 -4.57
CA LEU A 152 -7.95 24.17 -3.98
C LEU A 152 -8.58 22.78 -4.00
N GLY A 153 -7.89 21.83 -4.62
CA GLY A 153 -8.27 20.44 -4.57
C GLY A 153 -7.51 19.66 -3.53
N GLU A 154 -7.59 18.34 -3.63
CA GLU A 154 -6.92 17.45 -2.70
C GLU A 154 -5.53 17.07 -3.21
N ASN A 155 -4.62 16.86 -2.26
CA ASN A 155 -3.27 16.37 -2.53
C ASN A 155 -2.63 17.14 -3.68
N LYS A 156 -2.29 18.40 -3.38
CA LYS A 156 -1.74 19.32 -4.35
C LYS A 156 -0.31 19.69 -3.95
N GLY A 157 0.54 19.86 -4.96
CA GLY A 157 1.92 20.21 -4.69
C GLY A 157 2.04 21.58 -4.03
N VAL A 158 3.01 21.70 -3.13
CA VAL A 158 3.32 22.94 -2.45
C VAL A 158 4.73 23.36 -2.85
N ASN A 159 4.90 24.64 -3.20
CA ASN A 159 6.19 25.18 -3.55
C ASN A 159 6.51 26.34 -2.62
N LEU A 160 7.75 26.36 -2.11
CA LEU A 160 8.21 27.40 -1.18
C LEU A 160 9.42 28.07 -1.82
N PRO A 161 9.20 29.02 -2.74
CA PRO A 161 10.32 29.56 -3.52
C PRO A 161 11.44 30.11 -2.64
N GLY A 162 12.66 29.63 -2.88
CA GLY A 162 13.83 30.15 -2.22
C GLY A 162 13.99 29.79 -0.76
N VAL A 163 13.14 28.92 -0.22
CA VAL A 163 13.15 28.57 1.19
C VAL A 163 13.92 27.27 1.38
N SER A 164 14.84 27.26 2.35
CA SER A 164 15.70 26.11 2.60
C SER A 164 14.94 25.09 3.45
N ILE A 165 14.69 23.91 2.87
CA ILE A 165 13.87 22.88 3.50
C ILE A 165 14.76 21.78 4.07
N ALA A 166 14.54 21.43 5.33
CA ALA A 166 15.29 20.36 6.00
C ALA A 166 14.75 18.97 5.61
N LEU A 167 14.50 18.73 4.33
CA LEU A 167 14.23 17.40 3.80
C LEU A 167 15.42 16.96 2.94
N PRO A 168 15.73 15.67 2.92
CA PRO A 168 16.88 15.21 2.13
C PRO A 168 16.63 15.30 0.63
N ALA A 169 17.74 15.32 -0.12
CA ALA A 169 17.63 15.13 -1.56
C ALA A 169 16.97 13.80 -1.86
N LEU A 170 17.26 12.79 -1.04
CA LEU A 170 16.72 11.44 -1.21
C LEU A 170 16.04 11.02 0.08
N ALA A 171 14.76 10.65 -0.01
CA ALA A 171 14.08 9.90 1.03
C ALA A 171 14.48 8.42 0.95
N GLU A 172 13.97 7.62 1.89
CA GLU A 172 14.35 6.21 1.94
C GLU A 172 14.02 5.49 0.64
N LYS A 173 12.87 5.82 0.02
CA LYS A 173 12.54 5.23 -1.28
C LYS A 173 13.56 5.63 -2.33
N ASP A 174 14.01 6.88 -2.31
CA ASP A 174 15.01 7.34 -3.26
C ASP A 174 16.34 6.59 -3.07
N LYS A 175 16.77 6.43 -1.82
CA LYS A 175 18.03 5.76 -1.54
C LYS A 175 18.01 4.33 -2.09
N GLN A 176 16.90 3.62 -1.88
CA GLN A 176 16.80 2.25 -2.40
C GLN A 176 16.82 2.24 -3.92
N ASP A 177 16.12 3.17 -4.56
CA ASP A 177 16.15 3.25 -6.02
C ASP A 177 17.57 3.45 -6.53
N LEU A 178 18.34 4.31 -5.85
CA LEU A 178 19.72 4.54 -6.28
C LEU A 178 20.59 3.31 -6.04
N ILE A 179 20.34 2.57 -4.96
CA ILE A 179 21.09 1.34 -4.73
C ILE A 179 20.82 0.36 -5.87
N PHE A 180 19.54 0.21 -6.23
CA PHE A 180 19.18 -0.59 -7.41
C PHE A 180 19.93 -0.13 -8.63
N GLY A 181 20.01 1.20 -8.83
CA GLY A 181 20.77 1.73 -9.95
C GLY A 181 22.22 1.29 -9.93
N CYS A 182 22.85 1.34 -8.75
CA CYS A 182 24.24 0.91 -8.65
C CYS A 182 24.37 -0.59 -8.91
N GLU A 183 23.49 -1.40 -8.32
CA GLU A 183 23.52 -2.84 -8.58
C GLU A 183 23.40 -3.13 -10.06
N GLN A 184 22.54 -2.39 -10.76
CA GLN A 184 22.29 -2.61 -12.18
C GLN A 184 23.34 -1.96 -13.06
N GLY A 185 24.20 -1.13 -12.50
CA GLY A 185 25.22 -0.44 -13.28
C GLY A 185 24.70 0.58 -14.26
N VAL A 186 23.74 1.40 -13.84
CA VAL A 186 23.28 2.47 -14.72
C VAL A 186 24.42 3.46 -14.96
N ASP A 187 24.30 4.21 -16.04
CA ASP A 187 25.36 5.11 -16.46
C ASP A 187 25.22 6.51 -15.87
N PHE A 188 23.98 6.96 -15.64
CA PHE A 188 23.68 8.29 -15.13
C PHE A 188 22.62 8.18 -14.05
N VAL A 189 22.69 9.09 -13.08
CA VAL A 189 21.60 9.35 -12.15
C VAL A 189 21.17 10.80 -12.31
N ALA A 190 19.91 11.01 -12.66
CA ALA A 190 19.29 12.33 -12.68
C ALA A 190 18.63 12.54 -11.33
N ALA A 191 19.14 13.50 -10.56
CA ALA A 191 18.73 13.66 -9.17
C ALA A 191 17.69 14.75 -8.99
N SER A 192 16.54 14.36 -8.45
CA SER A 192 15.45 15.26 -8.15
C SER A 192 15.76 16.01 -6.86
N PHE A 193 15.19 17.20 -6.72
CA PHE A 193 15.16 17.93 -5.46
C PHE A 193 16.57 18.31 -4.99
N ILE A 194 17.40 18.70 -5.95
CA ILE A 194 18.69 19.32 -5.68
C ILE A 194 18.44 20.81 -5.49
N ARG A 195 18.80 21.34 -4.33
CA ARG A 195 18.61 22.76 -4.03
C ARG A 195 19.91 23.49 -3.76
N LYS A 196 20.99 22.76 -3.49
CA LYS A 196 22.25 23.36 -3.06
C LYS A 196 23.34 22.33 -3.22
N ARG A 197 24.58 22.79 -3.09
CA ARG A 197 25.75 21.95 -3.32
C ARG A 197 25.71 20.69 -2.48
N SER A 198 25.30 20.81 -1.21
CA SER A 198 25.34 19.67 -0.32
C SER A 198 24.37 18.57 -0.74
N ASP A 199 23.29 18.93 -1.43
CA ASP A 199 22.38 17.90 -1.94
C ASP A 199 23.10 17.03 -2.96
N VAL A 200 23.92 17.63 -3.81
CA VAL A 200 24.67 16.85 -4.79
C VAL A 200 25.65 15.93 -4.07
N ILE A 201 26.34 16.45 -3.06
CA ILE A 201 27.30 15.66 -2.31
C ILE A 201 26.64 14.44 -1.67
N GLU A 202 25.41 14.63 -1.15
CA GLU A 202 24.68 13.52 -0.55
C GLU A 202 24.41 12.42 -1.57
N ILE A 203 24.03 12.81 -2.79
CA ILE A 203 23.85 11.82 -3.84
C ILE A 203 25.16 11.10 -4.12
N ARG A 204 26.25 11.86 -4.25
CA ARG A 204 27.54 11.27 -4.58
C ARG A 204 28.01 10.31 -3.49
N GLU A 205 27.85 10.69 -2.23
CA GLU A 205 28.29 9.84 -1.13
C GLU A 205 27.46 8.57 -1.06
N HIS A 206 26.16 8.66 -1.35
CA HIS A 206 25.30 7.48 -1.40
C HIS A 206 25.74 6.51 -2.50
N LEU A 207 26.04 7.05 -3.69
CA LEU A 207 26.49 6.19 -4.79
C LEU A 207 27.85 5.55 -4.48
N LYS A 208 28.76 6.32 -3.89
CA LYS A 208 30.08 5.78 -3.60
C LYS A 208 30.02 4.71 -2.52
N ALA A 209 28.98 4.71 -1.71
CA ALA A 209 28.81 3.66 -0.71
C ALA A 209 28.29 2.36 -1.31
N HIS A 210 27.89 2.35 -2.58
CA HIS A 210 27.34 1.14 -3.18
C HIS A 210 27.98 0.81 -4.52
N GLY A 211 29.24 1.17 -4.72
CA GLY A 211 29.92 0.80 -5.94
C GLY A 211 29.56 1.63 -7.15
N GLY A 212 28.98 2.81 -6.95
CA GLY A 212 28.57 3.66 -8.04
C GLY A 212 29.48 4.87 -8.25
N GLU A 213 30.74 4.73 -7.87
CA GLU A 213 31.67 5.85 -7.97
C GLU A 213 31.82 6.37 -9.39
N ASN A 214 31.59 5.51 -10.39
CA ASN A 214 31.77 5.95 -11.78
C ASN A 214 30.47 6.42 -12.42
N ILE A 215 29.37 6.46 -11.68
CA ILE A 215 28.10 6.93 -12.21
C ILE A 215 28.07 8.45 -12.20
N HIS A 216 27.63 9.03 -13.32
CA HIS A 216 27.58 10.48 -13.47
C HIS A 216 26.27 11.03 -12.91
N ILE A 217 26.38 12.12 -12.15
CA ILE A 217 25.23 12.75 -11.51
C ILE A 217 24.80 13.93 -12.37
N ILE A 218 23.54 13.89 -12.81
CA ILE A 218 22.89 14.98 -13.55
C ILE A 218 21.95 15.66 -12.57
N SER A 219 22.29 16.87 -12.14
CA SER A 219 21.45 17.59 -11.17
C SER A 219 20.31 18.31 -11.90
N LYS A 220 19.08 18.08 -11.42
CA LYS A 220 17.91 18.72 -11.98
C LYS A 220 17.72 20.09 -11.32
N ILE A 221 17.70 21.13 -12.14
CA ILE A 221 17.42 22.48 -11.67
C ILE A 221 15.94 22.71 -11.92
N GLU A 222 15.16 22.70 -10.84
CA GLU A 222 13.71 22.68 -10.92
C GLU A 222 13.07 23.76 -10.05
N ASN A 223 13.87 24.55 -9.33
CA ASN A 223 13.31 25.53 -8.41
C ASN A 223 14.23 26.72 -8.18
N GLN A 224 13.70 27.70 -7.44
CA GLN A 224 14.39 28.98 -7.26
C GLN A 224 15.69 28.83 -6.48
N GLU A 225 15.65 28.07 -5.39
CA GLU A 225 16.85 27.89 -4.60
C GLU A 225 17.95 27.28 -5.44
N GLY A 226 17.62 26.25 -6.21
CA GLY A 226 18.61 25.63 -7.09
C GLY A 226 19.19 26.60 -8.08
N LEU A 227 18.34 27.48 -8.64
CA LEU A 227 18.85 28.50 -9.55
C LEU A 227 19.81 29.44 -8.85
N ASN A 228 19.45 29.90 -7.64
CA ASN A 228 20.34 30.80 -6.92
C ASN A 228 21.68 30.11 -6.63
N ASN A 229 21.65 28.81 -6.35
CA ASN A 229 22.84 28.05 -6.03
C ASN A 229 23.43 27.33 -7.24
N PHE A 230 23.09 27.76 -8.46
CA PHE A 230 23.43 26.96 -9.63
C PHE A 230 24.94 26.74 -9.76
N ASP A 231 25.74 27.77 -9.52
CA ASP A 231 27.18 27.67 -9.74
C ASP A 231 27.79 26.56 -8.90
N GLU A 232 27.43 26.50 -7.61
CA GLU A 232 27.97 25.45 -6.76
C GLU A 232 27.39 24.09 -7.13
N ILE A 233 26.13 24.04 -7.55
CA ILE A 233 25.55 22.78 -7.97
C ILE A 233 26.28 22.23 -9.20
N LEU A 234 26.47 23.08 -10.21
CA LEU A 234 27.16 22.64 -11.42
C LEU A 234 28.55 22.11 -11.11
N GLU A 235 29.30 22.82 -10.26
CA GLU A 235 30.67 22.43 -9.96
C GLU A 235 30.73 21.03 -9.37
N ALA A 236 29.76 20.70 -8.51
CA ALA A 236 29.74 19.40 -7.85
C ALA A 236 29.10 18.29 -8.68
N SER A 237 28.40 18.63 -9.76
CA SER A 237 27.71 17.63 -10.56
C SER A 237 28.57 17.25 -11.77
N ASP A 238 28.14 16.19 -12.47
CA ASP A 238 28.70 15.84 -13.77
C ASP A 238 27.93 16.48 -14.91
N GLY A 239 26.70 16.91 -14.66
CA GLY A 239 25.89 17.52 -15.69
C GLY A 239 24.64 18.09 -15.07
N ILE A 240 23.80 18.68 -15.93
CA ILE A 240 22.63 19.42 -15.51
C ILE A 240 21.43 19.02 -16.38
N MET A 241 20.28 18.89 -15.75
CA MET A 241 18.99 18.80 -16.44
C MET A 241 18.21 20.08 -16.18
N VAL A 242 17.90 20.83 -17.22
CA VAL A 242 17.10 22.04 -17.09
C VAL A 242 15.64 21.62 -17.17
N ALA A 243 14.96 21.65 -16.02
CA ALA A 243 13.55 21.25 -15.90
C ALA A 243 12.67 22.49 -16.01
N ARG A 244 12.42 22.93 -17.26
CA ARG A 244 11.80 24.23 -17.49
C ARG A 244 10.44 24.32 -16.84
N GLY A 245 9.63 23.28 -17.01
CA GLY A 245 8.29 23.31 -16.49
C GLY A 245 8.24 23.59 -15.00
N ASP A 246 9.06 22.87 -14.22
CA ASP A 246 9.04 23.06 -12.77
C ASP A 246 9.60 24.42 -12.36
N LEU A 247 10.72 24.82 -12.97
CA LEU A 247 11.29 26.13 -12.65
C LEU A 247 10.31 27.24 -12.93
N GLY A 248 9.47 27.07 -13.96
CA GLY A 248 8.46 28.06 -14.27
C GLY A 248 7.45 28.24 -13.17
N VAL A 249 7.34 27.27 -12.26
CA VAL A 249 6.39 27.40 -11.17
C VAL A 249 6.89 28.33 -10.07
N GLU A 250 8.18 28.59 -10.02
CA GLU A 250 8.79 29.22 -8.87
C GLU A 250 9.41 30.57 -9.12
N ILE A 251 9.65 30.96 -10.37
CA ILE A 251 10.30 32.25 -10.63
C ILE A 251 9.47 33.02 -11.64
N PRO A 252 9.72 34.33 -11.76
CA PRO A 252 8.99 35.14 -12.75
C PRO A 252 9.10 34.56 -14.15
N VAL A 253 7.95 34.50 -14.85
CA VAL A 253 7.90 33.77 -16.11
C VAL A 253 8.88 34.35 -17.12
N GLU A 254 9.12 35.66 -17.09
CA GLU A 254 10.03 36.24 -18.07
C GLU A 254 11.49 35.90 -17.79
N GLU A 255 11.79 35.34 -16.61
CA GLU A 255 13.16 34.96 -16.30
C GLU A 255 13.51 33.55 -16.75
N VAL A 256 12.51 32.69 -16.98
CA VAL A 256 12.80 31.28 -17.19
C VAL A 256 13.65 31.10 -18.44
N ILE A 257 13.39 31.94 -19.45
CA ILE A 257 14.10 31.85 -20.73
C ILE A 257 15.60 32.05 -20.51
N PHE A 258 15.96 33.08 -19.76
CA PHE A 258 17.36 33.42 -19.57
C PHE A 258 18.02 32.52 -18.54
N ALA A 259 17.24 31.98 -17.59
CA ALA A 259 17.76 30.93 -16.72
C ALA A 259 18.21 29.72 -17.54
N GLN A 260 17.40 29.30 -18.52
CA GLN A 260 17.79 28.20 -19.39
C GLN A 260 19.05 28.55 -20.17
N LYS A 261 19.05 29.69 -20.85
CA LYS A 261 20.19 30.05 -21.69
C LYS A 261 21.46 30.18 -20.86
N MET A 262 21.38 30.82 -19.69
CA MET A 262 22.55 30.98 -18.83
C MET A 262 23.09 29.64 -18.35
N MET A 263 22.18 28.74 -17.94
CA MET A 263 22.62 27.44 -17.44
C MET A 263 23.27 26.60 -18.55
N ILE A 264 22.71 26.63 -19.76
CA ILE A 264 23.33 25.89 -20.85
C ILE A 264 24.72 26.46 -21.16
N GLU A 265 24.84 27.79 -21.21
CA GLU A 265 26.14 28.40 -21.50
C GLU A 265 27.18 28.01 -20.45
N LYS A 266 26.80 28.01 -19.18
CA LYS A 266 27.77 27.68 -18.15
C LYS A 266 28.15 26.21 -18.19
N CYS A 267 27.20 25.32 -18.49
CA CYS A 267 27.53 23.90 -18.65
C CYS A 267 28.54 23.69 -19.78
N ILE A 268 28.31 24.35 -20.91
CA ILE A 268 29.23 24.24 -22.04
C ILE A 268 30.64 24.65 -21.62
N ARG A 269 30.74 25.80 -20.94
CA ARG A 269 32.04 26.28 -20.49
C ARG A 269 32.70 25.30 -19.54
N ALA A 270 31.92 24.61 -18.72
CA ALA A 270 32.48 23.66 -17.76
C ALA A 270 32.76 22.30 -18.39
N ARG A 271 32.46 22.12 -19.69
CA ARG A 271 32.65 20.86 -20.38
C ARG A 271 31.81 19.75 -19.74
N LYS A 272 30.58 20.10 -19.36
CA LYS A 272 29.69 19.19 -18.65
C LYS A 272 28.38 19.10 -19.39
N VAL A 273 27.87 17.89 -19.51
CA VAL A 273 26.72 17.64 -20.36
C VAL A 273 25.50 18.34 -19.77
N VAL A 274 24.64 18.84 -20.65
CA VAL A 274 23.39 19.49 -20.23
C VAL A 274 22.25 18.94 -21.06
N ILE A 275 21.13 18.65 -20.39
CA ILE A 275 19.92 18.14 -21.01
C ILE A 275 18.82 19.19 -20.83
N THR A 276 18.14 19.53 -21.93
CA THR A 276 16.93 20.35 -21.85
C THR A 276 15.72 19.44 -21.77
N ALA A 277 14.87 19.64 -20.75
CA ALA A 277 13.81 18.68 -20.47
C ALA A 277 12.52 19.36 -20.00
N THR A 278 11.44 18.58 -20.07
CA THR A 278 10.07 18.94 -19.75
C THR A 278 9.45 19.83 -20.81
N GLN A 279 8.16 19.62 -21.09
CA GLN A 279 7.41 20.44 -22.02
C GLN A 279 8.18 20.63 -23.33
N MET A 280 8.67 19.51 -23.86
CA MET A 280 9.41 19.50 -25.12
C MET A 280 8.45 19.21 -26.25
N LEU A 281 7.93 17.98 -26.30
CA LEU A 281 6.96 17.59 -27.31
C LEU A 281 5.72 16.99 -26.65
N ASP A 282 5.27 17.58 -25.53
CA ASP A 282 4.25 16.90 -24.73
C ASP A 282 2.96 16.64 -25.51
N SER A 283 2.61 17.53 -26.45
CA SER A 283 1.38 17.35 -27.21
C SER A 283 1.37 16.02 -27.97
N MET A 284 2.54 15.41 -28.20
CA MET A 284 2.61 14.15 -28.91
C MET A 284 2.24 12.96 -28.03
N ILE A 285 1.97 13.19 -26.75
CA ILE A 285 1.29 12.17 -25.96
C ILE A 285 -0.02 11.79 -26.64
N LYS A 286 -0.68 12.77 -27.26
CA LYS A 286 -1.99 12.58 -27.85
C LYS A 286 -2.02 12.70 -29.37
N ASN A 287 -1.05 13.40 -29.96
CA ASN A 287 -1.07 13.72 -31.38
C ASN A 287 0.15 13.14 -32.07
N PRO A 288 0.03 12.73 -33.35
CA PRO A 288 1.18 12.16 -34.06
C PRO A 288 2.17 13.19 -34.60
N ARG A 289 1.91 14.48 -34.42
CA ARG A 289 2.82 15.55 -34.79
C ARG A 289 2.84 16.59 -33.67
N PRO A 290 3.95 17.30 -33.49
CA PRO A 290 4.04 18.33 -32.45
C PRO A 290 3.49 19.68 -32.92
N THR A 291 3.35 20.59 -31.96
CA THR A 291 2.95 21.95 -32.25
C THR A 291 4.13 22.77 -32.77
N ARG A 292 3.81 23.83 -33.52
CA ARG A 292 4.83 24.76 -34.01
C ARG A 292 5.61 25.35 -32.84
N ALA A 293 4.89 25.76 -31.79
CA ALA A 293 5.54 26.34 -30.63
C ALA A 293 6.53 25.36 -30.03
N GLU A 294 6.10 24.10 -29.87
CA GLU A 294 6.98 23.09 -29.28
C GLU A 294 8.22 22.89 -30.13
N ALA A 295 8.05 22.77 -31.46
CA ALA A 295 9.19 22.54 -32.34
C ALA A 295 10.19 23.68 -32.28
N GLY A 296 9.68 24.92 -32.24
CA GLY A 296 10.58 26.07 -32.11
C GLY A 296 11.29 26.13 -30.78
N ASP A 297 10.57 25.86 -29.68
CA ASP A 297 11.21 25.83 -28.37
C ASP A 297 12.36 24.83 -28.34
N VAL A 298 12.12 23.61 -28.85
CA VAL A 298 13.17 22.60 -28.89
C VAL A 298 14.36 23.11 -29.69
N ALA A 299 14.09 23.63 -30.90
CA ALA A 299 15.16 24.07 -31.77
C ALA A 299 15.97 25.19 -31.13
N ASN A 300 15.31 26.14 -30.47
CA ASN A 300 16.06 27.21 -29.82
C ASN A 300 16.88 26.68 -28.64
N SER A 301 16.41 25.65 -27.95
CA SER A 301 17.23 25.03 -26.91
C SER A 301 18.49 24.41 -27.52
N ILE A 302 18.40 23.86 -28.73
CA ILE A 302 19.56 23.30 -29.41
C ILE A 302 20.50 24.42 -29.86
N LEU A 303 19.96 25.49 -30.43
CA LEU A 303 20.78 26.65 -30.78
C LEU A 303 21.41 27.28 -29.54
N ASP A 304 20.72 27.23 -28.39
CA ASP A 304 21.34 27.64 -27.14
C ASP A 304 22.61 26.85 -26.86
N GLY A 305 22.64 25.59 -27.29
CA GLY A 305 23.84 24.76 -27.15
C GLY A 305 23.68 23.50 -26.34
N THR A 306 22.45 23.07 -26.08
CA THR A 306 22.26 21.89 -25.25
C THR A 306 22.94 20.67 -25.85
N ASP A 307 23.48 19.80 -25.01
CA ASP A 307 23.99 18.52 -25.48
C ASP A 307 22.85 17.61 -25.94
N ALA A 308 21.72 17.66 -25.25
CA ALA A 308 20.70 16.64 -25.41
C ALA A 308 19.34 17.24 -25.10
N VAL A 309 18.32 16.64 -25.70
CA VAL A 309 16.91 16.94 -25.50
C VAL A 309 16.22 15.68 -25.01
N MET A 310 15.18 15.85 -24.20
CA MET A 310 14.58 14.73 -23.50
C MET A 310 13.08 14.62 -23.76
N LEU A 311 12.63 13.39 -23.99
CA LEU A 311 11.22 13.05 -24.06
C LEU A 311 10.78 12.41 -22.75
N SER A 312 9.61 12.81 -22.25
CA SER A 312 9.06 12.24 -21.03
C SER A 312 7.84 11.39 -21.37
N GLY A 313 6.66 11.90 -21.06
CA GLY A 313 5.45 11.14 -21.36
C GLY A 313 5.35 10.74 -22.82
N GLU A 314 5.87 11.57 -23.72
CA GLU A 314 5.74 11.30 -25.15
C GLU A 314 6.24 9.92 -25.51
N SER A 315 7.30 9.46 -24.85
CA SER A 315 7.93 8.20 -25.19
C SER A 315 7.62 7.08 -24.20
N ALA A 316 7.15 7.40 -23.01
CA ALA A 316 6.94 6.40 -21.97
C ALA A 316 5.54 5.83 -21.98
N LYS A 317 4.53 6.70 -21.97
CA LYS A 317 3.14 6.30 -21.90
C LYS A 317 2.28 6.82 -23.04
N GLY A 318 2.81 7.66 -23.92
CA GLY A 318 1.98 8.28 -24.93
C GLY A 318 1.65 7.34 -26.06
N LYS A 319 0.82 7.86 -26.97
CA LYS A 319 0.27 7.07 -28.07
C LYS A 319 1.21 6.95 -29.26
N TYR A 320 2.14 7.91 -29.44
CA TYR A 320 2.97 7.99 -30.64
C TYR A 320 4.45 8.09 -30.26
N PRO A 321 4.97 7.12 -29.52
CA PRO A 321 6.38 7.22 -29.08
C PRO A 321 7.37 7.25 -30.24
N LEU A 322 7.21 6.37 -31.23
CA LEU A 322 8.16 6.36 -32.34
C LEU A 322 8.05 7.63 -33.18
N GLU A 323 6.83 8.15 -33.36
CA GLU A 323 6.68 9.41 -34.07
C GLU A 323 7.39 10.54 -33.34
N ALA A 324 7.29 10.58 -32.01
CA ALA A 324 7.92 11.65 -31.24
C ALA A 324 9.44 11.60 -31.39
N VAL A 325 10.02 10.40 -31.29
CA VAL A 325 11.47 10.29 -31.43
C VAL A 325 11.90 10.73 -32.82
N SER A 326 11.14 10.35 -33.85
CA SER A 326 11.53 10.61 -35.23
C SER A 326 11.50 12.11 -35.53
N ILE A 327 10.43 12.81 -35.12
CA ILE A 327 10.38 14.24 -35.39
C ILE A 327 11.39 14.98 -34.51
N MET A 328 11.64 14.49 -33.30
CA MET A 328 12.71 15.05 -32.48
C MET A 328 14.04 14.94 -33.20
N ALA A 329 14.33 13.79 -33.78
CA ALA A 329 15.58 13.62 -34.52
C ALA A 329 15.62 14.54 -35.74
N THR A 330 14.48 14.70 -36.42
CA THR A 330 14.44 15.63 -37.54
C THR A 330 14.73 17.05 -37.09
N ILE A 331 14.14 17.48 -35.98
CA ILE A 331 14.42 18.82 -35.45
C ILE A 331 15.89 18.96 -35.11
N CYS A 332 16.46 17.94 -34.45
CA CYS A 332 17.88 17.98 -34.08
C CYS A 332 18.77 18.17 -35.32
N GLU A 333 18.58 17.32 -36.32
CA GLU A 333 19.43 17.39 -37.51
C GLU A 333 19.25 18.72 -38.23
N ARG A 334 18.01 19.19 -38.35
CA ARG A 334 17.76 20.44 -39.06
C ARG A 334 18.44 21.61 -38.37
N THR A 335 18.48 21.60 -37.03
CA THR A 335 19.06 22.69 -36.26
C THR A 335 20.58 22.55 -36.14
N ASP A 336 21.04 21.35 -35.79
CA ASP A 336 22.48 21.10 -35.77
C ASP A 336 23.12 21.53 -37.09
N ARG A 337 22.41 21.35 -38.20
CA ARG A 337 22.98 21.56 -39.52
C ARG A 337 23.46 22.99 -39.72
N VAL A 338 22.87 23.96 -39.02
CA VAL A 338 23.15 25.36 -39.26
C VAL A 338 23.94 25.99 -38.12
N MET A 339 24.40 25.17 -37.16
CA MET A 339 25.19 25.69 -36.05
C MET A 339 26.67 25.75 -36.43
N ASN A 340 27.36 26.69 -35.83
CA ASN A 340 28.76 26.95 -36.12
C ASN A 340 29.63 26.62 -34.92
N SER A 341 30.92 26.41 -35.18
CA SER A 341 31.87 26.27 -34.10
C SER A 341 31.94 27.56 -33.29
N ARG A 342 32.40 27.43 -32.05
CA ARG A 342 32.58 28.55 -31.13
C ARG A 342 34.03 28.46 -30.67
N LEU A 343 34.91 29.19 -31.34
CA LEU A 343 36.34 29.00 -31.16
C LEU A 343 36.94 29.95 -30.13
N GLU A 344 36.13 30.82 -29.53
CA GLU A 344 36.65 31.79 -28.58
C GLU A 344 37.14 31.06 -27.34
N ARG A 353 44.64 27.17 -19.29
CA ARG A 353 44.86 25.77 -18.95
C ARG A 353 45.28 24.99 -20.19
N ILE A 354 45.99 23.87 -19.97
CA ILE A 354 46.60 23.12 -21.06
C ILE A 354 45.52 22.41 -21.87
N THR A 355 44.62 21.69 -21.19
CA THR A 355 43.54 21.00 -21.89
C THR A 355 42.74 21.96 -22.78
N GLU A 356 42.38 23.13 -22.24
CA GLU A 356 41.61 24.09 -23.02
C GLU A 356 42.39 24.60 -24.24
N ALA A 357 43.67 24.91 -24.04
CA ALA A 357 44.49 25.40 -25.16
C ALA A 357 44.59 24.36 -26.26
N VAL A 358 44.85 23.10 -25.90
CA VAL A 358 45.03 22.04 -26.89
C VAL A 358 43.72 21.71 -27.58
N CYS A 359 42.64 21.56 -26.82
CA CYS A 359 41.37 21.15 -27.41
C CYS A 359 40.81 22.25 -28.29
N ARG A 360 40.90 23.49 -27.84
CA ARG A 360 40.45 24.59 -28.70
C ARG A 360 41.28 24.64 -29.97
N GLY A 361 42.59 24.43 -29.84
CA GLY A 361 43.45 24.47 -31.02
C GLY A 361 43.19 23.30 -31.94
N ALA A 362 42.91 22.12 -31.38
CA ALA A 362 42.60 20.96 -32.20
C ALA A 362 41.35 21.21 -33.04
N VAL A 363 40.35 21.85 -32.46
CA VAL A 363 39.13 22.14 -33.20
C VAL A 363 39.40 23.19 -34.28
N GLU A 364 40.17 24.22 -33.94
CA GLU A 364 40.49 25.22 -34.95
C GLU A 364 41.28 24.60 -36.10
N THR A 365 42.26 23.75 -35.78
CA THR A 365 43.02 23.06 -36.81
C THR A 365 42.12 22.19 -37.67
N ALA A 366 41.21 21.43 -37.04
CA ALA A 366 40.29 20.60 -37.82
C ALA A 366 39.49 21.46 -38.79
N GLU A 367 38.98 22.60 -38.30
CA GLU A 367 38.18 23.49 -39.12
C GLU A 367 39.01 24.02 -40.29
N LYS A 368 40.24 24.47 -39.99
CA LYS A 368 41.10 25.05 -41.00
C LYS A 368 41.46 24.06 -42.09
N LEU A 369 41.58 22.78 -41.74
CA LEU A 369 41.96 21.75 -42.70
C LEU A 369 40.78 20.93 -43.18
N ASP A 370 39.56 21.36 -42.88
CA ASP A 370 38.33 20.68 -43.33
C ASP A 370 38.31 19.21 -42.94
N ALA A 371 38.72 18.92 -41.71
CA ALA A 371 38.74 17.54 -41.24
C ALA A 371 37.32 17.12 -40.84
N PRO A 372 36.80 16.00 -41.37
CA PRO A 372 35.47 15.56 -40.96
C PRO A 372 35.43 14.91 -39.59
N LEU A 373 36.58 14.65 -38.96
CA LEU A 373 36.61 13.81 -37.77
C LEU A 373 37.74 14.23 -36.85
N ILE A 374 37.43 14.33 -35.57
CA ILE A 374 38.41 14.44 -34.50
C ILE A 374 38.35 13.14 -33.70
N VAL A 375 39.47 12.43 -33.64
CA VAL A 375 39.58 11.19 -32.88
C VAL A 375 40.24 11.49 -31.55
N VAL A 376 39.62 11.06 -30.46
CA VAL A 376 40.08 11.38 -29.11
C VAL A 376 40.29 10.07 -28.35
N ALA A 377 41.41 9.99 -27.64
CA ALA A 377 41.66 8.91 -26.70
C ALA A 377 41.21 9.38 -25.32
N THR A 378 40.41 8.56 -24.64
CA THR A 378 39.88 8.98 -23.34
C THR A 378 39.53 7.78 -22.48
N GLN A 379 39.80 7.91 -21.19
CA GLN A 379 39.44 6.91 -20.20
C GLN A 379 38.23 7.34 -19.37
N GLY A 380 38.21 8.59 -18.91
CA GLY A 380 37.10 9.09 -18.13
C GLY A 380 36.09 9.90 -18.94
N GLY A 381 36.43 10.21 -20.20
CA GLY A 381 35.56 10.97 -21.09
C GLY A 381 35.87 12.44 -21.18
N LYS A 382 36.79 12.93 -20.37
CA LYS A 382 37.04 14.37 -20.25
C LYS A 382 37.54 14.97 -21.55
N SER A 383 38.44 14.26 -22.25
CA SER A 383 39.03 14.81 -23.47
C SER A 383 37.97 14.99 -24.55
N ALA A 384 37.04 14.05 -24.68
CA ALA A 384 35.98 14.19 -25.67
C ALA A 384 35.08 15.37 -25.32
N ARG A 385 34.73 15.50 -24.05
CA ARG A 385 33.89 16.61 -23.62
C ARG A 385 34.63 17.94 -23.76
N ALA A 386 35.94 17.94 -23.59
CA ALA A 386 36.70 19.18 -23.76
C ALA A 386 36.72 19.63 -25.21
N VAL A 387 36.77 18.68 -26.15
CA VAL A 387 36.71 19.02 -27.56
C VAL A 387 35.30 19.50 -27.93
N ARG A 388 34.26 18.84 -27.39
CA ARG A 388 32.89 19.21 -27.76
C ARG A 388 32.54 20.62 -27.32
N LYS A 389 33.20 21.15 -26.30
CA LYS A 389 32.88 22.50 -25.84
C LYS A 389 32.91 23.53 -26.95
N TYR A 390 33.69 23.31 -28.00
CA TYR A 390 33.85 24.29 -29.06
C TYR A 390 32.94 24.02 -30.24
N PHE A 391 32.00 23.09 -30.09
CA PHE A 391 31.00 22.79 -31.10
C PHE A 391 31.67 22.52 -32.46
N PRO A 392 32.60 21.58 -32.52
CA PRO A 392 33.26 21.30 -33.80
C PRO A 392 32.25 20.91 -34.89
N ASP A 393 32.53 21.36 -36.11
CA ASP A 393 31.80 20.84 -37.27
C ASP A 393 32.04 19.34 -37.42
N ALA A 394 33.26 18.91 -37.13
CA ALA A 394 33.62 17.51 -37.25
C ALA A 394 32.95 16.66 -36.17
N THR A 395 32.66 15.42 -36.54
CA THR A 395 32.26 14.42 -35.55
C THR A 395 33.45 14.08 -34.67
N ILE A 396 33.16 13.71 -33.42
CA ILE A 396 34.16 13.28 -32.45
C ILE A 396 34.02 11.77 -32.28
N LEU A 397 35.07 11.03 -32.67
CA LEU A 397 35.15 9.59 -32.44
C LEU A 397 36.03 9.38 -31.21
N ALA A 398 35.42 8.93 -30.12
CA ALA A 398 36.11 8.82 -28.83
C ALA A 398 36.44 7.35 -28.58
N LEU A 399 37.73 7.05 -28.50
CA LEU A 399 38.22 5.69 -28.25
C LEU A 399 38.53 5.53 -26.77
N THR A 400 38.00 4.48 -26.15
CA THR A 400 38.18 4.24 -24.73
C THR A 400 38.22 2.75 -24.47
N THR A 401 38.95 2.36 -23.42
CA THR A 401 38.89 1.01 -22.87
C THR A 401 37.86 0.87 -21.77
N ASN A 402 37.25 1.97 -21.37
CA ASN A 402 36.33 2.03 -20.24
C ASN A 402 34.90 1.93 -20.77
N GLU A 403 34.23 0.81 -20.47
CA GLU A 403 32.87 0.61 -20.96
C GLU A 403 31.92 1.66 -20.40
N LYS A 404 32.10 2.05 -19.15
CA LYS A 404 31.21 3.06 -18.57
C LYS A 404 31.36 4.38 -19.31
N THR A 405 32.60 4.77 -19.59
CA THR A 405 32.84 5.98 -20.37
C THR A 405 32.21 5.87 -21.74
N ALA A 406 32.36 4.72 -22.40
CA ALA A 406 31.75 4.53 -23.71
C ALA A 406 30.25 4.81 -23.65
N HIS A 407 29.58 4.30 -22.62
CA HIS A 407 28.15 4.53 -22.51
C HIS A 407 27.84 6.01 -22.26
N GLN A 408 28.59 6.62 -21.34
CA GLN A 408 28.28 7.99 -20.90
C GLN A 408 28.50 9.02 -22.01
N LEU A 409 29.47 8.79 -22.89
CA LEU A 409 29.73 9.72 -23.98
C LEU A 409 28.59 9.74 -25.00
N VAL A 410 27.70 8.75 -24.97
CA VAL A 410 26.54 8.75 -25.85
C VAL A 410 25.67 9.98 -25.63
N LEU A 411 25.70 10.58 -24.44
CA LEU A 411 24.90 11.77 -24.13
C LEU A 411 25.56 13.08 -24.57
N SER A 412 26.86 13.08 -24.85
CA SER A 412 27.57 14.30 -25.23
C SER A 412 27.38 14.63 -26.71
N LYS A 413 27.14 15.92 -27.01
CA LYS A 413 26.81 16.31 -28.39
C LYS A 413 27.93 15.94 -29.36
N GLY A 414 27.57 15.32 -30.48
CA GLY A 414 28.48 15.06 -31.59
C GLY A 414 29.56 14.04 -31.30
N VAL A 415 29.41 13.19 -30.28
CA VAL A 415 30.44 12.20 -29.90
C VAL A 415 29.93 10.80 -30.27
N VAL A 416 30.76 10.04 -30.97
CA VAL A 416 30.52 8.63 -31.26
C VAL A 416 31.54 7.85 -30.42
N PRO A 417 31.12 7.15 -29.39
CA PRO A 417 32.09 6.40 -28.59
C PRO A 417 32.41 5.06 -29.24
N GLN A 418 33.63 4.58 -28.98
CA GLN A 418 34.07 3.27 -29.46
C GLN A 418 34.93 2.61 -28.38
N LEU A 419 34.47 1.47 -27.85
CA LEU A 419 35.25 0.73 -26.88
C LEU A 419 36.33 -0.01 -27.62
N VAL A 420 37.57 0.06 -27.13
CA VAL A 420 38.69 -0.64 -27.72
C VAL A 420 39.41 -1.41 -26.62
N LYS A 421 40.12 -2.46 -27.00
CA LYS A 421 40.73 -3.34 -26.00
C LYS A 421 41.86 -2.63 -25.28
N GLU A 422 42.64 -1.83 -25.98
CA GLU A 422 43.77 -1.16 -25.32
C GLU A 422 44.35 -0.10 -26.24
N ILE A 423 45.12 0.80 -25.63
CA ILE A 423 45.93 1.78 -26.34
C ILE A 423 47.27 1.85 -25.60
N THR A 424 48.36 1.50 -26.26
CA THR A 424 49.61 1.30 -25.55
C THR A 424 50.61 2.45 -25.67
N SER A 425 50.45 3.34 -26.64
CA SER A 425 51.35 4.47 -26.80
C SER A 425 50.67 5.49 -27.70
N THR A 426 51.31 6.67 -27.82
CA THR A 426 50.75 7.71 -28.67
C THR A 426 50.77 7.29 -30.14
N ASP A 427 51.87 6.71 -30.61
CA ASP A 427 51.95 6.27 -32.00
C ASP A 427 50.96 5.13 -32.28
N ASP A 428 50.78 4.22 -31.33
CA ASP A 428 49.77 3.18 -31.53
C ASP A 428 48.36 3.77 -31.53
N PHE A 429 48.13 4.83 -30.75
CA PHE A 429 46.85 5.53 -30.83
C PHE A 429 46.62 6.09 -32.23
N TYR A 430 47.65 6.68 -32.83
CA TYR A 430 47.51 7.20 -34.19
C TYR A 430 47.25 6.08 -35.18
N ARG A 431 48.03 5.01 -35.10
CA ARG A 431 47.79 3.85 -35.96
C ARG A 431 46.36 3.37 -35.82
N LEU A 432 45.94 3.08 -34.59
CA LEU A 432 44.61 2.52 -34.37
C LEU A 432 43.52 3.51 -34.76
N GLY A 433 43.69 4.77 -34.36
CA GLY A 433 42.65 5.76 -34.64
C GLY A 433 42.38 5.92 -36.11
N LYS A 434 43.44 5.90 -36.93
CA LYS A 434 43.26 6.00 -38.38
C LYS A 434 42.46 4.83 -38.92
N GLU A 435 42.75 3.63 -38.42
CA GLU A 435 42.04 2.42 -38.85
C GLU A 435 40.57 2.47 -38.43
N LEU A 436 40.31 2.82 -37.17
CA LEU A 436 38.93 2.89 -36.71
C LEU A 436 38.19 4.05 -37.37
N ALA A 437 38.91 5.12 -37.70
CA ALA A 437 38.32 6.22 -38.46
C ALA A 437 37.75 5.71 -39.78
N LEU A 438 38.57 4.99 -40.54
CA LEU A 438 38.09 4.40 -41.80
C LEU A 438 36.97 3.39 -41.55
N GLN A 439 37.14 2.54 -40.54
CA GLN A 439 36.14 1.51 -40.26
C GLN A 439 34.79 2.12 -39.89
N SER A 440 34.80 3.29 -39.24
CA SER A 440 33.55 3.90 -38.81
C SER A 440 32.71 4.42 -39.96
N GLY A 441 33.31 4.65 -41.12
CA GLY A 441 32.59 5.30 -42.20
C GLY A 441 32.37 6.78 -42.02
N LEU A 442 32.95 7.38 -40.98
CA LEU A 442 32.85 8.81 -40.74
C LEU A 442 33.92 9.60 -41.47
N ALA A 443 34.97 8.93 -41.95
CA ALA A 443 36.02 9.56 -42.73
C ALA A 443 36.47 8.53 -43.77
N HIS A 444 37.20 9.01 -44.78
CA HIS A 444 37.57 8.17 -45.91
C HIS A 444 39.01 8.42 -46.30
N LYS A 445 39.56 7.50 -47.09
CA LYS A 445 40.93 7.63 -47.58
C LYS A 445 41.12 9.04 -48.15
N GLY A 446 42.21 9.69 -47.73
CA GLY A 446 42.49 11.04 -48.15
C GLY A 446 41.94 12.12 -47.24
N ASP A 447 40.99 11.80 -46.37
CA ASP A 447 40.50 12.78 -45.41
C ASP A 447 41.57 13.10 -44.38
N VAL A 448 41.51 14.33 -43.87
CA VAL A 448 42.33 14.73 -42.73
C VAL A 448 41.57 14.41 -41.46
N VAL A 449 42.26 13.86 -40.45
CA VAL A 449 41.70 13.73 -39.11
C VAL A 449 42.66 14.37 -38.11
N VAL A 450 42.09 14.93 -37.04
CA VAL A 450 42.84 15.49 -35.92
C VAL A 450 42.67 14.55 -34.73
N MET A 451 43.78 14.21 -34.10
CA MET A 451 43.83 13.15 -33.08
C MET A 451 44.36 13.74 -31.78
N VAL A 452 43.56 13.60 -30.72
CA VAL A 452 43.76 14.30 -29.47
C VAL A 452 43.87 13.29 -28.34
N SER A 453 44.91 13.45 -27.52
CA SER A 453 45.14 12.52 -26.41
C SER A 453 45.98 13.18 -25.34
N GLY A 454 46.13 12.47 -24.23
CA GLY A 454 47.05 12.87 -23.18
C GLY A 454 48.27 11.98 -23.17
N ALA A 455 49.45 12.57 -23.33
CA ALA A 455 50.72 11.84 -23.38
C ALA A 455 51.56 12.20 -22.16
N LEU A 456 52.01 11.16 -21.43
CA LEU A 456 52.87 11.35 -20.26
C LEU A 456 52.23 12.29 -19.24
N VAL A 457 50.94 12.11 -19.03
CA VAL A 457 50.18 12.87 -18.03
C VAL A 457 49.11 11.94 -17.43
N PRO A 458 48.60 12.29 -16.25
CA PRO A 458 47.51 11.49 -15.68
C PRO A 458 46.24 11.70 -16.48
N SER A 459 45.26 10.84 -16.20
CA SER A 459 44.07 10.77 -17.05
C SER A 459 43.29 12.08 -17.11
N GLY A 460 43.53 13.02 -16.21
CA GLY A 460 42.72 14.22 -16.19
C GLY A 460 43.08 15.30 -17.19
N THR A 461 44.20 15.16 -17.90
CA THR A 461 44.68 16.18 -18.83
C THR A 461 44.74 15.73 -20.27
N THR A 462 44.40 16.63 -21.18
CA THR A 462 44.58 16.45 -22.62
C THR A 462 45.64 17.42 -23.10
N ASN A 463 46.72 16.89 -23.69
CA ASN A 463 47.87 17.74 -23.99
C ASN A 463 48.46 17.56 -25.37
N THR A 464 47.83 16.78 -26.26
CA THR A 464 48.47 16.43 -27.51
C THR A 464 47.48 16.46 -28.66
N ALA A 465 47.85 17.13 -29.76
CA ALA A 465 47.04 17.18 -30.98
C ALA A 465 47.92 16.81 -32.17
N SER A 466 47.40 15.94 -33.05
CA SER A 466 48.18 15.39 -34.17
C SER A 466 47.29 15.27 -35.40
N VAL A 467 47.84 15.60 -36.56
CA VAL A 467 47.07 15.67 -37.81
C VAL A 467 47.55 14.58 -38.75
N HIS A 468 46.61 13.77 -39.25
CA HIS A 468 46.95 12.65 -40.11
C HIS A 468 45.99 12.60 -41.29
N VAL A 469 46.51 12.15 -42.43
CA VAL A 469 45.72 11.87 -43.63
C VAL A 469 45.46 10.38 -43.65
N LEU A 470 44.20 10.00 -43.85
CA LEU A 470 43.82 8.60 -43.82
C LEU A 470 44.22 7.87 -45.10
N MET B 1 -51.52 -64.48 54.61
CA MET B 1 -51.48 -63.97 53.21
C MET B 1 -52.18 -62.63 53.11
N LYS B 2 -53.45 -62.55 53.54
CA LYS B 2 -54.17 -61.29 53.26
C LYS B 2 -53.62 -60.18 54.09
N LYS B 3 -53.79 -58.97 53.58
CA LYS B 3 -53.40 -57.77 54.30
C LYS B 3 -54.58 -56.92 54.74
N THR B 4 -55.61 -56.85 53.92
CA THR B 4 -56.83 -56.14 54.29
C THR B 4 -57.49 -56.80 55.49
N LYS B 5 -57.95 -55.98 56.43
CA LYS B 5 -58.47 -56.41 57.71
C LYS B 5 -59.98 -56.48 57.66
N ILE B 6 -60.55 -57.40 58.43
CA ILE B 6 -61.98 -57.67 58.37
C ILE B 6 -62.60 -57.32 59.71
N VAL B 7 -63.60 -56.45 59.67
CA VAL B 7 -64.44 -56.14 60.82
C VAL B 7 -65.70 -56.99 60.71
N CYS B 8 -66.01 -57.72 61.78
CA CYS B 8 -67.19 -58.56 61.83
C CYS B 8 -68.08 -58.08 62.96
N THR B 9 -69.33 -57.73 62.63
CA THR B 9 -70.34 -57.46 63.65
C THR B 9 -70.73 -58.77 64.31
N ILE B 10 -70.62 -58.82 65.63
CA ILE B 10 -70.89 -60.04 66.39
C ILE B 10 -72.27 -59.89 67.03
N GLY B 11 -73.10 -60.92 66.84
CA GLY B 11 -74.45 -60.93 67.36
C GLY B 11 -74.79 -62.28 67.96
N PRO B 12 -76.09 -62.58 68.09
CA PRO B 12 -76.48 -63.85 68.71
C PRO B 12 -75.86 -65.07 68.05
N LYS B 13 -75.83 -65.12 66.72
CA LYS B 13 -75.36 -66.30 66.02
C LYS B 13 -73.85 -66.50 66.14
N THR B 14 -73.09 -65.46 66.50
CA THR B 14 -71.64 -65.54 66.45
C THR B 14 -70.95 -65.16 67.75
N GLU B 15 -71.68 -65.04 68.87
CA GLU B 15 -71.08 -64.51 70.08
C GLU B 15 -70.36 -65.56 70.92
N SER B 16 -70.64 -66.84 70.70
CA SER B 16 -70.01 -67.87 71.52
C SER B 16 -68.51 -67.91 71.31
N GLU B 17 -67.79 -68.36 72.34
CA GLU B 17 -66.34 -68.49 72.22
C GLU B 17 -65.97 -69.39 71.05
N GLU B 18 -66.73 -70.46 70.85
CA GLU B 18 -66.43 -71.39 69.77
C GLU B 18 -66.56 -70.70 68.42
N MET B 19 -67.66 -69.96 68.21
CA MET B 19 -67.84 -69.26 66.95
C MET B 19 -66.73 -68.24 66.74
N LEU B 20 -66.40 -67.47 67.79
CA LEU B 20 -65.38 -66.43 67.64
C LEU B 20 -64.04 -67.02 67.23
N ALA B 21 -63.66 -68.15 67.83
CA ALA B 21 -62.41 -68.81 67.46
C ALA B 21 -62.40 -69.19 65.98
N LYS B 22 -63.52 -69.72 65.48
CA LYS B 22 -63.61 -70.10 64.08
C LYS B 22 -63.63 -68.87 63.19
N MET B 23 -64.19 -67.76 63.68
CA MET B 23 -64.20 -66.51 62.91
C MET B 23 -62.79 -65.96 62.77
N LEU B 24 -62.02 -65.94 63.86
CA LEU B 24 -60.63 -65.51 63.78
C LEU B 24 -59.85 -66.40 62.82
N ASP B 25 -60.04 -67.73 62.93
CA ASP B 25 -59.39 -68.66 62.02
C ASP B 25 -59.68 -68.29 60.57
N ALA B 26 -60.94 -67.95 60.27
CA ALA B 26 -61.37 -67.66 58.91
C ALA B 26 -60.99 -66.25 58.44
N GLY B 27 -60.49 -65.38 59.31
CA GLY B 27 -59.93 -64.11 58.89
C GLY B 27 -60.47 -62.87 59.59
N MET B 28 -61.36 -63.05 60.56
CA MET B 28 -61.85 -61.91 61.33
C MET B 28 -60.71 -61.25 62.10
N ASN B 29 -60.69 -59.93 62.10
CA ASN B 29 -59.68 -59.18 62.85
C ASN B 29 -60.25 -58.27 63.92
N VAL B 30 -61.44 -57.71 63.71
CA VAL B 30 -62.03 -56.72 64.60
C VAL B 30 -63.49 -57.10 64.85
N MET B 31 -63.88 -57.09 66.11
CA MET B 31 -65.28 -57.30 66.48
C MET B 31 -65.96 -55.95 66.55
N ARG B 32 -67.04 -55.79 65.79
CA ARG B 32 -67.91 -54.62 65.89
C ARG B 32 -69.09 -54.95 66.79
N LEU B 33 -69.33 -54.10 67.78
CA LEU B 33 -70.51 -54.16 68.63
C LEU B 33 -71.45 -53.06 68.13
N ASN B 34 -72.59 -53.48 67.58
CA ASN B 34 -73.57 -52.55 67.00
C ASN B 34 -74.57 -52.19 68.10
N PHE B 35 -74.44 -50.97 68.62
CA PHE B 35 -75.32 -50.57 69.72
C PHE B 35 -76.65 -50.04 69.23
N SER B 36 -76.95 -50.24 67.95
CA SER B 36 -78.33 -50.15 67.49
C SER B 36 -79.18 -51.19 68.18
N HIS B 37 -78.58 -52.28 68.67
CA HIS B 37 -79.28 -53.39 69.28
C HIS B 37 -78.52 -53.84 70.51
N GLY B 38 -79.14 -54.72 71.30
CA GLY B 38 -78.50 -55.33 72.45
C GLY B 38 -78.52 -54.45 73.69
N ASP B 39 -78.11 -55.05 74.81
CA ASP B 39 -77.99 -54.36 76.09
C ASP B 39 -76.56 -54.55 76.60
N TYR B 40 -76.25 -53.88 77.73
CA TYR B 40 -74.86 -53.87 78.19
C TYR B 40 -74.38 -55.25 78.59
N ALA B 41 -75.29 -56.09 79.10
CA ALA B 41 -74.89 -57.44 79.51
C ALA B 41 -74.52 -58.29 78.31
N GLU B 42 -75.28 -58.21 77.22
CA GLU B 42 -74.95 -58.99 76.04
C GLU B 42 -73.61 -58.55 75.46
N HIS B 43 -73.44 -57.24 75.24
CA HIS B 43 -72.20 -56.74 74.67
C HIS B 43 -71.02 -57.03 75.59
N GLY B 44 -71.21 -56.86 76.90
CA GLY B 44 -70.15 -57.18 77.85
C GLY B 44 -69.69 -58.62 77.78
N GLN B 45 -70.64 -59.56 77.62
CA GLN B 45 -70.28 -60.97 77.54
C GLN B 45 -69.56 -61.27 76.22
N ARG B 46 -69.97 -60.62 75.13
CA ARG B 46 -69.26 -60.72 73.86
C ARG B 46 -67.81 -60.30 74.01
N ILE B 47 -67.58 -59.18 74.69
CA ILE B 47 -66.21 -58.72 74.93
C ILE B 47 -65.43 -59.75 75.72
N GLN B 48 -66.05 -60.30 76.77
CA GLN B 48 -65.37 -61.30 77.59
C GLN B 48 -65.06 -62.55 76.78
N ASN B 49 -66.03 -63.01 75.99
CA ASN B 49 -65.81 -64.20 75.18
C ASN B 49 -64.64 -64.03 74.24
N LEU B 50 -64.55 -62.87 73.58
CA LEU B 50 -63.45 -62.64 72.66
C LEU B 50 -62.12 -62.59 73.41
N ARG B 51 -62.08 -61.90 74.55
CA ARG B 51 -60.85 -61.79 75.31
C ARG B 51 -60.41 -63.14 75.87
N ASN B 52 -61.35 -64.01 76.23
CA ASN B 52 -60.96 -65.37 76.62
C ASN B 52 -60.34 -66.11 75.44
N VAL B 53 -60.95 -66.01 74.25
CA VAL B 53 -60.39 -66.66 73.07
C VAL B 53 -59.01 -66.10 72.76
N MET B 54 -58.86 -64.77 72.88
CA MET B 54 -57.54 -64.17 72.64
C MET B 54 -56.53 -64.68 73.65
N SER B 55 -56.94 -64.83 74.91
CA SER B 55 -56.04 -65.36 75.92
C SER B 55 -55.68 -66.81 75.62
N LYS B 56 -56.69 -67.65 75.32
CA LYS B 56 -56.38 -69.05 75.08
C LYS B 56 -55.51 -69.25 73.84
N THR B 57 -55.72 -68.42 72.81
CA THR B 57 -55.05 -68.69 71.53
C THR B 57 -53.80 -67.86 71.33
N GLY B 58 -53.61 -66.80 72.10
CA GLY B 58 -52.56 -65.85 71.84
C GLY B 58 -52.81 -64.94 70.65
N LYS B 59 -53.99 -64.98 70.04
CA LYS B 59 -54.33 -64.12 68.92
C LYS B 59 -54.72 -62.73 69.42
N THR B 60 -54.50 -61.74 68.58
CA THR B 60 -54.86 -60.35 68.87
C THR B 60 -56.04 -59.96 67.98
N ALA B 61 -57.01 -59.26 68.57
CA ALA B 61 -58.12 -58.67 67.83
C ALA B 61 -58.42 -57.33 68.46
N ALA B 62 -59.17 -56.50 67.73
CA ALA B 62 -59.62 -55.22 68.25
C ALA B 62 -61.13 -55.23 68.42
N ILE B 63 -61.62 -54.32 69.26
CA ILE B 63 -63.03 -54.21 69.57
C ILE B 63 -63.46 -52.79 69.23
N LEU B 64 -64.50 -52.67 68.41
CA LEU B 64 -65.02 -51.40 67.93
C LEU B 64 -66.47 -51.29 68.35
N LEU B 65 -66.79 -50.21 69.06
CA LEU B 65 -68.15 -49.90 69.49
C LEU B 65 -68.73 -48.92 68.47
N ASP B 66 -69.83 -49.30 67.83
CA ASP B 66 -70.46 -48.51 66.78
C ASP B 66 -71.77 -47.97 67.34
N THR B 67 -71.87 -46.65 67.45
CA THR B 67 -73.05 -46.07 68.06
C THR B 67 -74.24 -46.17 67.12
N LYS B 68 -75.44 -46.20 67.72
CA LYS B 68 -76.66 -46.08 66.92
C LYS B 68 -76.73 -44.69 66.29
N GLY B 69 -76.47 -43.66 67.10
CA GLY B 69 -76.41 -42.29 66.63
C GLY B 69 -77.75 -41.60 66.64
N PRO B 70 -77.72 -40.28 66.46
CA PRO B 70 -78.97 -39.52 66.37
C PRO B 70 -79.64 -39.78 65.03
N GLU B 71 -80.96 -39.74 65.03
CA GLU B 71 -81.72 -40.04 63.83
C GLU B 71 -83.05 -39.29 63.87
N ILE B 72 -83.60 -39.07 62.69
CA ILE B 72 -84.98 -38.64 62.52
C ILE B 72 -85.79 -39.87 62.13
N ARG B 73 -86.84 -40.17 62.88
CA ARG B 73 -87.75 -41.25 62.55
C ARG B 73 -89.18 -40.75 62.61
N THR B 74 -90.04 -41.33 61.77
CA THR B 74 -91.47 -41.23 61.97
C THR B 74 -91.85 -42.02 63.23
N MET B 75 -93.12 -41.89 63.65
CA MET B 75 -93.57 -42.52 64.88
C MET B 75 -94.77 -43.43 64.60
N LYS B 76 -95.77 -43.40 65.47
CA LYS B 76 -96.79 -44.44 65.47
C LYS B 76 -97.92 -44.09 64.50
N LEU B 77 -98.67 -45.12 64.12
CA LEU B 77 -99.81 -45.01 63.23
C LEU B 77 -101.05 -45.59 63.90
N GLU B 78 -102.22 -45.16 63.41
CA GLU B 78 -103.49 -45.63 63.96
C GLU B 78 -103.52 -47.16 64.01
N GLY B 79 -103.78 -47.70 65.20
CA GLY B 79 -103.89 -49.14 65.39
C GLY B 79 -102.66 -49.91 64.95
N GLY B 80 -101.51 -49.24 64.93
CA GLY B 80 -100.28 -49.73 64.30
C GLY B 80 -100.44 -50.47 62.98
N ASN B 81 -101.29 -49.95 62.10
CA ASN B 81 -101.45 -50.49 60.75
C ASN B 81 -100.70 -49.62 59.74
N ASP B 82 -100.01 -50.27 58.80
CA ASP B 82 -99.42 -49.54 57.69
C ASP B 82 -100.49 -48.72 56.97
N VAL B 83 -100.06 -47.62 56.33
CA VAL B 83 -100.95 -46.80 55.52
C VAL B 83 -100.35 -46.68 54.13
N SER B 84 -101.22 -46.71 53.11
CA SER B 84 -100.80 -46.60 51.73
C SER B 84 -100.83 -45.13 51.30
N LEU B 85 -99.70 -44.62 50.85
CA LEU B 85 -99.58 -43.24 50.38
C LEU B 85 -99.56 -43.23 48.85
N LYS B 86 -100.13 -42.20 48.23
CA LYS B 86 -100.28 -42.16 46.79
C LYS B 86 -99.62 -40.92 46.21
N ALA B 87 -98.93 -41.08 45.08
CA ALA B 87 -98.24 -39.99 44.42
C ALA B 87 -99.21 -38.84 44.12
N GLY B 88 -98.81 -37.64 44.52
CA GLY B 88 -99.59 -36.46 44.32
C GLY B 88 -100.35 -35.99 45.53
N GLN B 89 -100.67 -36.87 46.47
CA GLN B 89 -101.40 -36.49 47.66
C GLN B 89 -100.56 -35.56 48.53
N THR B 90 -101.25 -34.76 49.34
CA THR B 90 -100.61 -34.03 50.42
C THR B 90 -100.42 -34.93 51.63
N PHE B 91 -99.26 -34.81 52.26
CA PHE B 91 -98.91 -35.54 53.47
C PHE B 91 -98.13 -34.60 54.38
N THR B 92 -98.37 -34.70 55.69
CA THR B 92 -97.81 -33.74 56.64
C THR B 92 -97.06 -34.44 57.76
N PHE B 93 -95.88 -33.91 58.06
CA PHE B 93 -95.11 -34.29 59.23
C PHE B 93 -95.33 -33.27 60.31
N THR B 94 -95.52 -33.74 61.54
CA THR B 94 -95.64 -32.88 62.70
C THR B 94 -94.55 -33.23 63.70
N THR B 95 -94.01 -32.21 64.37
CA THR B 95 -93.06 -32.39 65.45
C THR B 95 -93.72 -32.64 66.81
N ASP B 96 -95.05 -32.67 66.86
CA ASP B 96 -95.79 -32.99 68.08
C ASP B 96 -95.81 -34.50 68.29
N LYS B 97 -95.05 -34.96 69.29
CA LYS B 97 -94.87 -36.39 69.46
C LYS B 97 -96.13 -37.06 69.93
N SER B 98 -97.10 -36.27 70.38
CA SER B 98 -98.31 -36.86 70.90
C SER B 98 -99.21 -37.42 69.79
N VAL B 99 -98.95 -37.03 68.56
CA VAL B 99 -99.84 -37.34 67.45
C VAL B 99 -99.64 -38.80 67.03
N ILE B 100 -100.76 -39.52 66.84
CA ILE B 100 -100.79 -40.84 66.21
C ILE B 100 -101.15 -40.62 64.74
N GLY B 101 -100.38 -41.26 63.84
CA GLY B 101 -100.45 -40.93 62.43
C GLY B 101 -101.49 -41.73 61.64
N ASN B 102 -101.71 -41.29 60.40
CA ASN B 102 -102.65 -41.91 59.48
C ASN B 102 -102.20 -41.55 58.06
N SER B 103 -103.06 -41.81 57.07
CA SER B 103 -102.71 -41.58 55.68
C SER B 103 -102.44 -40.12 55.36
N GLU B 104 -102.69 -39.21 56.30
CA GLU B 104 -102.61 -37.78 56.03
C GLU B 104 -101.50 -37.07 56.81
N MET B 105 -101.03 -37.66 57.91
CA MET B 105 -100.07 -37.03 58.80
C MET B 105 -99.39 -38.11 59.62
N VAL B 106 -98.16 -37.81 60.03
CA VAL B 106 -97.47 -38.61 61.03
C VAL B 106 -96.51 -37.70 61.79
N ALA B 107 -96.22 -38.05 63.04
CA ALA B 107 -95.24 -37.34 63.84
C ALA B 107 -93.83 -37.84 63.54
N VAL B 108 -92.86 -36.95 63.77
CA VAL B 108 -91.44 -37.29 63.65
C VAL B 108 -90.80 -37.02 65.00
N THR B 109 -89.70 -37.72 65.26
CA THR B 109 -89.04 -37.65 66.56
C THR B 109 -88.21 -36.40 66.75
N TYR B 110 -87.99 -35.61 65.71
CA TYR B 110 -87.01 -34.52 65.70
C TYR B 110 -87.74 -33.18 65.74
N GLU B 111 -87.58 -32.46 66.84
CA GLU B 111 -88.25 -31.19 67.03
C GLU B 111 -87.82 -30.13 66.03
N GLY B 112 -86.57 -30.21 65.56
CA GLY B 112 -86.08 -29.24 64.60
C GLY B 112 -86.49 -29.45 63.16
N PHE B 113 -87.43 -30.38 62.92
CA PHE B 113 -87.82 -30.73 61.56
C PHE B 113 -88.32 -29.51 60.78
N THR B 114 -89.16 -28.69 61.40
CA THR B 114 -89.69 -27.52 60.71
C THR B 114 -88.62 -26.47 60.48
N THR B 115 -87.62 -26.39 61.36
CA THR B 115 -86.63 -25.33 61.27
C THR B 115 -85.59 -25.62 60.20
N ASP B 116 -85.09 -26.86 60.13
CA ASP B 116 -83.97 -27.18 59.27
C ASP B 116 -84.39 -27.32 57.80
N LEU B 117 -85.66 -27.62 57.54
CA LEU B 117 -86.15 -27.86 56.19
C LEU B 117 -86.58 -26.55 55.54
N SER B 118 -86.58 -26.55 54.20
CA SER B 118 -87.06 -25.43 53.40
C SER B 118 -88.07 -25.92 52.38
N VAL B 119 -88.92 -25.01 51.92
CA VAL B 119 -89.87 -25.33 50.87
C VAL B 119 -89.06 -25.76 49.64
N GLY B 120 -89.44 -26.89 49.04
CA GLY B 120 -88.72 -27.44 47.91
C GLY B 120 -87.71 -28.53 48.25
N ASN B 121 -87.34 -28.67 49.53
CA ASN B 121 -86.44 -29.75 49.91
C ASN B 121 -87.12 -31.10 49.70
N THR B 122 -86.31 -32.15 49.63
CA THR B 122 -86.80 -33.51 49.53
C THR B 122 -86.79 -34.17 50.91
N VAL B 123 -87.88 -34.82 51.27
CA VAL B 123 -87.97 -35.71 52.42
C VAL B 123 -88.08 -37.14 51.91
N LEU B 124 -87.20 -38.02 52.38
CA LEU B 124 -87.23 -39.44 52.03
C LEU B 124 -87.59 -40.23 53.29
N VAL B 125 -88.47 -41.21 53.17
CA VAL B 125 -88.96 -41.95 54.32
C VAL B 125 -88.72 -43.43 54.07
N ASP B 126 -88.20 -44.13 55.09
CA ASP B 126 -88.00 -45.57 55.07
C ASP B 126 -86.97 -45.97 54.00
N ASP B 127 -85.72 -45.60 54.29
CA ASP B 127 -84.59 -45.92 53.40
C ASP B 127 -84.90 -45.56 51.96
N GLY B 128 -85.49 -44.38 51.77
CA GLY B 128 -85.78 -43.90 50.44
C GLY B 128 -86.94 -44.56 49.75
N LEU B 129 -87.75 -45.34 50.46
CA LEU B 129 -88.92 -45.97 49.85
C LEU B 129 -89.87 -44.91 49.30
N ILE B 130 -90.15 -43.87 50.08
CA ILE B 130 -91.12 -42.86 49.73
C ILE B 130 -90.42 -41.51 49.70
N GLY B 131 -90.52 -40.82 48.57
CA GLY B 131 -89.99 -39.49 48.44
C GLY B 131 -91.11 -38.46 48.49
N MET B 132 -90.81 -37.29 49.05
CA MET B 132 -91.77 -36.22 49.17
C MET B 132 -91.08 -34.89 48.94
N GLU B 133 -91.87 -33.90 48.50
CA GLU B 133 -91.39 -32.54 48.32
C GLU B 133 -92.06 -31.62 49.33
N VAL B 134 -91.27 -30.87 50.07
CA VAL B 134 -91.81 -29.88 50.99
C VAL B 134 -92.50 -28.80 50.17
N THR B 135 -93.79 -28.58 50.44
CA THR B 135 -94.54 -27.50 49.81
C THR B 135 -94.83 -26.35 50.74
N ALA B 136 -94.88 -26.59 52.05
CA ALA B 136 -95.11 -25.51 53.01
C ALA B 136 -94.66 -25.96 54.39
N ILE B 137 -94.29 -24.98 55.22
CA ILE B 137 -93.90 -25.19 56.61
C ILE B 137 -94.67 -24.18 57.44
N GLU B 138 -95.47 -24.67 58.39
CA GLU B 138 -96.27 -23.77 59.21
C GLU B 138 -96.39 -24.36 60.62
N GLY B 139 -95.97 -23.60 61.62
CA GLY B 139 -96.09 -24.06 62.99
C GLY B 139 -95.22 -25.27 63.24
N ASN B 140 -95.82 -26.33 63.77
CA ASN B 140 -95.10 -27.57 64.01
C ASN B 140 -95.27 -28.56 62.87
N LYS B 141 -95.60 -28.10 61.67
CA LYS B 141 -95.93 -28.99 60.56
C LYS B 141 -95.10 -28.69 59.33
N VAL B 142 -94.66 -29.77 58.67
CA VAL B 142 -94.01 -29.73 57.37
C VAL B 142 -94.98 -30.37 56.39
N ILE B 143 -95.59 -29.56 55.53
CA ILE B 143 -96.59 -30.04 54.57
C ILE B 143 -95.89 -30.38 53.27
N CYS B 144 -96.14 -31.58 52.74
CA CYS B 144 -95.45 -32.05 51.56
C CYS B 144 -96.45 -32.59 50.54
N LYS B 145 -95.95 -32.80 49.32
CA LYS B 145 -96.63 -33.59 48.31
C LYS B 145 -95.84 -34.89 48.10
N VAL B 146 -96.54 -36.02 48.15
CA VAL B 146 -95.90 -37.31 47.97
C VAL B 146 -95.53 -37.49 46.50
N LEU B 147 -94.30 -37.93 46.25
CA LEU B 147 -93.81 -38.05 44.89
C LEU B 147 -94.01 -39.43 44.29
N ASN B 148 -94.19 -40.47 45.11
CA ASN B 148 -94.41 -41.80 44.57
C ASN B 148 -95.26 -42.62 45.53
N ASN B 149 -96.00 -43.58 44.97
CA ASN B 149 -96.82 -44.47 45.78
C ASN B 149 -95.94 -45.30 46.70
N GLY B 150 -96.44 -45.58 47.90
CA GLY B 150 -95.70 -46.42 48.82
C GLY B 150 -96.48 -46.64 50.09
N ASP B 151 -96.14 -47.74 50.76
CA ASP B 151 -96.72 -48.08 52.06
C ASP B 151 -95.83 -47.52 53.17
N LEU B 152 -96.42 -46.71 54.04
CA LEU B 152 -95.74 -46.19 55.23
C LEU B 152 -96.08 -47.05 56.43
N GLY B 153 -95.05 -47.59 57.08
CA GLY B 153 -95.21 -48.30 58.33
C GLY B 153 -94.88 -47.40 59.50
N GLU B 154 -94.68 -48.02 60.67
CA GLU B 154 -94.35 -47.30 61.89
C GLU B 154 -92.85 -47.17 62.06
N ASN B 155 -92.44 -46.08 62.71
CA ASN B 155 -91.06 -45.85 63.13
C ASN B 155 -90.07 -46.11 61.99
N LYS B 156 -90.12 -45.23 61.00
CA LYS B 156 -89.32 -45.36 59.80
C LYS B 156 -88.27 -44.25 59.70
N GLY B 157 -87.10 -44.62 59.21
CA GLY B 157 -86.02 -43.64 59.09
C GLY B 157 -86.38 -42.55 58.10
N VAL B 158 -85.94 -41.33 58.40
CA VAL B 158 -86.13 -40.18 57.54
C VAL B 158 -84.75 -39.65 57.13
N ASN B 159 -84.58 -39.39 55.84
CA ASN B 159 -83.36 -38.79 55.30
C ASN B 159 -83.75 -37.51 54.57
N LEU B 160 -82.97 -36.45 54.77
CA LEU B 160 -83.21 -35.12 54.18
C LEU B 160 -82.02 -34.78 53.31
N PRO B 161 -82.00 -35.26 52.06
CA PRO B 161 -80.80 -35.11 51.24
C PRO B 161 -80.35 -33.66 51.11
N GLY B 162 -79.07 -33.44 51.40
CA GLY B 162 -78.46 -32.13 51.22
C GLY B 162 -78.80 -31.10 52.27
N VAL B 163 -79.51 -31.48 53.32
CA VAL B 163 -79.92 -30.55 54.38
C VAL B 163 -78.93 -30.68 55.53
N SER B 164 -78.54 -29.54 56.10
CA SER B 164 -77.75 -29.50 57.32
C SER B 164 -78.69 -29.64 58.51
N ILE B 165 -78.59 -30.76 59.22
CA ILE B 165 -79.55 -31.11 60.25
C ILE B 165 -78.90 -30.86 61.60
N ALA B 166 -79.54 -30.03 62.43
CA ALA B 166 -79.03 -29.69 63.75
C ALA B 166 -79.38 -30.73 64.80
N LEU B 167 -79.30 -32.02 64.43
CA LEU B 167 -79.36 -33.06 65.44
C LEU B 167 -78.09 -32.98 66.28
N PRO B 168 -78.14 -33.40 67.54
CA PRO B 168 -76.91 -33.38 68.35
C PRO B 168 -75.87 -34.34 67.80
N ALA B 169 -74.61 -34.08 68.14
CA ALA B 169 -73.55 -34.99 67.75
C ALA B 169 -73.78 -36.38 68.29
N LEU B 170 -74.24 -36.47 69.54
CA LEU B 170 -74.50 -37.73 70.22
C LEU B 170 -75.92 -37.68 70.79
N ALA B 171 -76.70 -38.72 70.52
CA ALA B 171 -77.94 -38.93 71.26
C ALA B 171 -77.60 -39.30 72.71
N GLU B 172 -78.57 -39.13 73.61
CA GLU B 172 -78.32 -39.41 75.03
C GLU B 172 -77.85 -40.84 75.21
N LYS B 173 -78.52 -41.78 74.51
CA LYS B 173 -78.13 -43.18 74.59
C LYS B 173 -76.71 -43.37 74.12
N ASP B 174 -76.29 -42.63 73.07
CA ASP B 174 -74.91 -42.71 72.59
C ASP B 174 -73.92 -42.33 73.68
N LYS B 175 -74.22 -41.27 74.44
CA LYS B 175 -73.32 -40.83 75.50
C LYS B 175 -73.13 -41.92 76.55
N GLN B 176 -74.23 -42.56 76.97
CA GLN B 176 -74.13 -43.67 77.91
C GLN B 176 -73.35 -44.84 77.32
N ASP B 177 -73.64 -45.17 76.06
CA ASP B 177 -72.93 -46.27 75.39
C ASP B 177 -71.44 -45.99 75.32
N LEU B 178 -71.05 -44.74 75.12
CA LEU B 178 -69.62 -44.41 75.06
C LEU B 178 -68.98 -44.61 76.43
N ILE B 179 -69.70 -44.31 77.51
CA ILE B 179 -69.16 -44.55 78.84
C ILE B 179 -68.94 -46.05 79.05
N PHE B 180 -69.92 -46.85 78.64
CA PHE B 180 -69.74 -48.30 78.62
C PHE B 180 -68.50 -48.68 77.83
N GLY B 181 -68.30 -48.03 76.68
CA GLY B 181 -67.10 -48.27 75.91
C GLY B 181 -65.82 -47.99 76.68
N CYS B 182 -65.80 -46.88 77.42
CA CYS B 182 -64.64 -46.55 78.24
C CYS B 182 -64.45 -47.58 79.35
N GLU B 183 -65.56 -47.95 80.02
CA GLU B 183 -65.50 -48.96 81.07
C GLU B 183 -64.86 -50.24 80.56
N GLN B 184 -65.21 -50.63 79.34
CA GLN B 184 -64.79 -51.89 78.73
C GLN B 184 -63.43 -51.80 78.06
N GLY B 185 -62.88 -50.60 77.92
CA GLY B 185 -61.62 -50.44 77.25
C GLY B 185 -61.66 -50.82 75.77
N VAL B 186 -62.72 -50.42 75.07
CA VAL B 186 -62.75 -50.70 73.64
C VAL B 186 -61.61 -49.97 72.94
N ASP B 187 -61.27 -50.44 71.76
CA ASP B 187 -60.14 -49.89 71.02
C ASP B 187 -60.57 -48.77 70.08
N PHE B 188 -61.78 -48.87 69.55
CA PHE B 188 -62.34 -47.91 68.61
C PHE B 188 -63.77 -47.58 68.98
N VAL B 189 -64.15 -46.34 68.70
CA VAL B 189 -65.55 -45.92 68.69
C VAL B 189 -65.85 -45.42 67.29
N ALA B 190 -66.84 -46.02 66.65
CA ALA B 190 -67.37 -45.53 65.39
C ALA B 190 -68.56 -44.63 65.73
N ALA B 191 -68.42 -43.33 65.45
CA ALA B 191 -69.38 -42.31 65.84
C ALA B 191 -70.29 -42.05 64.64
N SER B 192 -71.59 -42.22 64.83
CA SER B 192 -72.52 -42.16 63.71
C SER B 192 -72.83 -40.73 63.27
N PHE B 193 -73.08 -40.59 61.97
CA PHE B 193 -73.71 -39.39 61.41
C PHE B 193 -72.90 -38.13 61.71
N ILE B 194 -71.58 -38.23 61.51
CA ILE B 194 -70.70 -37.10 61.75
C ILE B 194 -70.81 -36.13 60.58
N ARG B 195 -71.16 -34.88 60.90
CA ARG B 195 -71.45 -33.87 59.89
C ARG B 195 -70.48 -32.70 59.91
N LYS B 196 -69.73 -32.51 60.98
CA LYS B 196 -68.85 -31.36 61.10
C LYS B 196 -67.81 -31.60 62.17
N ARG B 197 -66.77 -30.76 62.13
CA ARG B 197 -65.64 -30.92 63.03
C ARG B 197 -66.07 -30.89 64.49
N SER B 198 -67.02 -30.01 64.82
CA SER B 198 -67.44 -29.86 66.22
C SER B 198 -68.10 -31.13 66.75
N ASP B 199 -68.68 -31.94 65.87
CA ASP B 199 -69.23 -33.22 66.33
C ASP B 199 -68.13 -34.11 66.87
N VAL B 200 -67.01 -34.18 66.16
CA VAL B 200 -65.88 -35.01 66.58
C VAL B 200 -65.30 -34.51 67.89
N ILE B 201 -65.12 -33.19 68.00
CA ILE B 201 -64.54 -32.62 69.21
C ILE B 201 -65.41 -32.97 70.42
N GLU B 202 -66.73 -32.83 70.29
CA GLU B 202 -67.62 -33.20 71.38
C GLU B 202 -67.43 -34.64 71.80
N ILE B 203 -67.37 -35.57 70.85
CA ILE B 203 -67.13 -36.96 71.18
C ILE B 203 -65.78 -37.12 71.88
N ARG B 204 -64.76 -36.43 71.37
CA ARG B 204 -63.44 -36.52 71.98
C ARG B 204 -63.46 -36.04 73.44
N GLU B 205 -64.12 -34.93 73.71
CA GLU B 205 -64.19 -34.44 75.08
C GLU B 205 -64.98 -35.38 75.98
N HIS B 206 -66.04 -35.99 75.44
CA HIS B 206 -66.83 -36.94 76.23
C HIS B 206 -65.98 -38.16 76.62
N LEU B 207 -65.24 -38.71 75.66
CA LEU B 207 -64.40 -39.85 75.99
C LEU B 207 -63.30 -39.46 76.96
N LYS B 208 -62.67 -38.29 76.76
CA LYS B 208 -61.62 -37.87 77.67
C LYS B 208 -62.14 -37.78 79.10
N ALA B 209 -63.35 -37.27 79.28
CA ALA B 209 -63.91 -37.09 80.61
C ALA B 209 -64.22 -38.41 81.32
N HIS B 210 -64.15 -39.55 80.61
CA HIS B 210 -64.42 -40.83 81.22
C HIS B 210 -63.26 -41.79 81.01
N GLY B 211 -62.05 -41.25 80.88
CA GLY B 211 -60.85 -42.06 80.81
C GLY B 211 -60.59 -42.72 79.48
N GLY B 212 -61.23 -42.27 78.41
CA GLY B 212 -61.07 -42.88 77.10
C GLY B 212 -60.24 -42.07 76.12
N GLU B 213 -59.32 -41.26 76.64
CA GLU B 213 -58.50 -40.43 75.76
C GLU B 213 -57.69 -41.27 74.77
N ASN B 214 -57.41 -42.53 75.09
CA ASN B 214 -56.63 -43.40 74.22
C ASN B 214 -57.47 -44.07 73.14
N ILE B 215 -58.79 -43.95 73.19
CA ILE B 215 -59.66 -44.64 72.24
C ILE B 215 -59.70 -43.86 70.94
N HIS B 216 -59.58 -44.56 69.81
CA HIS B 216 -59.59 -43.93 68.51
C HIS B 216 -61.03 -43.72 68.04
N ILE B 217 -61.29 -42.53 67.53
CA ILE B 217 -62.62 -42.15 67.04
C ILE B 217 -62.62 -42.34 65.53
N ILE B 218 -63.52 -43.21 65.05
CA ILE B 218 -63.75 -43.45 63.63
C ILE B 218 -65.04 -42.73 63.25
N SER B 219 -64.91 -41.64 62.49
CA SER B 219 -66.10 -40.88 62.11
C SER B 219 -66.80 -41.53 60.92
N LYS B 220 -68.10 -41.77 61.07
CA LYS B 220 -68.94 -42.32 60.01
C LYS B 220 -69.48 -41.19 59.15
N ILE B 221 -69.17 -41.22 57.87
CA ILE B 221 -69.58 -40.20 56.92
C ILE B 221 -70.81 -40.73 56.20
N GLU B 222 -71.97 -40.11 56.42
CA GLU B 222 -73.21 -40.68 55.95
C GLU B 222 -74.04 -39.73 55.09
N ASN B 223 -73.67 -38.45 55.00
CA ASN B 223 -74.48 -37.54 54.19
C ASN B 223 -73.65 -36.41 53.58
N GLN B 224 -74.33 -35.50 52.88
CA GLN B 224 -73.64 -34.47 52.11
C GLN B 224 -72.90 -33.49 53.02
N GLU B 225 -73.51 -33.09 54.14
CA GLU B 225 -72.84 -32.15 55.04
C GLU B 225 -71.50 -32.71 55.49
N GLY B 226 -71.49 -33.99 55.90
CA GLY B 226 -70.24 -34.64 56.28
C GLY B 226 -69.23 -34.68 55.16
N LEU B 227 -69.68 -34.94 53.94
CA LEU B 227 -68.79 -34.89 52.79
C LEU B 227 -68.20 -33.49 52.62
N ASN B 228 -69.03 -32.45 52.73
CA ASN B 228 -68.57 -31.08 52.58
C ASN B 228 -67.53 -30.71 53.63
N ASN B 229 -67.71 -31.19 54.86
CA ASN B 229 -66.79 -30.90 55.95
C ASN B 229 -65.77 -32.01 56.15
N PHE B 230 -65.57 -32.85 55.13
CA PHE B 230 -64.79 -34.06 55.33
C PHE B 230 -63.37 -33.74 55.80
N ASP B 231 -62.71 -32.76 55.17
CA ASP B 231 -61.31 -32.50 55.48
C ASP B 231 -61.15 -32.17 56.96
N GLU B 232 -62.01 -31.27 57.46
CA GLU B 232 -61.98 -30.93 58.89
C GLU B 232 -62.31 -32.13 59.76
N ILE B 233 -63.30 -32.94 59.35
CA ILE B 233 -63.67 -34.11 60.14
C ILE B 233 -62.50 -35.07 60.24
N LEU B 234 -61.89 -35.41 59.11
CA LEU B 234 -60.75 -36.32 59.11
C LEU B 234 -59.62 -35.80 59.99
N GLU B 235 -59.31 -34.50 59.90
CA GLU B 235 -58.19 -33.96 60.68
C GLU B 235 -58.41 -34.18 62.17
N ALA B 236 -59.64 -34.02 62.63
CA ALA B 236 -59.97 -34.16 64.04
C ALA B 236 -60.22 -35.60 64.46
N SER B 237 -60.39 -36.52 63.52
CA SER B 237 -60.69 -37.90 63.82
C SER B 237 -59.41 -38.73 63.77
N ASP B 238 -59.52 -39.97 64.25
CA ASP B 238 -58.46 -40.96 64.05
C ASP B 238 -58.68 -41.82 62.82
N GLY B 239 -59.89 -41.83 62.25
CA GLY B 239 -60.18 -42.63 61.08
C GLY B 239 -61.59 -42.37 60.59
N ILE B 240 -61.96 -43.09 59.54
CA ILE B 240 -63.21 -42.86 58.80
C ILE B 240 -63.88 -44.19 58.51
N MET B 241 -65.20 -44.22 58.62
CA MET B 241 -66.02 -45.32 58.11
C MET B 241 -66.87 -44.78 56.96
N VAL B 242 -66.70 -45.36 55.77
CA VAL B 242 -67.47 -44.96 54.60
C VAL B 242 -68.77 -45.75 54.58
N ALA B 243 -69.88 -45.08 54.88
CA ALA B 243 -71.19 -45.70 55.00
C ALA B 243 -71.94 -45.52 53.68
N ARG B 244 -71.62 -46.38 52.72
CA ARG B 244 -72.16 -46.27 51.38
C ARG B 244 -73.69 -46.33 51.35
N GLY B 245 -74.28 -47.27 52.11
CA GLY B 245 -75.73 -47.40 52.11
C GLY B 245 -76.44 -46.09 52.45
N ASP B 246 -75.94 -45.38 53.47
CA ASP B 246 -76.54 -44.10 53.84
C ASP B 246 -76.27 -43.03 52.80
N LEU B 247 -75.03 -42.97 52.31
CA LEU B 247 -74.68 -42.01 51.28
C LEU B 247 -75.58 -42.19 50.06
N GLY B 248 -75.94 -43.44 49.77
CA GLY B 248 -76.82 -43.76 48.66
C GLY B 248 -78.21 -43.19 48.82
N VAL B 249 -78.62 -42.90 50.06
CA VAL B 249 -79.90 -42.25 50.28
C VAL B 249 -79.78 -40.74 50.34
N GLU B 250 -78.57 -40.20 50.40
CA GLU B 250 -78.37 -38.80 50.74
C GLU B 250 -77.74 -37.95 49.65
N ILE B 251 -77.04 -38.54 48.69
CA ILE B 251 -76.38 -37.76 47.65
C ILE B 251 -76.72 -38.37 46.29
N PRO B 252 -76.48 -37.67 45.18
CA PRO B 252 -76.77 -38.27 43.86
C PRO B 252 -76.07 -39.62 43.72
N VAL B 253 -76.82 -40.62 43.25
CA VAL B 253 -76.33 -41.99 43.33
C VAL B 253 -75.02 -42.14 42.55
N GLU B 254 -74.85 -41.41 41.46
CA GLU B 254 -73.64 -41.54 40.67
C GLU B 254 -72.41 -40.97 41.38
N GLU B 255 -72.59 -40.22 42.47
CA GLU B 255 -71.49 -39.62 43.20
C GLU B 255 -70.90 -40.55 44.26
N VAL B 256 -71.65 -41.58 44.67
CA VAL B 256 -71.26 -42.36 45.83
C VAL B 256 -69.90 -43.02 45.61
N ILE B 257 -69.65 -43.52 44.40
CA ILE B 257 -68.39 -44.21 44.13
C ILE B 257 -67.20 -43.26 44.32
N PHE B 258 -67.35 -42.01 43.90
CA PHE B 258 -66.27 -41.05 44.03
C PHE B 258 -66.15 -40.48 45.44
N ALA B 259 -67.26 -40.40 46.17
CA ALA B 259 -67.17 -40.07 47.59
C ALA B 259 -66.33 -41.11 48.33
N GLN B 260 -66.57 -42.39 48.04
CA GLN B 260 -65.77 -43.46 48.64
C GLN B 260 -64.31 -43.37 48.23
N LYS B 261 -64.05 -43.28 46.92
CA LYS B 261 -62.66 -43.29 46.46
C LYS B 261 -61.89 -42.08 47.01
N MET B 262 -62.51 -40.90 47.00
CA MET B 262 -61.85 -39.70 47.52
C MET B 262 -61.59 -39.81 49.02
N MET B 263 -62.57 -40.30 49.79
CA MET B 263 -62.36 -40.39 51.23
C MET B 263 -61.30 -41.42 51.57
N ILE B 264 -61.27 -42.54 50.87
CA ILE B 264 -60.21 -43.53 51.09
C ILE B 264 -58.84 -42.93 50.80
N GLU B 265 -58.71 -42.23 49.66
CA GLU B 265 -57.41 -41.69 49.27
C GLU B 265 -56.95 -40.61 50.24
N LYS B 266 -57.87 -39.79 50.76
CA LYS B 266 -57.47 -38.79 51.73
C LYS B 266 -57.08 -39.43 53.06
N CYS B 267 -57.79 -40.48 53.48
CA CYS B 267 -57.40 -41.20 54.68
C CYS B 267 -56.01 -41.80 54.56
N ILE B 268 -55.72 -42.41 53.40
CA ILE B 268 -54.38 -42.97 53.17
C ILE B 268 -53.32 -41.87 53.34
N ARG B 269 -53.52 -40.74 52.65
CA ARG B 269 -52.55 -39.66 52.70
C ARG B 269 -52.38 -39.13 54.11
N ALA B 270 -53.47 -39.08 54.88
CA ALA B 270 -53.43 -38.58 56.25
C ALA B 270 -52.88 -39.59 57.24
N ARG B 271 -52.52 -40.80 56.80
CA ARG B 271 -52.02 -41.84 57.69
C ARG B 271 -53.09 -42.27 58.70
N LYS B 272 -54.35 -42.28 58.27
CA LYS B 272 -55.47 -42.59 59.15
C LYS B 272 -56.29 -43.73 58.57
N VAL B 273 -56.72 -44.64 59.46
CA VAL B 273 -57.37 -45.86 59.03
C VAL B 273 -58.73 -45.56 58.41
N VAL B 274 -59.10 -46.36 57.41
CA VAL B 274 -60.39 -46.22 56.76
C VAL B 274 -61.06 -47.59 56.64
N ILE B 275 -62.36 -47.62 56.93
CA ILE B 275 -63.19 -48.81 56.85
C ILE B 275 -64.25 -48.58 55.77
N THR B 276 -64.40 -49.54 54.86
CA THR B 276 -65.52 -49.56 53.91
C THR B 276 -66.63 -50.44 54.48
N ALA B 277 -67.85 -49.89 54.58
CA ALA B 277 -68.89 -50.59 55.31
C ALA B 277 -70.25 -50.43 54.67
N THR B 278 -71.16 -51.34 55.05
CA THR B 278 -72.54 -51.47 54.59
C THR B 278 -72.62 -52.01 53.16
N GLN B 279 -73.66 -52.79 52.90
CA GLN B 279 -73.95 -53.36 51.58
C GLN B 279 -72.72 -54.05 50.98
N MET B 280 -72.06 -54.88 51.80
CA MET B 280 -70.87 -55.58 51.34
C MET B 280 -71.23 -56.97 50.84
N LEU B 281 -71.62 -57.86 51.76
CA LEU B 281 -72.02 -59.21 51.41
C LEU B 281 -73.41 -59.53 51.96
N ASP B 282 -74.33 -58.56 51.89
CA ASP B 282 -75.59 -58.68 52.61
C ASP B 282 -76.40 -59.91 52.17
N SER B 283 -76.28 -60.31 50.90
CA SER B 283 -77.03 -61.48 50.44
C SER B 283 -76.71 -62.73 51.23
N MET B 284 -75.56 -62.78 51.91
CA MET B 284 -75.17 -63.96 52.66
C MET B 284 -75.88 -64.07 54.01
N ILE B 285 -76.71 -63.09 54.37
CA ILE B 285 -77.67 -63.31 55.45
C ILE B 285 -78.52 -64.54 55.15
N LYS B 286 -78.89 -64.72 53.88
CA LYS B 286 -79.78 -65.79 53.47
C LYS B 286 -79.10 -66.89 52.66
N ASN B 287 -77.97 -66.59 52.03
CA ASN B 287 -77.34 -67.48 51.08
C ASN B 287 -75.93 -67.85 51.53
N PRO B 288 -75.49 -69.08 51.23
CA PRO B 288 -74.15 -69.51 51.65
C PRO B 288 -73.03 -69.00 50.75
N ARG B 289 -73.36 -68.31 49.67
CA ARG B 289 -72.41 -67.72 48.73
C ARG B 289 -72.86 -66.30 48.43
N PRO B 290 -71.93 -65.40 48.11
CA PRO B 290 -72.28 -64.03 47.73
C PRO B 290 -72.59 -63.91 46.26
N THR B 291 -73.15 -62.76 45.88
CA THR B 291 -73.35 -62.44 44.47
C THR B 291 -72.07 -61.96 43.80
N ARG B 292 -72.05 -62.08 42.48
CA ARG B 292 -70.95 -61.55 41.68
C ARG B 292 -70.76 -60.06 41.95
N ALA B 293 -71.87 -59.31 41.97
CA ALA B 293 -71.81 -57.87 42.21
C ALA B 293 -71.16 -57.56 43.55
N GLU B 294 -71.54 -58.30 44.60
CA GLU B 294 -70.99 -58.08 45.93
C GLU B 294 -69.48 -58.32 45.93
N ALA B 295 -69.03 -59.41 45.32
CA ALA B 295 -67.60 -59.71 45.33
C ALA B 295 -66.81 -58.61 44.62
N GLY B 296 -67.33 -58.11 43.50
CA GLY B 296 -66.68 -57.02 42.80
C GLY B 296 -66.69 -55.72 43.57
N ASP B 297 -67.82 -55.39 44.21
CA ASP B 297 -67.90 -54.18 45.02
C ASP B 297 -66.84 -54.20 46.13
N VAL B 298 -66.76 -55.32 46.86
CA VAL B 298 -65.78 -55.44 47.93
C VAL B 298 -64.38 -55.29 47.38
N ALA B 299 -64.07 -56.03 46.31
CA ALA B 299 -62.72 -56.03 45.76
C ALA B 299 -62.31 -54.65 45.28
N ASN B 300 -63.24 -53.90 44.65
CA ASN B 300 -62.89 -52.56 44.19
C ASN B 300 -62.63 -51.63 45.37
N SER B 301 -63.32 -51.84 46.50
CA SER B 301 -63.02 -51.06 47.70
C SER B 301 -61.61 -51.35 48.20
N ILE B 302 -61.15 -52.60 48.05
CA ILE B 302 -59.78 -52.95 48.43
C ILE B 302 -58.79 -52.31 47.45
N LEU B 303 -59.06 -52.40 46.15
CA LEU B 303 -58.22 -51.74 45.16
C LEU B 303 -58.22 -50.23 45.35
N ASP B 304 -59.35 -49.67 45.81
CA ASP B 304 -59.36 -48.25 46.18
C ASP B 304 -58.31 -47.96 47.24
N GLY B 305 -58.04 -48.92 48.14
CA GLY B 305 -57.01 -48.78 49.14
C GLY B 305 -57.48 -48.85 50.58
N THR B 306 -58.70 -49.35 50.80
CA THR B 306 -59.24 -49.39 52.14
C THR B 306 -58.36 -50.23 53.07
N ASP B 307 -58.24 -49.80 54.32
CA ASP B 307 -57.56 -50.63 55.32
C ASP B 307 -58.37 -51.89 55.62
N ALA B 308 -59.69 -51.75 55.68
CA ALA B 308 -60.55 -52.78 56.23
C ALA B 308 -61.91 -52.78 55.55
N VAL B 309 -62.54 -53.95 55.57
CA VAL B 309 -63.88 -54.17 55.06
C VAL B 309 -64.73 -54.68 56.23
N MET B 310 -66.02 -54.34 56.21
CA MET B 310 -66.89 -54.58 57.35
C MET B 310 -68.09 -55.43 56.95
N LEU B 311 -68.36 -56.46 57.75
CA LEU B 311 -69.59 -57.25 57.65
C LEU B 311 -70.54 -56.83 58.75
N SER B 312 -71.81 -56.70 58.41
CA SER B 312 -72.84 -56.33 59.39
C SER B 312 -73.73 -57.52 59.69
N GLY B 313 -74.96 -57.51 59.16
CA GLY B 313 -75.89 -58.61 59.39
C GLY B 313 -75.31 -59.97 59.00
N GLU B 314 -74.48 -60.02 57.95
CA GLU B 314 -73.96 -61.31 57.48
C GLU B 314 -73.27 -62.10 58.59
N SER B 315 -72.60 -61.41 59.51
CA SER B 315 -71.85 -62.06 60.58
C SER B 315 -72.54 -61.99 61.93
N ALA B 316 -73.52 -61.10 62.09
CA ALA B 316 -74.19 -60.90 63.38
C ALA B 316 -75.41 -61.79 63.55
N LYS B 317 -76.30 -61.80 62.55
CA LYS B 317 -77.59 -62.47 62.67
C LYS B 317 -77.89 -63.43 61.53
N GLY B 318 -77.08 -63.47 60.48
CA GLY B 318 -77.42 -64.23 59.30
C GLY B 318 -77.23 -65.72 59.49
N LYS B 319 -77.59 -66.47 58.44
CA LYS B 319 -77.57 -67.92 58.51
C LYS B 319 -76.20 -68.51 58.24
N TYR B 320 -75.30 -67.76 57.59
CA TYR B 320 -74.00 -68.31 57.16
C TYR B 320 -72.87 -67.38 57.54
N PRO B 321 -72.69 -67.11 58.84
CA PRO B 321 -71.62 -66.18 59.24
C PRO B 321 -70.22 -66.67 58.90
N LEU B 322 -69.90 -67.96 59.14
CA LEU B 322 -68.55 -68.42 58.85
C LEU B 322 -68.27 -68.43 57.36
N GLU B 323 -69.28 -68.79 56.55
CA GLU B 323 -69.13 -68.72 55.10
C GLU B 323 -68.85 -67.29 54.65
N ALA B 324 -69.55 -66.32 55.23
CA ALA B 324 -69.38 -64.93 54.83
C ALA B 324 -67.97 -64.44 55.13
N VAL B 325 -67.48 -64.73 56.34
CA VAL B 325 -66.12 -64.30 56.69
C VAL B 325 -65.11 -64.97 55.77
N SER B 326 -65.33 -66.26 55.46
CA SER B 326 -64.36 -67.02 54.69
C SER B 326 -64.23 -66.50 53.27
N ILE B 327 -65.36 -66.24 52.61
CA ILE B 327 -65.29 -65.73 51.24
C ILE B 327 -64.78 -64.30 51.24
N MET B 328 -65.11 -63.52 52.26
CA MET B 328 -64.52 -62.18 52.40
C MET B 328 -63.00 -62.25 52.46
N ALA B 329 -62.47 -63.15 53.30
CA ALA B 329 -61.03 -63.31 53.41
C ALA B 329 -60.42 -63.80 52.11
N THR B 330 -61.12 -64.70 51.42
CA THR B 330 -60.63 -65.15 50.11
C THR B 330 -60.58 -63.99 49.12
N ILE B 331 -61.62 -63.16 49.09
CA ILE B 331 -61.61 -61.99 48.21
C ILE B 331 -60.44 -61.08 48.59
N CYS B 332 -60.25 -60.84 49.89
CA CYS B 332 -59.15 -60.01 50.36
C CYS B 332 -57.80 -60.56 49.89
N GLU B 333 -57.52 -61.83 50.21
CA GLU B 333 -56.28 -62.46 49.76
C GLU B 333 -56.06 -62.29 48.25
N ARG B 334 -57.07 -62.66 47.47
CA ARG B 334 -56.97 -62.61 46.02
C ARG B 334 -56.72 -61.21 45.51
N THR B 335 -57.30 -60.21 46.18
CA THR B 335 -57.13 -58.86 45.69
C THR B 335 -55.83 -58.23 46.19
N ASP B 336 -55.52 -58.38 47.49
CA ASP B 336 -54.28 -57.86 48.04
C ASP B 336 -53.11 -58.37 47.20
N ARG B 337 -53.18 -59.62 46.73
CA ARG B 337 -52.03 -60.25 46.11
C ARG B 337 -51.60 -59.52 44.86
N VAL B 338 -52.49 -58.80 44.21
CA VAL B 338 -52.14 -58.17 42.95
C VAL B 338 -51.99 -56.66 43.08
N MET B 339 -52.00 -56.12 44.28
CA MET B 339 -51.83 -54.67 44.47
C MET B 339 -50.35 -54.36 44.54
N ASN B 340 -50.00 -53.15 44.10
CA ASN B 340 -48.62 -52.71 44.07
C ASN B 340 -48.40 -51.59 45.10
N SER B 341 -47.14 -51.38 45.45
CA SER B 341 -46.79 -50.26 46.31
C SER B 341 -47.06 -48.94 45.59
N ARG B 342 -47.21 -47.88 46.38
CA ARG B 342 -47.44 -46.52 45.90
C ARG B 342 -46.32 -45.69 46.51
N LEU B 343 -45.23 -45.49 45.77
CA LEU B 343 -44.01 -44.92 46.33
C LEU B 343 -43.89 -43.41 46.14
N GLU B 344 -44.86 -42.78 45.48
CA GLU B 344 -44.77 -41.35 45.21
C GLU B 344 -44.86 -40.52 46.50
N ARG B 353 -42.96 -34.32 57.37
CA ARG B 353 -41.82 -34.11 56.48
C ARG B 353 -40.75 -35.19 56.73
N ILE B 354 -40.21 -35.23 57.95
CA ILE B 354 -39.18 -36.21 58.27
C ILE B 354 -39.77 -37.62 58.30
N THR B 355 -40.86 -37.81 59.03
CA THR B 355 -41.51 -39.11 59.08
C THR B 355 -41.83 -39.61 57.67
N GLU B 356 -42.35 -38.72 56.83
CA GLU B 356 -42.76 -39.09 55.47
C GLU B 356 -41.56 -39.52 54.62
N ALA B 357 -40.45 -38.78 54.70
CA ALA B 357 -39.25 -39.13 53.95
C ALA B 357 -38.69 -40.48 54.38
N VAL B 358 -38.63 -40.73 55.70
CA VAL B 358 -38.03 -41.96 56.20
C VAL B 358 -38.90 -43.17 55.88
N CYS B 359 -40.20 -43.05 56.11
CA CYS B 359 -41.09 -44.19 55.90
C CYS B 359 -41.25 -44.50 54.42
N ARG B 360 -41.39 -43.47 53.59
CA ARG B 360 -41.41 -43.70 52.15
C ARG B 360 -40.11 -44.34 51.69
N GLY B 361 -38.99 -43.86 52.21
CA GLY B 361 -37.70 -44.42 51.83
C GLY B 361 -37.50 -45.83 52.36
N ALA B 362 -37.99 -46.10 53.56
CA ALA B 362 -37.90 -47.45 54.11
C ALA B 362 -38.65 -48.44 53.23
N VAL B 363 -39.82 -48.05 52.74
CA VAL B 363 -40.59 -48.95 51.90
C VAL B 363 -39.87 -49.15 50.57
N GLU B 364 -39.34 -48.07 49.99
CA GLU B 364 -38.61 -48.22 48.74
C GLU B 364 -37.39 -49.12 48.92
N THR B 365 -36.66 -48.94 50.02
CA THR B 365 -35.50 -49.79 50.30
C THR B 365 -35.91 -51.24 50.42
N ALA B 366 -37.00 -51.51 51.15
CA ALA B 366 -37.47 -52.88 51.30
C ALA B 366 -37.78 -53.50 49.95
N GLU B 367 -38.46 -52.75 49.08
CA GLU B 367 -38.83 -53.25 47.77
C GLU B 367 -37.58 -53.56 46.94
N LYS B 368 -36.62 -52.64 46.94
CA LYS B 368 -35.42 -52.83 46.14
C LYS B 368 -34.59 -54.02 46.61
N LEU B 369 -34.61 -54.32 47.92
CA LEU B 369 -33.85 -55.42 48.47
C LEU B 369 -34.69 -56.68 48.67
N ASP B 370 -35.92 -56.72 48.15
CA ASP B 370 -36.78 -57.91 48.24
C ASP B 370 -37.01 -58.33 49.69
N ALA B 371 -37.22 -57.36 50.57
CA ALA B 371 -37.42 -57.66 51.98
C ALA B 371 -38.86 -58.11 52.23
N PRO B 372 -39.06 -59.26 52.88
CA PRO B 372 -40.43 -59.68 53.19
C PRO B 372 -41.06 -58.96 54.36
N LEU B 373 -40.28 -58.17 55.10
CA LEU B 373 -40.75 -57.66 56.38
C LEU B 373 -40.13 -56.31 56.69
N ILE B 374 -40.97 -55.38 57.12
CA ILE B 374 -40.55 -54.13 57.73
C ILE B 374 -40.95 -54.21 59.20
N VAL B 375 -39.97 -54.08 60.10
CA VAL B 375 -40.21 -54.11 61.53
C VAL B 375 -40.23 -52.69 62.03
N VAL B 376 -41.27 -52.31 62.75
CA VAL B 376 -41.46 -50.93 63.21
C VAL B 376 -41.61 -50.93 64.73
N ALA B 377 -40.88 -50.02 65.37
CA ALA B 377 -41.06 -49.74 66.79
C ALA B 377 -42.03 -48.58 66.91
N THR B 378 -43.04 -48.73 67.76
CA THR B 378 -44.07 -47.71 67.85
C THR B 378 -44.71 -47.72 69.24
N GLN B 379 -45.01 -46.53 69.75
CA GLN B 379 -45.73 -46.31 70.99
C GLN B 379 -47.20 -46.00 70.77
N GLY B 380 -47.51 -45.07 69.87
CA GLY B 380 -48.88 -44.70 69.58
C GLY B 380 -49.44 -45.29 68.30
N GLY B 381 -48.57 -45.93 67.51
CA GLY B 381 -48.95 -46.56 66.27
C GLY B 381 -48.65 -45.75 65.03
N LYS B 382 -48.20 -44.52 65.21
CA LYS B 382 -48.03 -43.60 64.09
C LYS B 382 -46.98 -44.10 63.09
N SER B 383 -45.86 -44.63 63.58
CA SER B 383 -44.82 -45.08 62.67
C SER B 383 -45.31 -46.24 61.81
N ALA B 384 -46.10 -47.16 62.39
CA ALA B 384 -46.63 -48.27 61.62
C ALA B 384 -47.61 -47.78 60.55
N ARG B 385 -48.49 -46.85 60.92
CA ARG B 385 -49.44 -46.29 59.97
C ARG B 385 -48.74 -45.46 58.91
N ALA B 386 -47.63 -44.82 59.25
CA ALA B 386 -46.87 -44.06 58.26
C ALA B 386 -46.24 -44.97 57.21
N VAL B 387 -45.79 -46.16 57.61
CA VAL B 387 -45.23 -47.11 56.65
C VAL B 387 -46.33 -47.68 55.75
N ARG B 388 -47.48 -48.02 56.33
CA ARG B 388 -48.56 -48.63 55.57
C ARG B 388 -49.10 -47.70 54.49
N LYS B 389 -48.93 -46.39 54.65
CA LYS B 389 -49.43 -45.43 53.66
C LYS B 389 -48.95 -45.75 52.25
N TYR B 390 -47.77 -46.36 52.11
CA TYR B 390 -47.19 -46.61 50.80
C TYR B 390 -47.49 -48.00 50.29
N PHE B 391 -48.39 -48.73 50.95
CA PHE B 391 -48.84 -50.04 50.51
C PHE B 391 -47.66 -50.99 50.26
N PRO B 392 -46.77 -51.16 51.25
CA PRO B 392 -45.61 -52.04 51.05
C PRO B 392 -46.04 -53.45 50.64
N ASP B 393 -45.24 -54.06 49.76
CA ASP B 393 -45.37 -55.50 49.53
C ASP B 393 -45.05 -56.28 50.79
N ALA B 394 -44.08 -55.81 51.56
CA ALA B 394 -43.69 -56.49 52.78
C ALA B 394 -44.77 -56.35 53.84
N THR B 395 -44.89 -57.38 54.66
CA THR B 395 -45.68 -57.28 55.89
C THR B 395 -44.99 -56.33 56.87
N ILE B 396 -45.79 -55.68 57.70
CA ILE B 396 -45.30 -54.79 58.74
C ILE B 396 -45.48 -55.50 60.07
N LEU B 397 -44.36 -55.75 60.76
CA LEU B 397 -44.37 -56.27 62.12
C LEU B 397 -44.17 -55.08 63.05
N ALA B 398 -45.21 -54.72 63.80
CA ALA B 398 -45.16 -53.54 64.65
C ALA B 398 -44.97 -53.97 66.10
N LEU B 399 -43.84 -53.56 66.67
CA LEU B 399 -43.50 -53.88 68.05
C LEU B 399 -43.87 -52.69 68.93
N THR B 400 -44.63 -52.95 70.00
CA THR B 400 -45.08 -51.91 70.90
C THR B 400 -45.17 -52.47 72.31
N THR B 401 -44.98 -51.59 73.29
CA THR B 401 -45.25 -51.90 74.69
C THR B 401 -46.65 -51.46 75.11
N ASN B 402 -47.37 -50.78 74.22
CA ASN B 402 -48.68 -50.19 74.52
C ASN B 402 -49.73 -51.17 74.01
N GLU B 403 -50.46 -51.79 74.95
CA GLU B 403 -51.44 -52.80 74.55
C GLU B 403 -52.57 -52.17 73.74
N LYS B 404 -52.96 -50.94 74.05
CA LYS B 404 -54.00 -50.29 73.26
C LYS B 404 -53.54 -50.08 71.83
N THR B 405 -52.30 -49.66 71.64
CA THR B 405 -51.74 -49.51 70.29
C THR B 405 -51.71 -50.85 69.56
N ALA B 406 -51.28 -51.90 70.26
CA ALA B 406 -51.25 -53.21 69.64
C ALA B 406 -52.61 -53.61 69.10
N HIS B 407 -53.67 -53.35 69.87
CA HIS B 407 -55.01 -53.68 69.41
C HIS B 407 -55.44 -52.80 68.26
N GLN B 408 -55.17 -51.49 68.35
CA GLN B 408 -55.63 -50.57 67.32
C GLN B 408 -54.95 -50.87 65.99
N LEU B 409 -53.69 -51.32 66.01
CA LEU B 409 -52.99 -51.62 64.77
C LEU B 409 -53.56 -52.84 64.05
N VAL B 410 -54.37 -53.66 64.72
CA VAL B 410 -55.01 -54.78 64.05
C VAL B 410 -55.91 -54.33 62.90
N LEU B 411 -56.38 -53.08 62.94
CA LEU B 411 -57.25 -52.58 61.88
C LEU B 411 -56.49 -52.02 60.69
N SER B 412 -55.20 -51.74 60.83
CA SER B 412 -54.43 -51.14 59.74
C SER B 412 -53.95 -52.20 58.77
N LYS B 413 -54.05 -51.89 57.49
CA LYS B 413 -53.77 -52.88 56.45
C LYS B 413 -52.35 -53.41 56.53
N GLY B 414 -52.23 -54.74 56.50
CA GLY B 414 -50.93 -55.37 56.36
C GLY B 414 -50.03 -55.26 57.56
N VAL B 415 -50.58 -55.01 58.75
CA VAL B 415 -49.81 -54.83 59.96
C VAL B 415 -50.04 -56.01 60.89
N VAL B 416 -48.97 -56.60 61.38
CA VAL B 416 -49.00 -57.61 62.41
C VAL B 416 -48.45 -56.98 63.69
N PRO B 417 -49.28 -56.67 64.68
CA PRO B 417 -48.75 -56.12 65.94
C PRO B 417 -48.25 -57.23 66.85
N GLN B 418 -47.25 -56.90 67.65
CA GLN B 418 -46.71 -57.82 68.65
C GLN B 418 -46.34 -57.01 69.89
N LEU B 419 -46.94 -57.36 71.03
CA LEU B 419 -46.64 -56.72 72.30
C LEU B 419 -45.29 -57.20 72.81
N VAL B 420 -44.43 -56.28 73.23
CA VAL B 420 -43.12 -56.62 73.75
C VAL B 420 -42.84 -55.86 75.04
N LYS B 421 -41.82 -56.34 75.75
CA LYS B 421 -41.19 -55.58 76.84
C LYS B 421 -40.46 -54.36 76.29
N GLU B 422 -40.34 -53.34 77.15
CA GLU B 422 -39.91 -52.02 76.71
C GLU B 422 -38.64 -52.09 75.88
N ILE B 423 -38.60 -51.24 74.85
CA ILE B 423 -37.48 -51.14 73.91
C ILE B 423 -36.51 -50.12 74.50
N THR B 424 -35.28 -50.54 74.79
CA THR B 424 -34.40 -49.73 75.62
C THR B 424 -33.37 -48.91 74.86
N SER B 425 -33.11 -49.22 73.59
CA SER B 425 -32.21 -48.41 72.78
C SER B 425 -32.45 -48.78 71.32
N THR B 426 -31.85 -48.00 70.43
CA THR B 426 -32.00 -48.29 69.00
C THR B 426 -31.34 -49.62 68.66
N ASP B 427 -30.13 -49.87 69.17
CA ASP B 427 -29.45 -51.11 68.87
C ASP B 427 -30.17 -52.32 69.47
N ASP B 428 -30.75 -52.15 70.66
CA ASP B 428 -31.56 -53.22 71.25
C ASP B 428 -32.81 -53.48 70.44
N PHE B 429 -33.41 -52.44 69.84
CA PHE B 429 -34.53 -52.65 68.94
C PHE B 429 -34.12 -53.52 67.76
N TYR B 430 -32.94 -53.27 67.19
CA TYR B 430 -32.47 -54.09 66.07
C TYR B 430 -32.24 -55.54 66.52
N ARG B 431 -31.53 -55.72 67.64
CA ARG B 431 -31.30 -57.07 68.13
C ARG B 431 -32.62 -57.79 68.38
N LEU B 432 -33.52 -57.18 69.15
CA LEU B 432 -34.78 -57.81 69.48
C LEU B 432 -35.63 -58.01 68.23
N GLY B 433 -35.72 -57.00 67.38
CA GLY B 433 -36.55 -57.09 66.20
C GLY B 433 -36.16 -58.25 65.29
N LYS B 434 -34.85 -58.47 65.15
CA LYS B 434 -34.39 -59.58 64.32
C LYS B 434 -34.85 -60.92 64.90
N GLU B 435 -34.77 -61.07 66.22
CA GLU B 435 -35.22 -62.32 66.85
C GLU B 435 -36.72 -62.49 66.68
N LEU B 436 -37.49 -61.44 66.96
CA LEU B 436 -38.94 -61.54 66.82
C LEU B 436 -39.34 -61.70 65.36
N ALA B 437 -38.56 -61.15 64.43
CA ALA B 437 -38.80 -61.40 63.01
C ALA B 437 -38.78 -62.90 62.73
N LEU B 438 -37.71 -63.58 63.15
CA LEU B 438 -37.64 -65.03 62.95
C LEU B 438 -38.75 -65.74 63.71
N GLN B 439 -38.99 -65.34 64.96
CA GLN B 439 -40.01 -66.00 65.77
C GLN B 439 -41.40 -65.84 65.18
N SER B 440 -41.65 -64.74 64.47
CA SER B 440 -42.97 -64.52 63.89
C SER B 440 -43.26 -65.49 62.76
N GLY B 441 -42.24 -66.08 62.14
CA GLY B 441 -42.43 -66.88 60.96
C GLY B 441 -42.73 -66.10 59.70
N LEU B 442 -42.66 -64.77 59.76
CA LEU B 442 -42.89 -63.94 58.59
C LEU B 442 -41.63 -63.74 57.76
N ALA B 443 -40.46 -64.05 58.32
CA ALA B 443 -39.20 -63.95 57.62
C ALA B 443 -38.32 -65.10 58.11
N HIS B 444 -37.24 -65.34 57.36
CA HIS B 444 -36.39 -66.50 57.58
C HIS B 444 -34.92 -66.11 57.44
N LYS B 445 -34.07 -67.01 57.93
CA LYS B 445 -32.64 -66.80 57.90
C LYS B 445 -32.21 -66.38 56.52
N GLY B 446 -31.39 -65.32 56.44
CA GLY B 446 -30.95 -64.82 55.14
C GLY B 446 -31.84 -63.74 54.53
N ASP B 447 -33.09 -63.62 54.98
CA ASP B 447 -33.97 -62.57 54.49
C ASP B 447 -33.49 -61.21 54.97
N VAL B 448 -33.74 -60.19 54.16
CA VAL B 448 -33.51 -58.80 54.54
C VAL B 448 -34.76 -58.26 55.23
N VAL B 449 -34.56 -57.53 56.33
CA VAL B 449 -35.65 -56.78 56.95
C VAL B 449 -35.23 -55.32 57.08
N VAL B 450 -36.21 -54.42 56.99
CA VAL B 450 -36.02 -53.00 57.21
C VAL B 450 -36.65 -52.64 58.54
N MET B 451 -35.91 -51.90 59.36
CA MET B 451 -36.30 -51.63 60.74
C MET B 451 -36.42 -50.13 60.92
N VAL B 452 -37.60 -49.68 61.34
CA VAL B 452 -37.99 -48.27 61.34
C VAL B 452 -38.37 -47.90 62.76
N SER B 453 -37.81 -46.79 63.25
CA SER B 453 -38.06 -46.38 64.61
C SER B 453 -37.80 -44.88 64.75
N GLY B 454 -38.08 -44.36 65.94
CA GLY B 454 -37.71 -43.02 66.31
C GLY B 454 -36.55 -43.05 67.28
N ALA B 455 -35.45 -42.39 66.94
CA ALA B 455 -34.27 -42.34 67.79
C ALA B 455 -34.06 -40.90 68.26
N LEU B 456 -34.01 -40.71 69.58
CA LEU B 456 -33.76 -39.39 70.17
C LEU B 456 -34.73 -38.32 69.68
N VAL B 457 -36.02 -38.65 69.68
CA VAL B 457 -37.06 -37.72 69.23
C VAL B 457 -38.32 -37.92 70.07
N PRO B 458 -39.20 -36.92 70.05
CA PRO B 458 -40.47 -37.07 70.76
C PRO B 458 -41.36 -38.08 70.07
N SER B 459 -42.35 -38.55 70.82
CA SER B 459 -43.02 -39.81 70.49
C SER B 459 -43.73 -39.79 69.14
N GLY B 460 -43.88 -38.63 68.51
CA GLY B 460 -44.67 -38.52 67.30
C GLY B 460 -43.91 -38.63 65.99
N THR B 461 -42.58 -38.70 66.03
CA THR B 461 -41.74 -38.71 64.84
C THR B 461 -41.04 -40.05 64.62
N THR B 462 -40.99 -40.44 63.34
CA THR B 462 -40.21 -41.58 62.88
C THR B 462 -39.03 -41.06 62.06
N ASN B 463 -37.80 -41.37 62.48
CA ASN B 463 -36.66 -40.75 61.84
C ASN B 463 -35.50 -41.65 61.45
N THR B 464 -35.61 -42.97 61.63
CA THR B 464 -34.46 -43.84 61.41
C THR B 464 -34.89 -45.12 60.72
N ALA B 465 -34.13 -45.51 59.69
CA ALA B 465 -34.34 -46.74 58.95
C ALA B 465 -33.04 -47.51 58.90
N SER B 466 -33.10 -48.82 59.16
CA SER B 466 -31.92 -49.65 59.27
C SER B 466 -32.21 -50.99 58.61
N VAL B 467 -31.22 -51.50 57.88
CA VAL B 467 -31.37 -52.72 57.08
C VAL B 467 -30.54 -53.81 57.71
N HIS B 468 -31.17 -54.95 57.97
CA HIS B 468 -30.50 -56.06 58.64
C HIS B 468 -30.83 -57.37 57.92
N VAL B 469 -29.85 -58.28 57.91
CA VAL B 469 -30.04 -59.63 57.41
C VAL B 469 -30.26 -60.55 58.61
N LEU B 470 -31.30 -61.36 58.54
CA LEU B 470 -31.65 -62.25 59.64
C LEU B 470 -30.74 -63.48 59.68
N MET C 1 52.13 64.17 -55.41
CA MET C 1 52.05 62.69 -55.23
C MET C 1 52.53 62.29 -53.83
N LYS C 2 53.73 62.73 -53.46
CA LYS C 2 54.25 62.42 -52.14
C LYS C 2 53.39 63.08 -51.07
N LYS C 3 53.41 62.51 -49.88
CA LYS C 3 52.73 63.06 -48.70
C LYS C 3 53.71 63.57 -47.65
N THR C 4 54.84 62.88 -47.48
CA THR C 4 55.87 63.36 -46.55
C THR C 4 56.44 64.69 -47.03
N LYS C 5 56.63 65.60 -46.08
CA LYS C 5 57.06 66.97 -46.36
C LYS C 5 58.56 67.09 -46.19
N ILE C 6 59.17 67.99 -46.96
CA ILE C 6 60.61 68.13 -47.00
C ILE C 6 60.99 69.49 -46.43
N VAL C 7 61.84 69.48 -45.41
CA VAL C 7 62.45 70.69 -44.88
C VAL C 7 63.83 70.82 -45.52
N CYS C 8 64.12 71.97 -46.10
CA CYS C 8 65.41 72.25 -46.72
C CYS C 8 66.06 73.42 -46.02
N THR C 9 67.26 73.20 -45.49
CA THR C 9 68.09 74.30 -44.99
C THR C 9 68.58 75.10 -46.17
N ILE C 10 68.32 76.41 -46.16
CA ILE C 10 68.70 77.29 -47.26
C ILE C 10 69.96 78.04 -46.87
N GLY C 11 70.93 78.06 -47.79
CA GLY C 11 72.18 78.74 -47.56
C GLY C 11 72.63 79.53 -48.78
N PRO C 12 73.91 79.88 -48.84
CA PRO C 12 74.37 80.72 -49.97
C PRO C 12 74.08 80.11 -51.33
N LYS C 13 74.20 78.80 -51.48
CA LYS C 13 74.04 78.18 -52.79
C LYS C 13 72.58 78.00 -53.20
N THR C 14 71.62 78.22 -52.30
CA THR C 14 70.22 78.01 -52.62
C THR C 14 69.33 79.18 -52.24
N GLU C 15 69.90 80.34 -51.90
CA GLU C 15 69.08 81.44 -51.37
C GLU C 15 68.45 82.31 -52.45
N SER C 16 68.96 82.30 -53.66
CA SER C 16 68.40 83.13 -54.70
C SER C 16 66.98 82.69 -55.07
N GLU C 17 66.19 83.65 -55.57
CA GLU C 17 64.83 83.34 -55.99
C GLU C 17 64.80 82.26 -57.06
N GLU C 18 65.75 82.31 -57.99
CA GLU C 18 65.84 81.27 -59.03
C GLU C 18 65.92 79.88 -58.40
N MET C 19 66.80 79.73 -57.41
CA MET C 19 67.05 78.45 -56.78
C MET C 19 65.84 78.03 -55.95
N LEU C 20 65.29 78.97 -55.17
CA LEU C 20 64.14 78.63 -54.33
C LEU C 20 62.97 78.15 -55.16
N ALA C 21 62.73 78.80 -56.31
CA ALA C 21 61.65 78.35 -57.19
C ALA C 21 61.90 76.94 -57.68
N LYS C 22 63.13 76.62 -58.07
CA LYS C 22 63.43 75.25 -58.49
C LYS C 22 63.40 74.28 -57.32
N MET C 23 63.71 74.75 -56.11
CA MET C 23 63.65 73.88 -54.95
C MET C 23 62.21 73.49 -54.65
N LEU C 24 61.30 74.46 -54.66
CA LEU C 24 59.88 74.16 -54.47
C LEU C 24 59.38 73.23 -55.59
N ASP C 25 59.73 73.51 -56.84
CA ASP C 25 59.38 72.62 -57.92
C ASP C 25 59.78 71.17 -57.65
N ALA C 26 60.98 70.97 -57.09
CA ALA C 26 61.52 69.64 -56.88
C ALA C 26 61.00 68.98 -55.62
N GLY C 27 60.26 69.70 -54.77
CA GLY C 27 59.59 69.07 -53.65
C GLY C 27 59.82 69.67 -52.28
N MET C 28 60.59 70.75 -52.21
CA MET C 28 60.79 71.44 -50.93
C MET C 28 59.46 72.00 -50.45
N ASN C 29 59.20 71.87 -49.14
CA ASN C 29 58.00 72.42 -48.54
C ASN C 29 58.26 73.47 -47.47
N VAL C 30 59.36 73.35 -46.72
CA VAL C 30 59.67 74.24 -45.60
C VAL C 30 61.12 74.68 -45.69
N MET C 31 61.36 75.98 -45.52
CA MET C 31 62.70 76.54 -45.47
C MET C 31 63.17 76.55 -44.02
N ARG C 32 64.32 75.90 -43.77
CA ARG C 32 64.98 75.98 -42.47
C ARG C 32 66.06 77.06 -42.54
N LEU C 33 66.01 77.98 -41.58
CA LEU C 33 67.05 78.98 -41.37
C LEU C 33 67.85 78.51 -40.14
N ASN C 34 69.10 78.15 -40.37
CA ASN C 34 69.98 77.65 -39.31
C ASN C 34 70.73 78.83 -38.70
N PHE C 35 70.35 79.24 -37.50
CA PHE C 35 70.96 80.41 -36.88
C PHE C 35 72.25 80.11 -36.15
N SER C 36 72.80 78.90 -36.28
CA SER C 36 74.20 78.69 -35.91
C SER C 36 75.13 79.48 -36.81
N HIS C 37 74.68 79.83 -38.02
CA HIS C 37 75.49 80.57 -39.00
C HIS C 37 74.62 81.63 -39.64
N GLY C 38 75.27 82.54 -40.37
CA GLY C 38 74.57 83.64 -41.00
C GLY C 38 74.29 84.76 -40.00
N ASP C 39 73.87 85.90 -40.53
CA ASP C 39 73.50 87.08 -39.75
C ASP C 39 72.08 87.49 -40.15
N TYR C 40 71.52 88.49 -39.46
CA TYR C 40 70.11 88.78 -39.65
C TYR C 40 69.82 89.21 -41.08
N ALA C 41 70.78 89.88 -41.72
CA ALA C 41 70.57 90.33 -43.09
C ALA C 41 70.52 89.16 -44.06
N GLU C 42 71.39 88.17 -43.88
CA GLU C 42 71.34 87.00 -44.78
C GLU C 42 70.02 86.26 -44.61
N HIS C 43 69.68 85.94 -43.36
CA HIS C 43 68.44 85.22 -43.09
C HIS C 43 67.23 86.04 -43.52
N GLY C 44 67.26 87.35 -43.24
CA GLY C 44 66.17 88.22 -43.66
C GLY C 44 65.98 88.21 -45.16
N GLN C 45 67.08 88.22 -45.92
CA GLN C 45 66.95 88.21 -47.37
C GLN C 45 66.41 86.87 -47.86
N ARG C 46 66.83 85.79 -47.22
CA ARG C 46 66.31 84.47 -47.55
C ARG C 46 64.79 84.43 -47.38
N ILE C 47 64.29 85.01 -46.28
CA ILE C 47 62.85 85.07 -46.05
C ILE C 47 62.17 85.88 -47.15
N GLN C 48 62.75 87.03 -47.51
CA GLN C 48 62.19 87.87 -48.57
C GLN C 48 62.16 87.13 -49.91
N ASN C 49 63.28 86.48 -50.26
CA ASN C 49 63.34 85.76 -51.52
C ASN C 49 62.26 84.69 -51.60
N LEU C 50 62.07 83.94 -50.52
CA LEU C 50 61.06 82.89 -50.54
C LEU C 50 59.65 83.46 -50.68
N ARG C 51 59.31 84.47 -49.86
CA ARG C 51 57.95 85.00 -49.92
C ARG C 51 57.66 85.68 -51.26
N ASN C 52 58.68 86.26 -51.89
CA ASN C 52 58.51 86.76 -53.26
C ASN C 52 58.24 85.63 -54.24
N VAL C 53 58.97 84.53 -54.14
CA VAL C 53 58.68 83.39 -55.02
C VAL C 53 57.27 82.87 -54.78
N MET C 54 56.85 82.79 -53.52
CA MET C 54 55.52 82.30 -53.21
C MET C 54 54.45 83.21 -53.79
N SER C 55 54.64 84.52 -53.70
CA SER C 55 53.66 85.46 -54.26
C SER C 55 53.63 85.33 -55.78
N LYS C 56 54.79 85.32 -56.42
CA LYS C 56 54.84 85.27 -57.88
C LYS C 56 54.26 83.96 -58.40
N THR C 57 54.48 82.86 -57.69
CA THR C 57 54.07 81.55 -58.19
C THR C 57 52.76 81.04 -57.59
N GLY C 58 52.30 81.61 -56.49
CA GLY C 58 51.19 81.02 -55.78
C GLY C 58 51.51 79.76 -55.03
N LYS C 59 52.78 79.43 -54.93
CA LYS C 59 53.17 78.28 -54.13
C LYS C 59 53.16 78.61 -52.63
N THR C 60 52.84 77.59 -51.81
CA THR C 60 52.82 77.79 -50.37
C THR C 60 54.00 77.04 -49.76
N ALA C 61 54.71 77.70 -48.84
CA ALA C 61 55.79 77.06 -48.09
C ALA C 61 55.77 77.62 -46.68
N ALA C 62 56.46 76.95 -45.77
CA ALA C 62 56.60 77.41 -44.39
C ALA C 62 58.04 77.78 -44.11
N ILE C 63 58.23 78.58 -43.08
CA ILE C 63 59.54 79.07 -42.67
C ILE C 63 59.80 78.65 -41.24
N LEU C 64 60.93 77.98 -41.01
CA LEU C 64 61.31 77.45 -39.71
C LEU C 64 62.66 78.04 -39.31
N LEU C 65 62.69 78.67 -38.14
CA LEU C 65 63.91 79.23 -37.55
C LEU C 65 64.45 78.19 -36.57
N ASP C 66 65.69 77.76 -36.79
CA ASP C 66 66.33 76.72 -35.97
C ASP C 66 67.43 77.39 -35.16
N THR C 67 67.27 77.41 -33.84
CA THR C 67 68.19 78.16 -33.00
C THR C 67 69.55 77.48 -32.92
N LYS C 68 70.58 78.30 -32.66
CA LYS C 68 71.89 77.78 -32.29
C LYS C 68 71.82 77.04 -30.97
N GLY C 69 71.23 77.66 -29.96
CA GLY C 69 71.06 77.03 -28.66
C GLY C 69 72.27 77.19 -27.77
N PRO C 70 72.12 76.89 -26.49
CA PRO C 70 73.28 76.91 -25.59
C PRO C 70 74.17 75.71 -25.86
N GLU C 71 75.47 75.87 -25.63
CA GLU C 71 76.36 74.73 -25.80
C GLU C 71 77.60 74.93 -24.93
N ILE C 72 78.28 73.80 -24.67
CA ILE C 72 79.57 73.75 -24.00
C ILE C 72 80.65 73.61 -25.07
N ARG C 73 81.62 74.52 -25.07
CA ARG C 73 82.70 74.42 -26.03
C ARG C 73 84.02 74.58 -25.31
N THR C 74 85.05 73.91 -25.82
CA THR C 74 86.41 74.26 -25.46
C THR C 74 86.75 75.64 -26.05
N MET C 75 87.90 76.19 -25.68
CA MET C 75 88.24 77.54 -26.11
C MET C 75 89.58 77.52 -26.83
N LYS C 76 90.45 78.49 -26.57
CA LYS C 76 91.61 78.72 -27.40
C LYS C 76 92.80 77.87 -26.95
N LEU C 77 93.75 77.69 -27.87
CA LEU C 77 94.97 76.94 -27.64
C LEU C 77 96.19 77.82 -27.92
N GLU C 78 97.33 77.43 -27.33
CA GLU C 78 98.55 78.21 -27.49
C GLU C 78 98.89 78.41 -28.96
N GLY C 79 99.03 79.68 -29.36
CA GLY C 79 99.37 80.03 -30.73
C GLY C 79 98.35 79.51 -31.72
N GLY C 80 97.13 79.30 -31.25
CA GLY C 80 96.09 78.58 -31.99
C GLY C 80 96.56 77.37 -32.78
N ASN C 81 97.47 76.58 -32.21
CA ASN C 81 97.91 75.33 -32.81
C ASN C 81 97.15 74.16 -32.21
N ASP C 82 96.73 73.23 -33.05
CA ASP C 82 96.18 71.96 -32.57
C ASP C 82 97.19 71.30 -31.63
N VAL C 83 96.68 70.48 -30.71
CA VAL C 83 97.52 69.67 -29.83
C VAL C 83 97.10 68.22 -29.96
N SER C 84 98.09 67.32 -29.94
CA SER C 84 97.83 65.88 -30.04
C SER C 84 97.71 65.29 -28.64
N LEU C 85 96.57 64.67 -28.36
CA LEU C 85 96.30 64.06 -27.07
C LEU C 85 96.45 62.55 -27.18
N LYS C 86 96.92 61.94 -26.09
CA LYS C 86 97.28 60.53 -26.11
C LYS C 86 96.46 59.71 -25.11
N ALA C 87 96.02 58.54 -25.56
CA ALA C 87 95.33 57.60 -24.68
C ALA C 87 96.16 57.36 -23.43
N GLY C 88 95.52 57.51 -22.27
CA GLY C 88 96.15 57.28 -21.00
C GLY C 88 96.66 58.52 -20.29
N GLN C 89 96.94 59.59 -21.03
CA GLN C 89 97.42 60.81 -20.41
C GLN C 89 96.33 61.45 -19.56
N THR C 90 96.76 62.26 -18.58
CA THR C 90 95.86 63.15 -17.86
C THR C 90 95.65 64.43 -18.67
N PHE C 91 94.40 64.91 -18.67
CA PHE C 91 94.02 66.15 -19.34
C PHE C 91 92.99 66.87 -18.47
N THR C 92 93.06 68.19 -18.43
CA THR C 92 92.25 68.96 -17.49
C THR C 92 91.45 70.05 -18.21
N PHE C 93 90.18 70.15 -17.87
CA PHE C 93 89.32 71.24 -18.29
C PHE C 93 89.21 72.24 -17.14
N THR C 94 89.28 73.53 -17.48
CA THR C 94 89.09 74.59 -16.50
C THR C 94 87.95 75.49 -16.94
N THR C 95 87.18 75.99 -15.98
CA THR C 95 86.14 76.98 -16.21
C THR C 95 86.67 78.41 -16.20
N ASP C 96 87.98 78.61 -16.00
CA ASP C 96 88.59 79.93 -16.08
C ASP C 96 88.71 80.31 -17.56
N LYS C 97 87.85 81.22 -18.00
CA LYS C 97 87.78 81.56 -19.42
C LYS C 97 89.01 82.30 -19.93
N SER C 98 89.90 82.74 -19.05
CA SER C 98 91.12 83.43 -19.48
C SER C 98 92.21 82.47 -19.98
N VAL C 99 92.10 81.19 -19.66
CA VAL C 99 93.21 80.27 -19.89
C VAL C 99 93.32 79.93 -21.37
N ILE C 100 94.53 80.01 -21.90
CA ILE C 100 94.87 79.54 -23.24
C ILE C 100 95.43 78.12 -23.09
N GLY C 101 94.90 77.19 -23.87
CA GLY C 101 95.13 75.79 -23.62
C GLY C 101 96.37 75.21 -24.30
N ASN C 102 96.69 73.99 -23.91
CA ASN C 102 97.82 73.25 -24.43
C ASN C 102 97.51 71.77 -24.27
N SER C 103 98.51 70.92 -24.48
CA SER C 103 98.28 69.48 -24.51
C SER C 103 97.89 68.91 -23.14
N GLU C 104 97.91 69.75 -22.11
CA GLU C 104 97.58 69.30 -20.77
C GLU C 104 96.28 69.89 -20.23
N MET C 105 95.82 71.02 -20.77
CA MET C 105 94.66 71.72 -20.23
C MET C 105 94.04 72.59 -21.31
N VAL C 106 92.73 72.79 -21.19
CA VAL C 106 92.00 73.75 -22.01
C VAL C 106 90.84 74.27 -21.18
N ALA C 107 90.42 75.49 -21.46
CA ALA C 107 89.26 76.08 -20.82
C ALA C 107 87.99 75.67 -21.57
N VAL C 108 86.87 75.69 -20.84
CA VAL C 108 85.55 75.47 -21.43
C VAL C 108 84.71 76.72 -21.15
N THR C 109 83.70 76.93 -21.99
CA THR C 109 82.88 78.13 -21.93
C THR C 109 81.82 78.10 -20.83
N TYR C 110 81.59 76.96 -20.19
CA TYR C 110 80.47 76.75 -19.28
C TYR C 110 80.97 76.69 -17.85
N GLU C 111 80.59 77.68 -17.04
CA GLU C 111 81.08 77.75 -15.67
C GLU C 111 80.59 76.57 -14.83
N GLY C 112 79.43 76.01 -15.15
CA GLY C 112 78.90 74.90 -14.40
C GLY C 112 79.55 73.56 -14.67
N PHE C 113 80.64 73.53 -15.44
CA PHE C 113 81.29 72.28 -15.83
C PHE C 113 81.69 71.46 -14.62
N THR C 114 82.30 72.09 -13.61
CA THR C 114 82.74 71.35 -12.43
C THR C 114 81.57 70.87 -11.58
N THR C 115 80.46 71.61 -11.56
CA THR C 115 79.33 71.23 -10.71
C THR C 115 78.52 70.09 -11.31
N ASP C 116 78.28 70.12 -12.62
CA ASP C 116 77.38 69.14 -13.23
C ASP C 116 78.03 67.78 -13.42
N LEU C 117 79.36 67.72 -13.51
CA LEU C 117 80.05 66.46 -13.76
C LEU C 117 80.36 65.76 -12.45
N SER C 118 80.57 64.45 -12.54
CA SER C 118 80.97 63.62 -11.41
C SER C 118 82.17 62.78 -11.81
N VAL C 119 82.92 62.34 -10.80
CA VAL C 119 84.04 61.45 -11.04
C VAL C 119 83.50 60.18 -11.68
N GLY C 120 84.13 59.74 -12.78
CA GLY C 120 83.68 58.59 -13.52
C GLY C 120 82.83 58.91 -14.74
N ASN C 121 82.29 60.13 -14.83
CA ASN C 121 81.52 60.51 -16.00
C ASN C 121 82.41 60.53 -17.25
N THR C 122 81.77 60.48 -18.41
CA THR C 122 82.45 60.58 -19.70
C THR C 122 82.33 62.01 -20.23
N VAL C 123 83.45 62.57 -20.67
CA VAL C 123 83.50 63.83 -21.41
C VAL C 123 83.91 63.50 -22.84
N LEU C 124 83.12 63.97 -23.80
CA LEU C 124 83.41 63.79 -25.22
C LEU C 124 83.72 65.14 -25.84
N VAL C 125 84.76 65.20 -26.67
CA VAL C 125 85.21 66.46 -27.23
C VAL C 125 85.22 66.34 -28.75
N ASP C 126 84.71 67.37 -29.42
CA ASP C 126 84.70 67.48 -30.88
C ASP C 126 83.86 66.38 -31.50
N ASP C 127 82.55 66.51 -31.27
CA ASP C 127 81.55 65.59 -31.81
C ASP C 127 81.93 64.14 -31.54
N GLY C 128 82.39 63.88 -30.32
CA GLY C 128 82.73 62.55 -29.87
C GLY C 128 84.03 61.99 -30.39
N LEU C 129 84.86 62.80 -31.05
CA LEU C 129 86.14 62.29 -31.55
C LEU C 129 87.04 61.81 -30.42
N ILE C 130 87.13 62.58 -29.33
CA ILE C 130 88.02 62.28 -28.23
C ILE C 130 87.19 62.04 -26.98
N GLY C 131 87.34 60.87 -26.38
CA GLY C 131 86.66 60.53 -25.14
C GLY C 131 87.60 60.61 -23.95
N MET C 132 87.03 61.00 -22.81
CA MET C 132 87.79 61.12 -21.57
C MET C 132 86.93 60.67 -20.40
N GLU C 133 87.61 60.26 -19.34
CA GLU C 133 86.98 59.88 -18.08
C GLU C 133 87.35 60.87 -16.98
N VAL C 134 86.35 61.43 -16.31
CA VAL C 134 86.60 62.29 -15.16
C VAL C 134 87.22 61.47 -14.04
N THR C 135 88.39 61.89 -13.57
CA THR C 135 89.06 61.25 -12.44
C THR C 135 89.04 62.10 -11.17
N ALA C 136 88.93 63.42 -11.30
CA ALA C 136 88.84 64.29 -10.13
C ALA C 136 88.27 65.63 -10.53
N ILE C 137 87.64 66.29 -9.58
CA ILE C 137 87.10 67.64 -9.73
C ILE C 137 87.56 68.46 -8.53
N GLU C 138 88.33 69.51 -8.80
CA GLU C 138 88.93 70.32 -7.75
C GLU C 138 88.90 71.78 -8.17
N GLY C 139 88.27 72.62 -7.37
CA GLY C 139 88.17 74.03 -7.71
C GLY C 139 87.44 74.21 -9.02
N ASN C 140 88.06 74.97 -9.94
CA ASN C 140 87.50 75.20 -11.27
C ASN C 140 88.09 74.25 -12.30
N LYS C 141 88.55 73.07 -11.88
CA LYS C 141 89.20 72.12 -12.76
C LYS C 141 88.45 70.79 -12.75
N VAL C 142 88.29 70.21 -13.94
CA VAL C 142 87.82 68.83 -14.11
C VAL C 142 88.99 68.05 -14.71
N ILE C 143 89.59 67.18 -13.90
CA ILE C 143 90.77 66.43 -14.29
C ILE C 143 90.34 65.09 -14.85
N CYS C 144 90.85 64.73 -16.04
CA CYS C 144 90.40 63.52 -16.71
C CYS C 144 91.56 62.67 -17.20
N LYS C 145 91.21 61.43 -17.55
CA LYS C 145 92.09 60.51 -18.26
C LYS C 145 91.61 60.41 -19.70
N VAL C 146 92.50 60.70 -20.65
CA VAL C 146 92.13 60.61 -22.06
C VAL C 146 92.03 59.15 -22.45
N LEU C 147 90.92 58.77 -23.09
CA LEU C 147 90.67 57.38 -23.40
C LEU C 147 91.14 56.98 -24.80
N ASN C 148 91.32 57.93 -25.70
CA ASN C 148 91.80 57.59 -27.03
C ASN C 148 92.59 58.75 -27.63
N ASN C 149 93.50 58.37 -28.54
CA ASN C 149 94.31 59.33 -29.28
C ASN C 149 93.44 60.26 -30.10
N GLY C 150 93.86 61.52 -30.18
CA GLY C 150 93.19 62.47 -31.04
C GLY C 150 93.81 63.85 -31.05
N ASP C 151 93.60 64.58 -32.13
CA ASP C 151 94.09 65.95 -32.27
C ASP C 151 93.00 66.89 -31.79
N LEU C 152 93.30 67.71 -30.80
CA LEU C 152 92.38 68.71 -30.29
C LEU C 152 92.67 70.05 -30.97
N GLY C 153 91.64 70.61 -31.62
CA GLY C 153 91.71 71.96 -32.14
C GLY C 153 91.05 72.95 -31.21
N GLU C 154 90.77 74.13 -31.75
CA GLU C 154 90.17 75.20 -30.97
C GLU C 154 88.65 75.18 -31.06
N ASN C 155 88.00 75.55 -29.96
CA ASN C 155 86.56 75.77 -29.88
C ASN C 155 85.77 74.59 -30.46
N LYS C 156 85.87 73.48 -29.74
CA LYS C 156 85.25 72.22 -30.11
C LYS C 156 84.07 71.92 -29.21
N GLY C 157 83.03 71.32 -29.78
CA GLY C 157 81.87 70.97 -28.99
C GLY C 157 82.19 69.94 -27.93
N VAL C 158 81.55 70.07 -26.78
CA VAL C 158 81.70 69.13 -25.67
C VAL C 158 80.34 68.50 -25.40
N ASN C 159 80.32 67.16 -25.28
CA ASN C 159 79.10 66.42 -24.95
C ASN C 159 79.36 65.62 -23.68
N LEU C 160 78.38 65.62 -22.78
CA LEU C 160 78.47 64.94 -21.48
C LEU C 160 77.36 63.90 -21.42
N PRO C 161 77.59 62.70 -21.96
CA PRO C 161 76.51 61.69 -22.05
C PRO C 161 75.87 61.41 -20.70
N GLY C 162 74.54 61.47 -20.66
CA GLY C 162 73.79 61.11 -19.49
C GLY C 162 73.79 62.10 -18.35
N VAL C 163 74.35 63.29 -18.54
CA VAL C 163 74.45 64.29 -17.49
C VAL C 163 73.33 65.32 -17.66
N SER C 164 72.72 65.70 -16.55
CA SER C 164 71.78 66.83 -16.53
C SER C 164 72.60 68.12 -16.47
N ILE C 165 72.59 68.88 -17.55
CA ILE C 165 73.41 70.08 -17.67
C ILE C 165 72.55 71.29 -17.34
N ALA C 166 72.98 72.08 -16.37
CA ALA C 166 72.27 73.29 -15.95
C ALA C 166 72.58 74.49 -16.82
N LEU C 167 72.65 74.29 -18.13
CA LEU C 167 72.73 75.42 -19.03
C LEU C 167 71.32 76.01 -19.16
N PRO C 168 71.22 77.31 -19.44
CA PRO C 168 69.89 77.90 -19.62
C PRO C 168 69.20 77.29 -20.85
N ALA C 169 67.87 77.40 -20.85
CA ALA C 169 67.10 76.93 -21.99
C ALA C 169 67.50 77.67 -23.27
N LEU C 170 67.80 78.95 -23.15
CA LEU C 170 68.13 79.82 -24.27
C LEU C 170 69.45 80.51 -24.02
N ALA C 171 70.35 80.48 -25.00
CA ALA C 171 71.48 81.40 -24.98
C ALA C 171 70.99 82.81 -25.21
N GLU C 172 71.77 83.79 -24.75
CA GLU C 172 71.36 85.19 -24.93
C GLU C 172 71.13 85.50 -26.40
N LYS C 173 71.98 84.99 -27.28
CA LYS C 173 71.77 85.20 -28.71
C LYS C 173 70.47 84.56 -29.16
N ASP C 174 70.12 83.40 -28.58
CA ASP C 174 68.86 82.75 -28.94
C ASP C 174 67.68 83.66 -28.65
N LYS C 175 67.71 84.37 -27.52
CA LYS C 175 66.60 85.24 -27.15
C LYS C 175 66.42 86.36 -28.19
N GLN C 176 67.52 86.96 -28.64
CA GLN C 176 67.44 87.96 -29.70
C GLN C 176 67.00 87.34 -31.01
N ASP C 177 67.51 86.15 -31.34
CA ASP C 177 67.09 85.47 -32.56
C ASP C 177 65.60 85.20 -32.56
N LEU C 178 65.04 84.86 -31.40
CA LEU C 178 63.60 84.61 -31.32
C LEU C 178 62.81 85.89 -31.56
N ILE C 179 63.32 87.03 -31.08
CA ILE C 179 62.65 88.30 -31.37
C ILE C 179 62.65 88.57 -32.87
N PHE C 180 63.80 88.35 -33.51
CA PHE C 180 63.89 88.40 -34.98
C PHE C 180 62.86 87.47 -35.61
N GLY C 181 62.73 86.25 -35.09
CA GLY C 181 61.73 85.34 -35.59
C GLY C 181 60.32 85.92 -35.52
N CYS C 182 59.99 86.56 -34.39
CA CYS C 182 58.68 87.20 -34.27
C CYS C 182 58.54 88.37 -35.24
N GLU C 183 59.59 89.19 -35.35
CA GLU C 183 59.55 90.30 -36.30
C GLU C 183 59.23 89.82 -37.70
N GLN C 184 59.83 88.69 -38.11
CA GLN C 184 59.71 88.18 -39.46
C GLN C 184 58.48 87.33 -39.67
N GLY C 185 57.75 86.99 -38.61
CA GLY C 185 56.58 86.15 -38.74
C GLY C 185 56.89 84.73 -39.18
N VAL C 186 57.93 84.13 -38.61
CA VAL C 186 58.22 82.74 -38.96
C VAL C 186 57.09 81.85 -38.47
N ASP C 187 56.99 80.67 -39.08
CA ASP C 187 55.91 79.75 -38.77
C ASP C 187 56.27 78.77 -37.68
N PHE C 188 57.54 78.39 -37.61
CA PHE C 188 58.03 77.44 -36.63
C PHE C 188 59.32 77.98 -36.03
N VAL C 189 59.53 77.65 -34.76
CA VAL C 189 60.83 77.79 -34.11
C VAL C 189 61.24 76.39 -33.68
N ALA C 190 62.38 75.93 -34.18
CA ALA C 190 63.00 74.69 -33.71
C ALA C 190 64.02 75.08 -32.65
N ALA C 191 63.75 74.69 -31.40
CA ALA C 191 64.56 75.08 -30.26
C ALA C 191 65.53 73.95 -29.93
N SER C 192 66.82 74.28 -29.89
CA SER C 192 67.87 73.28 -29.70
C SER C 192 67.99 72.86 -28.24
N PHE C 193 68.39 71.59 -28.04
CA PHE C 193 68.87 71.09 -26.74
C PHE C 193 67.82 71.22 -25.64
N ILE C 194 66.59 70.84 -25.97
CA ILE C 194 65.49 70.86 -25.01
C ILE C 194 65.62 69.65 -24.10
N ARG C 195 65.70 69.89 -22.79
CA ARG C 195 65.96 68.85 -21.83
C ARG C 195 64.81 68.57 -20.88
N LYS C 196 63.86 69.49 -20.76
CA LYS C 196 62.79 69.35 -19.78
C LYS C 196 61.67 70.32 -20.13
N ARG C 197 60.50 70.05 -19.56
CA ARG C 197 59.31 70.85 -19.86
C ARG C 197 59.54 72.33 -19.60
N SER C 198 60.28 72.66 -18.54
CA SER C 198 60.47 74.07 -18.19
C SER C 198 61.24 74.81 -19.28
N ASP C 199 62.10 74.10 -20.02
CA ASP C 199 62.78 74.76 -21.13
C ASP C 199 61.78 75.23 -22.17
N VAL C 200 60.81 74.36 -22.49
CA VAL C 200 59.80 74.67 -23.50
C VAL C 200 58.95 75.86 -23.05
N ILE C 201 58.55 75.86 -21.78
CA ILE C 201 57.71 76.92 -21.24
C ILE C 201 58.39 78.27 -21.37
N GLU C 202 59.70 78.32 -21.06
CA GLU C 202 60.42 79.58 -21.14
C GLU C 202 60.44 80.10 -22.58
N ILE C 203 60.66 79.21 -23.55
CA ILE C 203 60.60 79.62 -24.94
C ILE C 203 59.22 80.15 -25.30
N ARG C 204 58.17 79.45 -24.84
CA ARG C 204 56.81 79.85 -25.16
C ARG C 204 56.51 81.23 -24.62
N GLU C 205 56.93 81.51 -23.38
CA GLU C 205 56.71 82.82 -22.78
C GLU C 205 57.53 83.90 -23.48
N HIS C 206 58.74 83.57 -23.94
CA HIS C 206 59.55 84.57 -24.64
C HIS C 206 58.89 84.97 -25.96
N LEU C 207 58.40 83.98 -26.72
CA LEU C 207 57.70 84.29 -27.96
C LEU C 207 56.41 85.04 -27.68
N LYS C 208 55.67 84.66 -26.64
CA LYS C 208 54.43 85.34 -26.32
C LYS C 208 54.68 86.83 -26.05
N ALA C 209 55.77 87.14 -25.35
CA ALA C 209 56.07 88.53 -25.01
C ALA C 209 56.41 89.38 -26.23
N HIS C 210 56.59 88.77 -27.40
CA HIS C 210 56.94 89.50 -28.61
C HIS C 210 56.01 89.18 -29.76
N GLY C 211 54.76 88.81 -29.44
CA GLY C 211 53.74 88.62 -30.43
C GLY C 211 53.83 87.33 -31.22
N GLY C 212 54.57 86.35 -30.71
CA GLY C 212 54.73 85.09 -31.42
C GLY C 212 53.96 83.95 -30.79
N GLU C 213 52.86 84.28 -30.10
CA GLU C 213 52.09 83.27 -29.41
C GLU C 213 51.55 82.20 -30.36
N ASN C 214 51.34 82.53 -31.64
CA ASN C 214 50.83 81.56 -32.60
C ASN C 214 51.94 80.81 -33.34
N ILE C 215 53.21 81.11 -33.06
CA ILE C 215 54.32 80.37 -33.64
C ILE C 215 54.45 79.02 -32.94
N HIS C 216 54.64 77.97 -33.73
CA HIS C 216 54.73 76.61 -33.21
C HIS C 216 56.17 76.29 -32.80
N ILE C 217 56.31 75.68 -31.62
CA ILE C 217 57.61 75.32 -31.07
C ILE C 217 57.88 73.85 -31.36
N ILE C 218 58.97 73.59 -32.07
CA ILE C 218 59.44 72.24 -32.37
C ILE C 218 60.64 71.99 -31.47
N SER C 219 60.49 71.12 -30.48
CA SER C 219 61.57 70.86 -29.54
C SER C 219 62.54 69.83 -30.12
N LYS C 220 63.83 70.17 -30.13
CA LYS C 220 64.87 69.28 -30.61
C LYS C 220 65.32 68.41 -29.44
N ILE C 221 65.21 67.10 -29.62
CA ILE C 221 65.60 66.13 -28.60
C ILE C 221 66.98 65.62 -28.97
N GLU C 222 67.99 65.96 -28.17
CA GLU C 222 69.36 65.68 -28.56
C GLU C 222 70.15 64.88 -27.54
N ASN C 223 69.62 64.62 -26.35
CA ASN C 223 70.40 63.85 -25.39
C ASN C 223 69.49 63.03 -24.48
N GLN C 224 70.12 62.34 -23.53
CA GLN C 224 69.37 61.41 -22.69
C GLN C 224 68.35 62.11 -21.82
N GLU C 225 68.71 63.26 -21.25
CA GLU C 225 67.77 63.98 -20.39
C GLU C 225 66.48 64.32 -21.15
N GLY C 226 66.63 64.86 -22.35
CA GLY C 226 65.46 65.13 -23.18
C GLY C 226 64.67 63.87 -23.48
N LEU C 227 65.36 62.76 -23.70
CA LEU C 227 64.67 61.48 -23.87
C LEU C 227 63.92 61.10 -22.61
N ASN C 228 64.55 61.24 -21.43
CA ASN C 228 63.88 60.86 -20.19
C ASN C 228 62.61 61.67 -19.98
N ASN C 229 62.66 62.97 -20.31
CA ASN C 229 61.55 63.88 -20.09
C ASN C 229 60.70 64.06 -21.35
N PHE C 230 60.78 63.11 -22.28
CA PHE C 230 60.16 63.33 -23.58
C PHE C 230 58.65 63.57 -23.48
N ASP C 231 57.96 62.79 -22.64
CA ASP C 231 56.50 62.92 -22.57
C ASP C 231 56.11 64.34 -22.17
N GLU C 232 56.77 64.90 -21.15
CA GLU C 232 56.42 66.25 -20.74
C GLU C 232 56.87 67.29 -21.74
N ILE C 233 58.02 67.07 -22.40
CA ILE C 233 58.44 67.98 -23.46
C ILE C 233 57.40 68.00 -24.58
N LEU C 234 56.99 66.82 -25.06
CA LEU C 234 56.01 66.76 -26.14
C LEU C 234 54.71 67.47 -25.75
N GLU C 235 54.23 67.25 -24.53
CA GLU C 235 52.97 67.84 -24.10
C GLU C 235 53.01 69.35 -24.21
N ALA C 236 54.14 69.97 -23.85
CA ALA C 236 54.28 71.41 -23.86
C ALA C 236 54.67 71.96 -25.23
N SER C 237 55.11 71.12 -26.15
CA SER C 237 55.55 71.54 -27.47
C SER C 237 54.45 71.34 -28.50
N ASP C 238 54.67 71.93 -29.68
CA ASP C 238 53.82 71.69 -30.83
C ASP C 238 54.34 70.57 -31.72
N GLY C 239 55.61 70.19 -31.56
CA GLY C 239 56.21 69.16 -32.37
C GLY C 239 57.61 68.86 -31.89
N ILE C 240 58.25 67.94 -32.59
CA ILE C 240 59.53 67.38 -32.17
C ILE C 240 60.44 67.28 -33.38
N MET C 241 61.71 67.60 -33.19
CA MET C 241 62.75 67.29 -34.17
C MET C 241 63.64 66.22 -33.57
N VAL C 242 63.73 65.08 -34.24
CA VAL C 242 64.58 63.98 -33.81
C VAL C 242 65.96 64.25 -34.39
N ALA C 243 66.90 64.65 -33.53
CA ALA C 243 68.25 64.99 -33.93
C ALA C 243 69.13 63.76 -33.75
N ARG C 244 69.10 62.86 -34.74
CA ARG C 244 69.78 61.57 -34.63
C ARG C 244 71.29 61.75 -34.39
N GLY C 245 71.91 62.69 -35.11
CA GLY C 245 73.36 62.88 -34.98
C GLY C 245 73.78 63.20 -33.55
N ASP C 246 73.05 64.09 -32.90
CA ASP C 246 73.38 64.45 -31.52
C ASP C 246 73.13 63.28 -30.58
N LEU C 247 72.00 62.59 -30.76
CA LEU C 247 71.72 61.43 -29.93
C LEU C 247 72.82 60.39 -30.04
N GLY C 248 73.40 60.23 -31.23
CA GLY C 248 74.46 59.26 -31.45
C GLY C 248 75.70 59.45 -30.62
N VAL C 249 76.00 60.65 -30.19
CA VAL C 249 77.13 60.76 -29.28
C VAL C 249 76.67 61.00 -27.83
N GLU C 250 75.37 60.91 -27.55
CA GLU C 250 74.89 61.19 -26.21
C GLU C 250 74.31 59.94 -25.52
N ILE C 251 73.83 58.92 -26.28
CA ILE C 251 73.23 57.74 -25.66
C ILE C 251 73.85 56.50 -26.29
N PRO C 252 73.65 55.32 -25.70
CA PRO C 252 74.16 54.08 -26.32
C PRO C 252 73.69 53.96 -27.76
N VAL C 253 74.62 53.60 -28.64
CA VAL C 253 74.36 53.65 -30.07
C VAL C 253 73.17 52.78 -30.44
N GLU C 254 72.99 51.64 -29.77
CA GLU C 254 71.86 50.78 -30.11
C GLU C 254 70.51 51.33 -29.67
N GLU C 255 70.49 52.38 -28.85
CA GLU C 255 69.24 52.98 -28.40
C GLU C 255 68.71 54.02 -29.38
N VAL C 256 69.56 54.56 -30.25
CA VAL C 256 69.16 55.74 -31.03
C VAL C 256 67.98 55.40 -31.93
N ILE C 257 67.98 54.22 -32.56
CA ILE C 257 66.92 53.88 -33.51
C ILE C 257 65.58 53.79 -32.80
N PHE C 258 65.55 53.21 -31.61
CA PHE C 258 64.31 53.07 -30.87
C PHE C 258 63.88 54.39 -30.22
N ALA C 259 64.84 55.26 -29.92
CA ALA C 259 64.48 56.63 -29.52
C ALA C 259 63.73 57.33 -30.64
N GLN C 260 64.22 57.23 -31.88
CA GLN C 260 63.51 57.81 -33.01
C GLN C 260 62.13 57.20 -33.19
N LYS C 261 62.05 55.86 -33.21
CA LYS C 261 60.76 55.22 -33.46
C LYS C 261 59.76 55.57 -32.37
N MET C 262 60.20 55.56 -31.11
CA MET C 262 59.31 55.90 -30.00
C MET C 262 58.83 57.34 -30.08
N MET C 263 59.76 58.27 -30.37
CA MET C 263 59.38 59.68 -30.43
C MET C 263 58.42 59.95 -31.59
N ILE C 264 58.65 59.31 -32.75
CA ILE C 264 57.73 59.48 -33.86
C ILE C 264 56.36 58.93 -33.50
N GLU C 265 56.32 57.76 -32.87
CA GLU C 265 55.03 57.14 -32.53
C GLU C 265 54.24 58.01 -31.57
N LYS C 266 54.91 58.56 -30.55
CA LYS C 266 54.20 59.39 -29.57
C LYS C 266 53.73 60.70 -30.20
N CYS C 267 54.53 61.29 -31.09
CA CYS C 267 54.09 62.50 -31.79
C CYS C 267 52.84 62.23 -32.61
N ILE C 268 52.81 61.10 -33.32
CA ILE C 268 51.64 60.73 -34.11
C ILE C 268 50.40 60.68 -33.21
N ARG C 269 50.51 59.97 -32.08
CA ARG C 269 49.38 59.83 -31.16
C ARG C 269 48.94 61.17 -30.60
N ALA C 270 49.89 62.08 -30.37
CA ALA C 270 49.60 63.39 -29.85
C ALA C 270 49.12 64.36 -30.94
N ARG C 271 49.08 63.93 -32.20
CA ARG C 271 48.57 64.76 -33.29
C ARG C 271 49.48 65.96 -33.52
N LYS C 272 50.78 65.74 -33.34
CA LYS C 272 51.78 66.79 -33.36
C LYS C 272 52.88 66.41 -34.33
N VAL C 273 53.33 67.40 -35.10
CA VAL C 273 54.26 67.15 -36.19
C VAL C 273 55.60 66.68 -35.65
N VAL C 274 56.24 65.80 -36.43
CA VAL C 274 57.56 65.32 -36.10
C VAL C 274 58.41 65.40 -37.36
N ILE C 275 59.65 65.88 -37.19
CA ILE C 275 60.64 65.98 -38.25
C ILE C 275 61.79 65.04 -37.92
N THR C 276 62.19 64.22 -38.89
CA THR C 276 63.40 63.41 -38.78
C THR C 276 64.55 64.19 -39.40
N ALA C 277 65.63 64.38 -38.64
CA ALA C 277 66.66 65.30 -39.09
C ALA C 277 68.07 64.84 -38.72
N THR C 278 69.02 65.46 -39.41
CA THR C 278 70.46 65.27 -39.31
C THR C 278 70.86 63.94 -39.94
N GLN C 279 72.05 63.93 -40.56
CA GLN C 279 72.63 62.73 -41.14
C GLN C 279 71.63 61.99 -42.03
N MET C 280 70.98 62.73 -42.92
CA MET C 280 69.99 62.16 -43.84
C MET C 280 70.64 61.81 -45.18
N LEU C 281 71.03 62.83 -45.95
CA LEU C 281 71.68 62.61 -47.23
C LEU C 281 73.01 63.35 -47.28
N ASP C 282 73.76 63.36 -46.17
CA ASP C 282 74.90 64.25 -46.06
C ASP C 282 75.94 64.00 -47.15
N SER C 283 76.06 62.76 -47.63
CA SER C 283 77.04 62.49 -48.68
C SER C 283 76.81 63.36 -49.91
N MET C 284 75.59 63.88 -50.09
CA MET C 284 75.29 64.70 -51.25
C MET C 284 75.81 66.12 -51.13
N ILE C 285 76.41 66.49 -50.00
CA ILE C 285 77.23 67.70 -49.97
C ILE C 285 78.28 67.64 -51.07
N LYS C 286 78.86 66.46 -51.27
CA LYS C 286 79.95 66.28 -52.22
C LYS C 286 79.59 65.44 -53.45
N ASN C 287 78.52 64.63 -53.39
CA ASN C 287 78.21 63.70 -54.46
C ASN C 287 76.83 63.99 -55.05
N PRO C 288 76.64 63.76 -56.35
CA PRO C 288 75.33 64.04 -56.97
C PRO C 288 74.26 63.00 -56.73
N ARG C 289 74.58 61.89 -56.06
CA ARG C 289 73.60 60.88 -55.67
C ARG C 289 73.91 60.41 -54.27
N PRO C 290 72.91 59.94 -53.52
CA PRO C 290 73.15 59.50 -52.15
C PRO C 290 73.63 58.04 -52.11
N THR C 291 74.08 57.63 -50.94
CA THR C 291 74.41 56.22 -50.76
C THR C 291 73.15 55.39 -50.51
N ARG C 292 73.28 54.08 -50.78
CA ARG C 292 72.21 53.14 -50.50
C ARG C 292 71.78 53.22 -49.04
N ALA C 293 72.76 53.28 -48.13
CA ALA C 293 72.46 53.37 -46.69
C ALA C 293 71.64 54.60 -46.38
N GLU C 294 72.02 55.76 -46.94
CA GLU C 294 71.27 56.98 -46.67
C GLU C 294 69.84 56.86 -47.17
N ALA C 295 69.65 56.33 -48.38
CA ALA C 295 68.30 56.22 -48.93
C ALA C 295 67.46 55.31 -48.06
N GLY C 296 68.03 54.20 -47.58
CA GLY C 296 67.31 53.32 -46.70
C GLY C 296 66.99 53.96 -45.36
N ASP C 297 67.95 54.70 -44.80
CA ASP C 297 67.73 55.42 -43.54
C ASP C 297 66.54 56.36 -43.68
N VAL C 298 66.52 57.15 -44.74
CA VAL C 298 65.43 58.10 -44.95
C VAL C 298 64.11 57.35 -45.08
N ALA C 299 64.09 56.31 -45.92
CA ALA C 299 62.85 55.57 -46.17
C ALA C 299 62.31 54.92 -44.90
N ASN C 300 63.19 54.37 -44.05
CA ASN C 300 62.70 53.77 -42.81
C ASN C 300 62.14 54.83 -41.87
N SER C 301 62.69 56.04 -41.88
CA SER C 301 62.12 57.10 -41.05
C SER C 301 60.71 57.45 -41.50
N ILE C 302 60.45 57.39 -42.81
CA ILE C 302 59.10 57.62 -43.33
C ILE C 302 58.18 56.46 -42.96
N LEU C 303 58.66 55.22 -43.11
CA LEU C 303 57.87 54.06 -42.68
C LEU C 303 57.61 54.11 -41.17
N ASP C 304 58.55 54.65 -40.40
CA ASP C 304 58.29 54.89 -38.98
C ASP C 304 57.07 55.79 -38.78
N GLY C 305 56.84 56.73 -39.70
CA GLY C 305 55.68 57.58 -39.66
C GLY C 305 55.96 59.06 -39.55
N THR C 306 57.18 59.50 -39.83
CA THR C 306 57.53 60.90 -39.69
C THR C 306 56.67 61.77 -40.60
N ASP C 307 56.32 62.98 -40.13
CA ASP C 307 55.65 63.93 -40.99
C ASP C 307 56.57 64.46 -42.09
N ALA C 308 57.83 64.68 -41.73
CA ALA C 308 58.75 65.45 -42.57
C ALA C 308 60.17 64.94 -42.39
N VAL C 309 60.95 65.12 -43.44
CA VAL C 309 62.36 64.79 -43.49
C VAL C 309 63.14 66.05 -43.82
N MET C 310 64.36 66.15 -43.32
CA MET C 310 65.12 67.38 -43.37
C MET C 310 66.46 67.23 -44.05
N LEU C 311 66.78 68.19 -44.92
CA LEU C 311 68.11 68.33 -45.51
C LEU C 311 68.84 69.46 -44.81
N SER C 312 70.12 69.24 -44.52
CA SER C 312 70.95 70.23 -43.84
C SER C 312 71.99 70.76 -44.81
N GLY C 313 73.26 70.35 -44.63
CA GLY C 313 74.30 70.80 -45.52
C GLY C 313 74.01 70.50 -46.98
N GLU C 314 73.32 69.39 -47.25
CA GLU C 314 73.08 68.98 -48.64
C GLU C 314 72.40 70.08 -49.44
N SER C 315 71.51 70.86 -48.80
CA SER C 315 70.74 71.88 -49.48
C SER C 315 71.22 73.29 -49.20
N ALA C 316 72.01 73.49 -48.15
CA ALA C 316 72.43 74.82 -47.75
C ALA C 316 73.74 75.23 -48.42
N LYS C 317 74.76 74.38 -48.36
CA LYS C 317 76.09 74.71 -48.85
C LYS C 317 76.68 73.70 -49.81
N GLY C 318 76.06 72.54 -50.00
CA GLY C 318 76.65 71.49 -50.80
C GLY C 318 76.64 71.79 -52.28
N LYS C 319 77.23 70.88 -53.04
CA LYS C 319 77.41 71.11 -54.48
C LYS C 319 76.21 70.70 -55.30
N TYR C 320 75.30 69.89 -54.77
CA TYR C 320 74.19 69.34 -55.53
C TYR C 320 72.87 69.53 -54.78
N PRO C 321 72.51 70.77 -54.46
CA PRO C 321 71.28 70.99 -53.69
C PRO C 321 70.01 70.53 -54.40
N LEU C 322 69.87 70.83 -55.70
CA LEU C 322 68.66 70.44 -56.41
C LEU C 322 68.58 68.92 -56.55
N GLU C 323 69.72 68.28 -56.78
CA GLU C 323 69.74 66.82 -56.84
C GLU C 323 69.31 66.22 -55.51
N ALA C 324 69.77 66.81 -54.40
CA ALA C 324 69.44 66.28 -53.08
C ALA C 324 67.94 66.37 -52.82
N VAL C 325 67.33 67.51 -53.15
CA VAL C 325 65.89 67.66 -52.95
C VAL C 325 65.12 66.68 -53.83
N SER C 326 65.54 66.52 -55.09
CA SER C 326 64.78 65.68 -56.02
C SER C 326 64.83 64.21 -55.62
N ILE C 327 66.00 63.71 -55.23
CA ILE C 327 66.07 62.31 -54.82
C ILE C 327 65.34 62.12 -53.49
N MET C 328 65.38 63.12 -52.61
CA MET C 328 64.59 63.05 -51.39
C MET C 328 63.10 62.92 -51.73
N ALA C 329 62.62 63.74 -52.66
CA ALA C 329 61.22 63.66 -53.06
C ALA C 329 60.91 62.31 -53.69
N THR C 330 61.83 61.78 -54.50
CA THR C 330 61.64 60.46 -55.07
C THR C 330 61.55 59.41 -53.97
N ILE C 331 62.42 59.50 -52.96
CA ILE C 331 62.34 58.57 -51.84
C ILE C 331 61.01 58.69 -51.13
N CYS C 332 60.58 59.94 -50.89
CA CYS C 332 59.30 60.18 -50.21
C CYS C 332 58.15 59.53 -50.97
N GLU C 333 58.00 59.85 -52.26
CA GLU C 333 56.82 59.34 -52.94
C GLU C 333 56.88 57.83 -53.10
N ARG C 334 58.07 57.27 -53.30
CA ARG C 334 58.18 55.82 -53.42
C ARG C 334 57.81 55.12 -52.12
N THR C 335 58.12 55.73 -50.98
CA THR C 335 57.86 55.09 -49.69
C THR C 335 56.43 55.35 -49.23
N ASP C 336 55.98 56.61 -49.35
CA ASP C 336 54.60 56.94 -49.00
C ASP C 336 53.61 56.04 -49.74
N ARG C 337 53.84 55.78 -51.02
CA ARG C 337 52.84 55.07 -51.82
C ARG C 337 52.55 53.67 -51.31
N VAL C 338 53.45 53.07 -50.54
CA VAL C 338 53.26 51.70 -50.09
C VAL C 338 52.87 51.65 -48.62
N MET C 339 52.60 52.79 -47.99
CA MET C 339 52.19 52.81 -46.59
C MET C 339 50.68 52.69 -46.47
N ASN C 340 50.23 52.11 -45.36
CA ASN C 340 48.82 51.87 -45.13
C ASN C 340 48.30 52.76 -44.00
N SER C 341 46.98 52.96 -43.98
CA SER C 341 46.36 53.64 -42.86
C SER C 341 46.51 52.81 -41.58
N ARG C 342 46.39 53.50 -40.44
CA ARG C 342 46.42 52.87 -39.13
C ARG C 342 45.14 53.31 -38.40
N LEU C 343 44.08 52.52 -38.50
CA LEU C 343 42.79 52.96 -37.99
C LEU C 343 42.48 52.43 -36.60
N GLU C 344 43.35 51.60 -36.03
CA GLU C 344 43.08 50.99 -34.73
C GLU C 344 43.08 52.00 -33.59
N ARG C 353 38.01 63.04 -26.57
CA ARG C 353 37.56 61.73 -27.07
C ARG C 353 36.72 61.94 -28.32
N ILE C 354 36.06 63.09 -28.42
CA ILE C 354 35.14 63.35 -29.52
C ILE C 354 35.91 63.48 -30.84
N THR C 355 36.91 64.36 -30.86
CA THR C 355 37.65 64.60 -32.10
C THR C 355 38.18 63.33 -32.71
N GLU C 356 38.80 62.48 -31.89
CA GLU C 356 39.42 61.28 -32.43
C GLU C 356 38.39 60.30 -32.93
N ALA C 357 37.30 60.16 -32.22
CA ALA C 357 36.25 59.26 -32.67
C ALA C 357 35.75 59.70 -34.04
N VAL C 358 35.51 60.98 -34.21
CA VAL C 358 35.04 61.51 -35.49
C VAL C 358 36.12 61.43 -36.55
N CYS C 359 37.36 61.84 -36.23
CA CYS C 359 38.40 61.87 -37.26
C CYS C 359 38.82 60.45 -37.66
N ARG C 360 38.95 59.56 -36.69
CA ARG C 360 39.22 58.16 -37.01
C ARG C 360 38.10 57.56 -37.84
N GLY C 361 36.84 57.87 -37.50
CA GLY C 361 35.73 57.36 -38.27
C GLY C 361 35.66 57.97 -39.66
N ALA C 362 36.01 59.25 -39.78
CA ALA C 362 36.04 59.90 -41.09
C ALA C 362 37.06 59.22 -42.00
N VAL C 363 38.22 58.87 -41.47
CA VAL C 363 39.21 58.21 -42.32
C VAL C 363 38.72 56.82 -42.70
N GLU C 364 38.12 56.11 -41.74
CA GLU C 364 37.58 54.79 -42.05
C GLU C 364 36.52 54.88 -43.12
N THR C 365 35.61 55.86 -43.01
CA THR C 365 34.58 56.05 -44.02
C THR C 365 35.20 56.35 -45.39
N ALA C 366 36.19 57.25 -45.42
CA ALA C 366 36.85 57.58 -46.68
C ALA C 366 37.45 56.33 -47.32
N GLU C 367 38.10 55.50 -46.50
CA GLU C 367 38.74 54.30 -47.02
C GLU C 367 37.71 53.34 -47.59
N LYS C 368 36.64 53.11 -46.84
CA LYS C 368 35.60 52.18 -47.27
C LYS C 368 34.89 52.66 -48.54
N LEU C 369 34.77 53.97 -48.73
CA LEU C 369 34.11 54.51 -49.90
C LEU C 369 35.08 54.94 -51.00
N ASP C 370 36.36 54.59 -50.87
CA ASP C 370 37.37 54.89 -51.90
C ASP C 370 37.44 56.39 -52.20
N ALA C 371 37.38 57.21 -51.17
CA ALA C 371 37.45 58.66 -51.36
C ALA C 371 38.89 59.10 -51.56
N PRO C 372 39.21 59.84 -52.63
CA PRO C 372 40.58 60.35 -52.80
C PRO C 372 40.91 61.54 -51.93
N LEU C 373 39.92 62.13 -51.25
CA LEU C 373 40.14 63.42 -50.61
C LEU C 373 39.28 63.54 -49.36
N ILE C 374 39.91 63.99 -48.28
CA ILE C 374 39.21 64.43 -47.08
C ILE C 374 39.40 65.94 -46.99
N VAL C 375 38.30 66.67 -46.98
CA VAL C 375 38.34 68.13 -46.86
C VAL C 375 38.05 68.46 -45.41
N VAL C 376 38.90 69.28 -44.79
CA VAL C 376 38.81 69.61 -43.37
C VAL C 376 38.71 71.13 -43.23
N ALA C 377 37.79 71.57 -42.39
CA ALA C 377 37.71 72.97 -41.98
C ALA C 377 38.48 73.10 -40.68
N THR C 378 39.37 74.09 -40.60
CA THR C 378 40.19 74.22 -39.42
C THR C 378 40.63 75.66 -39.23
N GLN C 379 40.68 76.09 -37.97
CA GLN C 379 41.18 77.40 -37.58
C GLN C 379 42.62 77.32 -37.10
N GLY C 380 42.93 76.40 -36.18
CA GLY C 380 44.25 76.28 -35.62
C GLY C 380 45.07 75.15 -36.21
N GLY C 381 44.44 74.32 -37.04
CA GLY C 381 45.09 73.19 -37.68
C GLY C 381 44.85 71.85 -37.02
N LYS C 382 44.17 71.84 -35.87
CA LYS C 382 44.04 70.60 -35.09
C LYS C 382 43.24 69.55 -35.85
N SER C 383 42.17 69.97 -36.52
CA SER C 383 41.32 68.99 -37.20
C SER C 383 42.09 68.30 -38.33
N ALA C 384 42.94 69.05 -39.04
CA ALA C 384 43.75 68.43 -40.10
C ALA C 384 44.76 67.47 -39.51
N ARG C 385 45.44 67.88 -38.44
CA ARG C 385 46.41 67.00 -37.78
C ARG C 385 45.74 65.80 -37.13
N ALA C 386 44.49 65.96 -36.67
CA ALA C 386 43.76 64.83 -36.11
C ALA C 386 43.43 63.79 -37.18
N VAL C 387 43.12 64.23 -38.40
CA VAL C 387 42.87 63.29 -39.48
C VAL C 387 44.16 62.61 -39.91
N ARG C 388 45.25 63.38 -40.02
CA ARG C 388 46.52 62.83 -40.47
C ARG C 388 47.03 61.74 -39.53
N LYS C 389 46.61 61.76 -38.26
CA LYS C 389 47.11 60.78 -37.30
C LYS C 389 46.92 59.34 -37.78
N TYR C 390 45.88 59.09 -38.58
CA TYR C 390 45.55 57.74 -38.99
C TYR C 390 46.13 57.39 -40.34
N PHE C 391 47.01 58.23 -40.87
CA PHE C 391 47.69 57.97 -42.14
C PHE C 391 46.70 57.63 -43.25
N PRO C 392 45.72 58.51 -43.51
CA PRO C 392 44.77 58.24 -44.60
C PRO C 392 45.46 58.05 -45.93
N ASP C 393 44.91 57.14 -46.75
CA ASP C 393 45.29 57.07 -48.15
C ASP C 393 44.94 58.37 -48.87
N ALA C 394 43.82 58.97 -48.49
CA ALA C 394 43.38 60.20 -49.12
C ALA C 394 44.25 61.38 -48.73
N THR C 395 44.41 62.30 -49.68
CA THR C 395 44.98 63.61 -49.38
C THR C 395 44.02 64.40 -48.51
N ILE C 396 44.59 65.28 -47.69
CA ILE C 396 43.81 66.16 -46.81
C ILE C 396 43.89 67.57 -47.36
N LEU C 397 42.74 68.11 -47.78
CA LEU C 397 42.61 69.49 -48.20
C LEU C 397 42.08 70.27 -47.00
N ALA C 398 42.93 71.13 -46.42
CA ALA C 398 42.59 71.85 -45.20
C ALA C 398 42.26 73.30 -45.54
N LEU C 399 41.01 73.69 -45.26
CA LEU C 399 40.53 75.03 -45.52
C LEU C 399 40.58 75.84 -44.24
N THR C 400 41.18 77.03 -44.30
CA THR C 400 41.33 77.87 -43.13
C THR C 400 41.28 79.35 -43.54
N THR C 401 40.83 80.18 -42.61
CA THR C 401 40.93 81.63 -42.75
C THR C 401 42.20 82.18 -42.10
N ASN C 402 42.98 81.32 -41.43
CA ASN C 402 44.14 81.72 -40.64
C ASN C 402 45.38 81.49 -41.50
N GLU C 403 46.05 82.58 -41.88
CA GLU C 403 47.22 82.46 -42.74
C GLU C 403 48.34 81.69 -42.06
N LYS C 404 48.55 81.87 -40.75
CA LYS C 404 49.62 81.14 -40.07
C LYS C 404 49.30 79.65 -40.04
N THR C 405 48.06 79.28 -39.78
CA THR C 405 47.67 77.88 -39.86
C THR C 405 47.93 77.31 -41.25
N ALA C 406 47.57 78.07 -42.29
CA ALA C 406 47.83 77.61 -43.65
C ALA C 406 49.31 77.32 -43.85
N HIS C 407 50.19 78.18 -43.35
CA HIS C 407 51.62 77.96 -43.50
C HIS C 407 52.07 76.74 -42.71
N GLN C 408 51.62 76.63 -41.45
CA GLN C 408 52.09 75.56 -40.58
C GLN C 408 51.65 74.18 -41.06
N LEU C 409 50.47 74.07 -41.66
CA LEU C 409 50.01 72.77 -42.14
C LEU C 409 50.85 72.25 -43.31
N VAL C 410 51.67 73.11 -43.93
CA VAL C 410 52.58 72.66 -44.97
C VAL C 410 53.55 71.62 -44.44
N LEU C 411 53.82 71.62 -43.13
CA LEU C 411 54.75 70.66 -42.53
C LEU C 411 54.08 69.33 -42.16
N SER C 412 52.76 69.29 -42.09
CA SER C 412 52.07 68.06 -41.70
C SER C 412 51.92 67.11 -42.87
N LYS C 413 52.11 65.82 -42.61
CA LYS C 413 52.10 64.83 -43.67
C LYS C 413 50.77 64.81 -44.42
N GLY C 414 50.85 64.87 -45.73
CA GLY C 414 49.70 64.64 -46.59
C GLY C 414 48.63 65.71 -46.52
N VAL C 415 48.94 66.90 -46.02
CA VAL C 415 47.95 67.96 -45.88
C VAL C 415 48.27 69.03 -46.91
N VAL C 416 47.25 69.44 -47.67
CA VAL C 416 47.34 70.55 -48.59
C VAL C 416 46.52 71.70 -48.00
N PRO C 417 47.15 72.77 -47.53
CA PRO C 417 46.37 73.89 -47.00
C PRO C 417 45.84 74.77 -48.13
N GLN C 418 44.70 75.40 -47.86
CA GLN C 418 44.15 76.40 -48.77
C GLN C 418 43.53 77.49 -47.93
N LEU C 419 44.05 78.72 -48.08
CA LEU C 419 43.49 79.87 -47.38
C LEU C 419 42.20 80.27 -48.08
N VAL C 420 41.13 80.51 -47.30
CA VAL C 420 39.85 80.89 -47.88
C VAL C 420 39.33 82.14 -47.19
N LYS C 421 38.48 82.86 -47.93
CA LYS C 421 37.86 84.09 -47.46
C LYS C 421 37.20 83.89 -46.11
N GLU C 422 36.39 82.84 -45.98
CA GLU C 422 35.81 82.46 -44.70
C GLU C 422 34.89 81.27 -44.92
N ILE C 423 34.40 80.70 -43.82
CA ILE C 423 33.47 79.58 -43.84
C ILE C 423 32.35 79.97 -42.87
N THR C 424 31.14 80.14 -43.39
CA THR C 424 30.11 80.83 -42.61
C THR C 424 29.09 79.90 -41.98
N SER C 425 29.00 78.64 -42.42
CA SER C 425 28.08 77.67 -41.81
C SER C 425 28.53 76.29 -42.24
N THR C 426 27.93 75.27 -41.62
CA THR C 426 28.30 73.90 -41.97
C THR C 426 27.91 73.58 -43.42
N ASP C 427 26.70 73.97 -43.83
CA ASP C 427 26.27 73.68 -45.19
C ASP C 427 27.11 74.46 -46.21
N ASP C 428 27.48 75.71 -45.88
CA ASP C 428 28.34 76.47 -46.77
C ASP C 428 29.74 75.85 -46.87
N PHE C 429 30.23 75.24 -45.78
CA PHE C 429 31.49 74.51 -45.86
C PHE C 429 31.38 73.38 -46.88
N TYR C 430 30.26 72.65 -46.88
CA TYR C 430 30.07 71.58 -47.85
C TYR C 430 30.03 72.12 -49.28
N ARG C 431 29.25 73.18 -49.52
CA ARG C 431 29.19 73.75 -50.85
C ARG C 431 30.56 74.21 -51.33
N LEU C 432 31.23 75.03 -50.51
CA LEU C 432 32.53 75.55 -50.90
C LEU C 432 33.56 74.44 -51.04
N GLY C 433 33.60 73.52 -50.07
CA GLY C 433 34.59 72.46 -50.10
C GLY C 433 34.50 71.61 -51.34
N LYS C 434 33.28 71.33 -51.80
CA LYS C 434 33.11 70.54 -53.02
C LYS C 434 33.69 71.26 -54.23
N GLU C 435 33.43 72.56 -54.36
CA GLU C 435 33.98 73.29 -55.49
C GLU C 435 35.50 73.41 -55.38
N LEU C 436 36.03 73.70 -54.19
CA LEU C 436 37.48 73.77 -54.06
C LEU C 436 38.11 72.39 -54.23
N ALA C 437 37.39 71.33 -53.86
CA ALA C 437 37.87 69.98 -54.15
C ALA C 437 38.08 69.79 -55.65
N LEU C 438 37.07 70.14 -56.45
CA LEU C 438 37.20 70.05 -57.90
C LEU C 438 38.29 70.99 -58.39
N GLN C 439 38.32 72.23 -57.89
CA GLN C 439 39.30 73.20 -58.35
C GLN C 439 40.73 72.77 -58.04
N SER C 440 40.92 72.02 -56.94
CA SER C 440 42.26 71.61 -56.57
C SER C 440 42.84 70.59 -57.54
N GLY C 441 42.01 69.92 -58.31
CA GLY C 441 42.47 68.84 -59.16
C GLY C 441 42.83 67.58 -58.42
N LEU C 442 42.59 67.51 -57.11
CA LEU C 442 42.84 66.32 -56.32
C LEU C 442 41.70 65.32 -56.35
N ALA C 443 40.52 65.75 -56.81
CA ALA C 443 39.36 64.88 -56.95
C ALA C 443 38.60 65.33 -58.19
N HIS C 444 37.69 64.49 -58.66
CA HIS C 444 37.01 64.76 -59.91
C HIS C 444 35.53 64.43 -59.78
N LYS C 445 34.76 64.93 -60.74
CA LYS C 445 33.31 64.72 -60.78
C LYS C 445 33.03 63.23 -60.57
N GLY C 446 32.10 62.92 -59.66
CA GLY C 446 31.78 61.55 -59.33
C GLY C 446 32.58 60.96 -58.19
N ASP C 447 33.70 61.56 -57.82
CA ASP C 447 34.47 61.09 -56.68
C ASP C 447 33.70 61.34 -55.39
N VAL C 448 33.93 60.48 -54.42
CA VAL C 448 33.43 60.70 -53.06
C VAL C 448 34.47 61.50 -52.28
N VAL C 449 34.02 62.49 -51.52
CA VAL C 449 34.88 63.19 -50.58
C VAL C 449 34.23 63.13 -49.21
N VAL C 450 35.07 63.09 -48.19
CA VAL C 450 34.64 63.16 -46.80
C VAL C 450 35.04 64.53 -46.27
N MET C 451 34.10 65.18 -45.58
CA MET C 451 34.25 66.57 -45.14
C MET C 451 34.10 66.60 -43.64
N VAL C 452 35.12 67.13 -42.96
CA VAL C 452 35.26 67.05 -41.51
C VAL C 452 35.36 68.46 -40.97
N SER C 453 34.58 68.75 -39.94
CA SER C 453 34.56 70.11 -39.41
C SER C 453 34.06 70.11 -37.98
N GLY C 454 34.14 71.28 -37.36
CA GLY C 454 33.55 71.50 -36.06
C GLY C 454 32.30 72.33 -36.20
N ALA C 455 31.18 71.81 -35.74
CA ALA C 455 29.90 72.50 -35.83
C ALA C 455 29.41 72.83 -34.43
N LEU C 456 29.13 74.11 -34.20
CA LEU C 456 28.58 74.57 -32.92
C LEU C 456 29.45 74.14 -31.74
N VAL C 457 30.77 74.33 -31.88
CA VAL C 457 31.69 73.99 -30.81
C VAL C 457 32.85 74.97 -30.75
N PRO C 458 33.60 75.02 -29.66
CA PRO C 458 34.77 75.89 -29.60
C PRO C 458 35.85 75.39 -30.56
N SER C 459 36.77 76.30 -30.89
CA SER C 459 37.59 76.13 -32.08
C SER C 459 38.42 74.85 -32.09
N GLY C 460 38.65 74.24 -30.94
CA GLY C 460 39.58 73.13 -30.78
C GLY C 460 39.04 71.74 -30.97
N THR C 461 37.74 71.59 -31.14
CA THR C 461 37.09 70.29 -31.26
C THR C 461 36.57 70.05 -32.68
N THR C 462 36.74 68.83 -33.16
CA THR C 462 36.22 68.37 -34.45
C THR C 462 35.11 67.36 -34.19
N ASN C 463 33.90 67.65 -34.66
CA ASN C 463 32.77 66.83 -34.25
C ASN C 463 31.84 66.40 -35.38
N THR C 464 32.17 66.67 -36.64
CA THR C 464 31.23 66.42 -37.73
C THR C 464 31.95 65.84 -38.94
N ALA C 465 31.38 64.76 -39.50
CA ALA C 465 31.86 64.13 -40.73
C ALA C 465 30.70 63.97 -41.70
N SER C 466 30.94 64.34 -42.98
CA SER C 466 29.89 64.36 -44.00
C SER C 466 30.44 63.86 -45.32
N VAL C 467 29.64 63.06 -46.04
CA VAL C 467 30.09 62.40 -47.26
C VAL C 467 29.35 62.99 -48.45
N HIS C 468 30.10 63.41 -49.47
CA HIS C 468 29.53 64.06 -50.63
C HIS C 468 30.14 63.51 -51.92
N VAL C 469 29.32 63.46 -52.97
CA VAL C 469 29.76 63.11 -54.32
C VAL C 469 29.94 64.41 -55.09
N LEU C 470 31.09 64.55 -55.73
CA LEU C 470 31.40 65.78 -56.46
C LEU C 470 30.67 65.79 -57.81
N MET D 1 -71.68 -34.87 26.43
CA MET D 1 -70.20 -34.73 26.67
C MET D 1 -69.61 -36.05 27.13
N LYS D 2 -70.45 -37.06 27.36
CA LYS D 2 -69.93 -38.37 27.72
C LYS D 2 -69.13 -38.95 26.56
N LYS D 3 -68.19 -39.84 26.89
CA LYS D 3 -67.41 -40.57 25.90
C LYS D 3 -67.75 -42.05 25.86
N THR D 4 -68.05 -42.67 27.01
CA THR D 4 -68.47 -44.06 27.01
C THR D 4 -69.78 -44.23 26.27
N LYS D 5 -69.87 -45.31 25.50
CA LYS D 5 -71.01 -45.56 24.64
C LYS D 5 -71.99 -46.53 25.32
N ILE D 6 -73.27 -46.36 25.02
CA ILE D 6 -74.33 -47.12 25.69
C ILE D 6 -74.99 -48.05 24.68
N VAL D 7 -74.99 -49.34 25.00
CA VAL D 7 -75.70 -50.36 24.23
C VAL D 7 -77.03 -50.60 24.93
N CYS D 8 -78.13 -50.51 24.19
CA CYS D 8 -79.46 -50.72 24.75
C CYS D 8 -80.14 -51.88 24.03
N THR D 9 -80.54 -52.90 24.79
CA THR D 9 -81.39 -53.94 24.27
C THR D 9 -82.81 -53.38 24.04
N ILE D 10 -83.31 -53.50 22.83
CA ILE D 10 -84.63 -52.95 22.49
C ILE D 10 -85.64 -54.10 22.48
N GLY D 11 -86.76 -53.88 23.16
CA GLY D 11 -87.81 -54.87 23.24
C GLY D 11 -89.18 -54.25 23.07
N PRO D 12 -90.23 -54.97 23.48
CA PRO D 12 -91.59 -54.44 23.25
C PRO D 12 -91.82 -53.07 23.84
N LYS D 13 -91.25 -52.77 25.02
CA LYS D 13 -91.50 -51.51 25.69
C LYS D 13 -90.81 -50.34 25.00
N THR D 14 -89.79 -50.61 24.18
CA THR D 14 -88.97 -49.54 23.62
C THR D 14 -88.79 -49.60 22.11
N GLU D 15 -89.56 -50.43 21.40
CA GLU D 15 -89.32 -50.60 19.97
C GLU D 15 -89.98 -49.53 19.10
N SER D 16 -91.01 -48.83 19.58
CA SER D 16 -91.68 -47.83 18.76
C SER D 16 -90.71 -46.72 18.39
N GLU D 17 -90.97 -46.06 17.26
CA GLU D 17 -90.11 -44.96 16.84
C GLU D 17 -90.06 -43.86 17.89
N GLU D 18 -91.20 -43.56 18.53
CA GLU D 18 -91.20 -42.49 19.53
C GLU D 18 -90.27 -42.83 20.69
N MET D 19 -90.36 -44.05 21.20
CA MET D 19 -89.46 -44.49 22.27
C MET D 19 -88.01 -44.45 21.80
N LEU D 20 -87.73 -44.98 20.61
CA LEU D 20 -86.34 -45.02 20.13
C LEU D 20 -85.74 -43.63 20.04
N ALA D 21 -86.52 -42.66 19.55
CA ALA D 21 -86.04 -41.28 19.50
C ALA D 21 -85.70 -40.76 20.89
N LYS D 22 -86.54 -41.08 21.89
CA LYS D 22 -86.25 -40.66 23.25
C LYS D 22 -85.06 -41.42 23.81
N MET D 23 -84.82 -42.64 23.34
CA MET D 23 -83.69 -43.41 23.85
C MET D 23 -82.38 -42.80 23.38
N LEU D 24 -82.33 -42.44 22.09
CA LEU D 24 -81.17 -41.77 21.54
C LEU D 24 -80.94 -40.43 22.24
N ASP D 25 -82.02 -39.65 22.44
CA ASP D 25 -81.91 -38.39 23.17
C ASP D 25 -81.22 -38.60 24.51
N ALA D 26 -81.59 -39.67 25.23
CA ALA D 26 -81.10 -39.92 26.57
C ALA D 26 -79.70 -40.52 26.60
N GLY D 27 -79.16 -40.93 25.45
CA GLY D 27 -77.77 -41.32 25.38
C GLY D 27 -77.49 -42.67 24.76
N MET D 28 -78.52 -43.36 24.27
CA MET D 28 -78.31 -44.63 23.58
C MET D 28 -77.46 -44.43 22.34
N ASN D 29 -76.52 -45.35 22.12
CA ASN D 29 -75.67 -45.31 20.93
C ASN D 29 -75.83 -46.53 20.03
N VAL D 30 -76.07 -47.71 20.60
CA VAL D 30 -76.14 -48.95 19.84
C VAL D 30 -77.38 -49.72 20.29
N MET D 31 -78.14 -50.22 19.32
CA MET D 31 -79.30 -51.06 19.59
C MET D 31 -78.86 -52.51 19.55
N ARG D 32 -79.10 -53.23 20.65
CA ARG D 32 -78.91 -54.67 20.72
C ARG D 32 -80.24 -55.38 20.45
N LEU D 33 -80.20 -56.31 19.51
CA LEU D 33 -81.31 -57.22 19.24
C LEU D 33 -80.94 -58.55 19.89
N ASN D 34 -81.69 -58.95 20.90
CA ASN D 34 -81.43 -60.20 21.62
C ASN D 34 -82.19 -61.33 20.94
N PHE D 35 -81.47 -62.17 20.20
CA PHE D 35 -82.12 -63.25 19.47
C PHE D 35 -82.33 -64.47 20.33
N SER D 36 -82.15 -64.35 21.65
CA SER D 36 -82.67 -65.35 22.57
C SER D 36 -84.18 -65.43 22.48
N HIS D 37 -84.83 -64.34 22.04
CA HIS D 37 -86.28 -64.29 21.91
C HIS D 37 -86.64 -63.57 20.61
N GLY D 38 -87.93 -63.64 20.26
CA GLY D 38 -88.45 -62.94 19.10
C GLY D 38 -88.22 -63.67 17.80
N ASP D 39 -88.90 -63.18 16.75
CA ASP D 39 -88.81 -63.70 15.41
C ASP D 39 -88.38 -62.60 14.45
N TYR D 40 -88.18 -62.98 13.19
CA TYR D 40 -87.54 -62.10 12.22
C TYR D 40 -88.39 -60.87 11.91
N ALA D 41 -89.72 -60.99 11.93
CA ALA D 41 -90.56 -59.83 11.68
C ALA D 41 -90.45 -58.81 12.80
N GLU D 42 -90.41 -59.27 14.05
CA GLU D 42 -90.25 -58.36 15.18
C GLU D 42 -88.90 -57.66 15.14
N HIS D 43 -87.82 -58.42 14.99
CA HIS D 43 -86.49 -57.82 14.93
C HIS D 43 -86.34 -56.95 13.68
N GLY D 44 -86.87 -57.41 12.55
CA GLY D 44 -86.84 -56.59 11.35
C GLY D 44 -87.55 -55.26 11.54
N GLN D 45 -88.67 -55.27 12.25
CA GLN D 45 -89.39 -54.02 12.48
C GLN D 45 -88.61 -53.09 13.40
N ARG D 46 -87.94 -53.64 14.41
CA ARG D 46 -87.07 -52.84 15.27
C ARG D 46 -85.98 -52.16 14.45
N ILE D 47 -85.34 -52.92 13.55
CA ILE D 47 -84.31 -52.33 12.70
C ILE D 47 -84.91 -51.21 11.85
N GLN D 48 -86.09 -51.45 11.27
CA GLN D 48 -86.73 -50.42 10.46
C GLN D 48 -87.09 -49.19 11.29
N ASN D 49 -87.65 -49.41 12.47
CA ASN D 49 -88.02 -48.29 13.33
C ASN D 49 -86.80 -47.43 13.67
N LEU D 50 -85.67 -48.07 14.02
CA LEU D 50 -84.48 -47.30 14.36
C LEU D 50 -83.98 -46.53 13.14
N ARG D 51 -83.94 -47.18 11.99
CA ARG D 51 -83.47 -46.52 10.78
C ARG D 51 -84.39 -45.39 10.35
N ASN D 52 -85.71 -45.51 10.57
CA ASN D 52 -86.58 -44.37 10.29
C ASN D 52 -86.25 -43.20 11.20
N VAL D 53 -86.03 -43.47 12.49
CA VAL D 53 -85.67 -42.42 13.43
C VAL D 53 -84.35 -41.76 13.03
N MET D 54 -83.38 -42.57 12.61
CA MET D 54 -82.08 -42.02 12.21
C MET D 54 -82.22 -41.11 11.00
N SER D 55 -83.05 -41.49 10.03
CA SER D 55 -83.25 -40.64 8.87
C SER D 55 -83.98 -39.36 9.25
N LYS D 56 -85.06 -39.48 10.01
CA LYS D 56 -85.85 -38.32 10.37
C LYS D 56 -85.05 -37.35 11.24
N THR D 57 -84.18 -37.88 12.11
CA THR D 57 -83.49 -37.02 13.05
C THR D 57 -82.08 -36.67 12.60
N GLY D 58 -81.52 -37.42 11.65
CA GLY D 58 -80.12 -37.31 11.31
C GLY D 58 -79.16 -37.87 12.34
N LYS D 59 -79.65 -38.52 13.39
CA LYS D 59 -78.79 -39.11 14.39
C LYS D 59 -78.23 -40.43 13.90
N THR D 60 -77.04 -40.77 14.40
CA THR D 60 -76.35 -41.99 14.03
C THR D 60 -76.35 -42.98 15.19
N ALA D 61 -76.62 -44.24 14.87
CA ALA D 61 -76.55 -45.34 15.82
C ALA D 61 -76.02 -46.57 15.10
N ALA D 62 -75.61 -47.56 15.89
CA ALA D 62 -75.19 -48.85 15.38
C ALA D 62 -76.19 -49.92 15.80
N ILE D 63 -76.16 -51.04 15.10
CA ILE D 63 -77.07 -52.16 15.34
C ILE D 63 -76.22 -53.41 15.61
N LEU D 64 -76.48 -54.07 16.73
CA LEU D 64 -75.74 -55.25 17.18
C LEU D 64 -76.71 -56.41 17.35
N LEU D 65 -76.43 -57.52 16.67
CA LEU D 65 -77.20 -58.74 16.78
C LEU D 65 -76.51 -59.67 17.76
N ASP D 66 -77.21 -60.05 18.83
CA ASP D 66 -76.67 -60.88 19.89
C ASP D 66 -77.34 -62.24 19.81
N THR D 67 -76.56 -63.28 19.51
CA THR D 67 -77.13 -64.59 19.26
C THR D 67 -77.62 -65.21 20.57
N LYS D 68 -78.60 -66.11 20.43
CA LYS D 68 -79.01 -66.94 21.56
C LYS D 68 -77.86 -67.84 22.00
N GLY D 69 -77.23 -68.51 21.02
CA GLY D 69 -76.10 -69.36 21.28
C GLY D 69 -76.48 -70.77 21.64
N PRO D 70 -75.51 -71.69 21.60
CA PRO D 70 -75.78 -73.06 21.98
C PRO D 70 -75.93 -73.18 23.48
N GLU D 71 -76.76 -74.14 23.91
CA GLU D 71 -77.02 -74.29 25.32
C GLU D 71 -77.22 -75.75 25.70
N ILE D 72 -76.99 -76.02 26.98
CA ILE D 72 -77.44 -77.23 27.65
C ILE D 72 -78.66 -76.86 28.50
N ARG D 73 -79.77 -77.55 28.29
CA ARG D 73 -80.96 -77.36 29.10
C ARG D 73 -81.48 -78.71 29.58
N THR D 74 -82.08 -78.71 30.77
CA THR D 74 -82.96 -79.80 31.17
C THR D 74 -84.23 -79.74 30.31
N MET D 75 -85.06 -80.76 30.43
CA MET D 75 -86.24 -80.84 29.57
C MET D 75 -87.51 -80.96 30.39
N LYS D 76 -88.45 -81.80 29.97
CA LYS D 76 -89.79 -81.78 30.53
C LYS D 76 -89.90 -82.62 31.80
N LEU D 77 -90.95 -82.33 32.58
CA LEU D 77 -91.23 -83.01 33.83
C LEU D 77 -92.65 -83.53 33.81
N GLU D 78 -92.88 -84.60 34.58
CA GLU D 78 -94.22 -85.21 34.68
C GLU D 78 -95.26 -84.17 35.04
N GLY D 79 -96.34 -84.17 34.27
CA GLY D 79 -97.39 -83.19 34.45
C GLY D 79 -96.98 -81.76 34.29
N GLY D 80 -95.75 -81.47 33.83
CA GLY D 80 -95.21 -80.12 33.81
C GLY D 80 -95.04 -79.49 35.17
N ASN D 81 -94.93 -80.29 36.22
CA ASN D 81 -94.86 -79.78 37.58
C ASN D 81 -93.44 -79.74 38.11
N ASP D 82 -93.13 -78.65 38.83
CA ASP D 82 -91.86 -78.57 39.54
C ASP D 82 -91.72 -79.76 40.47
N VAL D 83 -90.47 -80.15 40.74
CA VAL D 83 -90.16 -81.18 41.72
C VAL D 83 -89.15 -80.61 42.71
N SER D 84 -89.30 -81.00 43.98
CA SER D 84 -88.41 -80.54 45.04
C SER D 84 -87.25 -81.51 45.17
N LEU D 85 -86.03 -81.00 45.01
CA LEU D 85 -84.83 -81.80 45.12
C LEU D 85 -84.21 -81.52 46.49
N LYS D 86 -83.70 -82.57 47.13
CA LYS D 86 -83.23 -82.48 48.51
C LYS D 86 -81.73 -82.71 48.60
N ALA D 87 -81.07 -81.88 49.40
CA ALA D 87 -79.64 -82.04 49.60
C ALA D 87 -79.32 -83.45 50.04
N GLY D 88 -78.36 -84.08 49.33
CA GLY D 88 -77.93 -85.42 49.64
C GLY D 88 -78.57 -86.51 48.79
N GLN D 89 -79.74 -86.24 48.21
CA GLN D 89 -80.41 -87.23 47.39
C GLN D 89 -79.60 -87.53 46.12
N THR D 90 -79.85 -88.72 45.57
CA THR D 90 -79.38 -89.02 44.22
C THR D 90 -80.30 -88.41 43.18
N PHE D 91 -79.70 -87.83 42.13
CA PHE D 91 -80.44 -87.27 41.01
C PHE D 91 -79.65 -87.59 39.74
N THR D 92 -80.36 -87.91 38.66
CA THR D 92 -79.70 -88.37 37.44
C THR D 92 -80.14 -87.56 36.22
N PHE D 93 -79.18 -87.15 35.41
CA PHE D 93 -79.46 -86.57 34.11
C PHE D 93 -79.29 -87.66 33.05
N THR D 94 -80.20 -87.69 32.09
CA THR D 94 -80.13 -88.61 30.97
C THR D 94 -80.11 -87.81 29.67
N THR D 95 -79.34 -88.32 28.70
CA THR D 95 -79.32 -87.74 27.36
C THR D 95 -80.42 -88.31 26.46
N ASP D 96 -81.25 -89.21 26.96
CA ASP D 96 -82.38 -89.74 26.22
C ASP D 96 -83.49 -88.69 26.26
N LYS D 97 -83.68 -87.98 25.14
CA LYS D 97 -84.63 -86.88 25.09
C LYS D 97 -86.08 -87.35 25.17
N SER D 98 -86.32 -88.67 25.09
CA SER D 98 -87.67 -89.19 25.21
C SER D 98 -88.16 -89.21 26.65
N VAL D 99 -87.27 -89.12 27.62
CA VAL D 99 -87.61 -89.32 29.01
C VAL D 99 -88.34 -88.09 29.55
N ILE D 100 -89.46 -88.31 30.24
CA ILE D 100 -90.13 -87.28 31.01
C ILE D 100 -89.66 -87.41 32.46
N GLY D 101 -89.22 -86.31 33.04
CA GLY D 101 -88.49 -86.35 34.29
C GLY D 101 -89.37 -86.30 35.52
N ASN D 102 -88.74 -86.53 36.66
CA ASN D 102 -89.39 -86.45 37.97
C ASN D 102 -88.33 -86.04 38.98
N SER D 103 -88.58 -86.37 40.26
CA SER D 103 -87.70 -85.92 41.34
C SER D 103 -86.36 -86.63 41.36
N GLU D 104 -86.21 -87.74 40.64
CA GLU D 104 -84.94 -88.46 40.60
C GLU D 104 -84.19 -88.36 39.27
N MET D 105 -84.85 -88.01 38.19
CA MET D 105 -84.14 -87.99 36.91
C MET D 105 -84.83 -87.02 35.97
N VAL D 106 -84.04 -86.43 35.08
CA VAL D 106 -84.55 -85.57 34.02
C VAL D 106 -83.62 -85.69 32.83
N ALA D 107 -84.17 -85.48 31.63
CA ALA D 107 -83.36 -85.48 30.42
C ALA D 107 -82.73 -84.11 30.19
N VAL D 108 -81.62 -84.11 29.46
CA VAL D 108 -80.97 -82.89 29.03
C VAL D 108 -80.92 -82.89 27.51
N THR D 109 -80.85 -81.70 26.92
CA THR D 109 -80.89 -81.54 25.47
C THR D 109 -79.57 -81.87 24.79
N TYR D 110 -78.48 -82.06 25.54
CA TYR D 110 -77.13 -82.16 25.00
C TYR D 110 -76.64 -83.59 25.08
N GLU D 111 -76.45 -84.21 23.91
CA GLU D 111 -76.06 -85.61 23.81
C GLU D 111 -74.67 -85.85 24.40
N GLY D 112 -73.79 -84.86 24.33
CA GLY D 112 -72.45 -85.02 24.86
C GLY D 112 -72.32 -84.90 26.36
N PHE D 113 -73.45 -84.82 27.08
CA PHE D 113 -73.44 -84.62 28.52
C PHE D 113 -72.64 -85.71 29.24
N THR D 114 -72.89 -86.98 28.86
CA THR D 114 -72.16 -88.08 29.49
C THR D 114 -70.69 -88.07 29.07
N THR D 115 -70.39 -87.60 27.88
CA THR D 115 -69.03 -87.66 27.37
C THR D 115 -68.15 -86.58 28.00
N ASP D 116 -68.66 -85.36 28.08
CA ASP D 116 -67.83 -84.23 28.48
C ASP D 116 -67.61 -84.17 29.99
N LEU D 117 -68.50 -84.73 30.79
CA LEU D 117 -68.42 -84.64 32.23
C LEU D 117 -67.55 -85.76 32.79
N SER D 118 -67.01 -85.53 33.98
CA SER D 118 -66.23 -86.52 34.71
C SER D 118 -66.75 -86.64 36.14
N VAL D 119 -66.47 -87.78 36.76
CA VAL D 119 -66.87 -87.98 38.15
C VAL D 119 -66.20 -86.90 38.99
N GLY D 120 -66.98 -86.25 39.86
CA GLY D 120 -66.49 -85.17 40.68
C GLY D 120 -66.77 -83.78 40.15
N ASN D 121 -67.14 -83.66 38.87
CA ASN D 121 -67.48 -82.35 38.32
C ASN D 121 -68.73 -81.79 39.00
N THR D 122 -68.90 -80.47 38.87
CA THR D 122 -70.08 -79.79 39.37
C THR D 122 -71.06 -79.55 38.23
N VAL D 123 -72.33 -79.89 38.45
CA VAL D 123 -73.43 -79.52 37.55
C VAL D 123 -74.29 -78.49 38.27
N LEU D 124 -74.54 -77.36 37.62
CA LEU D 124 -75.40 -76.31 38.13
C LEU D 124 -76.63 -76.21 37.26
N VAL D 125 -77.80 -76.07 37.89
CA VAL D 125 -79.07 -76.05 37.18
C VAL D 125 -79.83 -74.78 37.53
N ASP D 126 -80.36 -74.12 36.50
CA ASP D 126 -81.25 -72.96 36.64
C ASP D 126 -80.52 -71.77 37.26
N ASP D 127 -79.65 -71.18 36.45
CA ASP D 127 -78.86 -70.01 36.85
C ASP D 127 -78.16 -70.26 38.18
N GLY D 128 -77.64 -71.48 38.34
CA GLY D 128 -76.92 -71.82 39.55
C GLY D 128 -77.78 -72.01 40.79
N LEU D 129 -79.09 -72.12 40.63
CA LEU D 129 -79.95 -72.34 41.79
C LEU D 129 -79.61 -73.63 42.52
N ILE D 130 -79.44 -74.71 41.76
CA ILE D 130 -79.22 -76.03 42.34
C ILE D 130 -77.88 -76.56 41.88
N GLY D 131 -77.02 -76.91 42.83
CA GLY D 131 -75.74 -77.52 42.53
C GLY D 131 -75.77 -79.02 42.80
N MET D 132 -75.01 -79.75 41.99
CA MET D 132 -74.90 -81.19 42.11
C MET D 132 -73.46 -81.60 41.82
N GLU D 133 -73.07 -82.74 42.38
CA GLU D 133 -71.75 -83.32 42.15
C GLU D 133 -71.92 -84.64 41.42
N VAL D 134 -71.23 -84.79 40.29
CA VAL D 134 -71.25 -86.04 39.53
C VAL D 134 -70.58 -87.12 40.37
N THR D 135 -71.32 -88.20 40.64
CA THR D 135 -70.76 -89.35 41.34
C THR D 135 -70.54 -90.56 40.43
N ALA D 136 -71.26 -90.66 39.32
CA ALA D 136 -71.05 -91.76 38.38
C ALA D 136 -71.65 -91.36 37.03
N ILE D 137 -71.10 -91.96 35.98
CA ILE D 137 -71.56 -91.80 34.61
C ILE D 137 -71.69 -93.19 34.02
N GLU D 138 -72.91 -93.59 33.65
CA GLU D 138 -73.18 -94.91 33.13
C GLU D 138 -74.11 -94.82 31.94
N GLY D 139 -73.67 -95.31 30.79
CA GLY D 139 -74.52 -95.26 29.61
C GLY D 139 -74.87 -93.82 29.24
N ASN D 140 -76.17 -93.55 29.10
CA ASN D 140 -76.67 -92.23 28.78
C ASN D 140 -77.08 -91.46 30.04
N LYS D 141 -76.49 -91.80 31.20
CA LYS D 141 -76.87 -91.23 32.48
C LYS D 141 -75.66 -90.58 33.15
N VAL D 142 -75.86 -89.40 33.72
CA VAL D 142 -74.92 -88.75 34.62
C VAL D 142 -75.56 -88.76 36.01
N ILE D 143 -75.03 -89.59 36.89
CA ILE D 143 -75.61 -89.79 38.22
C ILE D 143 -74.93 -88.85 39.19
N CYS D 144 -75.73 -88.10 39.95
CA CYS D 144 -75.16 -87.08 40.82
C CYS D 144 -75.74 -87.17 42.22
N LYS D 145 -75.08 -86.47 43.14
CA LYS D 145 -75.60 -86.16 44.47
C LYS D 145 -75.96 -84.68 44.51
N VAL D 146 -77.17 -84.38 44.97
CA VAL D 146 -77.64 -83.00 45.07
C VAL D 146 -76.97 -82.34 46.26
N LEU D 147 -76.45 -81.13 46.05
CA LEU D 147 -75.72 -80.44 47.10
C LEU D 147 -76.59 -79.49 47.91
N ASN D 148 -77.72 -79.06 47.37
CA ASN D 148 -78.60 -78.19 48.12
C ASN D 148 -80.06 -78.37 47.70
N ASN D 149 -80.94 -78.05 48.65
CA ASN D 149 -82.38 -78.07 48.40
C ASN D 149 -82.76 -77.06 47.32
N GLY D 150 -83.73 -77.43 46.49
CA GLY D 150 -84.23 -76.50 45.50
C GLY D 150 -85.33 -77.14 44.67
N ASP D 151 -86.17 -76.28 44.11
CA ASP D 151 -87.24 -76.71 43.21
C ASP D 151 -86.73 -76.66 41.77
N LEU D 152 -86.81 -77.79 41.08
CA LEU D 152 -86.46 -77.88 39.67
C LEU D 152 -87.72 -77.73 38.85
N GLY D 153 -87.72 -76.75 37.94
CA GLY D 153 -88.76 -76.60 36.96
C GLY D 153 -88.38 -77.22 35.65
N GLU D 154 -89.13 -76.87 34.60
CA GLU D 154 -88.90 -77.41 33.27
C GLU D 154 -87.94 -76.53 32.49
N ASN D 155 -87.14 -77.17 31.64
CA ASN D 155 -86.35 -76.47 30.62
C ASN D 155 -85.47 -75.39 31.24
N LYS D 156 -84.56 -75.83 32.09
CA LYS D 156 -83.71 -74.93 32.85
C LYS D 156 -82.27 -75.00 32.34
N GLY D 157 -81.60 -73.85 32.36
CA GLY D 157 -80.21 -73.79 31.92
C GLY D 157 -79.30 -74.62 32.80
N VAL D 158 -78.30 -75.23 32.18
CA VAL D 158 -77.29 -76.03 32.87
C VAL D 158 -75.92 -75.37 32.65
N ASN D 159 -75.15 -75.25 33.73
CA ASN D 159 -73.79 -74.75 33.70
C ASN D 159 -72.86 -75.82 34.26
N LEU D 160 -71.72 -76.01 33.61
CA LEU D 160 -70.72 -77.02 34.00
C LEU D 160 -69.40 -76.31 34.30
N PRO D 161 -69.24 -75.76 35.51
CA PRO D 161 -68.05 -74.94 35.80
C PRO D 161 -66.75 -75.67 35.51
N GLY D 162 -65.88 -75.01 34.77
CA GLY D 162 -64.55 -75.51 34.47
C GLY D 162 -64.48 -76.62 33.46
N VAL D 163 -65.59 -76.97 32.81
CA VAL D 163 -65.63 -78.07 31.85
C VAL D 163 -65.55 -77.53 30.43
N SER D 164 -64.76 -78.20 29.58
CA SER D 164 -64.71 -77.91 28.16
C SER D 164 -65.86 -78.65 27.49
N ILE D 165 -66.85 -77.91 27.00
CA ILE D 165 -68.07 -78.49 26.47
C ILE D 165 -67.99 -78.50 24.95
N ALA D 166 -68.17 -79.69 24.37
CA ALA D 166 -68.13 -79.86 22.91
C ALA D 166 -69.47 -79.50 22.25
N LEU D 167 -70.07 -78.40 22.66
CA LEU D 167 -71.21 -77.87 21.93
C LEU D 167 -70.68 -77.16 20.69
N PRO D 168 -71.49 -77.07 19.63
CA PRO D 168 -71.03 -76.36 18.43
C PRO D 168 -70.84 -74.88 18.70
N ALA D 169 -70.04 -74.24 17.85
CA ALA D 169 -69.88 -72.80 17.95
C ALA D 169 -71.21 -72.08 17.79
N LEU D 170 -72.02 -72.56 16.87
CA LEU D 170 -73.33 -71.98 16.57
C LEU D 170 -74.37 -73.07 16.62
N ALA D 171 -75.47 -72.82 17.34
CA ALA D 171 -76.66 -73.64 17.18
C ALA D 171 -77.26 -73.39 15.80
N GLU D 172 -78.06 -74.34 15.33
CA GLU D 172 -78.63 -74.21 13.99
C GLU D 172 -79.42 -72.91 13.86
N LYS D 173 -80.21 -72.58 14.89
CA LYS D 173 -80.91 -71.30 14.89
C LYS D 173 -79.95 -70.13 14.80
N ASP D 174 -78.79 -70.22 15.48
CA ASP D 174 -77.80 -69.15 15.40
C ASP D 174 -77.39 -68.89 13.95
N LYS D 175 -77.12 -69.97 13.20
CA LYS D 175 -76.67 -69.82 11.81
C LYS D 175 -77.72 -69.10 10.97
N GLN D 176 -79.00 -69.45 11.15
CA GLN D 176 -80.07 -68.77 10.44
C GLN D 176 -80.17 -67.31 10.86
N ASP D 177 -80.07 -67.05 12.16
CA ASP D 177 -80.11 -65.68 12.66
C ASP D 177 -79.01 -64.84 12.05
N LEU D 178 -77.80 -65.41 11.87
CA LEU D 178 -76.70 -64.65 11.32
C LEU D 178 -76.94 -64.30 9.86
N ILE D 179 -77.60 -65.17 9.11
CA ILE D 179 -77.94 -64.86 7.73
C ILE D 179 -78.89 -63.67 7.69
N PHE D 180 -79.91 -63.69 8.56
CA PHE D 180 -80.78 -62.53 8.75
C PHE D 180 -79.96 -61.30 9.08
N GLY D 181 -78.97 -61.44 9.97
CA GLY D 181 -78.10 -60.31 10.28
C GLY D 181 -77.42 -59.76 9.05
N CYS D 182 -76.91 -60.63 8.19
CA CYS D 182 -76.31 -60.18 6.94
C CYS D 182 -77.35 -59.55 6.03
N GLU D 183 -78.52 -60.17 5.89
CA GLU D 183 -79.56 -59.57 5.05
C GLU D 183 -79.85 -58.14 5.49
N GLN D 184 -79.91 -57.91 6.80
CA GLN D 184 -80.29 -56.63 7.35
C GLN D 184 -79.14 -55.65 7.43
N GLY D 185 -77.91 -56.10 7.16
CA GLY D 185 -76.74 -55.24 7.23
C GLY D 185 -76.43 -54.75 8.63
N VAL D 186 -76.50 -55.62 9.63
CA VAL D 186 -76.15 -55.19 10.98
C VAL D 186 -74.68 -54.83 11.05
N ASP D 187 -74.34 -54.04 12.06
CA ASP D 187 -72.98 -53.55 12.23
C ASP D 187 -72.12 -54.49 13.05
N PHE D 188 -72.71 -55.18 14.02
CA PHE D 188 -71.98 -56.07 14.91
C PHE D 188 -72.77 -57.36 15.08
N VAL D 189 -72.05 -58.45 15.29
CA VAL D 189 -72.62 -59.70 15.78
C VAL D 189 -71.92 -60.03 17.09
N ALA D 190 -72.70 -60.15 18.16
CA ALA D 190 -72.21 -60.64 19.45
C ALA D 190 -72.46 -62.14 19.49
N ALA D 191 -71.39 -62.93 19.47
CA ALA D 191 -71.47 -64.39 19.35
C ALA D 191 -71.37 -65.01 20.74
N SER D 192 -72.38 -65.82 21.09
CA SER D 192 -72.46 -66.35 22.44
C SER D 192 -71.49 -67.51 22.67
N PHE D 193 -71.03 -67.63 23.92
CA PHE D 193 -70.38 -68.84 24.45
C PHE D 193 -69.14 -69.21 23.65
N ILE D 194 -68.31 -68.22 23.34
CA ILE D 194 -67.09 -68.46 22.58
C ILE D 194 -66.04 -69.05 23.52
N ARG D 195 -65.53 -70.23 23.16
CA ARG D 195 -64.64 -70.98 24.00
C ARG D 195 -63.23 -71.14 23.44
N LYS D 196 -63.05 -70.92 22.14
CA LYS D 196 -61.78 -71.17 21.48
C LYS D 196 -61.76 -70.48 20.11
N ARG D 197 -60.57 -70.33 19.57
CA ARG D 197 -60.38 -69.57 18.35
C ARG D 197 -61.17 -70.13 17.20
N SER D 198 -61.25 -71.46 17.11
CA SER D 198 -61.96 -72.06 16.01
C SER D 198 -63.44 -71.71 16.03
N ASP D 199 -64.00 -71.40 17.21
CA ASP D 199 -65.38 -70.94 17.25
C ASP D 199 -65.54 -69.64 16.49
N VAL D 200 -64.60 -68.71 16.70
CA VAL D 200 -64.68 -67.40 16.05
C VAL D 200 -64.52 -67.54 14.54
N ILE D 201 -63.53 -68.32 14.10
CA ILE D 201 -63.31 -68.47 12.65
C ILE D 201 -64.52 -69.10 11.98
N GLU D 202 -65.17 -70.06 12.65
CA GLU D 202 -66.41 -70.60 12.09
C GLU D 202 -67.44 -69.49 11.91
N ILE D 203 -67.57 -68.60 12.89
CA ILE D 203 -68.46 -67.46 12.75
C ILE D 203 -68.04 -66.62 11.55
N ARG D 204 -66.74 -66.37 11.44
CA ARG D 204 -66.21 -65.50 10.40
C ARG D 204 -66.50 -66.07 9.01
N GLU D 205 -66.29 -67.36 8.82
CA GLU D 205 -66.52 -67.96 7.51
C GLU D 205 -68.00 -67.99 7.16
N HIS D 206 -68.88 -68.16 8.15
CA HIS D 206 -70.32 -68.13 7.89
C HIS D 206 -70.77 -66.75 7.45
N LEU D 207 -70.30 -65.70 8.11
CA LEU D 207 -70.66 -64.35 7.69
C LEU D 207 -70.11 -64.03 6.30
N LYS D 208 -68.87 -64.46 6.01
CA LYS D 208 -68.27 -64.19 4.71
C LYS D 208 -69.06 -64.85 3.59
N ALA D 209 -69.60 -66.03 3.86
CA ALA D 209 -70.37 -66.75 2.86
C ALA D 209 -71.72 -66.11 2.57
N HIS D 210 -72.15 -65.11 3.35
CA HIS D 210 -73.43 -64.47 3.14
C HIS D 210 -73.30 -62.96 3.02
N GLY D 211 -72.15 -62.51 2.54
CA GLY D 211 -71.90 -61.11 2.24
C GLY D 211 -71.64 -60.25 3.44
N GLY D 212 -71.31 -60.82 4.59
CA GLY D 212 -71.11 -60.08 5.82
C GLY D 212 -69.67 -59.93 6.26
N GLU D 213 -68.73 -59.94 5.30
CA GLU D 213 -67.32 -59.89 5.65
C GLU D 213 -66.97 -58.66 6.46
N ASN D 214 -67.72 -57.58 6.32
CA ASN D 214 -67.43 -56.32 6.99
C ASN D 214 -68.14 -56.17 8.33
N ILE D 215 -68.91 -57.17 8.74
CA ILE D 215 -69.58 -57.14 10.04
C ILE D 215 -68.55 -57.51 11.09
N HIS D 216 -68.53 -56.75 12.19
CA HIS D 216 -67.59 -57.00 13.26
C HIS D 216 -68.12 -58.03 14.25
N ILE D 217 -67.25 -58.97 14.62
CA ILE D 217 -67.61 -60.07 15.52
C ILE D 217 -67.16 -59.70 16.92
N ILE D 218 -68.10 -59.63 17.85
CA ILE D 218 -67.85 -59.37 19.27
C ILE D 218 -68.02 -60.70 20.00
N SER D 219 -66.92 -61.28 20.49
CA SER D 219 -67.01 -62.58 21.15
C SER D 219 -67.43 -62.43 22.61
N LYS D 220 -68.46 -63.18 23.00
CA LYS D 220 -68.93 -63.20 24.38
C LYS D 220 -68.13 -64.22 25.16
N ILE D 221 -67.46 -63.76 26.21
CA ILE D 221 -66.66 -64.61 27.08
C ILE D 221 -67.51 -64.93 28.29
N GLU D 222 -67.91 -66.20 28.42
CA GLU D 222 -68.90 -66.56 29.43
C GLU D 222 -68.46 -67.68 30.34
N ASN D 223 -67.34 -68.36 30.06
CA ASN D 223 -66.95 -69.47 30.92
C ASN D 223 -65.44 -69.61 30.97
N GLN D 224 -65.00 -70.60 31.74
CA GLN D 224 -63.58 -70.74 32.02
C GLN D 224 -62.78 -71.06 30.77
N GLU D 225 -63.31 -71.94 29.91
CA GLU D 225 -62.57 -72.31 28.70
C GLU D 225 -62.29 -71.07 27.84
N GLY D 226 -63.31 -70.24 27.64
CA GLY D 226 -63.10 -69.00 26.90
C GLY D 226 -62.08 -68.10 27.56
N LEU D 227 -62.08 -68.06 28.89
CA LEU D 227 -61.04 -67.30 29.58
C LEU D 227 -59.66 -67.89 29.31
N ASN D 228 -59.53 -69.23 29.39
CA ASN D 228 -58.23 -69.86 29.18
C ASN D 228 -57.69 -69.56 27.78
N ASN D 229 -58.57 -69.54 26.78
CA ASN D 229 -58.19 -69.29 25.41
C ASN D 229 -58.39 -67.83 25.00
N PHE D 230 -58.46 -66.91 25.96
CA PHE D 230 -58.90 -65.55 25.66
C PHE D 230 -58.00 -64.88 24.62
N ASP D 231 -56.68 -65.02 24.75
CA ASP D 231 -55.76 -64.33 23.86
C ASP D 231 -56.03 -64.71 22.39
N GLU D 232 -56.19 -66.01 22.10
CA GLU D 232 -56.45 -66.41 20.72
C GLU D 232 -57.85 -65.97 20.28
N ILE D 233 -58.82 -65.98 21.20
CA ILE D 233 -60.14 -65.51 20.85
C ILE D 233 -60.09 -64.04 20.45
N LEU D 234 -59.46 -63.21 21.28
CA LEU D 234 -59.37 -61.78 21.00
C LEU D 234 -58.69 -61.54 19.66
N GLU D 235 -57.59 -62.24 19.39
CA GLU D 235 -56.85 -62.04 18.15
C GLU D 235 -57.74 -62.25 16.94
N ALA D 236 -58.59 -63.28 16.98
CA ALA D 236 -59.44 -63.61 15.87
C ALA D 236 -60.73 -62.78 15.81
N SER D 237 -61.09 -62.08 16.88
CA SER D 237 -62.33 -61.32 16.95
C SER D 237 -62.07 -59.84 16.63
N ASP D 238 -63.16 -59.10 16.43
CA ASP D 238 -63.09 -57.65 16.35
C ASP D 238 -63.30 -56.97 17.70
N GLY D 239 -63.84 -57.69 18.68
CA GLY D 239 -64.11 -57.14 19.98
C GLY D 239 -64.59 -58.22 20.93
N ILE D 240 -64.88 -57.81 22.16
CA ILE D 240 -65.21 -58.72 23.25
C ILE D 240 -66.41 -58.18 24.03
N MET D 241 -67.31 -59.07 24.42
CA MET D 241 -68.36 -58.76 25.39
C MET D 241 -68.08 -59.50 26.69
N VAL D 242 -67.93 -58.76 27.78
CA VAL D 242 -67.69 -59.33 29.10
C VAL D 242 -69.04 -59.63 29.73
N ALA D 243 -69.40 -60.92 29.80
CA ALA D 243 -70.69 -61.36 30.33
C ALA D 243 -70.50 -61.75 31.79
N ARG D 244 -70.52 -60.74 32.67
CA ARG D 244 -70.18 -60.96 34.06
C ARG D 244 -71.12 -61.98 34.73
N GLY D 245 -72.43 -61.86 34.49
CA GLY D 245 -73.38 -62.76 35.13
C GLY D 245 -73.10 -64.22 34.87
N ASP D 246 -72.80 -64.56 33.62
CA ASP D 246 -72.49 -65.95 33.28
C ASP D 246 -71.17 -66.38 33.89
N LEU D 247 -70.15 -65.53 33.82
CA LEU D 247 -68.88 -65.83 34.46
C LEU D 247 -69.06 -66.11 35.95
N GLY D 248 -70.00 -65.40 36.59
CA GLY D 248 -70.25 -65.59 38.01
C GLY D 248 -70.75 -66.98 38.35
N VAL D 249 -71.38 -67.66 37.39
CA VAL D 249 -71.81 -69.04 37.62
C VAL D 249 -70.78 -70.07 37.17
N GLU D 250 -69.71 -69.64 36.49
CA GLU D 250 -68.79 -70.57 35.85
C GLU D 250 -67.39 -70.60 36.45
N ILE D 251 -66.97 -69.55 37.14
CA ILE D 251 -65.61 -69.49 37.69
C ILE D 251 -65.72 -69.06 39.15
N PRO D 252 -64.66 -69.20 39.94
CA PRO D 252 -64.72 -68.73 41.34
C PRO D 252 -65.15 -67.26 41.40
N VAL D 253 -66.09 -66.97 42.31
CA VAL D 253 -66.73 -65.66 42.30
C VAL D 253 -65.71 -64.55 42.51
N GLU D 254 -64.65 -64.80 43.30
CA GLU D 254 -63.65 -63.76 43.53
C GLU D 254 -62.80 -63.48 42.29
N GLU D 255 -62.85 -64.33 41.28
CA GLU D 255 -62.10 -64.13 40.06
C GLU D 255 -62.80 -63.23 39.05
N VAL D 256 -64.11 -63.04 39.19
CA VAL D 256 -64.87 -62.35 38.15
C VAL D 256 -64.33 -60.93 37.95
N ILE D 257 -64.19 -60.18 39.05
CA ILE D 257 -63.71 -58.82 38.96
C ILE D 257 -62.45 -58.74 38.10
N PHE D 258 -61.54 -59.68 38.28
CA PHE D 258 -60.29 -59.60 37.57
C PHE D 258 -60.41 -60.07 36.13
N ALA D 259 -61.26 -61.08 35.86
CA ALA D 259 -61.52 -61.49 34.48
C ALA D 259 -62.00 -60.30 33.66
N GLN D 260 -62.92 -59.51 34.21
CA GLN D 260 -63.36 -58.29 33.55
C GLN D 260 -62.20 -57.34 33.34
N LYS D 261 -61.46 -57.03 34.41
CA LYS D 261 -60.40 -56.03 34.31
C LYS D 261 -59.32 -56.47 33.34
N MET D 262 -58.93 -57.75 33.38
CA MET D 262 -57.91 -58.26 32.46
C MET D 262 -58.39 -58.20 31.02
N MET D 263 -59.63 -58.63 30.77
CA MET D 263 -60.14 -58.64 29.40
C MET D 263 -60.27 -57.23 28.85
N ILE D 264 -60.71 -56.28 29.68
CA ILE D 264 -60.80 -54.89 29.24
C ILE D 264 -59.40 -54.36 28.91
N GLU D 265 -58.43 -54.61 29.79
CA GLU D 265 -57.05 -54.20 29.55
C GLU D 265 -56.54 -54.72 28.20
N LYS D 266 -56.72 -56.02 27.95
CA LYS D 266 -56.16 -56.60 26.74
C LYS D 266 -56.87 -56.08 25.49
N CYS D 267 -58.19 -55.85 25.55
CA CYS D 267 -58.89 -55.27 24.42
C CYS D 267 -58.36 -53.87 24.09
N ILE D 268 -58.12 -53.05 25.10
CA ILE D 268 -57.57 -51.72 24.87
C ILE D 268 -56.26 -51.81 24.12
N ARG D 269 -55.36 -52.66 24.61
CA ARG D 269 -54.03 -52.79 24.01
C ARG D 269 -54.12 -53.28 22.58
N ALA D 270 -55.06 -54.19 22.31
CA ALA D 270 -55.25 -54.76 20.98
C ALA D 270 -56.00 -53.82 20.05
N ARG D 271 -56.43 -52.65 20.54
CA ARG D 271 -57.21 -51.70 19.75
C ARG D 271 -58.54 -52.30 19.28
N LYS D 272 -59.18 -53.08 20.16
CA LYS D 272 -60.43 -53.74 19.84
C LYS D 272 -61.49 -53.38 20.87
N VAL D 273 -62.70 -53.11 20.39
CA VAL D 273 -63.76 -52.57 21.24
C VAL D 273 -64.19 -53.63 22.26
N VAL D 274 -64.55 -53.16 23.46
CA VAL D 274 -65.01 -54.03 24.53
C VAL D 274 -66.28 -53.47 25.16
N ILE D 275 -67.24 -54.35 25.43
CA ILE D 275 -68.51 -54.02 26.05
C ILE D 275 -68.60 -54.71 27.40
N THR D 276 -68.98 -53.96 28.44
CA THR D 276 -69.29 -54.53 29.75
C THR D 276 -70.79 -54.79 29.84
N ALA D 277 -71.18 -56.02 30.17
CA ALA D 277 -72.60 -56.37 30.09
C ALA D 277 -73.06 -57.34 31.17
N THR D 278 -74.39 -57.38 31.32
CA THR D 278 -75.18 -58.15 32.28
C THR D 278 -75.07 -57.57 33.68
N GLN D 279 -76.17 -57.64 34.43
CA GLN D 279 -76.23 -57.20 35.82
C GLN D 279 -75.66 -55.79 35.97
N MET D 280 -76.10 -54.88 35.11
CA MET D 280 -75.64 -53.48 35.17
C MET D 280 -76.63 -52.68 36.01
N LEU D 281 -77.83 -52.49 35.50
CA LEU D 281 -78.86 -51.76 36.24
C LEU D 281 -80.13 -52.58 36.36
N ASP D 282 -79.99 -53.89 36.60
CA ASP D 282 -81.13 -54.79 36.49
C ASP D 282 -82.28 -54.42 37.42
N SER D 283 -81.98 -53.83 38.58
CA SER D 283 -83.06 -53.45 39.49
C SER D 283 -84.03 -52.49 38.84
N MET D 284 -83.60 -51.79 37.79
CA MET D 284 -84.48 -50.82 37.13
C MET D 284 -85.50 -51.48 36.23
N ILE D 285 -85.49 -52.82 36.12
CA ILE D 285 -86.64 -53.53 35.58
C ILE D 285 -87.90 -53.11 36.32
N LYS D 286 -87.82 -53.04 37.65
CA LYS D 286 -88.99 -52.74 38.46
C LYS D 286 -88.94 -51.39 39.16
N ASN D 287 -87.77 -50.74 39.20
CA ASN D 287 -87.68 -49.52 39.98
C ASN D 287 -87.18 -48.35 39.14
N PRO D 288 -87.62 -47.13 39.45
CA PRO D 288 -87.24 -45.97 38.63
C PRO D 288 -85.85 -45.41 38.89
N ARG D 289 -85.15 -45.89 39.92
CA ARG D 289 -83.76 -45.51 40.19
C ARG D 289 -82.96 -46.76 40.48
N PRO D 290 -81.65 -46.74 40.23
CA PRO D 290 -80.83 -47.93 40.48
C PRO D 290 -80.33 -47.95 41.93
N THR D 291 -79.77 -49.09 42.31
CA THR D 291 -79.11 -49.19 43.59
C THR D 291 -77.72 -48.56 43.52
N ARG D 292 -77.23 -48.15 44.71
CA ARG D 292 -75.89 -47.63 44.85
C ARG D 292 -74.86 -48.62 44.35
N ALA D 293 -75.04 -49.91 44.69
CA ALA D 293 -74.12 -50.94 44.23
C ALA D 293 -74.08 -51.01 42.71
N GLU D 294 -75.24 -50.96 42.06
CA GLU D 294 -75.27 -51.00 40.61
C GLU D 294 -74.53 -49.82 40.00
N ALA D 295 -74.78 -48.62 40.53
CA ALA D 295 -74.13 -47.43 39.99
C ALA D 295 -72.61 -47.51 40.15
N GLY D 296 -72.14 -48.02 41.29
CA GLY D 296 -70.72 -48.19 41.49
C GLY D 296 -70.11 -49.23 40.57
N ASP D 297 -70.81 -50.36 40.39
CA ASP D 297 -70.35 -51.41 39.48
C ASP D 297 -70.16 -50.84 38.08
N VAL D 298 -71.16 -50.11 37.58
CA VAL D 298 -71.07 -49.54 36.24
C VAL D 298 -69.89 -48.58 36.16
N ALA D 299 -69.77 -47.68 37.13
CA ALA D 299 -68.73 -46.66 37.11
C ALA D 299 -67.34 -47.29 37.14
N ASN D 300 -67.16 -48.34 37.95
CA ASN D 300 -65.87 -49.01 37.99
C ASN D 300 -65.57 -49.73 36.68
N SER D 301 -66.59 -50.24 35.98
CA SER D 301 -66.36 -50.82 34.66
C SER D 301 -65.85 -49.75 33.69
N ILE D 302 -66.33 -48.52 33.84
CA ILE D 302 -65.86 -47.43 33.00
C ILE D 302 -64.44 -47.04 33.38
N LEU D 303 -64.16 -46.91 34.67
CA LEU D 303 -62.81 -46.62 35.11
C LEU D 303 -61.85 -47.73 34.69
N ASP D 304 -62.34 -48.98 34.63
CA ASP D 304 -61.52 -50.06 34.09
C ASP D 304 -61.07 -49.77 32.66
N GLY D 305 -61.91 -49.08 31.88
CA GLY D 305 -61.53 -48.69 30.54
C GLY D 305 -62.44 -49.21 29.43
N THR D 306 -63.63 -49.68 29.78
CA THR D 306 -64.53 -50.24 28.79
C THR D 306 -64.92 -49.21 27.74
N ASP D 307 -65.07 -49.66 26.50
CA ASP D 307 -65.61 -48.76 25.48
C ASP D 307 -67.07 -48.45 25.73
N ALA D 308 -67.84 -49.46 26.16
CA ALA D 308 -69.28 -49.37 26.16
C ALA D 308 -69.86 -50.19 27.30
N VAL D 309 -71.04 -49.77 27.75
CA VAL D 309 -71.83 -50.44 28.77
C VAL D 309 -73.17 -50.81 28.14
N MET D 310 -73.76 -51.91 28.59
CA MET D 310 -74.93 -52.47 27.94
C MET D 310 -76.08 -52.63 28.93
N LEU D 311 -77.26 -52.19 28.51
CA LEU D 311 -78.49 -52.42 29.26
C LEU D 311 -79.22 -53.59 28.60
N SER D 312 -79.77 -54.47 29.43
CA SER D 312 -80.48 -55.64 28.93
C SER D 312 -81.98 -55.48 29.18
N GLY D 313 -82.51 -56.24 30.14
CA GLY D 313 -83.93 -56.12 30.42
C GLY D 313 -84.36 -54.71 30.77
N GLU D 314 -83.48 -53.94 31.43
CA GLU D 314 -83.85 -52.62 31.89
C GLU D 314 -84.40 -51.76 30.75
N SER D 315 -83.87 -51.94 29.54
CA SER D 315 -84.28 -51.15 28.39
C SER D 315 -85.20 -51.92 27.44
N ALA D 316 -85.25 -53.24 27.54
CA ALA D 316 -86.02 -54.04 26.60
C ALA D 316 -87.45 -54.27 27.09
N LYS D 317 -87.62 -54.67 28.35
CA LYS D 317 -88.93 -55.06 28.87
C LYS D 317 -89.30 -54.40 30.19
N GLY D 318 -88.40 -53.62 30.80
CA GLY D 318 -88.64 -53.01 32.09
C GLY D 318 -89.64 -51.89 31.97
N LYS D 319 -90.06 -51.39 33.13
CA LYS D 319 -91.05 -50.33 33.19
C LYS D 319 -90.44 -48.95 33.09
N TYR D 320 -89.13 -48.82 33.32
CA TYR D 320 -88.46 -47.51 33.33
C TYR D 320 -87.27 -47.49 32.38
N PRO D 321 -87.49 -47.77 31.10
CA PRO D 321 -86.35 -47.79 30.16
C PRO D 321 -85.68 -46.45 30.01
N LEU D 322 -86.45 -45.37 29.89
CA LEU D 322 -85.85 -44.05 29.69
C LEU D 322 -85.08 -43.60 30.92
N GLU D 323 -85.62 -43.89 32.11
CA GLU D 323 -84.90 -43.59 33.35
C GLU D 323 -83.57 -44.34 33.41
N ALA D 324 -83.58 -45.61 33.00
CA ALA D 324 -82.36 -46.42 33.06
C ALA D 324 -81.29 -45.87 32.14
N VAL D 325 -81.66 -45.53 30.90
CA VAL D 325 -80.69 -44.98 29.97
C VAL D 325 -80.16 -43.64 30.48
N SER D 326 -81.05 -42.82 31.05
CA SER D 326 -80.65 -41.48 31.46
C SER D 326 -79.67 -41.52 32.63
N ILE D 327 -79.93 -42.37 33.63
CA ILE D 327 -78.99 -42.46 34.74
C ILE D 327 -77.70 -43.14 34.29
N MET D 328 -77.79 -44.08 33.35
CA MET D 328 -76.58 -44.65 32.78
C MET D 328 -75.73 -43.56 32.14
N ALA D 329 -76.35 -42.68 31.35
CA ALA D 329 -75.61 -41.59 30.73
C ALA D 329 -75.05 -40.64 31.77
N THR D 330 -75.81 -40.34 32.83
CA THR D 330 -75.29 -39.50 33.89
C THR D 330 -74.06 -40.13 34.54
N ILE D 331 -74.13 -41.45 34.79
CA ILE D 331 -72.97 -42.16 35.34
C ILE D 331 -71.79 -42.07 34.38
N CYS D 332 -72.04 -42.29 33.09
CA CYS D 332 -70.96 -42.22 32.10
C CYS D 332 -70.29 -40.85 32.12
N GLU D 333 -71.07 -39.77 31.96
CA GLU D 333 -70.48 -38.44 31.95
C GLU D 333 -69.70 -38.18 33.23
N ARG D 334 -70.28 -38.52 34.39
CA ARG D 334 -69.63 -38.24 35.67
C ARG D 334 -68.30 -38.96 35.78
N THR D 335 -68.21 -40.17 35.24
CA THR D 335 -67.00 -40.97 35.35
C THR D 335 -65.98 -40.62 34.28
N ASP D 336 -66.43 -40.54 33.02
CA ASP D 336 -65.55 -40.11 31.95
C ASP D 336 -64.86 -38.80 32.30
N ARG D 337 -65.58 -37.92 33.00
CA ARG D 337 -65.11 -36.56 33.28
C ARG D 337 -63.79 -36.54 34.04
N VAL D 338 -63.53 -37.56 34.86
CA VAL D 338 -62.39 -37.57 35.76
C VAL D 338 -61.33 -38.57 35.31
N MET D 339 -61.47 -39.14 34.13
CA MET D 339 -60.47 -40.06 33.61
C MET D 339 -59.38 -39.31 32.87
N ASN D 340 -58.18 -39.87 32.90
CA ASN D 340 -57.00 -39.30 32.31
C ASN D 340 -56.53 -40.17 31.15
N SER D 341 -55.74 -39.56 30.27
CA SER D 341 -55.11 -40.31 29.20
C SER D 341 -54.13 -41.33 29.77
N ARG D 342 -53.80 -42.32 28.95
CA ARG D 342 -52.85 -43.36 29.27
C ARG D 342 -51.80 -43.32 28.15
N LEU D 343 -50.71 -42.60 28.37
CA LEU D 343 -49.79 -42.27 27.29
C LEU D 343 -48.63 -43.26 27.17
N GLU D 344 -48.57 -44.29 28.00
CA GLU D 344 -47.44 -45.22 27.97
C GLU D 344 -47.43 -46.00 26.65
N ARG D 353 -44.17 -50.46 16.18
CA ARG D 353 -45.21 -50.31 15.17
C ARG D 353 -45.38 -48.83 14.79
N ILE D 354 -45.51 -48.55 13.49
CA ILE D 354 -45.64 -47.18 13.03
C ILE D 354 -46.99 -46.59 13.47
N THR D 355 -48.08 -47.31 13.23
CA THR D 355 -49.39 -46.80 13.62
C THR D 355 -49.42 -46.41 15.09
N GLU D 356 -48.87 -47.27 15.96
CA GLU D 356 -48.91 -47.00 17.39
C GLU D 356 -48.02 -45.83 17.76
N ALA D 357 -46.84 -45.72 17.15
CA ALA D 357 -45.95 -44.59 17.42
C ALA D 357 -46.62 -43.27 17.05
N VAL D 358 -47.26 -43.21 15.88
CA VAL D 358 -47.86 -41.95 15.44
C VAL D 358 -49.09 -41.59 16.27
N CYS D 359 -49.96 -42.58 16.54
CA CYS D 359 -51.20 -42.27 17.24
C CYS D 359 -50.93 -41.90 18.69
N ARG D 360 -50.01 -42.60 19.35
CA ARG D 360 -49.60 -42.21 20.71
C ARG D 360 -49.01 -40.80 20.71
N GLY D 361 -48.20 -40.49 19.70
CA GLY D 361 -47.62 -39.16 19.63
C GLY D 361 -48.65 -38.09 19.34
N ALA D 362 -49.63 -38.41 18.50
CA ALA D 362 -50.70 -37.47 18.22
C ALA D 362 -51.49 -37.13 19.47
N VAL D 363 -51.75 -38.12 20.33
CA VAL D 363 -52.49 -37.85 21.55
C VAL D 363 -51.65 -37.00 22.51
N GLU D 364 -50.37 -37.34 22.64
CA GLU D 364 -49.49 -36.56 23.51
C GLU D 364 -49.38 -35.12 22.99
N THR D 365 -49.25 -34.95 21.68
CA THR D 365 -49.24 -33.60 21.12
C THR D 365 -50.54 -32.86 21.43
N ALA D 366 -51.68 -33.54 21.29
CA ALA D 366 -52.96 -32.89 21.56
C ALA D 366 -53.02 -32.37 23.00
N GLU D 367 -52.61 -33.16 23.98
CA GLU D 367 -52.61 -32.78 25.39
C GLU D 367 -51.63 -31.66 25.65
N LYS D 368 -50.40 -31.73 25.05
CA LYS D 368 -49.47 -30.63 25.29
C LYS D 368 -49.99 -29.30 24.74
N LEU D 369 -50.73 -29.33 23.64
CA LEU D 369 -51.25 -28.12 23.02
C LEU D 369 -52.70 -27.83 23.40
N ASP D 370 -53.24 -28.56 24.38
CA ASP D 370 -54.59 -28.30 24.86
C ASP D 370 -55.61 -28.37 23.72
N ALA D 371 -55.44 -29.33 22.82
CA ALA D 371 -56.34 -29.46 21.68
C ALA D 371 -57.63 -30.15 22.09
N PRO D 372 -58.80 -29.57 21.81
CA PRO D 372 -60.06 -30.24 22.14
C PRO D 372 -60.45 -31.36 21.19
N LEU D 373 -59.74 -31.52 20.07
CA LEU D 373 -60.22 -32.41 19.02
C LEU D 373 -59.05 -33.02 18.26
N ILE D 374 -59.12 -34.33 18.06
CA ILE D 374 -58.26 -35.04 17.13
C ILE D 374 -59.14 -35.49 15.98
N VAL D 375 -58.81 -35.05 14.78
CA VAL D 375 -59.54 -35.43 13.58
C VAL D 375 -58.76 -36.54 12.90
N VAL D 376 -59.44 -37.64 12.59
CA VAL D 376 -58.81 -38.83 12.03
C VAL D 376 -59.48 -39.16 10.72
N ALA D 377 -58.68 -39.46 9.70
CA ALA D 377 -59.18 -40.00 8.44
C ALA D 377 -59.09 -41.51 8.51
N THR D 378 -60.17 -42.21 8.16
CA THR D 378 -60.17 -43.66 8.32
C THR D 378 -61.14 -44.25 7.32
N GLN D 379 -60.77 -45.41 6.75
CA GLN D 379 -61.66 -46.20 5.90
C GLN D 379 -62.22 -47.40 6.62
N GLY D 380 -61.37 -48.14 7.34
CA GLY D 380 -61.83 -49.30 8.07
C GLY D 380 -62.06 -49.09 9.57
N GLY D 381 -61.69 -47.91 10.06
CA GLY D 381 -61.87 -47.56 11.45
C GLY D 381 -60.65 -47.75 12.33
N LYS D 382 -59.58 -48.36 11.82
CA LYS D 382 -58.45 -48.73 12.67
C LYS D 382 -57.75 -47.50 13.24
N SER D 383 -57.58 -46.46 12.44
CA SER D 383 -56.86 -45.28 12.92
C SER D 383 -57.61 -44.61 14.07
N ALA D 384 -58.94 -44.58 14.00
CA ALA D 384 -59.73 -44.01 15.09
C ALA D 384 -59.59 -44.86 16.36
N ARG D 385 -59.65 -46.19 16.21
CA ARG D 385 -59.49 -47.07 17.35
C ARG D 385 -58.07 -47.03 17.90
N ALA D 386 -57.08 -46.81 17.03
CA ALA D 386 -55.71 -46.70 17.49
C ALA D 386 -55.51 -45.44 18.32
N VAL D 387 -56.18 -44.35 17.98
CA VAL D 387 -56.10 -43.13 18.79
C VAL D 387 -56.84 -43.31 20.11
N ARG D 388 -58.03 -43.92 20.07
CA ARG D 388 -58.81 -44.09 21.30
C ARG D 388 -58.07 -44.94 22.33
N LYS D 389 -57.14 -45.80 21.89
CA LYS D 389 -56.42 -46.68 22.81
C LYS D 389 -55.80 -45.92 23.96
N TYR D 390 -55.41 -44.66 23.73
CA TYR D 390 -54.70 -43.88 24.74
C TYR D 390 -55.61 -43.00 25.56
N PHE D 391 -56.93 -43.18 25.45
CA PHE D 391 -57.90 -42.45 26.23
C PHE D 391 -57.66 -40.95 26.14
N PRO D 392 -57.60 -40.40 24.92
CA PRO D 392 -57.34 -38.96 24.77
C PRO D 392 -58.38 -38.14 25.53
N ASP D 393 -57.92 -37.03 26.12
CA ASP D 393 -58.85 -36.05 26.65
C ASP D 393 -59.72 -35.47 25.54
N ALA D 394 -59.13 -35.28 24.36
CA ALA D 394 -59.85 -34.72 23.23
C ALA D 394 -60.86 -35.71 22.66
N THR D 395 -61.95 -35.15 22.14
CA THR D 395 -62.87 -35.93 21.33
C THR D 395 -62.20 -36.34 20.02
N ILE D 396 -62.62 -37.48 19.48
CA ILE D 396 -62.12 -37.98 18.21
C ILE D 396 -63.22 -37.78 17.18
N LEU D 397 -62.95 -36.93 16.18
CA LEU D 397 -63.83 -36.75 15.04
C LEU D 397 -63.28 -37.62 13.91
N ALA D 398 -64.01 -38.68 13.59
CA ALA D 398 -63.54 -39.69 12.63
C ALA D 398 -64.24 -39.49 11.30
N LEU D 399 -63.48 -39.13 10.27
CA LEU D 399 -64.01 -38.90 8.94
C LEU D 399 -63.78 -40.15 8.09
N THR D 400 -64.85 -40.62 7.44
CA THR D 400 -64.79 -41.83 6.64
C THR D 400 -65.77 -41.70 5.48
N THR D 401 -65.45 -42.37 4.37
CA THR D 401 -66.40 -42.54 3.28
C THR D 401 -67.18 -43.85 3.40
N ASN D 402 -66.83 -44.68 4.38
CA ASN D 402 -67.37 -46.02 4.55
C ASN D 402 -68.48 -45.97 5.59
N GLU D 403 -69.72 -46.22 5.13
CA GLU D 403 -70.90 -46.14 5.99
C GLU D 403 -70.84 -47.19 7.10
N LYS D 404 -70.36 -48.39 6.79
CA LYS D 404 -70.27 -49.41 7.82
C LYS D 404 -69.30 -48.99 8.93
N THR D 405 -68.15 -48.44 8.54
CA THR D 405 -67.20 -47.93 9.51
C THR D 405 -67.81 -46.82 10.36
N ALA D 406 -68.52 -45.89 9.73
CA ALA D 406 -69.14 -44.80 10.48
C ALA D 406 -70.04 -45.34 11.58
N HIS D 407 -70.83 -46.37 11.26
CA HIS D 407 -71.74 -46.96 12.25
C HIS D 407 -70.96 -47.72 13.32
N GLN D 408 -69.96 -48.49 12.91
CA GLN D 408 -69.24 -49.30 13.89
C GLN D 408 -68.46 -48.44 14.88
N LEU D 409 -67.96 -47.28 14.44
CA LEU D 409 -67.22 -46.40 15.34
C LEU D 409 -68.12 -45.78 16.40
N VAL D 410 -69.44 -45.85 16.24
CA VAL D 410 -70.36 -45.36 17.26
C VAL D 410 -70.16 -46.10 18.57
N LEU D 411 -69.64 -47.33 18.52
CA LEU D 411 -69.42 -48.14 19.70
C LEU D 411 -68.10 -47.84 20.40
N SER D 412 -67.16 -47.18 19.72
CA SER D 412 -65.85 -46.93 20.30
C SER D 412 -65.88 -45.69 21.19
N LYS D 413 -65.18 -45.76 22.32
CA LYS D 413 -65.22 -44.70 23.32
C LYS D 413 -64.73 -43.38 22.73
N GLY D 414 -65.52 -42.32 22.95
CA GLY D 414 -65.08 -40.97 22.66
C GLY D 414 -64.94 -40.60 21.19
N VAL D 415 -65.58 -41.34 20.30
CA VAL D 415 -65.47 -41.10 18.87
C VAL D 415 -66.80 -40.55 18.35
N VAL D 416 -66.71 -39.49 17.56
CA VAL D 416 -67.82 -38.95 16.80
C VAL D 416 -67.57 -39.29 15.33
N PRO D 417 -68.27 -40.25 14.75
CA PRO D 417 -68.06 -40.55 13.33
C PRO D 417 -68.78 -39.55 12.45
N GLN D 418 -68.19 -39.33 11.27
CA GLN D 418 -68.73 -38.41 10.26
C GLN D 418 -68.46 -38.97 8.86
N LEU D 419 -69.53 -39.21 8.12
CA LEU D 419 -69.41 -39.65 6.73
C LEU D 419 -69.09 -38.46 5.83
N VAL D 420 -68.10 -38.65 4.94
CA VAL D 420 -67.69 -37.64 3.97
C VAL D 420 -67.66 -38.31 2.61
N LYS D 421 -67.83 -37.49 1.56
CA LYS D 421 -67.95 -38.07 0.22
C LYS D 421 -66.64 -38.64 -0.27
N GLU D 422 -65.51 -38.04 0.11
CA GLU D 422 -64.23 -38.39 -0.48
C GLU D 422 -63.16 -37.51 0.13
N ILE D 423 -61.91 -37.97 0.06
CA ILE D 423 -60.73 -37.15 0.32
C ILE D 423 -59.62 -37.68 -0.58
N THR D 424 -59.07 -36.82 -1.43
CA THR D 424 -58.17 -37.26 -2.48
C THR D 424 -56.69 -37.08 -2.15
N SER D 425 -56.36 -36.33 -1.10
CA SER D 425 -54.96 -36.16 -0.73
C SER D 425 -54.87 -35.71 0.72
N THR D 426 -53.64 -35.71 1.23
CA THR D 426 -53.41 -35.32 2.61
C THR D 426 -53.77 -33.86 2.84
N ASP D 427 -53.38 -32.98 1.92
CA ASP D 427 -53.70 -31.56 2.06
C ASP D 427 -55.20 -31.32 2.00
N ASP D 428 -55.90 -32.08 1.16
CA ASP D 428 -57.36 -31.98 1.12
C ASP D 428 -57.99 -32.48 2.42
N PHE D 429 -57.40 -33.51 3.04
CA PHE D 429 -57.88 -33.94 4.35
C PHE D 429 -57.74 -32.83 5.38
N TYR D 430 -56.61 -32.12 5.36
CA TYR D 430 -56.42 -31.01 6.30
C TYR D 430 -57.44 -29.91 6.04
N ARG D 431 -57.57 -29.48 4.79
CA ARG D 431 -58.55 -28.47 4.45
C ARG D 431 -59.94 -28.88 4.92
N LEU D 432 -60.41 -30.05 4.47
CA LEU D 432 -61.76 -30.48 4.80
C LEU D 432 -61.91 -30.70 6.30
N GLY D 433 -60.93 -31.36 6.92
CA GLY D 433 -61.04 -31.65 8.34
C GLY D 433 -61.19 -30.40 9.19
N LYS D 434 -60.47 -29.33 8.81
CA LYS D 434 -60.61 -28.07 9.51
C LYS D 434 -62.03 -27.53 9.39
N GLU D 435 -62.63 -27.63 8.20
CA GLU D 435 -63.99 -27.14 8.05
C GLU D 435 -64.96 -27.97 8.88
N LEU D 436 -64.84 -29.29 8.80
CA LEU D 436 -65.77 -30.15 9.52
C LEU D 436 -65.55 -30.05 11.02
N ALA D 437 -64.32 -29.79 11.45
CA ALA D 437 -64.07 -29.53 12.86
C ALA D 437 -64.93 -28.38 13.36
N LEU D 438 -64.88 -27.24 12.67
CA LEU D 438 -65.71 -26.10 13.04
C LEU D 438 -67.19 -26.42 12.91
N GLN D 439 -67.59 -27.07 11.81
CA GLN D 439 -69.00 -27.38 11.58
C GLN D 439 -69.55 -28.30 12.66
N SER D 440 -68.70 -29.17 13.22
CA SER D 440 -69.17 -30.09 14.24
C SER D 440 -69.52 -29.40 15.55
N GLY D 441 -68.98 -28.20 15.79
CA GLY D 441 -69.13 -27.57 17.09
C GLY D 441 -68.30 -28.19 18.20
N LEU D 442 -67.43 -29.14 17.88
CA LEU D 442 -66.53 -29.75 18.86
C LEU D 442 -65.25 -28.96 19.06
N ALA D 443 -64.95 -28.01 18.17
CA ALA D 443 -63.82 -27.11 18.30
C ALA D 443 -64.24 -25.78 17.69
N HIS D 444 -63.47 -24.73 17.97
CA HIS D 444 -63.85 -23.41 17.53
C HIS D 444 -62.63 -22.67 16.98
N LYS D 445 -62.88 -21.60 16.24
CA LYS D 445 -61.79 -20.80 15.68
C LYS D 445 -60.76 -20.48 16.75
N GLY D 446 -59.49 -20.70 16.39
CA GLY D 446 -58.38 -20.51 17.29
C GLY D 446 -57.98 -21.75 18.05
N ASP D 447 -58.85 -22.76 18.13
CA ASP D 447 -58.49 -24.01 18.78
C ASP D 447 -57.43 -24.74 17.97
N VAL D 448 -56.60 -25.50 18.66
CA VAL D 448 -55.66 -26.40 18.01
C VAL D 448 -56.34 -27.74 17.76
N VAL D 449 -56.16 -28.30 16.57
CA VAL D 449 -56.59 -29.67 16.29
C VAL D 449 -55.40 -30.45 15.78
N VAL D 450 -55.39 -31.74 16.11
CA VAL D 450 -54.40 -32.70 15.61
C VAL D 450 -55.11 -33.60 14.62
N MET D 451 -54.47 -33.81 13.47
CA MET D 451 -55.09 -34.49 12.33
C MET D 451 -54.23 -35.69 11.97
N VAL D 452 -54.86 -36.87 11.97
CA VAL D 452 -54.16 -38.14 11.89
C VAL D 452 -54.69 -38.90 10.68
N SER D 453 -53.79 -39.40 9.84
CA SER D 453 -54.22 -40.11 8.64
C SER D 453 -53.09 -41.01 8.16
N GLY D 454 -53.37 -41.77 7.11
CA GLY D 454 -52.38 -42.52 6.37
C GLY D 454 -52.04 -41.83 5.06
N ALA D 455 -50.76 -41.51 4.85
CA ALA D 455 -50.30 -40.82 3.64
C ALA D 455 -49.39 -41.76 2.84
N LEU D 456 -49.69 -41.93 1.55
CA LEU D 456 -48.90 -42.79 0.68
C LEU D 456 -48.82 -44.20 1.26
N VAL D 457 -49.93 -44.70 1.78
CA VAL D 457 -49.97 -46.07 2.31
C VAL D 457 -51.36 -46.64 2.11
N PRO D 458 -51.53 -47.96 2.10
CA PRO D 458 -52.87 -48.55 2.06
C PRO D 458 -53.60 -48.37 3.39
N SER D 459 -54.92 -48.53 3.34
CA SER D 459 -55.68 -48.78 4.56
C SER D 459 -54.97 -49.85 5.37
N GLY D 460 -54.95 -49.69 6.68
CA GLY D 460 -54.16 -50.58 7.51
C GLY D 460 -52.93 -49.93 8.11
N THR D 461 -52.60 -48.70 7.72
CA THR D 461 -51.47 -47.98 8.28
C THR D 461 -51.91 -46.56 8.60
N THR D 462 -51.56 -46.09 9.80
CA THR D 462 -51.68 -44.69 10.19
C THR D 462 -50.25 -44.17 10.37
N ASN D 463 -49.87 -43.18 9.58
CA ASN D 463 -48.46 -42.78 9.57
C ASN D 463 -48.22 -41.28 9.60
N THR D 464 -49.25 -40.45 9.75
CA THR D 464 -49.08 -39.00 9.61
C THR D 464 -49.91 -38.28 10.66
N ALA D 465 -49.27 -37.33 11.35
CA ALA D 465 -49.93 -36.46 12.32
C ALA D 465 -49.58 -35.02 11.99
N SER D 466 -50.59 -34.15 12.00
CA SER D 466 -50.43 -32.75 11.57
C SER D 466 -51.23 -31.86 12.51
N VAL D 467 -50.66 -30.71 12.86
CA VAL D 467 -51.24 -29.81 13.85
C VAL D 467 -51.68 -28.53 13.14
N HIS D 468 -52.93 -28.14 13.34
CA HIS D 468 -53.51 -26.99 12.65
C HIS D 468 -54.31 -26.13 13.62
N VAL D 469 -54.31 -24.82 13.37
CA VAL D 469 -55.12 -23.86 14.10
C VAL D 469 -56.38 -23.59 13.27
N LEU D 470 -57.54 -23.68 13.91
CA LEU D 470 -58.79 -23.50 13.19
C LEU D 470 -59.11 -22.04 12.92
N MET E 1 69.96 34.71 -24.93
CA MET E 1 70.64 35.89 -25.53
C MET E 1 69.76 36.45 -26.65
N LYS E 2 70.42 37.00 -27.65
CA LYS E 2 69.83 37.32 -28.94
C LYS E 2 69.29 36.06 -29.63
N LYS E 3 68.38 36.28 -30.59
CA LYS E 3 67.89 35.24 -31.48
C LYS E 3 68.46 35.39 -32.89
N THR E 4 68.66 36.62 -33.35
CA THR E 4 69.31 36.84 -34.64
C THR E 4 70.73 36.29 -34.62
N LYS E 5 71.11 35.62 -35.69
CA LYS E 5 72.38 34.93 -35.80
C LYS E 5 73.39 35.79 -36.54
N ILE E 6 74.67 35.63 -36.19
CA ILE E 6 75.74 36.47 -36.72
C ILE E 6 76.68 35.63 -37.59
N VAL E 7 76.84 36.05 -38.83
CA VAL E 7 77.82 35.50 -39.75
C VAL E 7 79.03 36.40 -39.70
N CYS E 8 80.20 35.84 -39.44
CA CYS E 8 81.46 36.58 -39.39
C CYS E 8 82.38 36.04 -40.46
N THR E 9 82.82 36.91 -41.37
CA THR E 9 83.89 36.56 -42.31
C THR E 9 85.20 36.44 -41.56
N ILE E 10 85.87 35.30 -41.68
CA ILE E 10 87.11 35.03 -40.98
C ILE E 10 88.27 35.20 -41.96
N GLY E 11 89.27 35.96 -41.54
CA GLY E 11 90.44 36.21 -42.34
C GLY E 11 91.70 36.12 -41.52
N PRO E 12 92.80 36.68 -42.02
CA PRO E 12 94.08 36.57 -41.29
C PRO E 12 94.00 37.08 -39.87
N LYS E 13 93.34 38.22 -39.64
CA LYS E 13 93.31 38.81 -38.31
C LYS E 13 92.53 37.96 -37.31
N THR E 14 91.65 37.07 -37.77
CA THR E 14 90.71 36.42 -36.87
C THR E 14 90.72 34.90 -37.00
N GLU E 15 91.71 34.31 -37.67
CA GLU E 15 91.67 32.87 -37.95
C GLU E 15 92.18 32.00 -36.83
N SER E 16 92.95 32.55 -35.90
CA SER E 16 93.54 31.72 -34.85
C SER E 16 92.45 31.14 -33.97
N GLU E 17 92.74 29.98 -33.35
CA GLU E 17 91.76 29.35 -32.46
C GLU E 17 91.38 30.31 -31.33
N GLU E 18 92.35 31.07 -30.83
CA GLU E 18 92.09 32.00 -29.74
C GLU E 18 91.08 33.06 -30.16
N MET E 19 91.29 33.66 -31.34
CA MET E 19 90.36 34.67 -31.84
C MET E 19 89.00 34.07 -32.11
N LEU E 20 88.96 32.89 -32.73
CA LEU E 20 87.68 32.27 -33.02
C LEU E 20 86.90 31.99 -31.74
N ALA E 21 87.58 31.53 -30.69
CA ALA E 21 86.91 31.30 -29.41
C ALA E 21 86.31 32.59 -28.85
N LYS E 22 87.05 33.70 -28.91
CA LYS E 22 86.51 34.97 -28.44
C LYS E 22 85.39 35.47 -29.35
N MET E 23 85.44 35.12 -30.64
CA MET E 23 84.36 35.48 -31.55
C MET E 23 83.06 34.77 -31.17
N LEU E 24 83.16 33.46 -30.91
CA LEU E 24 81.99 32.70 -30.48
C LEU E 24 81.46 33.24 -29.15
N ASP E 25 82.35 33.53 -28.20
CA ASP E 25 81.93 34.13 -26.95
C ASP E 25 81.10 35.39 -27.19
N ALA E 26 81.55 36.23 -28.12
CA ALA E 26 80.91 37.51 -28.37
C ALA E 26 79.65 37.40 -29.22
N GLY E 27 79.38 36.25 -29.81
CA GLY E 27 78.11 36.03 -30.48
C GLY E 27 78.18 35.52 -31.90
N MET E 28 79.38 35.24 -32.40
CA MET E 28 79.48 34.68 -33.75
C MET E 28 78.80 33.31 -33.80
N ASN E 29 78.07 33.06 -34.86
CA ASN E 29 77.43 31.77 -35.05
C ASN E 29 77.91 31.02 -36.28
N VAL E 30 78.26 31.72 -37.36
CA VAL E 30 78.63 31.11 -38.63
C VAL E 30 79.90 31.77 -39.13
N MET E 31 80.85 30.95 -39.57
CA MET E 31 82.06 31.43 -40.21
C MET E 31 81.83 31.51 -41.71
N ARG E 32 82.03 32.69 -42.28
CA ARG E 32 82.02 32.88 -43.72
C ARG E 32 83.45 32.83 -44.25
N LEU E 33 83.68 31.97 -45.25
CA LEU E 33 84.93 31.93 -45.99
C LEU E 33 84.68 32.62 -47.33
N ASN E 34 85.32 33.76 -47.54
CA ASN E 34 85.17 34.54 -48.77
C ASN E 34 86.21 34.06 -49.79
N PHE E 35 85.77 33.34 -50.81
CA PHE E 35 86.71 32.79 -51.78
C PHE E 35 87.08 33.76 -52.88
N SER E 36 86.68 35.03 -52.79
CA SER E 36 87.33 36.06 -53.58
C SER E 36 88.79 36.19 -53.20
N HIS E 37 89.16 35.77 -51.99
CA HIS E 37 90.55 35.85 -51.53
C HIS E 37 90.94 34.57 -50.81
N GLY E 38 92.24 34.45 -50.53
CA GLY E 38 92.77 33.28 -49.84
C GLY E 38 93.01 32.11 -50.79
N ASP E 39 93.66 31.08 -50.26
CA ASP E 39 93.92 29.85 -50.98
C ASP E 39 93.40 28.68 -50.16
N TYR E 40 93.46 27.47 -50.74
CA TYR E 40 92.80 26.32 -50.12
C TYR E 40 93.44 25.97 -48.79
N ALA E 41 94.75 26.18 -48.65
CA ALA E 41 95.42 25.85 -47.40
C ALA E 41 94.99 26.77 -46.27
N GLU E 42 94.86 28.06 -46.55
CA GLU E 42 94.40 29.00 -45.54
C GLU E 42 92.97 28.70 -45.13
N HIS E 43 92.07 28.55 -46.10
CA HIS E 43 90.67 28.27 -45.76
C HIS E 43 90.55 26.92 -45.05
N GLY E 44 91.31 25.91 -45.51
CA GLY E 44 91.29 24.62 -44.83
C GLY E 44 91.74 24.70 -43.39
N GLN E 45 92.76 25.52 -43.11
CA GLN E 45 93.23 25.69 -41.73
C GLN E 45 92.20 26.49 -40.92
N ARG E 46 91.54 27.46 -41.53
CA ARG E 46 90.40 28.14 -40.92
C ARG E 46 89.33 27.15 -40.45
N ILE E 47 88.98 26.20 -41.31
CA ILE E 47 87.99 25.20 -40.95
C ILE E 47 88.49 24.33 -39.81
N GLN E 48 89.76 23.91 -39.87
CA GLN E 48 90.30 23.06 -38.82
C GLN E 48 90.30 23.77 -37.48
N ASN E 49 90.72 25.04 -37.47
CA ASN E 49 90.77 25.79 -36.23
C ASN E 49 89.39 25.88 -35.58
N LEU E 50 88.37 26.20 -36.38
CA LEU E 50 87.03 26.34 -35.84
C LEU E 50 86.53 25.00 -35.29
N ARG E 51 86.73 23.91 -36.04
CA ARG E 51 86.23 22.62 -35.61
C ARG E 51 86.95 22.14 -34.34
N ASN E 52 88.23 22.47 -34.19
CA ASN E 52 88.92 22.17 -32.94
C ASN E 52 88.31 22.95 -31.77
N VAL E 53 88.06 24.24 -31.97
CA VAL E 53 87.46 25.04 -30.92
C VAL E 53 86.09 24.49 -30.54
N MET E 54 85.29 24.11 -31.55
CA MET E 54 83.96 23.56 -31.29
C MET E 54 84.05 22.27 -30.49
N SER E 55 85.02 21.41 -30.83
CA SER E 55 85.19 20.14 -30.12
C SER E 55 85.62 20.37 -28.68
N LYS E 56 86.64 21.19 -28.49
CA LYS E 56 87.14 21.46 -27.16
C LYS E 56 86.10 22.17 -26.30
N THR E 57 85.27 23.03 -26.93
CA THR E 57 84.43 23.95 -26.16
C THR E 57 82.99 23.49 -26.08
N GLY E 58 82.56 22.58 -26.94
CA GLY E 58 81.15 22.24 -27.04
C GLY E 58 80.29 23.33 -27.64
N LYS E 59 80.91 24.39 -28.16
CA LYS E 59 80.20 25.44 -28.86
C LYS E 59 79.86 24.94 -30.26
N THR E 60 78.73 25.40 -30.79
CA THR E 60 78.29 25.00 -32.13
C THR E 60 78.34 26.19 -33.07
N ALA E 61 78.89 25.96 -34.27
CA ALA E 61 78.92 26.96 -35.33
C ALA E 61 78.70 26.25 -36.66
N ALA E 62 78.40 27.02 -37.69
CA ALA E 62 78.28 26.53 -39.06
C ALA E 62 79.36 27.17 -39.92
N ILE E 63 79.61 26.57 -41.08
CA ILE E 63 80.62 27.07 -42.02
C ILE E 63 79.94 27.34 -43.35
N LEU E 64 80.12 28.56 -43.87
CA LEU E 64 79.50 29.02 -45.11
C LEU E 64 80.61 29.44 -46.07
N LEU E 65 80.62 28.84 -47.25
CA LEU E 65 81.57 29.14 -48.32
C LEU E 65 80.91 30.12 -49.28
N ASP E 66 81.52 31.29 -49.46
CA ASP E 66 80.99 32.35 -50.29
C ASP E 66 81.84 32.45 -51.55
N THR E 67 81.24 32.19 -52.70
CA THR E 67 82.01 32.10 -53.93
C THR E 67 82.47 33.47 -54.41
N LYS E 68 83.58 33.47 -55.15
CA LYS E 68 83.99 34.66 -55.87
C LYS E 68 82.96 35.04 -56.92
N GLY E 69 82.56 34.07 -57.76
CA GLY E 69 81.54 34.27 -58.77
C GLY E 69 82.07 34.80 -60.09
N PRO E 70 81.26 34.74 -61.13
CA PRO E 70 81.67 35.31 -62.42
C PRO E 70 81.58 36.82 -62.34
N GLU E 71 82.48 37.49 -63.07
CA GLU E 71 82.55 38.94 -63.06
C GLU E 71 82.82 39.45 -64.48
N ILE E 72 82.44 40.71 -64.71
CA ILE E 72 82.98 41.53 -65.78
C ILE E 72 83.90 42.58 -65.15
N ARG E 73 85.14 42.61 -65.59
CA ARG E 73 86.11 43.61 -65.15
C ARG E 73 86.82 44.21 -66.35
N THR E 74 87.21 45.48 -66.21
CA THR E 74 88.21 46.06 -67.09
C THR E 74 89.55 45.38 -66.85
N MET E 75 90.54 45.69 -67.69
CA MET E 75 91.84 45.02 -67.57
C MET E 75 92.95 46.05 -67.40
N LYS E 76 94.08 45.85 -68.09
CA LYS E 76 95.28 46.60 -67.78
C LYS E 76 95.37 47.90 -68.56
N LEU E 77 96.16 48.83 -68.02
CA LEU E 77 96.40 50.14 -68.61
C LEU E 77 97.89 50.32 -68.88
N GLU E 78 98.19 51.27 -69.76
CA GLU E 78 99.58 51.55 -70.13
C GLU E 78 100.41 51.86 -68.89
N GLY E 79 101.52 51.15 -68.73
CA GLY E 79 102.41 51.29 -67.59
C GLY E 79 101.70 51.13 -66.25
N GLY E 80 100.60 50.37 -66.26
CA GLY E 80 99.67 50.31 -65.14
C GLY E 80 99.43 51.61 -64.39
N ASN E 81 99.31 52.72 -65.12
CA ASN E 81 98.97 54.00 -64.53
C ASN E 81 97.51 54.33 -64.73
N ASP E 82 96.90 54.94 -63.72
CA ASP E 82 95.53 55.45 -63.85
C ASP E 82 95.44 56.43 -65.01
N VAL E 83 94.25 56.53 -65.60
CA VAL E 83 93.97 57.51 -66.64
C VAL E 83 92.74 58.33 -66.24
N SER E 84 92.76 59.62 -66.55
CA SER E 84 91.66 60.52 -66.22
C SER E 84 90.65 60.57 -67.38
N LEU E 85 89.40 60.28 -67.07
CA LEU E 85 88.31 60.32 -68.04
C LEU E 85 87.48 61.57 -67.80
N LYS E 86 87.04 62.21 -68.89
CA LYS E 86 86.35 63.49 -68.83
C LYS E 86 84.91 63.33 -69.30
N ALA E 87 83.98 63.92 -68.56
CA ALA E 87 82.59 63.95 -68.98
C ALA E 87 82.48 64.47 -70.40
N GLY E 88 81.77 63.71 -71.24
CA GLY E 88 81.55 64.07 -72.62
C GLY E 88 82.49 63.38 -73.60
N GLN E 89 83.65 62.93 -73.16
CA GLN E 89 84.59 62.27 -74.05
C GLN E 89 84.02 60.93 -74.54
N THR E 90 84.53 60.50 -75.70
CA THR E 90 84.31 59.13 -76.17
C THR E 90 85.28 58.18 -75.49
N PHE E 91 84.76 57.02 -75.09
CA PHE E 91 85.56 55.96 -74.49
C PHE E 91 85.04 54.62 -74.99
N THR E 92 85.95 53.68 -75.21
CA THR E 92 85.59 52.41 -75.84
C THR E 92 86.06 51.23 -75.01
N PHE E 93 85.19 50.24 -74.87
CA PHE E 93 85.54 48.95 -74.30
C PHE E 93 85.73 47.96 -75.44
N THR E 94 86.77 47.12 -75.32
CA THR E 94 87.00 46.07 -76.30
C THR E 94 87.02 44.71 -75.59
N THR E 95 86.50 43.70 -76.27
CA THR E 95 86.56 42.31 -75.82
C THR E 95 87.83 41.60 -76.24
N ASP E 96 88.74 42.31 -76.92
CA ASP E 96 90.04 41.77 -77.28
C ASP E 96 90.92 41.79 -76.03
N LYS E 97 91.16 40.61 -75.46
CA LYS E 97 91.89 40.51 -74.20
C LYS E 97 93.37 40.85 -74.31
N SER E 98 93.90 41.02 -75.53
CA SER E 98 95.30 41.40 -75.67
C SER E 98 95.53 42.89 -75.42
N VAL E 99 94.49 43.71 -75.46
CA VAL E 99 94.65 45.16 -75.52
C VAL E 99 95.03 45.74 -74.17
N ILE E 100 96.07 46.57 -74.16
CA ILE E 100 96.44 47.39 -73.00
C ILE E 100 95.78 48.74 -73.18
N GLY E 101 95.10 49.22 -72.13
CA GLY E 101 94.21 50.35 -72.29
C GLY E 101 94.88 51.69 -72.04
N ASN E 102 94.15 52.76 -72.37
CA ASN E 102 94.60 54.13 -72.18
C ASN E 102 93.35 54.99 -71.94
N SER E 103 93.50 56.31 -72.06
CA SER E 103 92.40 57.22 -71.74
C SER E 103 91.28 57.16 -72.75
N GLU E 104 91.41 56.39 -73.83
CA GLU E 104 90.36 56.28 -74.83
C GLU E 104 89.78 54.87 -74.95
N MET E 105 90.48 53.82 -74.51
CA MET E 105 89.94 52.48 -74.66
C MET E 105 90.57 51.58 -73.62
N VAL E 106 89.82 50.55 -73.23
CA VAL E 106 90.32 49.51 -72.34
C VAL E 106 89.60 48.21 -72.69
N ALA E 107 90.26 47.09 -72.40
CA ALA E 107 89.66 45.78 -72.60
C ALA E 107 88.80 45.39 -71.41
N VAL E 108 87.84 44.49 -71.66
CA VAL E 108 87.04 43.87 -70.61
C VAL E 108 87.24 42.36 -70.70
N THR E 109 87.06 41.70 -69.55
CA THR E 109 87.33 40.28 -69.46
C THR E 109 86.24 39.41 -70.08
N TYR E 110 85.09 39.97 -70.45
CA TYR E 110 83.90 39.22 -70.85
C TYR E 110 83.65 39.38 -72.34
N GLU E 111 83.76 38.26 -73.07
CA GLU E 111 83.61 38.30 -74.52
C GLU E 111 82.20 38.67 -74.94
N GLY E 112 81.20 38.37 -74.10
CA GLY E 112 79.83 38.73 -74.41
C GLY E 112 79.46 40.19 -74.22
N PHE E 113 80.45 41.06 -73.93
CA PHE E 113 80.17 42.46 -73.64
C PHE E 113 79.45 43.13 -74.80
N THR E 114 79.94 42.93 -76.02
CA THR E 114 79.31 43.55 -77.18
C THR E 114 77.93 42.96 -77.46
N THR E 115 77.73 41.69 -77.11
CA THR E 115 76.48 41.04 -77.45
C THR E 115 75.36 41.42 -76.49
N ASP E 116 75.66 41.46 -75.19
CA ASP E 116 74.62 41.65 -74.18
C ASP E 116 74.17 43.10 -74.07
N LEU E 117 75.01 44.06 -74.44
CA LEU E 117 74.71 45.47 -74.30
C LEU E 117 73.96 45.96 -75.54
N SER E 118 73.23 47.06 -75.35
CA SER E 118 72.52 47.73 -76.44
C SER E 118 72.88 49.20 -76.44
N VAL E 119 72.70 49.84 -77.60
CA VAL E 119 72.93 51.28 -77.69
C VAL E 119 71.98 51.96 -76.72
N GLY E 120 72.50 52.88 -75.91
CA GLY E 120 71.71 53.57 -74.91
C GLY E 120 71.80 52.99 -73.51
N ASN E 121 72.29 51.76 -73.37
CA ASN E 121 72.45 51.17 -72.04
C ASN E 121 73.49 51.95 -71.24
N THR E 122 73.44 51.77 -69.93
CA THR E 122 74.40 52.40 -69.03
C THR E 122 75.49 51.38 -68.66
N VAL E 123 76.75 51.81 -68.77
CA VAL E 123 77.89 51.06 -68.25
C VAL E 123 78.43 51.83 -67.05
N LEU E 124 78.56 51.15 -65.92
CA LEU E 124 79.14 51.71 -64.70
C LEU E 124 80.46 51.01 -64.43
N VAL E 125 81.48 51.77 -64.04
CA VAL E 125 82.82 51.23 -63.86
C VAL E 125 83.32 51.60 -62.47
N ASP E 126 83.92 50.61 -61.80
CA ASP E 126 84.56 50.79 -60.50
C ASP E 126 83.55 51.17 -59.43
N ASP E 127 82.71 50.21 -58.99
CA ASP E 127 81.71 50.46 -57.94
C ASP E 127 80.87 51.70 -58.27
N GLY E 128 80.53 51.84 -59.55
CA GLY E 128 79.69 52.94 -59.97
C GLY E 128 80.36 54.31 -59.99
N LEU E 129 81.68 54.37 -59.85
CA LEU E 129 82.37 55.65 -59.85
C LEU E 129 82.15 56.41 -61.14
N ILE E 130 82.30 55.74 -62.28
CA ILE E 130 82.23 56.37 -63.58
C ILE E 130 81.09 55.74 -64.37
N GLY E 131 80.16 56.57 -64.82
CA GLY E 131 79.07 56.13 -65.65
C GLY E 131 79.32 56.47 -67.11
N MET E 132 78.81 55.61 -67.99
CA MET E 132 78.93 55.82 -69.43
C MET E 132 77.65 55.37 -70.12
N GLU E 133 77.40 55.94 -71.30
CA GLU E 133 76.27 55.57 -72.14
C GLU E 133 76.78 54.93 -73.42
N VAL E 134 76.29 53.74 -73.74
CA VAL E 134 76.64 53.10 -75.00
C VAL E 134 76.06 53.90 -76.15
N THR E 135 76.93 54.35 -77.06
CA THR E 135 76.49 55.06 -78.25
C THR E 135 76.60 54.23 -79.53
N ALA E 136 77.46 53.24 -79.55
CA ALA E 136 77.60 52.36 -80.70
C ALA E 136 78.28 51.07 -80.27
N ILE E 137 78.00 50.00 -81.02
CA ILE E 137 78.62 48.69 -80.83
C ILE E 137 79.09 48.22 -82.20
N GLU E 138 80.39 48.06 -82.38
CA GLU E 138 80.97 47.71 -83.66
C GLU E 138 82.05 46.65 -83.45
N GLY E 139 81.83 45.46 -84.00
CA GLY E 139 82.86 44.43 -83.89
C GLY E 139 83.03 44.00 -82.45
N ASN E 140 84.28 44.04 -81.97
CA ASN E 140 84.59 43.69 -80.60
C ASN E 140 84.67 44.92 -79.69
N LYS E 141 83.95 45.98 -80.05
CA LYS E 141 84.07 47.27 -79.36
C LYS E 141 82.70 47.81 -78.97
N VAL E 142 82.60 48.28 -77.72
CA VAL E 142 81.43 48.99 -77.23
C VAL E 142 81.86 50.45 -77.06
N ILE E 143 81.35 51.31 -77.93
CA ILE E 143 81.73 52.73 -77.96
C ILE E 143 80.75 53.50 -77.08
N CYS E 144 81.28 54.30 -76.16
CA CYS E 144 80.44 55.01 -75.19
C CYS E 144 80.82 56.48 -75.12
N LYS E 145 79.92 57.27 -74.52
CA LYS E 145 80.20 58.62 -74.08
C LYS E 145 80.29 58.64 -72.56
N VAL E 146 81.36 59.21 -72.03
CA VAL E 146 81.53 59.26 -70.59
C VAL E 146 80.59 60.30 -70.00
N LEU E 147 79.89 59.93 -68.93
CA LEU E 147 78.91 60.83 -68.34
C LEU E 147 79.45 61.67 -67.20
N ASN E 148 80.56 61.27 -66.58
CA ASN E 148 81.12 62.07 -65.50
C ASN E 148 82.62 61.88 -65.41
N ASN E 149 83.27 62.91 -64.86
CA ASN E 149 84.71 62.90 -64.64
C ASN E 149 85.10 61.82 -63.64
N GLY E 150 86.25 61.20 -63.88
CA GLY E 150 86.81 60.24 -62.93
C GLY E 150 88.09 59.64 -63.45
N ASP E 151 88.91 59.15 -62.51
CA ASP E 151 90.11 58.40 -62.87
C ASP E 151 89.80 56.91 -62.94
N LEU E 152 90.13 56.29 -64.07
CA LEU E 152 90.00 54.86 -64.26
C LEU E 152 91.32 54.19 -63.94
N GLY E 153 91.29 53.23 -63.02
CA GLY E 153 92.44 52.42 -62.71
C GLY E 153 92.40 51.09 -63.43
N GLU E 154 93.22 50.16 -62.96
CA GLU E 154 93.33 48.83 -63.54
C GLU E 154 92.35 47.88 -62.88
N ASN E 155 91.80 46.96 -63.68
CA ASN E 155 91.05 45.81 -63.18
C ASN E 155 89.92 46.25 -62.25
N LYS E 156 88.95 46.94 -62.84
CA LYS E 156 87.84 47.51 -62.09
C LYS E 156 86.54 46.82 -62.43
N GLY E 157 85.68 46.67 -61.43
CA GLY E 157 84.40 46.02 -61.67
C GLY E 157 83.52 46.82 -62.60
N VAL E 158 82.75 46.11 -63.44
CA VAL E 158 81.81 46.72 -64.36
C VAL E 158 80.41 46.24 -64.00
N ASN E 159 79.46 47.17 -63.92
CA ASN E 159 78.06 46.85 -63.68
C ASN E 159 77.22 47.37 -64.83
N LEU E 160 76.28 46.54 -65.29
CA LEU E 160 75.40 46.85 -66.42
C LEU E 160 73.95 46.83 -65.93
N PRO E 161 73.49 47.93 -65.34
CA PRO E 161 72.12 47.94 -64.76
C PRO E 161 71.05 47.56 -65.76
N GLY E 162 70.18 46.63 -65.36
CA GLY E 162 69.04 46.22 -66.16
C GLY E 162 69.36 45.29 -67.32
N VAL E 163 70.59 44.84 -67.45
CA VAL E 163 70.98 43.97 -68.57
C VAL E 163 70.99 42.52 -68.12
N SER E 164 70.47 41.64 -68.98
CA SER E 164 70.60 40.19 -68.81
C SER E 164 71.97 39.78 -69.32
N ILE E 165 72.86 39.37 -68.43
CA ILE E 165 74.26 39.08 -68.78
C ILE E 165 74.42 37.58 -68.90
N ALA E 166 74.89 37.13 -70.06
CA ALA E 166 75.09 35.72 -70.34
C ALA E 166 76.41 35.19 -69.81
N LEU E 167 76.79 35.59 -68.60
CA LEU E 167 77.90 34.95 -67.95
C LEU E 167 77.43 33.61 -67.39
N PRO E 168 78.32 32.63 -67.28
CA PRO E 168 77.90 31.34 -66.70
C PRO E 168 77.50 31.49 -65.25
N ALA E 169 76.71 30.52 -64.78
CA ALA E 169 76.32 30.50 -63.38
C ALA E 169 77.54 30.45 -62.47
N LEU E 170 78.55 29.69 -62.88
CA LEU E 170 79.78 29.51 -62.10
C LEU E 170 80.98 29.83 -62.97
N ALA E 171 81.89 30.65 -62.45
CA ALA E 171 83.21 30.76 -63.06
C ALA E 171 83.97 29.45 -62.86
N GLU E 172 85.00 29.24 -63.67
CA GLU E 172 85.74 27.99 -63.55
C GLU E 172 86.37 27.84 -62.17
N LYS E 173 86.91 28.94 -61.62
CA LYS E 173 87.41 28.90 -60.26
C LYS E 173 86.31 28.51 -59.29
N ASP E 174 85.08 28.96 -59.54
CA ASP E 174 83.97 28.62 -58.66
C ASP E 174 83.73 27.12 -58.63
N LYS E 175 83.80 26.46 -59.78
CA LYS E 175 83.56 25.02 -59.83
C LYS E 175 84.60 24.28 -58.99
N GLN E 176 85.87 24.67 -59.11
CA GLN E 176 86.92 24.09 -58.27
C GLN E 176 86.68 24.38 -56.79
N ASP E 177 86.35 25.65 -56.48
CA ASP E 177 86.12 26.04 -55.09
C ASP E 177 84.97 25.24 -54.48
N LEU E 178 83.92 24.97 -55.26
CA LEU E 178 82.81 24.21 -54.71
C LEU E 178 83.20 22.77 -54.43
N ILE E 179 84.10 22.20 -55.24
CA ILE E 179 84.59 20.85 -54.95
C ILE E 179 85.33 20.84 -53.62
N PHE E 180 86.18 21.84 -53.41
CA PHE E 180 86.80 22.05 -52.10
C PHE E 180 85.75 22.16 -51.01
N GLY E 181 84.67 22.90 -51.25
CA GLY E 181 83.61 22.98 -50.28
C GLY E 181 83.04 21.63 -49.91
N CYS E 182 82.80 20.79 -50.93
CA CYS E 182 82.32 19.44 -50.67
C CYS E 182 83.37 18.62 -49.92
N GLU E 183 84.63 18.73 -50.35
CA GLU E 183 85.70 18.02 -49.65
C GLU E 183 85.70 18.37 -48.17
N GLN E 184 85.51 19.65 -47.86
CA GLN E 184 85.60 20.14 -46.49
C GLN E 184 84.31 19.97 -45.71
N GLY E 185 83.23 19.57 -46.37
CA GLY E 185 81.96 19.38 -45.69
C GLY E 185 81.38 20.67 -45.16
N VAL E 186 81.46 21.75 -45.93
CA VAL E 186 80.87 23.00 -45.48
C VAL E 186 79.35 22.84 -45.38
N ASP E 187 78.74 23.71 -44.60
CA ASP E 187 77.31 23.59 -44.34
C ASP E 187 76.48 24.37 -45.34
N PHE E 188 77.00 25.48 -45.83
CA PHE E 188 76.31 26.36 -46.75
C PHE E 188 77.27 26.77 -47.87
N VAL E 189 76.71 26.99 -49.05
CA VAL E 189 77.39 27.68 -50.12
C VAL E 189 76.57 28.92 -50.45
N ALA E 190 77.18 30.10 -50.35
CA ALA E 190 76.59 31.34 -50.83
C ALA E 190 77.08 31.55 -52.27
N ALA E 191 76.16 31.46 -53.23
CA ALA E 191 76.49 31.50 -54.65
C ALA E 191 76.27 32.92 -55.16
N SER E 192 77.32 33.51 -55.73
CA SER E 192 77.28 34.91 -56.16
C SER E 192 76.51 35.09 -57.46
N PHE E 193 75.90 36.26 -57.61
CA PHE E 193 75.38 36.76 -58.90
C PHE E 193 74.35 35.82 -59.51
N ILE E 194 73.41 35.37 -58.68
CA ILE E 194 72.35 34.47 -59.14
C ILE E 194 71.30 35.32 -59.86
N ARG E 195 71.05 34.97 -61.12
CA ARG E 195 70.17 35.76 -61.97
C ARG E 195 68.89 35.05 -62.36
N LYS E 196 68.84 33.72 -62.25
CA LYS E 196 67.71 32.96 -62.74
C LYS E 196 67.74 31.56 -62.12
N ARG E 197 66.59 30.90 -62.21
CA ARG E 197 66.43 29.59 -61.57
C ARG E 197 67.47 28.59 -62.07
N SER E 198 67.78 28.63 -63.35
CA SER E 198 68.70 27.67 -63.90
C SER E 198 70.11 27.80 -63.33
N ASP E 199 70.50 29.00 -62.91
CA ASP E 199 71.79 29.16 -62.25
C ASP E 199 71.84 28.32 -60.98
N VAL E 200 70.75 28.35 -60.19
CA VAL E 200 70.71 27.60 -58.95
C VAL E 200 70.78 26.11 -59.22
N ILE E 201 70.00 25.66 -60.20
CA ILE E 201 69.95 24.23 -60.53
C ILE E 201 71.33 23.75 -60.92
N GLU E 202 72.06 24.53 -61.71
CA GLU E 202 73.43 24.16 -62.09
C GLU E 202 74.32 24.01 -60.85
N ILE E 203 74.25 24.97 -59.92
CA ILE E 203 74.99 24.85 -58.67
C ILE E 203 74.57 23.59 -57.91
N ARG E 204 73.27 23.33 -57.84
CA ARG E 204 72.77 22.15 -57.11
C ARG E 204 73.32 20.87 -57.72
N GLU E 205 73.33 20.77 -59.05
CA GLU E 205 73.83 19.57 -59.69
C GLU E 205 75.34 19.41 -59.49
N HIS E 206 76.08 20.52 -59.47
CA HIS E 206 77.52 20.45 -59.27
C HIS E 206 77.85 19.96 -57.87
N LEU E 207 77.13 20.44 -56.86
CA LEU E 207 77.34 19.93 -55.51
C LEU E 207 76.95 18.46 -55.42
N LYS E 208 75.86 18.07 -56.10
CA LYS E 208 75.41 16.69 -56.03
C LYS E 208 76.41 15.74 -56.64
N ALA E 209 77.11 16.19 -57.70
CA ALA E 209 78.09 15.37 -58.36
C ALA E 209 79.36 15.19 -57.53
N HIS E 210 79.52 15.92 -56.43
CA HIS E 210 80.71 15.78 -55.60
C HIS E 210 80.34 15.51 -54.15
N GLY E 211 79.20 14.86 -53.93
CA GLY E 211 78.81 14.43 -52.61
C GLY E 211 78.26 15.49 -51.69
N GLY E 212 77.86 16.65 -52.24
CA GLY E 212 77.38 17.75 -51.43
C GLY E 212 75.89 17.99 -51.50
N GLU E 213 75.11 16.94 -51.76
CA GLU E 213 73.67 17.10 -51.91
C GLU E 213 73.01 17.69 -50.66
N ASN E 214 73.62 17.50 -49.49
CA ASN E 214 73.06 18.00 -48.26
C ASN E 214 73.57 19.39 -47.89
N ILE E 215 74.40 20.00 -48.72
CA ILE E 215 74.83 21.38 -48.49
C ILE E 215 73.73 22.32 -48.96
N HIS E 216 73.41 23.31 -48.14
CA HIS E 216 72.36 24.26 -48.47
C HIS E 216 72.91 25.39 -49.32
N ILE E 217 72.16 25.73 -50.36
CA ILE E 217 72.55 26.77 -51.31
C ILE E 217 71.85 28.07 -50.92
N ILE E 218 72.65 29.10 -50.62
CA ILE E 218 72.17 30.45 -50.34
C ILE E 218 72.44 31.29 -51.58
N SER E 219 71.40 31.65 -52.31
CA SER E 219 71.58 32.44 -53.53
C SER E 219 71.73 33.92 -53.19
N LYS E 220 72.78 34.55 -53.72
CA LYS E 220 72.98 35.98 -53.55
C LYS E 220 72.24 36.76 -54.63
N ILE E 221 71.37 37.67 -54.23
CA ILE E 221 70.62 38.51 -55.15
C ILE E 221 71.33 39.86 -55.24
N GLU E 222 71.90 40.16 -56.41
CA GLU E 222 72.77 41.32 -56.56
C GLU E 222 72.38 42.27 -57.67
N ASN E 223 71.42 41.93 -58.52
CA ASN E 223 71.07 42.83 -59.61
C ASN E 223 69.60 42.72 -59.96
N GLN E 224 69.21 43.48 -60.98
CA GLN E 224 67.79 43.57 -61.34
C GLN E 224 67.26 42.24 -61.86
N GLU E 225 68.03 41.54 -62.69
CA GLU E 225 67.56 40.27 -63.24
C GLU E 225 67.23 39.29 -62.12
N GLY E 226 68.14 39.15 -61.14
CA GLY E 226 67.86 38.30 -60.00
C GLY E 226 66.63 38.74 -59.23
N LEU E 227 66.46 40.06 -59.09
CA LEU E 227 65.24 40.57 -58.46
C LEU E 227 64.00 40.19 -59.27
N ASN E 228 64.06 40.33 -60.61
CA ASN E 228 62.89 39.98 -61.41
C ASN E 228 62.55 38.51 -61.27
N ASN E 229 63.56 37.64 -61.20
CA ASN E 229 63.35 36.19 -61.12
C ASN E 229 63.38 35.69 -59.69
N PHE E 230 63.16 36.57 -58.71
CA PHE E 230 63.41 36.18 -57.33
C PHE E 230 62.58 34.96 -56.92
N ASP E 231 61.29 34.95 -57.24
CA ASP E 231 60.42 33.87 -56.78
C ASP E 231 60.91 32.51 -57.25
N GLU E 232 61.29 32.39 -58.52
CA GLU E 232 61.84 31.13 -58.99
C GLU E 232 63.18 30.82 -58.35
N ILE E 233 64.02 31.84 -58.12
CA ILE E 233 65.31 31.61 -57.47
C ILE E 233 65.11 31.08 -56.07
N LEU E 234 64.26 31.74 -55.27
CA LEU E 234 64.00 31.29 -53.90
C LEU E 234 63.46 29.86 -53.88
N GLU E 235 62.54 29.54 -54.79
CA GLU E 235 61.96 28.20 -54.83
C GLU E 235 63.04 27.13 -54.97
N ALA E 236 64.04 27.39 -55.81
CA ALA E 236 65.10 26.42 -56.06
C ALA E 236 66.23 26.45 -55.04
N SER E 237 66.31 27.49 -54.23
CA SER E 237 67.39 27.64 -53.26
C SER E 237 66.93 27.23 -51.85
N ASP E 238 67.89 27.13 -50.95
CA ASP E 238 67.61 26.95 -49.53
C ASP E 238 67.55 28.26 -48.77
N GLY E 239 68.04 29.34 -49.37
CA GLY E 239 68.03 30.62 -48.69
C GLY E 239 68.52 31.69 -49.62
N ILE E 240 68.58 32.92 -49.09
CA ILE E 240 68.89 34.11 -49.84
C ILE E 240 69.89 34.95 -49.05
N MET E 241 70.86 35.51 -49.75
CA MET E 241 71.73 36.54 -49.21
C MET E 241 71.38 37.84 -49.93
N VAL E 242 70.93 38.84 -49.16
CA VAL E 242 70.59 40.15 -49.71
C VAL E 242 71.87 40.96 -49.76
N ALA E 243 72.42 41.16 -50.97
CA ALA E 243 73.66 41.89 -51.16
C ALA E 243 73.33 43.34 -51.47
N ARG E 244 73.10 44.11 -50.39
CA ARG E 244 72.60 45.47 -50.54
C ARG E 244 73.59 46.34 -51.34
N GLY E 245 74.88 46.19 -51.07
CA GLY E 245 75.88 47.00 -51.75
C GLY E 245 75.82 46.87 -53.25
N ASP E 246 75.71 45.63 -53.74
CA ASP E 246 75.65 45.39 -55.17
C ASP E 246 74.35 45.92 -55.76
N LEU E 247 73.22 45.68 -55.09
CA LEU E 247 71.95 46.20 -55.55
C LEU E 247 71.98 47.72 -55.67
N GLY E 248 72.72 48.39 -54.78
CA GLY E 248 72.82 49.84 -54.82
C GLY E 248 73.46 50.36 -56.09
N VAL E 249 74.31 49.54 -56.74
CA VAL E 249 74.90 49.97 -58.00
C VAL E 249 74.10 49.49 -59.22
N GLU E 250 73.06 48.66 -59.01
CA GLU E 250 72.39 47.99 -60.10
C GLU E 250 70.94 48.40 -60.32
N ILE E 251 70.28 48.95 -59.30
CA ILE E 251 68.87 49.32 -59.44
C ILE E 251 68.69 50.72 -58.88
N PRO E 252 67.56 51.37 -59.19
CA PRO E 252 67.31 52.71 -58.64
C PRO E 252 67.43 52.71 -57.14
N VAL E 253 68.16 53.70 -56.61
CA VAL E 253 68.55 53.66 -55.20
C VAL E 253 67.33 53.60 -54.29
N GLU E 254 66.22 54.23 -54.69
CA GLU E 254 65.02 54.18 -53.85
C GLU E 254 64.34 52.80 -53.86
N GLU E 255 64.74 51.88 -54.74
CA GLU E 255 64.19 50.54 -54.75
C GLU E 255 64.91 49.59 -53.79
N VAL E 256 66.13 49.91 -53.38
CA VAL E 256 66.96 48.93 -52.67
C VAL E 256 66.30 48.52 -51.36
N ILE E 257 65.72 49.47 -50.64
CA ILE E 257 65.14 49.19 -49.34
C ILE E 257 63.99 48.20 -49.48
N PHE E 258 63.16 48.35 -50.50
CA PHE E 258 62.01 47.49 -50.66
C PHE E 258 62.39 46.14 -51.25
N ALA E 259 63.47 46.09 -52.04
CA ALA E 259 64.02 44.81 -52.46
C ALA E 259 64.44 43.97 -51.26
N GLN E 260 65.13 44.60 -50.29
CA GLN E 260 65.49 43.91 -49.07
C GLN E 260 64.26 43.45 -48.30
N LYS E 261 63.34 44.37 -48.02
CA LYS E 261 62.17 44.02 -47.22
C LYS E 261 61.33 42.94 -47.90
N MET E 262 61.14 43.05 -49.22
CA MET E 262 60.36 42.04 -49.92
C MET E 262 61.02 40.67 -49.88
N MET E 263 62.33 40.62 -50.12
CA MET E 263 63.04 39.34 -50.14
C MET E 263 63.05 38.69 -48.76
N ILE E 264 63.22 39.48 -47.70
CA ILE E 264 63.14 38.94 -46.36
C ILE E 264 61.75 38.35 -46.10
N GLU E 265 60.71 39.12 -46.42
CA GLU E 265 59.33 38.66 -46.19
C GLU E 265 59.04 37.37 -46.95
N LYS E 266 59.49 37.28 -48.19
CA LYS E 266 59.23 36.06 -48.96
C LYS E 266 60.02 34.87 -48.41
N CYS E 267 61.27 35.11 -47.98
CA CYS E 267 62.02 34.04 -47.34
C CYS E 267 61.33 33.54 -46.07
N ILE E 268 60.82 34.46 -45.26
CA ILE E 268 60.08 34.09 -44.06
C ILE E 268 58.91 33.18 -44.41
N ARG E 269 58.11 33.59 -45.40
CA ARG E 269 56.95 32.79 -45.76
C ARG E 269 57.35 31.43 -46.32
N ALA E 270 58.48 31.36 -47.02
CA ALA E 270 58.97 30.11 -47.59
C ALA E 270 59.67 29.24 -46.55
N ARG E 271 59.79 29.71 -45.30
CA ARG E 271 60.50 28.96 -44.25
C ARG E 271 61.95 28.73 -44.64
N LYS E 272 62.56 29.75 -45.26
CA LYS E 272 63.93 29.63 -45.77
C LYS E 272 64.78 30.77 -45.21
N VAL E 273 66.01 30.43 -44.83
CA VAL E 273 66.88 31.34 -44.10
C VAL E 273 67.28 32.50 -45.01
N VAL E 274 67.39 33.68 -44.41
CA VAL E 274 67.80 34.88 -45.14
C VAL E 274 68.86 35.62 -44.34
N ILE E 275 69.91 36.05 -45.04
CA ILE E 275 71.04 36.78 -44.48
C ILE E 275 71.06 38.17 -45.09
N THR E 276 71.16 39.19 -44.22
CA THR E 276 71.36 40.57 -44.67
C THR E 276 72.86 40.85 -44.65
N ALA E 277 73.41 41.30 -45.77
CA ALA E 277 74.86 41.38 -45.92
C ALA E 277 75.32 42.58 -46.73
N THR E 278 76.61 42.88 -46.54
CA THR E 278 77.34 44.02 -47.10
C THR E 278 76.93 45.33 -46.42
N GLN E 279 77.88 46.24 -46.27
CA GLN E 279 77.67 47.59 -45.74
C GLN E 279 76.88 47.56 -44.44
N MET E 280 77.31 46.70 -43.52
CA MET E 280 76.64 46.57 -42.22
C MET E 280 77.35 47.45 -41.20
N LEU E 281 78.57 47.09 -40.82
CA LEU E 281 79.37 47.87 -39.89
C LEU E 281 80.73 48.21 -40.47
N ASP E 282 80.77 48.55 -41.77
CA ASP E 282 82.05 48.65 -42.46
C ASP E 282 82.98 49.69 -41.83
N SER E 283 82.42 50.75 -41.23
CA SER E 283 83.27 51.75 -40.62
C SER E 283 84.14 51.17 -39.53
N MET E 284 83.77 50.02 -38.97
CA MET E 284 84.55 49.40 -37.91
C MET E 284 85.78 48.66 -38.42
N ILE E 285 85.98 48.63 -39.74
CA ILE E 285 87.27 48.21 -40.27
C ILE E 285 88.37 49.07 -39.66
N LYS E 286 88.09 50.36 -39.45
CA LYS E 286 89.07 51.28 -38.92
C LYS E 286 88.68 51.93 -37.59
N ASN E 287 87.42 51.88 -37.18
CA ASN E 287 87.08 52.54 -35.92
C ASN E 287 86.56 51.51 -34.91
N PRO E 288 86.76 51.74 -33.61
CA PRO E 288 86.30 50.76 -32.60
C PRO E 288 84.81 50.81 -32.29
N ARG E 289 84.08 51.79 -32.82
CA ARG E 289 82.64 51.87 -32.68
C ARG E 289 82.03 52.11 -34.05
N PRO E 290 80.77 51.70 -34.25
CA PRO E 290 80.07 51.96 -35.52
C PRO E 290 79.39 53.33 -35.47
N THR E 291 78.94 53.77 -36.64
CA THR E 291 78.13 54.99 -36.70
C THR E 291 76.69 54.67 -36.30
N ARG E 292 75.99 55.72 -35.88
CA ARG E 292 74.56 55.61 -35.58
C ARG E 292 73.80 55.09 -36.78
N ALA E 293 74.12 55.60 -37.98
CA ALA E 293 73.44 55.15 -39.19
C ALA E 293 73.61 53.65 -39.39
N GLU E 294 74.84 53.13 -39.21
CA GLU E 294 75.09 51.70 -39.40
C GLU E 294 74.27 50.88 -38.41
N ALA E 295 74.28 51.29 -37.13
CA ALA E 295 73.53 50.54 -36.12
C ALA E 295 72.04 50.53 -36.44
N GLY E 296 71.50 51.66 -36.91
CA GLY E 296 70.11 51.71 -37.32
C GLY E 296 69.81 50.82 -38.53
N ASP E 297 70.70 50.84 -39.52
CA ASP E 297 70.54 49.96 -40.68
C ASP E 297 70.44 48.50 -40.25
N VAL E 298 71.38 48.07 -39.40
CA VAL E 298 71.37 46.69 -38.92
C VAL E 298 70.08 46.39 -38.19
N ALA E 299 69.69 47.27 -37.26
CA ALA E 299 68.51 47.04 -36.45
C ALA E 299 67.24 46.94 -37.31
N ASN E 300 67.12 47.82 -38.31
CA ASN E 300 65.94 47.76 -39.17
C ASN E 300 65.92 46.48 -40.01
N SER E 301 67.09 45.97 -40.41
CA SER E 301 67.12 44.67 -41.08
C SER E 301 66.62 43.56 -40.17
N ILE E 302 66.91 43.66 -38.86
CA ILE E 302 66.42 42.68 -37.91
C ILE E 302 64.91 42.81 -37.74
N LEU E 303 64.42 44.05 -37.61
CA LEU E 303 62.99 44.27 -37.52
C LEU E 303 62.27 43.83 -38.79
N ASP E 304 62.94 43.97 -39.94
CA ASP E 304 62.40 43.43 -41.18
C ASP E 304 62.14 41.94 -41.05
N GLY E 305 62.97 41.23 -40.27
CA GLY E 305 62.77 39.81 -40.02
C GLY E 305 63.89 38.90 -40.47
N THR E 306 65.07 39.45 -40.73
CA THR E 306 66.19 38.65 -41.19
C THR E 306 66.57 37.60 -40.15
N ASP E 307 66.95 36.41 -40.64
CA ASP E 307 67.51 35.39 -39.75
C ASP E 307 68.86 35.79 -39.20
N ALA E 308 69.67 36.43 -40.03
CA ALA E 308 71.07 36.63 -39.72
C ALA E 308 71.59 37.91 -40.34
N VAL E 309 72.59 38.48 -39.69
CA VAL E 309 73.31 39.66 -40.11
C VAL E 309 74.77 39.25 -40.28
N MET E 310 75.47 39.89 -41.22
CA MET E 310 76.79 39.42 -41.60
C MET E 310 77.85 40.52 -41.49
N LEU E 311 79.01 40.15 -40.94
CA LEU E 311 80.18 41.03 -40.97
C LEU E 311 81.12 40.56 -42.08
N SER E 312 81.67 41.52 -42.81
CA SER E 312 82.62 41.22 -43.88
C SER E 312 84.02 41.65 -43.46
N GLY E 313 84.52 42.74 -44.06
CA GLY E 313 85.84 43.23 -43.70
C GLY E 313 86.01 43.51 -42.22
N GLU E 314 84.93 43.93 -41.56
CA GLU E 314 85.02 44.29 -40.16
C GLU E 314 85.61 43.16 -39.33
N SER E 315 85.30 41.91 -39.69
CA SER E 315 85.75 40.75 -38.93
C SER E 315 86.88 39.98 -39.61
N ALA E 316 87.11 40.18 -40.90
CA ALA E 316 88.11 39.40 -41.63
C ALA E 316 89.48 40.08 -41.59
N LYS E 317 89.53 41.39 -41.85
CA LYS E 317 90.79 42.10 -41.96
C LYS E 317 90.86 43.38 -41.13
N GLY E 318 89.77 43.77 -40.48
CA GLY E 318 89.69 45.05 -39.78
C GLY E 318 90.51 45.08 -38.50
N LYS E 319 90.57 46.27 -37.91
CA LYS E 319 91.37 46.47 -36.71
C LYS E 319 90.62 46.12 -35.42
N TYR E 320 89.29 46.04 -35.46
CA TYR E 320 88.49 45.84 -34.25
C TYR E 320 87.47 44.73 -34.47
N PRO E 321 87.91 43.53 -34.82
CA PRO E 321 86.95 42.44 -35.08
C PRO E 321 86.10 42.07 -33.87
N LEU E 322 86.70 41.94 -32.69
CA LEU E 322 85.92 41.54 -31.51
C LEU E 322 84.93 42.64 -31.11
N GLU E 323 85.35 43.90 -31.23
CA GLU E 323 84.42 45.00 -30.97
C GLU E 323 83.24 44.95 -31.93
N ALA E 324 83.51 44.66 -33.20
CA ALA E 324 82.45 44.63 -34.20
C ALA E 324 81.44 43.53 -33.90
N VAL E 325 81.92 42.33 -33.57
CA VAL E 325 81.02 41.24 -33.22
C VAL E 325 80.22 41.61 -31.97
N SER E 326 80.88 42.21 -30.99
CA SER E 326 80.23 42.49 -29.71
C SER E 326 79.11 43.51 -29.86
N ILE E 327 79.37 44.61 -30.58
CA ILE E 327 78.31 45.60 -30.77
C ILE E 327 77.23 45.04 -31.70
N MET E 328 77.60 44.21 -32.67
CA MET E 328 76.58 43.54 -33.48
C MET E 328 75.66 42.70 -32.59
N ALA E 329 76.22 41.92 -31.67
CA ALA E 329 75.41 41.12 -30.77
C ALA E 329 74.56 42.00 -29.88
N THR E 330 75.12 43.12 -29.41
CA THR E 330 74.32 44.05 -28.62
C THR E 330 73.14 44.58 -29.42
N ILE E 331 73.39 44.95 -30.68
CA ILE E 331 72.29 45.42 -31.53
C ILE E 331 71.25 44.33 -31.70
N CYS E 332 71.70 43.10 -31.96
CA CYS E 332 70.77 41.99 -32.15
C CYS E 332 69.88 41.82 -30.93
N GLU E 333 70.49 41.63 -29.75
CA GLU E 333 69.69 41.42 -28.53
C GLU E 333 68.75 42.58 -28.29
N ARG E 334 69.24 43.81 -28.47
CA ARG E 334 68.41 44.98 -28.21
C ARG E 334 67.19 45.01 -29.14
N THR E 335 67.35 44.56 -30.39
CA THR E 335 66.27 44.62 -31.36
C THR E 335 65.35 43.41 -31.24
N ASP E 336 65.95 42.23 -31.14
CA ASP E 336 65.16 41.02 -30.89
C ASP E 336 64.25 41.20 -29.68
N ARG E 337 64.73 41.94 -28.67
CA ARG E 337 64.01 42.18 -27.41
C ARG E 337 62.62 42.77 -27.59
N VAL E 338 62.39 43.57 -28.62
CA VAL E 338 61.12 44.28 -28.74
C VAL E 338 60.27 43.75 -29.89
N MET E 339 60.67 42.64 -30.51
CA MET E 339 59.90 42.08 -31.61
C MET E 339 58.81 41.17 -31.08
N ASN E 340 57.71 41.10 -31.82
CA ASN E 340 56.58 40.28 -31.43
C ASN E 340 56.42 39.13 -32.41
N SER E 341 55.68 38.11 -31.97
CA SER E 341 55.32 37.00 -32.85
C SER E 341 54.44 37.51 -33.99
N ARG E 342 54.41 36.73 -35.07
CA ARG E 342 53.60 37.01 -36.25
C ARG E 342 52.75 35.76 -36.47
N LEU E 343 51.53 35.77 -35.94
CA LEU E 343 50.72 34.56 -35.87
C LEU E 343 49.76 34.41 -37.04
N GLU E 344 49.72 35.37 -37.95
CA GLU E 344 48.78 35.32 -39.06
C GLU E 344 49.12 34.19 -40.03
N ARG E 353 47.98 24.03 -45.31
CA ARG E 353 48.62 22.71 -45.27
C ARG E 353 48.99 22.33 -43.84
N ILE E 354 49.37 21.07 -43.64
CA ILE E 354 49.39 20.49 -42.30
C ILE E 354 50.58 21.02 -41.49
N THR E 355 51.78 20.97 -42.03
CA THR E 355 52.95 21.47 -41.30
C THR E 355 52.70 22.89 -40.80
N GLU E 356 52.21 23.76 -41.67
CA GLU E 356 52.01 25.16 -41.30
C GLU E 356 50.90 25.31 -40.27
N ALA E 357 49.79 24.57 -40.41
CA ALA E 357 48.73 24.63 -39.42
C ALA E 357 49.25 24.21 -38.04
N VAL E 358 50.04 23.14 -37.98
CA VAL E 358 50.53 22.64 -36.70
C VAL E 358 51.56 23.58 -36.10
N CYS E 359 52.51 24.04 -36.91
CA CYS E 359 53.58 24.87 -36.37
C CYS E 359 53.07 26.23 -35.95
N ARG E 360 52.17 26.82 -36.75
CA ARG E 360 51.55 28.08 -36.35
C ARG E 360 50.77 27.89 -35.06
N GLY E 361 50.05 26.77 -34.94
CA GLY E 361 49.30 26.50 -33.71
C GLY E 361 50.20 26.24 -32.53
N ALA E 362 51.32 25.57 -32.75
CA ALA E 362 52.27 25.34 -31.66
C ALA E 362 52.80 26.65 -31.11
N VAL E 363 53.10 27.61 -31.98
CA VAL E 363 53.61 28.89 -31.50
C VAL E 363 52.52 29.64 -30.75
N GLU E 364 51.28 29.63 -31.27
CA GLU E 364 50.20 30.28 -30.55
C GLU E 364 49.96 29.62 -29.20
N THR E 365 49.99 28.30 -29.15
CA THR E 365 49.84 27.60 -27.87
C THR E 365 50.96 28.00 -26.90
N ALA E 366 52.20 28.03 -27.38
CA ALA E 366 53.32 28.41 -26.52
C ALA E 366 53.12 29.80 -25.94
N GLU E 367 52.71 30.74 -26.79
CA GLU E 367 52.48 32.12 -26.35
C GLU E 367 51.37 32.19 -25.32
N LYS E 368 50.25 31.52 -25.58
CA LYS E 368 49.12 31.57 -24.66
C LYS E 368 49.47 30.97 -23.30
N LEU E 369 50.39 30.00 -23.27
CA LEU E 369 50.77 29.35 -22.02
C LEU E 369 52.10 29.86 -21.48
N ASP E 370 52.64 30.94 -22.04
CA ASP E 370 53.88 31.54 -21.55
C ASP E 370 55.02 30.54 -21.51
N ALA E 371 55.10 29.70 -22.53
CA ALA E 371 56.15 28.69 -22.60
C ALA E 371 57.46 29.32 -23.05
N PRO E 372 58.56 29.14 -22.31
CA PRO E 372 59.84 29.69 -22.75
C PRO E 372 60.49 28.92 -23.87
N LEU E 373 59.99 27.73 -24.22
CA LEU E 373 60.73 26.85 -25.11
C LEU E 373 59.78 25.99 -25.93
N ILE E 374 60.06 25.91 -27.22
CA ILE E 374 59.45 24.95 -28.13
C ILE E 374 60.54 23.96 -28.51
N VAL E 375 60.31 22.68 -28.20
CA VAL E 375 61.24 21.60 -28.51
C VAL E 375 60.75 20.92 -29.78
N VAL E 376 61.63 20.78 -30.76
CA VAL E 376 61.27 20.25 -32.07
C VAL E 376 62.16 19.06 -32.39
N ALA E 377 61.54 17.99 -32.89
CA ALA E 377 62.27 16.86 -33.46
C ALA E 377 62.36 17.09 -34.97
N THR E 378 63.57 16.96 -35.52
CA THR E 378 63.77 17.27 -36.93
C THR E 378 64.95 16.48 -37.46
N GLN E 379 64.83 16.01 -38.69
CA GLN E 379 65.96 15.37 -39.37
C GLN E 379 66.59 16.28 -40.42
N GLY E 380 65.78 16.95 -41.23
CA GLY E 380 66.28 17.83 -42.26
C GLY E 380 66.27 19.30 -41.90
N GLY E 381 65.66 19.63 -40.76
CA GLY E 381 65.59 20.99 -40.27
C GLY E 381 64.30 21.72 -40.56
N LYS E 382 63.40 21.12 -41.35
CA LYS E 382 62.21 21.84 -41.79
C LYS E 382 61.28 22.20 -40.63
N SER E 383 61.09 21.30 -39.68
CA SER E 383 60.17 21.60 -38.59
C SER E 383 60.66 22.77 -37.74
N ALA E 384 61.97 22.87 -37.54
CA ALA E 384 62.52 24.00 -36.79
C ALA E 384 62.31 25.30 -37.55
N ARG E 385 62.57 25.28 -38.87
CA ARG E 385 62.38 26.46 -39.69
C ARG E 385 60.91 26.81 -39.82
N ALA E 386 60.03 25.80 -39.79
CA ALA E 386 58.59 26.08 -39.87
C ALA E 386 58.07 26.78 -38.62
N VAL E 387 58.62 26.43 -37.45
CA VAL E 387 58.23 27.12 -36.22
C VAL E 387 58.78 28.55 -36.19
N ARG E 388 60.03 28.74 -36.62
CA ARG E 388 60.64 30.07 -36.60
C ARG E 388 59.90 31.05 -37.50
N LYS E 389 59.17 30.56 -38.51
CA LYS E 389 58.46 31.47 -39.41
C LYS E 389 57.55 32.42 -38.67
N TYR E 390 57.02 32.02 -37.52
CA TYR E 390 56.06 32.84 -36.80
C TYR E 390 56.72 33.66 -35.70
N PHE E 391 58.06 33.73 -35.71
CA PHE E 391 58.82 34.56 -34.78
C PHE E 391 58.40 34.32 -33.33
N PRO E 392 58.45 33.07 -32.87
CA PRO E 392 58.04 32.78 -31.49
C PRO E 392 58.84 33.59 -30.48
N ASP E 393 58.17 33.99 -29.39
CA ASP E 393 58.90 34.53 -28.24
C ASP E 393 59.82 33.47 -27.66
N ALA E 394 59.37 32.22 -27.67
CA ALA E 394 60.14 31.12 -27.09
C ALA E 394 61.35 30.79 -27.97
N THR E 395 62.43 30.35 -27.30
CA THR E 395 63.53 29.73 -28.01
C THR E 395 63.09 28.40 -28.61
N ILE E 396 63.73 28.02 -29.72
CA ILE E 396 63.48 26.75 -30.38
C ILE E 396 64.68 25.83 -30.11
N LEU E 397 64.43 24.74 -29.39
CA LEU E 397 65.44 23.71 -29.17
C LEU E 397 65.17 22.57 -30.14
N ALA E 398 66.06 22.40 -31.12
CA ALA E 398 65.85 21.45 -32.20
C ALA E 398 66.71 20.22 -31.97
N LEU E 399 66.06 19.09 -31.78
CA LEU E 399 66.73 17.82 -31.55
C LEU E 399 66.81 17.07 -32.88
N THR E 400 68.02 16.63 -33.24
CA THR E 400 68.25 15.95 -34.51
C THR E 400 69.35 14.91 -34.33
N THR E 401 69.28 13.85 -35.12
CA THR E 401 70.37 12.89 -35.26
C THR E 401 71.28 13.26 -36.43
N ASN E 402 70.93 14.29 -37.20
CA ASN E 402 71.62 14.66 -38.43
C ASN E 402 72.60 15.79 -38.12
N GLU E 403 73.90 15.49 -38.21
CA GLU E 403 74.94 16.46 -37.85
C GLU E 403 74.93 17.68 -38.74
N LYS E 404 74.68 17.47 -40.02
CA LYS E 404 74.64 18.55 -40.99
C LYS E 404 73.48 19.48 -40.67
N THR E 405 72.29 18.93 -40.35
CA THR E 405 71.15 19.73 -39.93
C THR E 405 71.47 20.53 -38.68
N ALA E 406 72.11 19.91 -37.69
CA ALA E 406 72.47 20.62 -36.47
C ALA E 406 73.31 21.86 -36.76
N HIS E 407 74.29 21.74 -37.65
CA HIS E 407 75.12 22.88 -38.02
C HIS E 407 74.33 23.89 -38.83
N GLN E 408 73.52 23.42 -39.79
CA GLN E 408 72.79 24.36 -40.63
C GLN E 408 71.77 25.16 -39.83
N LEU E 409 71.19 24.56 -38.80
CA LEU E 409 70.19 25.26 -38.00
C LEU E 409 70.81 26.39 -37.18
N VAL E 410 72.13 26.42 -37.01
CA VAL E 410 72.77 27.50 -36.30
C VAL E 410 72.51 28.84 -36.98
N LEU E 411 72.22 28.83 -38.27
CA LEU E 411 71.96 30.06 -39.02
C LEU E 411 70.52 30.54 -38.89
N SER E 412 69.59 29.67 -38.48
CA SER E 412 68.18 30.04 -38.43
C SER E 412 67.88 30.79 -37.15
N LYS E 413 67.07 31.84 -37.27
CA LYS E 413 66.83 32.74 -36.15
C LYS E 413 66.22 32.00 -34.95
N GLY E 414 66.84 32.19 -33.79
CA GLY E 414 66.30 31.72 -32.54
C GLY E 414 66.29 30.22 -32.36
N VAL E 415 67.11 29.48 -33.10
CA VAL E 415 67.13 28.02 -33.01
C VAL E 415 68.42 27.59 -32.33
N VAL E 416 68.29 26.74 -31.32
CA VAL E 416 69.40 26.09 -30.64
C VAL E 416 69.40 24.62 -31.06
N PRO E 417 70.36 24.17 -31.87
CA PRO E 417 70.39 22.75 -32.25
C PRO E 417 70.99 21.89 -31.15
N GLN E 418 70.58 20.61 -31.11
CA GLN E 418 71.12 19.67 -30.12
C GLN E 418 71.17 18.35 -30.84
N LEU E 419 72.36 17.77 -31.04
CA LEU E 419 72.49 16.44 -31.63
C LEU E 419 72.16 15.38 -30.59
N VAL E 420 71.35 14.39 -30.96
CA VAL E 420 70.95 13.28 -30.10
C VAL E 420 71.17 12.00 -30.87
N LYS E 421 71.37 10.92 -30.11
CA LYS E 421 71.72 9.65 -30.71
C LYS E 421 70.56 9.10 -31.51
N GLU E 422 69.34 9.28 -31.03
CA GLU E 422 68.16 8.68 -31.65
C GLU E 422 66.93 9.17 -30.91
N ILE E 423 65.77 9.02 -31.53
CA ILE E 423 64.47 9.10 -30.86
C ILE E 423 63.59 8.10 -31.60
N THR E 424 63.06 7.10 -30.89
CA THR E 424 62.42 5.96 -31.54
C THR E 424 60.89 6.04 -31.58
N SER E 425 60.28 6.97 -30.83
CA SER E 425 58.83 7.12 -30.86
C SER E 425 58.45 8.50 -30.34
N THR E 426 57.18 8.82 -30.50
CA THR E 426 56.68 10.13 -30.05
C THR E 426 56.78 10.26 -28.54
N ASP E 427 56.41 9.21 -27.79
CA ASP E 427 56.49 9.29 -26.33
C ASP E 427 57.94 9.40 -25.86
N ASP E 428 58.86 8.71 -26.54
CA ASP E 428 60.26 8.83 -26.20
C ASP E 428 60.78 10.23 -26.48
N PHE E 429 60.26 10.87 -27.54
CA PHE E 429 60.62 12.26 -27.81
C PHE E 429 60.19 13.17 -26.67
N TYR E 430 58.98 12.98 -26.15
CA TYR E 430 58.52 13.81 -25.04
C TYR E 430 59.39 13.60 -23.81
N ARG E 431 59.65 12.34 -23.47
CA ARG E 431 60.50 12.05 -22.30
C ARG E 431 61.88 12.68 -22.48
N LEU E 432 62.56 12.35 -23.58
CA LEU E 432 63.90 12.88 -23.80
C LEU E 432 63.88 14.39 -23.93
N GLY E 433 62.92 14.93 -24.68
CA GLY E 433 62.88 16.36 -24.89
C GLY E 433 62.75 17.14 -23.59
N LYS E 434 61.95 16.62 -22.65
CA LYS E 434 61.79 17.30 -21.36
C LYS E 434 63.10 17.31 -20.59
N GLU E 435 63.83 16.19 -20.58
CA GLU E 435 65.09 16.17 -19.86
C GLU E 435 66.11 17.10 -20.50
N LEU E 436 66.21 17.07 -21.83
CA LEU E 436 67.16 17.96 -22.52
C LEU E 436 66.72 19.41 -22.38
N ALA E 437 65.41 19.67 -22.29
CA ALA E 437 64.95 21.02 -21.98
C ALA E 437 65.55 21.51 -20.67
N LEU E 438 65.41 20.71 -19.61
CA LEU E 438 66.01 21.05 -18.34
C LEU E 438 67.54 21.13 -18.45
N GLN E 439 68.15 20.17 -19.13
CA GLN E 439 69.60 20.17 -19.23
C GLN E 439 70.12 21.41 -19.93
N SER E 440 69.37 21.94 -20.90
CA SER E 440 69.84 23.07 -21.66
C SER E 440 69.89 24.35 -20.84
N GLY E 441 69.14 24.42 -19.75
CA GLY E 441 69.02 25.67 -19.03
C GLY E 441 68.14 26.69 -19.71
N LEU E 442 67.46 26.32 -20.79
CA LEU E 442 66.53 27.21 -21.48
C LEU E 442 65.14 27.18 -20.87
N ALA E 443 64.87 26.19 -20.01
CA ALA E 443 63.62 26.09 -19.26
C ALA E 443 63.93 25.45 -17.92
N HIS E 444 62.98 25.56 -16.99
CA HIS E 444 63.18 25.10 -15.61
C HIS E 444 61.94 24.36 -15.14
N LYS E 445 62.11 23.55 -14.08
CA LYS E 445 60.99 22.81 -13.53
C LYS E 445 59.81 23.73 -13.30
N GLY E 446 58.64 23.27 -13.72
CA GLY E 446 57.42 24.04 -13.64
C GLY E 446 57.09 24.84 -14.89
N ASP E 447 58.08 25.06 -15.76
CA ASP E 447 57.82 25.74 -17.03
C ASP E 447 57.00 24.85 -17.95
N VAL E 448 56.20 25.49 -18.79
CA VAL E 448 55.50 24.81 -19.88
C VAL E 448 56.41 24.80 -21.10
N VAL E 449 56.49 23.66 -21.78
CA VAL E 449 57.16 23.58 -23.07
C VAL E 449 56.20 22.97 -24.09
N VAL E 450 56.35 23.38 -25.34
CA VAL E 450 55.59 22.83 -26.46
C VAL E 450 56.54 21.99 -27.31
N MET E 451 56.09 20.79 -27.66
CA MET E 451 56.94 19.80 -28.30
C MET E 451 56.31 19.45 -29.65
N VAL E 452 57.09 19.60 -30.70
CA VAL E 452 56.60 19.54 -32.08
C VAL E 452 57.41 18.50 -32.83
N SER E 453 56.71 17.61 -33.54
CA SER E 453 57.37 16.53 -34.27
C SER E 453 56.43 16.01 -35.35
N GLY E 454 56.98 15.11 -36.17
CA GLY E 454 56.20 14.38 -37.13
C GLY E 454 56.01 12.95 -36.63
N ALA E 455 54.75 12.54 -36.53
CA ALA E 455 54.39 11.20 -36.07
C ALA E 455 53.73 10.42 -37.21
N LEU E 456 54.26 9.23 -37.47
CA LEU E 456 53.75 8.34 -38.51
C LEU E 456 53.66 9.04 -39.86
N VAL E 457 54.71 9.78 -40.21
CA VAL E 457 54.83 10.44 -41.50
C VAL E 457 56.30 10.41 -41.88
N PRO E 458 56.66 10.54 -43.15
CA PRO E 458 58.07 10.65 -43.52
C PRO E 458 58.63 12.00 -43.09
N SER E 459 59.95 12.11 -43.10
CA SER E 459 60.58 13.41 -42.87
C SER E 459 60.00 14.42 -43.85
N GLY E 460 59.81 15.65 -43.37
CA GLY E 460 59.33 16.73 -44.20
C GLY E 460 57.93 17.20 -43.90
N THR E 461 57.15 16.44 -43.11
CA THR E 461 55.86 16.90 -42.62
C THR E 461 55.98 16.98 -41.11
N THR E 462 55.50 18.08 -40.54
CA THR E 462 55.36 18.24 -39.09
C THR E 462 53.88 18.25 -38.76
N ASN E 463 53.45 17.29 -37.94
CA ASN E 463 52.01 17.09 -37.76
C ASN E 463 51.57 16.95 -36.32
N THR E 464 52.44 17.16 -35.35
CA THR E 464 52.12 16.85 -33.96
C THR E 464 52.66 17.92 -33.02
N ALA E 465 51.80 18.42 -32.13
CA ALA E 465 52.18 19.38 -31.09
C ALA E 465 51.66 18.90 -29.73
N SER E 466 52.53 18.98 -28.72
CA SER E 466 52.22 18.43 -27.41
C SER E 466 52.74 19.37 -26.32
N VAL E 467 51.95 19.53 -25.26
CA VAL E 467 52.24 20.48 -24.20
C VAL E 467 52.61 19.72 -22.93
N HIS E 468 53.75 20.06 -22.35
CA HIS E 468 54.25 19.37 -21.16
C HIS E 468 54.75 20.37 -20.13
N VAL E 469 54.58 20.03 -18.86
CA VAL E 469 55.13 20.78 -17.75
C VAL E 469 56.41 20.08 -17.31
N LEU E 470 57.50 20.83 -17.20
CA LEU E 470 58.78 20.24 -16.84
C LEU E 470 58.85 19.93 -15.35
N MET F 1 -15.69 -24.05 51.32
CA MET F 1 -16.85 -24.14 50.39
C MET F 1 -16.64 -25.18 49.29
N LYS F 2 -15.43 -25.23 48.75
CA LYS F 2 -15.18 -26.18 47.66
C LYS F 2 -15.30 -27.61 48.18
N LYS F 3 -15.58 -28.53 47.26
CA LYS F 3 -15.62 -29.96 47.59
C LYS F 3 -14.48 -30.73 46.94
N THR F 4 -14.08 -30.38 45.72
CA THR F 4 -12.95 -31.05 45.09
C THR F 4 -11.67 -30.78 45.87
N LYS F 5 -10.86 -31.81 46.02
CA LYS F 5 -9.67 -31.77 46.84
C LYS F 5 -8.43 -31.53 45.98
N ILE F 6 -7.44 -30.86 46.56
CA ILE F 6 -6.26 -30.46 45.81
C ILE F 6 -5.05 -31.20 46.35
N VAL F 7 -4.35 -31.90 45.47
CA VAL F 7 -3.07 -32.52 45.77
C VAL F 7 -1.98 -31.58 45.28
N CYS F 8 -1.04 -31.25 46.16
CA CYS F 8 0.07 -30.34 45.83
C CYS F 8 1.40 -31.04 46.03
N THR F 9 2.20 -31.09 44.97
CA THR F 9 3.58 -31.54 45.08
C THR F 9 4.40 -30.49 45.80
N ILE F 10 5.07 -30.88 46.87
CA ILE F 10 5.85 -29.96 47.70
C ILE F 10 7.33 -30.13 47.37
N GLY F 11 8.02 -29.01 47.17
CA GLY F 11 9.43 -29.02 46.86
C GLY F 11 10.19 -27.98 47.66
N PRO F 12 11.39 -27.63 47.22
CA PRO F 12 12.22 -26.69 48.00
C PRO F 12 11.52 -25.37 48.29
N LYS F 13 10.82 -24.79 47.32
CA LYS F 13 10.24 -23.48 47.51
C LYS F 13 8.95 -23.49 48.32
N THR F 14 8.38 -24.66 48.63
CA THR F 14 7.14 -24.73 49.38
C THR F 14 7.22 -25.64 50.59
N GLU F 15 8.42 -26.06 50.99
CA GLU F 15 8.53 -27.06 52.05
C GLU F 15 8.51 -26.47 53.45
N SER F 16 8.77 -25.19 53.60
CA SER F 16 8.80 -24.59 54.93
C SER F 16 7.43 -24.63 55.58
N GLU F 17 7.43 -24.65 56.92
CA GLU F 17 6.16 -24.63 57.65
C GLU F 17 5.34 -23.40 57.29
N GLU F 18 6.00 -22.27 57.08
CA GLU F 18 5.28 -21.04 56.77
C GLU F 18 4.56 -21.15 55.43
N MET F 19 5.25 -21.71 54.43
CA MET F 19 4.63 -21.92 53.12
C MET F 19 3.52 -22.94 53.21
N LEU F 20 3.78 -24.06 53.89
CA LEU F 20 2.78 -25.12 53.99
C LEU F 20 1.50 -24.60 54.65
N ALA F 21 1.64 -23.79 55.70
CA ALA F 21 0.46 -23.20 56.34
C ALA F 21 -0.31 -22.34 55.36
N LYS F 22 0.40 -21.53 54.55
CA LYS F 22 -0.28 -20.71 53.56
C LYS F 22 -0.88 -21.56 52.46
N MET F 23 -0.26 -22.72 52.17
CA MET F 23 -0.78 -23.64 51.16
C MET F 23 -2.12 -24.21 51.60
N LEU F 24 -2.20 -24.68 52.86
CA LEU F 24 -3.45 -25.21 53.37
C LEU F 24 -4.53 -24.13 53.38
N ASP F 25 -4.18 -22.93 53.86
CA ASP F 25 -5.14 -21.83 53.85
C ASP F 25 -5.72 -21.62 52.45
N ALA F 26 -4.87 -21.69 51.42
CA ALA F 26 -5.31 -21.43 50.06
C ALA F 26 -6.05 -22.60 49.42
N GLY F 27 -6.07 -23.77 50.05
CA GLY F 27 -6.92 -24.86 49.59
C GLY F 27 -6.24 -26.21 49.40
N MET F 28 -4.95 -26.31 49.68
CA MET F 28 -4.27 -27.59 49.61
C MET F 28 -4.84 -28.58 50.62
N ASN F 29 -5.00 -29.82 50.19
CA ASN F 29 -5.50 -30.89 51.04
C ASN F 29 -4.53 -32.03 51.22
N VAL F 30 -3.74 -32.35 50.20
CA VAL F 30 -2.84 -33.50 50.23
C VAL F 30 -1.48 -33.07 49.72
N MET F 31 -0.43 -33.46 50.45
CA MET F 31 0.94 -33.23 50.03
C MET F 31 1.43 -34.43 49.23
N ARG F 32 1.86 -34.18 48.01
CA ARG F 32 2.52 -35.19 47.18
C ARG F 32 4.03 -35.03 47.32
N LEU F 33 4.71 -36.12 47.64
CA LEU F 33 6.15 -36.19 47.64
C LEU F 33 6.55 -36.98 46.40
N ASN F 34 7.18 -36.31 45.43
CA ASN F 34 7.60 -36.96 44.19
C ASN F 34 9.00 -37.51 44.41
N PHE F 35 9.12 -38.83 44.57
CA PHE F 35 10.41 -39.44 44.85
C PHE F 35 11.24 -39.68 43.60
N SER F 36 10.82 -39.12 42.46
CA SER F 36 11.71 -38.95 41.33
C SER F 36 12.87 -38.02 41.66
N HIS F 37 12.70 -37.17 42.68
CA HIS F 37 13.71 -36.19 43.09
C HIS F 37 13.81 -36.21 44.61
N GLY F 38 14.86 -35.57 45.11
CA GLY F 38 15.05 -35.40 46.53
C GLY F 38 15.57 -36.65 47.18
N ASP F 39 16.00 -36.50 48.43
CA ASP F 39 16.47 -37.61 49.22
C ASP F 39 15.65 -37.71 50.51
N TYR F 40 15.95 -38.75 51.28
CA TYR F 40 15.12 -39.10 52.43
C TYR F 40 15.13 -38.02 53.51
N ALA F 41 16.24 -37.32 53.69
CA ALA F 41 16.29 -36.27 54.70
C ALA F 41 15.38 -35.11 54.33
N GLU F 42 15.37 -34.71 53.05
CA GLU F 42 14.47 -33.65 52.63
C GLU F 42 13.01 -34.09 52.75
N HIS F 43 12.67 -35.26 52.20
CA HIS F 43 11.28 -35.72 52.27
C HIS F 43 10.85 -35.92 53.72
N GLY F 44 11.72 -36.48 54.56
CA GLY F 44 11.39 -36.61 55.97
C GLY F 44 11.11 -35.28 56.63
N GLN F 45 11.87 -34.25 56.25
CA GLN F 45 11.65 -32.93 56.83
C GLN F 45 10.34 -32.33 56.35
N ARG F 46 10.00 -32.52 55.07
CA ARG F 46 8.71 -32.06 54.56
C ARG F 46 7.57 -32.70 55.33
N ILE F 47 7.66 -34.01 55.57
CA ILE F 47 6.63 -34.70 56.33
C ILE F 47 6.53 -34.10 57.73
N GLN F 48 7.68 -33.88 58.37
CA GLN F 48 7.65 -33.31 59.72
C GLN F 48 7.10 -31.88 59.71
N ASN F 49 7.52 -31.06 58.74
CA ASN F 49 7.02 -29.69 58.66
C ASN F 49 5.50 -29.66 58.54
N LEU F 50 4.94 -30.50 57.66
CA LEU F 50 3.49 -30.53 57.53
C LEU F 50 2.83 -30.99 58.82
N ARG F 51 3.37 -32.03 59.44
CA ARG F 51 2.76 -32.54 60.66
C ARG F 51 2.82 -31.50 61.77
N ASN F 52 3.87 -30.68 61.82
CA ASN F 52 3.89 -29.60 62.79
C ASN F 52 2.79 -28.58 62.52
N VAL F 53 2.61 -28.20 61.25
CA VAL F 53 1.55 -27.25 60.90
C VAL F 53 0.19 -27.82 61.26
N MET F 54 -0.02 -29.11 61.00
CA MET F 54 -1.30 -29.74 61.34
C MET F 54 -1.54 -29.69 62.84
N SER F 55 -0.50 -29.95 63.63
CA SER F 55 -0.65 -29.90 65.09
C SER F 55 -0.90 -28.48 65.55
N LYS F 56 -0.13 -27.51 65.03
CA LYS F 56 -0.31 -26.14 65.47
C LYS F 56 -1.68 -25.61 65.08
N THR F 57 -2.21 -26.03 63.91
CA THR F 57 -3.44 -25.44 63.42
C THR F 57 -4.67 -26.28 63.70
N GLY F 58 -4.50 -27.56 64.03
CA GLY F 58 -5.62 -28.47 64.13
C GLY F 58 -6.23 -28.89 62.81
N LYS F 59 -5.64 -28.50 61.69
CA LYS F 59 -6.11 -28.92 60.38
C LYS F 59 -5.62 -30.33 60.06
N THR F 60 -6.39 -31.03 59.23
CA THR F 60 -6.05 -32.37 58.78
C THR F 60 -5.67 -32.31 57.31
N ALA F 61 -4.57 -32.98 56.97
CA ALA F 61 -4.12 -33.13 55.59
C ALA F 61 -3.58 -34.55 55.45
N ALA F 62 -3.43 -35.00 54.21
CA ALA F 62 -2.87 -36.32 53.94
C ALA F 62 -1.53 -36.20 53.22
N ILE F 63 -0.76 -37.29 53.27
CA ILE F 63 0.57 -37.37 52.66
C ILE F 63 0.59 -38.53 51.66
N LEU F 64 1.00 -38.24 50.43
CA LEU F 64 1.03 -39.19 49.34
C LEU F 64 2.44 -39.28 48.77
N LEU F 65 2.98 -40.50 48.75
CA LEU F 65 4.30 -40.79 48.19
C LEU F 65 4.14 -41.32 46.78
N ASP F 66 4.76 -40.65 45.81
CA ASP F 66 4.63 -40.97 44.39
C ASP F 66 5.95 -41.55 43.88
N THR F 67 5.90 -42.81 43.46
CA THR F 67 7.13 -43.51 43.07
C THR F 67 7.63 -43.01 41.72
N LYS F 68 8.94 -43.11 41.53
CA LYS F 68 9.54 -42.79 40.23
C LYS F 68 9.15 -43.81 39.17
N GLY F 69 9.29 -45.09 39.49
CA GLY F 69 8.90 -46.14 38.58
C GLY F 69 9.98 -46.52 37.60
N PRO F 70 9.81 -47.65 36.94
CA PRO F 70 10.78 -48.07 35.92
C PRO F 70 10.65 -47.29 34.63
N GLU F 71 11.76 -47.21 33.88
CA GLU F 71 11.78 -46.47 32.61
C GLU F 71 12.72 -47.21 31.67
N ILE F 72 12.38 -47.15 30.39
CA ILE F 72 13.26 -47.51 29.30
C ILE F 72 13.73 -46.22 28.62
N ARG F 73 15.05 -46.00 28.57
CA ARG F 73 15.55 -44.85 27.84
C ARG F 73 16.68 -45.24 26.88
N THR F 74 16.78 -44.47 25.80
CA THR F 74 17.97 -44.48 24.97
C THR F 74 19.13 -43.92 25.78
N MET F 75 20.34 -43.99 25.20
CA MET F 75 21.50 -43.51 25.93
C MET F 75 22.38 -42.51 25.16
N LYS F 76 23.71 -42.63 25.36
CA LYS F 76 24.71 -41.65 24.93
C LYS F 76 24.79 -41.59 23.41
N LEU F 77 25.23 -40.46 22.96
CA LEU F 77 25.48 -40.32 21.55
C LEU F 77 26.83 -39.67 21.22
N GLU F 78 27.37 -40.00 20.03
CA GLU F 78 28.69 -39.51 19.60
C GLU F 78 28.85 -38.00 19.75
N GLY F 79 29.86 -37.61 20.53
CA GLY F 79 30.03 -36.20 20.80
C GLY F 79 28.76 -35.52 21.28
N GLY F 80 27.97 -36.28 22.02
CA GLY F 80 26.64 -35.84 22.41
C GLY F 80 25.89 -34.93 21.45
N ASN F 81 25.82 -35.35 20.19
CA ASN F 81 25.11 -34.61 19.17
C ASN F 81 23.79 -35.30 18.86
N ASP F 82 22.70 -34.52 18.89
CA ASP F 82 21.44 -35.05 18.39
C ASP F 82 21.64 -35.46 16.94
N VAL F 83 20.85 -36.45 16.50
CA VAL F 83 20.94 -36.93 15.13
C VAL F 83 19.56 -36.87 14.46
N SER F 84 19.56 -36.57 13.16
CA SER F 84 18.33 -36.46 12.40
C SER F 84 18.00 -37.81 11.78
N LEU F 85 16.81 -38.32 12.09
CA LEU F 85 16.31 -39.58 11.59
C LEU F 85 15.27 -39.32 10.50
N LYS F 86 15.25 -40.16 9.48
CA LYS F 86 14.41 -39.96 8.31
C LYS F 86 13.42 -41.10 8.16
N ALA F 87 12.19 -40.74 7.78
CA ALA F 87 11.14 -41.74 7.55
C ALA F 87 11.60 -42.73 6.48
N GLY F 88 11.47 -44.02 6.80
CA GLY F 88 11.86 -45.08 5.89
C GLY F 88 13.24 -45.65 6.18
N GLN F 89 14.10 -44.88 6.82
CA GLN F 89 15.44 -45.36 7.14
C GLN F 89 15.37 -46.51 8.15
N THR F 90 16.39 -47.35 8.10
CA THR F 90 16.61 -48.34 9.14
C THR F 90 17.35 -47.72 10.33
N PHE F 91 16.89 -48.06 11.53
CA PHE F 91 17.50 -47.59 12.76
C PHE F 91 17.50 -48.72 13.76
N THR F 92 18.53 -48.72 14.60
CA THR F 92 18.82 -49.85 15.45
C THR F 92 18.92 -49.51 16.91
N PHE F 93 18.28 -50.33 17.73
CA PHE F 93 18.50 -50.31 19.16
C PHE F 93 19.35 -51.49 19.59
N THR F 94 20.32 -51.25 20.47
CA THR F 94 21.13 -52.30 21.06
C THR F 94 21.02 -52.27 22.58
N THR F 95 21.01 -53.45 23.18
CA THR F 95 21.05 -53.58 24.64
C THR F 95 22.46 -53.55 25.20
N ASP F 96 23.48 -53.39 24.34
CA ASP F 96 24.86 -53.20 24.79
C ASP F 96 25.00 -51.76 25.25
N LYS F 97 25.07 -51.56 26.57
CA LYS F 97 25.11 -50.22 27.15
C LYS F 97 26.42 -49.50 26.87
N SER F 98 27.44 -50.20 26.36
CA SER F 98 28.72 -49.57 26.05
C SER F 98 28.68 -48.78 24.75
N VAL F 99 27.68 -49.02 23.91
CA VAL F 99 27.66 -48.44 22.57
C VAL F 99 27.26 -46.97 22.66
N ILE F 100 28.04 -46.11 22.02
CA ILE F 100 27.68 -44.71 21.83
C ILE F 100 27.00 -44.56 20.48
N GLY F 101 25.84 -43.89 20.49
CA GLY F 101 24.95 -43.93 19.35
C GLY F 101 25.24 -42.91 18.28
N ASN F 102 24.56 -43.08 17.15
CA ASN F 102 24.67 -42.19 16.02
C ASN F 102 23.37 -42.27 15.22
N SER F 103 23.34 -41.71 14.02
CA SER F 103 22.15 -41.77 13.19
C SER F 103 21.78 -43.18 12.71
N GLU F 104 22.52 -44.22 13.16
CA GLU F 104 22.31 -45.58 12.69
C GLU F 104 21.92 -46.53 13.79
N MET F 105 22.29 -46.25 15.03
CA MET F 105 21.97 -47.13 16.14
C MET F 105 22.17 -46.38 17.46
N VAL F 106 21.45 -46.81 18.48
CA VAL F 106 21.64 -46.27 19.83
C VAL F 106 21.35 -47.38 20.84
N ALA F 107 21.97 -47.27 22.01
CA ALA F 107 21.74 -48.24 23.08
C ALA F 107 20.53 -47.83 23.91
N VAL F 108 19.89 -48.84 24.50
CA VAL F 108 18.77 -48.65 25.43
C VAL F 108 19.14 -49.29 26.75
N THR F 109 18.50 -48.81 27.82
CA THR F 109 18.86 -49.20 29.18
C THR F 109 18.32 -50.55 29.62
N TYR F 110 17.43 -51.18 28.86
CA TYR F 110 16.71 -52.36 29.31
C TYR F 110 17.23 -53.61 28.61
N GLU F 111 17.77 -54.54 29.41
CA GLU F 111 18.37 -55.75 28.85
C GLU F 111 17.35 -56.62 28.13
N GLY F 112 16.07 -56.56 28.55
CA GLY F 112 15.03 -57.35 27.95
C GLY F 112 14.42 -56.78 26.68
N PHE F 113 15.02 -55.72 26.14
CA PHE F 113 14.44 -55.05 24.97
C PHE F 113 14.23 -56.03 23.82
N THR F 114 15.24 -56.85 23.54
CA THR F 114 15.14 -57.81 22.44
C THR F 114 14.15 -58.93 22.76
N THR F 115 13.98 -59.27 24.04
CA THR F 115 13.14 -60.40 24.40
C THR F 115 11.65 -60.04 24.37
N ASP F 116 11.30 -58.89 24.92
CA ASP F 116 9.89 -58.53 25.07
C ASP F 116 9.25 -58.04 23.79
N LEU F 117 10.05 -57.53 22.85
CA LEU F 117 9.51 -56.98 21.61
C LEU F 117 9.34 -58.10 20.57
N SER F 118 8.46 -57.85 19.61
CA SER F 118 8.21 -58.75 18.50
C SER F 118 8.28 -57.97 17.20
N VAL F 119 8.56 -58.68 16.10
CA VAL F 119 8.54 -58.04 14.80
C VAL F 119 7.14 -57.50 14.58
N GLY F 120 7.03 -56.25 14.17
CA GLY F 120 5.77 -55.59 13.98
C GLY F 120 5.34 -54.69 15.12
N ASN F 121 5.97 -54.81 16.29
CA ASN F 121 5.67 -53.92 17.40
C ASN F 121 6.06 -52.49 17.05
N THR F 122 5.48 -51.54 17.76
CA THR F 122 5.81 -50.13 17.63
C THR F 122 6.75 -49.71 18.75
N VAL F 123 7.83 -49.01 18.39
CA VAL F 123 8.71 -48.35 19.34
C VAL F 123 8.52 -46.85 19.20
N LEU F 124 8.26 -46.18 20.31
CA LEU F 124 8.13 -44.72 20.36
C LEU F 124 9.29 -44.17 21.17
N VAL F 125 9.89 -43.08 20.70
CA VAL F 125 11.07 -42.52 21.36
C VAL F 125 10.81 -41.05 21.65
N ASP F 126 11.14 -40.62 22.87
CA ASP F 126 11.06 -39.23 23.31
C ASP F 126 9.61 -38.73 23.30
N ASP F 127 8.84 -39.26 24.26
CA ASP F 127 7.43 -38.90 24.39
C ASP F 127 6.71 -38.98 23.05
N GLY F 128 6.99 -40.03 22.29
CA GLY F 128 6.31 -40.25 21.03
C GLY F 128 6.75 -39.36 19.90
N LEU F 129 7.86 -38.64 20.05
CA LEU F 129 8.35 -37.79 18.97
C LEU F 129 8.61 -38.60 17.70
N ILE F 130 9.28 -39.74 17.85
CA ILE F 130 9.70 -40.58 16.73
C ILE F 130 9.11 -41.98 16.89
N GLY F 131 8.39 -42.43 15.88
CA GLY F 131 7.84 -43.78 15.85
C GLY F 131 8.62 -44.70 14.93
N MET F 132 8.67 -45.99 15.28
CA MET F 132 9.39 -46.98 14.49
C MET F 132 8.63 -48.31 14.50
N GLU F 133 8.90 -49.11 13.47
CA GLU F 133 8.37 -50.44 13.26
C GLU F 133 9.48 -51.47 13.42
N VAL F 134 9.28 -52.46 14.28
CA VAL F 134 10.27 -53.53 14.43
C VAL F 134 10.32 -54.30 13.13
N THR F 135 11.51 -54.38 12.54
CA THR F 135 11.72 -55.15 11.32
C THR F 135 12.51 -56.43 11.54
N ALA F 136 13.34 -56.50 12.57
CA ALA F 136 14.12 -57.71 12.83
C ALA F 136 14.61 -57.69 14.27
N ILE F 137 14.89 -58.89 14.78
CA ILE F 137 15.42 -59.12 16.11
C ILE F 137 16.63 -60.02 15.96
N GLU F 138 17.81 -59.50 16.32
CA GLU F 138 19.06 -60.21 16.09
C GLU F 138 20.00 -60.00 17.28
N GLY F 139 20.24 -61.05 18.05
CA GLY F 139 21.17 -60.94 19.16
C GLY F 139 20.70 -59.87 20.13
N ASN F 140 21.59 -58.93 20.46
CA ASN F 140 21.25 -57.81 21.32
C ASN F 140 20.81 -56.59 20.53
N LYS F 141 20.19 -56.77 19.37
CA LYS F 141 19.78 -55.65 18.54
C LYS F 141 18.31 -55.77 18.16
N VAL F 142 17.62 -54.63 18.22
CA VAL F 142 16.28 -54.50 17.66
C VAL F 142 16.37 -53.50 16.48
N ILE F 143 16.31 -54.04 15.26
CA ILE F 143 16.43 -53.25 14.04
C ILE F 143 15.05 -52.84 13.56
N CYS F 144 14.86 -51.53 13.30
CA CYS F 144 13.54 -51.02 12.98
C CYS F 144 13.58 -50.12 11.75
N LYS F 145 12.40 -49.83 11.26
CA LYS F 145 12.18 -48.88 10.19
C LYS F 145 11.57 -47.63 10.81
N VAL F 146 12.21 -46.48 10.60
CA VAL F 146 11.70 -45.23 11.14
C VAL F 146 10.45 -44.85 10.36
N LEU F 147 9.37 -44.51 11.09
CA LEU F 147 8.10 -44.18 10.47
C LEU F 147 7.92 -42.69 10.22
N ASN F 148 8.65 -41.83 10.92
CA ASN F 148 8.53 -40.40 10.68
C ASN F 148 9.83 -39.69 10.97
N ASN F 149 10.01 -38.56 10.31
CA ASN F 149 11.15 -37.69 10.54
C ASN F 149 11.20 -37.21 11.97
N GLY F 150 12.41 -37.12 12.51
CA GLY F 150 12.60 -36.58 13.85
C GLY F 150 14.05 -36.53 14.27
N ASP F 151 14.36 -35.61 15.19
CA ASP F 151 15.69 -35.47 15.75
C ASP F 151 15.78 -36.23 17.07
N LEU F 152 16.73 -37.15 17.16
CA LEU F 152 16.97 -37.91 18.39
C LEU F 152 18.09 -37.25 19.19
N GLY F 153 17.80 -36.93 20.45
CA GLY F 153 18.81 -36.46 21.38
C GLY F 153 19.31 -37.58 22.25
N GLU F 154 19.98 -37.21 23.34
CA GLU F 154 20.54 -38.21 24.25
C GLU F 154 19.53 -38.57 25.34
N ASN F 155 19.60 -39.82 25.80
CA ASN F 155 18.81 -40.30 26.93
C ASN F 155 17.34 -39.86 26.81
N LYS F 156 16.67 -40.53 25.88
CA LYS F 156 15.28 -40.23 25.58
C LYS F 156 14.36 -41.36 26.00
N GLY F 157 13.16 -40.98 26.44
CA GLY F 157 12.18 -41.97 26.87
C GLY F 157 11.72 -42.86 25.73
N VAL F 158 11.55 -44.15 26.03
CA VAL F 158 11.05 -45.13 25.06
C VAL F 158 9.75 -45.70 25.62
N ASN F 159 8.73 -45.77 24.77
CA ASN F 159 7.44 -46.35 25.09
C ASN F 159 7.18 -47.48 24.09
N LEU F 160 6.69 -48.60 24.61
CA LEU F 160 6.41 -49.79 23.81
C LEU F 160 4.93 -50.07 23.96
N PRO F 161 4.08 -49.38 23.22
CA PRO F 161 2.62 -49.47 23.47
C PRO F 161 2.12 -50.91 23.44
N GLY F 162 1.43 -51.29 24.50
CA GLY F 162 0.75 -52.58 24.52
C GLY F 162 1.65 -53.79 24.70
N VAL F 163 2.93 -53.61 24.97
CA VAL F 163 3.87 -54.72 25.09
C VAL F 163 4.08 -55.05 26.56
N SER F 164 3.99 -56.34 26.89
CA SER F 164 4.16 -56.81 28.27
C SER F 164 5.65 -56.87 28.60
N ILE F 165 6.07 -56.04 29.55
CA ILE F 165 7.47 -55.81 29.85
C ILE F 165 7.83 -56.54 31.15
N ALA F 166 8.88 -57.34 31.11
CA ALA F 166 9.33 -58.08 32.28
C ALA F 166 10.13 -57.21 33.25
N LEU F 167 9.63 -56.01 33.54
CA LEU F 167 10.17 -55.24 34.64
C LEU F 167 9.13 -55.10 35.76
N PRO F 168 9.56 -55.02 37.01
CA PRO F 168 8.60 -54.82 38.10
C PRO F 168 8.00 -53.43 38.08
N ALA F 169 6.85 -53.29 38.75
CA ALA F 169 6.30 -51.97 39.01
C ALA F 169 7.29 -51.09 39.76
N LEU F 170 8.13 -51.70 40.58
CA LEU F 170 9.02 -50.96 41.47
C LEU F 170 10.48 -51.09 41.04
N ALA F 171 11.15 -49.95 40.89
CA ALA F 171 12.59 -49.92 40.83
C ALA F 171 13.17 -50.24 42.20
N GLU F 172 14.43 -50.68 42.21
CA GLU F 172 15.07 -51.00 43.48
C GLU F 172 15.06 -49.79 44.42
N LYS F 173 15.21 -48.58 43.88
CA LYS F 173 15.09 -47.38 44.70
C LYS F 173 13.67 -47.20 45.22
N ASP F 174 12.66 -47.50 44.39
CA ASP F 174 11.28 -47.38 44.83
C ASP F 174 10.96 -48.35 45.95
N LYS F 175 11.55 -49.54 45.96
CA LYS F 175 11.37 -50.44 47.11
C LYS F 175 11.82 -49.74 48.38
N GLN F 176 13.04 -49.19 48.37
CA GLN F 176 13.54 -48.44 49.52
C GLN F 176 12.60 -47.28 49.84
N ASP F 177 12.16 -46.55 48.82
CA ASP F 177 11.29 -45.42 49.05
C ASP F 177 9.99 -45.85 49.75
N LEU F 178 9.42 -46.98 49.35
CA LEU F 178 8.18 -47.42 49.98
C LEU F 178 8.39 -47.84 51.42
N ILE F 179 9.53 -48.45 51.73
CA ILE F 179 9.81 -48.80 53.12
C ILE F 179 9.89 -47.54 53.96
N PHE F 180 10.61 -46.54 53.46
CA PHE F 180 10.62 -45.21 54.08
C PHE F 180 9.21 -44.68 54.25
N GLY F 181 8.36 -44.84 53.24
CA GLY F 181 6.97 -44.42 53.37
C GLY F 181 6.25 -45.10 54.52
N CYS F 182 6.45 -46.42 54.67
CA CYS F 182 5.85 -47.14 55.78
C CYS F 182 6.41 -46.66 57.11
N GLU F 183 7.74 -46.47 57.17
CA GLU F 183 8.35 -45.95 58.40
C GLU F 183 7.73 -44.63 58.81
N GLN F 184 7.50 -43.75 57.83
CA GLN F 184 6.99 -42.41 58.10
C GLN F 184 5.48 -42.38 58.23
N GLY F 185 4.81 -43.49 57.94
CA GLY F 185 3.36 -43.56 58.03
C GLY F 185 2.62 -42.72 57.02
N VAL F 186 3.06 -42.72 55.75
CA VAL F 186 2.32 -41.98 54.72
C VAL F 186 0.94 -42.60 54.55
N ASP F 187 0.03 -41.81 54.01
CA ASP F 187 -1.36 -42.22 53.89
C ASP F 187 -1.68 -42.90 52.56
N PHE F 188 -1.00 -42.51 51.49
CA PHE F 188 -1.21 -43.02 50.16
C PHE F 188 0.13 -43.29 49.50
N VAL F 189 0.15 -44.30 48.64
CA VAL F 189 1.24 -44.51 47.70
C VAL F 189 0.66 -44.43 46.29
N ALA F 190 1.19 -43.50 45.50
CA ALA F 190 0.87 -43.42 44.07
C ALA F 190 1.94 -44.20 43.30
N ALA F 191 1.54 -45.29 42.67
CA ALA F 191 2.47 -46.21 42.02
C ALA F 191 2.56 -45.95 40.52
N SER F 192 3.77 -45.69 40.05
CA SER F 192 3.99 -45.38 38.64
C SER F 192 3.96 -46.64 37.78
N PHE F 193 3.52 -46.45 36.54
CA PHE F 193 3.68 -47.41 35.45
C PHE F 193 3.01 -48.75 35.80
N ILE F 194 1.80 -48.66 36.31
CA ILE F 194 0.98 -49.85 36.58
C ILE F 194 0.38 -50.29 35.24
N ARG F 195 0.65 -51.54 34.85
CA ARG F 195 0.23 -52.03 33.55
C ARG F 195 -0.82 -53.13 33.65
N LYS F 196 -0.93 -53.77 34.81
CA LYS F 196 -1.83 -54.90 34.98
C LYS F 196 -2.02 -55.13 36.47
N ARG F 197 -3.00 -55.97 36.78
CA ARG F 197 -3.41 -56.21 38.14
C ARG F 197 -2.26 -56.69 39.01
N SER F 198 -1.40 -57.54 38.46
CA SER F 198 -0.30 -58.10 39.24
C SER F 198 0.69 -57.03 39.68
N ASP F 199 0.81 -55.93 38.94
CA ASP F 199 1.65 -54.83 39.39
C ASP F 199 1.10 -54.23 40.68
N VAL F 200 -0.23 -54.08 40.76
CA VAL F 200 -0.84 -53.55 41.98
C VAL F 200 -0.59 -54.50 43.14
N ILE F 201 -0.78 -55.81 42.90
CA ILE F 201 -0.58 -56.80 43.96
C ILE F 201 0.83 -56.73 44.51
N GLU F 202 1.83 -56.59 43.63
CA GLU F 202 3.20 -56.52 44.09
C GLU F 202 3.44 -55.29 44.96
N ILE F 203 2.80 -54.17 44.64
CA ILE F 203 2.92 -53.01 45.52
C ILE F 203 2.31 -53.32 46.89
N ARG F 204 1.11 -53.91 46.89
CA ARG F 204 0.44 -54.17 48.16
C ARG F 204 1.20 -55.19 49.00
N GLU F 205 1.83 -56.18 48.34
CA GLU F 205 2.58 -57.18 49.09
C GLU F 205 3.85 -56.59 49.68
N HIS F 206 4.50 -55.67 48.96
CA HIS F 206 5.66 -54.97 49.51
C HIS F 206 5.26 -54.15 50.73
N LEU F 207 4.18 -53.37 50.61
CA LEU F 207 3.73 -52.55 51.73
C LEU F 207 3.34 -53.41 52.93
N LYS F 208 2.62 -54.51 52.67
CA LYS F 208 2.18 -55.35 53.78
C LYS F 208 3.35 -56.05 54.46
N ALA F 209 4.49 -56.17 53.78
CA ALA F 209 5.67 -56.76 54.38
C ALA F 209 6.39 -55.79 55.31
N HIS F 210 6.01 -54.51 55.32
CA HIS F 210 6.65 -53.53 56.16
C HIS F 210 5.66 -52.70 56.96
N GLY F 211 4.52 -53.31 57.30
CA GLY F 211 3.56 -52.67 58.17
C GLY F 211 2.71 -51.60 57.53
N GLY F 212 2.63 -51.58 56.21
CA GLY F 212 1.85 -50.56 55.52
C GLY F 212 0.56 -51.10 54.92
N GLU F 213 0.02 -52.16 55.52
CA GLU F 213 -1.20 -52.75 54.97
C GLU F 213 -2.35 -51.75 54.92
N ASN F 214 -2.36 -50.75 55.80
CA ASN F 214 -3.44 -49.77 55.81
C ASN F 214 -3.20 -48.58 54.91
N ILE F 215 -2.07 -48.55 54.19
CA ILE F 215 -1.77 -47.48 53.24
C ILE F 215 -2.54 -47.76 51.95
N HIS F 216 -3.16 -46.72 51.41
CA HIS F 216 -3.97 -46.86 50.19
C HIS F 216 -3.11 -46.71 48.94
N ILE F 217 -3.35 -47.60 47.99
CA ILE F 217 -2.58 -47.65 46.74
C ILE F 217 -3.36 -46.93 45.66
N ILE F 218 -2.78 -45.88 45.10
CA ILE F 218 -3.34 -45.12 43.98
C ILE F 218 -2.56 -45.55 42.75
N SER F 219 -3.20 -46.30 41.84
CA SER F 219 -2.52 -46.75 40.64
C SER F 219 -2.55 -45.65 39.58
N LYS F 220 -1.39 -45.31 39.06
CA LYS F 220 -1.32 -44.35 37.97
C LYS F 220 -1.56 -45.07 36.65
N ILE F 221 -2.51 -44.58 35.87
CA ILE F 221 -2.76 -45.11 34.55
C ILE F 221 -1.97 -44.22 33.61
N GLU F 222 -0.86 -44.74 33.09
CA GLU F 222 0.13 -43.94 32.38
C GLU F 222 0.46 -44.46 31.01
N ASN F 223 -0.02 -45.65 30.63
CA ASN F 223 0.20 -46.12 29.28
C ASN F 223 -0.98 -46.95 28.82
N GLN F 224 -0.87 -47.44 27.59
CA GLN F 224 -1.98 -48.13 26.95
C GLN F 224 -2.33 -49.43 27.65
N GLU F 225 -1.31 -50.20 28.04
CA GLU F 225 -1.57 -51.49 28.67
C GLU F 225 -2.40 -51.30 29.94
N GLY F 226 -2.03 -50.31 30.78
CA GLY F 226 -2.81 -50.01 31.98
C GLY F 226 -4.24 -49.63 31.65
N LEU F 227 -4.43 -48.85 30.59
CA LEU F 227 -5.79 -48.52 30.15
C LEU F 227 -6.56 -49.77 29.75
N ASN F 228 -5.90 -50.65 28.99
CA ASN F 228 -6.53 -51.90 28.56
C ASN F 228 -6.95 -52.75 29.74
N ASN F 229 -6.12 -52.80 30.78
CA ASN F 229 -6.37 -53.62 31.96
C ASN F 229 -6.99 -52.81 33.10
N PHE F 230 -7.61 -51.67 32.78
CA PHE F 230 -8.03 -50.75 33.83
C PHE F 230 -8.98 -51.41 34.83
N ASP F 231 -9.98 -52.17 34.35
CA ASP F 231 -10.98 -52.72 35.27
C ASP F 231 -10.32 -53.58 36.34
N GLU F 232 -9.37 -54.45 35.94
CA GLU F 232 -8.67 -55.28 36.91
C GLU F 232 -7.74 -54.46 37.80
N ILE F 233 -7.13 -53.42 37.25
CA ILE F 233 -6.28 -52.54 38.06
C ILE F 233 -7.12 -51.84 39.12
N LEU F 234 -8.24 -51.25 38.72
CA LEU F 234 -9.11 -50.57 39.67
C LEU F 234 -9.54 -51.52 40.78
N GLU F 235 -9.93 -52.74 40.43
CA GLU F 235 -10.42 -53.69 41.44
C GLU F 235 -9.38 -53.93 42.51
N ALA F 236 -8.12 -54.05 42.12
CA ALA F 236 -7.05 -54.34 43.05
C ALA F 236 -6.52 -53.09 43.75
N SER F 237 -6.85 -51.89 43.28
CA SER F 237 -6.31 -50.65 43.85
C SER F 237 -7.31 -50.03 44.83
N ASP F 238 -6.83 -49.05 45.58
CA ASP F 238 -7.70 -48.23 46.41
C ASP F 238 -8.15 -46.97 45.69
N GLY F 239 -7.47 -46.61 44.60
CA GLY F 239 -7.79 -45.41 43.85
C GLY F 239 -6.95 -45.35 42.60
N ILE F 240 -7.18 -44.28 41.83
CA ILE F 240 -6.59 -44.13 40.49
C ILE F 240 -6.09 -42.71 40.32
N MET F 241 -4.93 -42.56 39.68
CA MET F 241 -4.45 -41.28 39.20
C MET F 241 -4.48 -41.31 37.67
N VAL F 242 -5.25 -40.42 37.06
CA VAL F 242 -5.31 -40.33 35.62
C VAL F 242 -4.19 -39.41 35.18
N ALA F 243 -3.13 -39.98 34.61
CA ALA F 243 -1.95 -39.23 34.16
C ALA F 243 -2.13 -38.98 32.67
N ARG F 244 -2.88 -37.91 32.37
CA ARG F 244 -3.32 -37.66 31.00
C ARG F 244 -2.14 -37.51 30.04
N GLY F 245 -1.15 -36.70 30.43
CA GLY F 245 -0.02 -36.46 29.55
C GLY F 245 0.72 -37.73 29.16
N ASP F 246 0.95 -38.60 30.14
CA ASP F 246 1.69 -39.83 29.90
C ASP F 246 0.89 -40.81 29.04
N LEU F 247 -0.39 -41.01 29.37
CA LEU F 247 -1.23 -41.88 28.55
C LEU F 247 -1.30 -41.37 27.11
N GLY F 248 -1.24 -40.06 26.93
CA GLY F 248 -1.32 -39.46 25.62
C GLY F 248 -0.22 -39.86 24.67
N VAL F 249 0.89 -40.38 25.18
CA VAL F 249 1.96 -40.76 24.28
C VAL F 249 1.73 -42.13 23.65
N GLU F 250 0.81 -42.91 24.20
CA GLU F 250 0.63 -44.29 23.80
C GLU F 250 -0.71 -44.61 23.16
N ILE F 251 -1.69 -43.70 23.23
CA ILE F 251 -3.01 -43.98 22.66
C ILE F 251 -3.38 -42.86 21.71
N PRO F 252 -4.34 -43.12 20.81
CA PRO F 252 -4.77 -42.09 19.85
C PRO F 252 -5.21 -40.81 20.57
N VAL F 253 -4.73 -39.67 20.06
CA VAL F 253 -4.91 -38.42 20.78
C VAL F 253 -6.39 -38.12 21.01
N GLU F 254 -7.25 -38.50 20.06
CA GLU F 254 -8.68 -38.21 20.23
C GLU F 254 -9.34 -39.08 21.29
N GLU F 255 -8.67 -40.15 21.74
CA GLU F 255 -9.22 -41.03 22.75
C GLU F 255 -8.94 -40.58 24.17
N VAL F 256 -7.97 -39.70 24.39
CA VAL F 256 -7.50 -39.44 25.75
C VAL F 256 -8.63 -38.90 26.63
N ILE F 257 -9.41 -37.95 26.10
CA ILE F 257 -10.46 -37.33 26.91
C ILE F 257 -11.45 -38.38 27.42
N PHE F 258 -11.78 -39.34 26.55
CA PHE F 258 -12.74 -40.37 26.91
C PHE F 258 -12.14 -41.44 27.79
N ALA F 259 -10.83 -41.70 27.65
CA ALA F 259 -10.15 -42.57 28.62
C ALA F 259 -10.25 -41.96 30.01
N GLN F 260 -10.03 -40.64 30.13
CA GLN F 260 -10.20 -39.95 31.40
C GLN F 260 -11.63 -40.08 31.90
N LYS F 261 -12.61 -39.75 31.04
CA LYS F 261 -14.02 -39.77 31.48
C LYS F 261 -14.44 -41.17 31.90
N MET F 262 -14.03 -42.19 31.14
CA MET F 262 -14.36 -43.58 31.47
C MET F 262 -13.76 -43.99 32.81
N MET F 263 -12.49 -43.67 33.02
CA MET F 263 -11.82 -44.07 34.25
C MET F 263 -12.40 -43.34 35.46
N ILE F 264 -12.70 -42.05 35.33
CA ILE F 264 -13.31 -41.32 36.44
C ILE F 264 -14.68 -41.92 36.76
N GLU F 265 -15.50 -42.18 35.74
CA GLU F 265 -16.84 -42.71 35.98
C GLU F 265 -16.79 -44.08 36.66
N LYS F 266 -15.88 -44.96 36.22
CA LYS F 266 -15.77 -46.27 36.86
C LYS F 266 -15.25 -46.16 38.30
N CYS F 267 -14.32 -45.24 38.55
CA CYS F 267 -13.87 -45.04 39.93
C CYS F 267 -15.02 -44.60 40.83
N ILE F 268 -15.84 -43.67 40.36
CA ILE F 268 -17.00 -43.23 41.14
C ILE F 268 -17.88 -44.42 41.50
N ARG F 269 -18.21 -45.23 40.49
CA ARG F 269 -19.10 -46.38 40.67
C ARG F 269 -18.47 -47.42 41.59
N ALA F 270 -17.15 -47.57 41.55
CA ALA F 270 -16.45 -48.51 42.41
C ALA F 270 -16.24 -47.98 43.82
N ARG F 271 -16.63 -46.72 44.09
CA ARG F 271 -16.48 -46.11 45.41
C ARG F 271 -14.99 -45.95 45.77
N LYS F 272 -14.18 -45.57 44.77
CA LYS F 272 -12.73 -45.45 44.92
C LYS F 272 -12.27 -44.09 44.41
N VAL F 273 -11.37 -43.46 45.16
CA VAL F 273 -10.98 -42.10 44.89
C VAL F 273 -10.20 -42.01 43.58
N VAL F 274 -10.39 -40.90 42.87
CA VAL F 274 -9.68 -40.68 41.60
C VAL F 274 -9.09 -39.28 41.59
N ILE F 275 -7.84 -39.19 41.11
CA ILE F 275 -7.09 -37.94 40.98
C ILE F 275 -6.85 -37.69 39.50
N THR F 276 -7.14 -36.47 39.05
CA THR F 276 -6.75 -36.02 37.71
C THR F 276 -5.42 -35.28 37.79
N ALA F 277 -4.45 -35.70 36.97
CA ALA F 277 -3.08 -35.19 37.10
C ALA F 277 -2.38 -35.06 35.75
N THR F 278 -1.28 -34.28 35.78
CA THR F 278 -0.43 -33.91 34.65
C THR F 278 -1.12 -32.88 33.76
N GLN F 279 -0.34 -31.95 33.21
CA GLN F 279 -0.82 -30.93 32.29
C GLN F 279 -2.06 -30.20 32.84
N MET F 280 -1.97 -29.80 34.11
CA MET F 280 -3.10 -29.11 34.74
C MET F 280 -2.95 -27.60 34.66
N LEU F 281 -2.03 -27.03 35.44
CA LEU F 281 -1.79 -25.58 35.43
C LEU F 281 -0.30 -25.30 35.23
N ASP F 282 0.34 -26.09 34.39
CA ASP F 282 1.80 -26.08 34.29
C ASP F 282 2.34 -24.72 33.88
N SER F 283 1.57 -23.96 33.09
CA SER F 283 2.04 -22.64 32.69
C SER F 283 2.33 -21.74 33.88
N MET F 284 1.76 -22.04 35.05
CA MET F 284 1.98 -21.22 36.24
C MET F 284 3.32 -21.50 36.91
N ILE F 285 4.10 -22.44 36.39
CA ILE F 285 5.51 -22.51 36.76
C ILE F 285 6.18 -21.17 36.49
N LYS F 286 5.81 -20.52 35.38
CA LYS F 286 6.46 -19.30 34.95
C LYS F 286 5.57 -18.06 34.99
N ASN F 287 4.26 -18.23 35.13
CA ASN F 287 3.30 -17.13 35.05
C ASN F 287 2.44 -17.10 36.29
N PRO F 288 2.03 -15.91 36.73
CA PRO F 288 1.20 -15.80 37.94
C PRO F 288 -0.28 -16.11 37.72
N ARG F 289 -0.68 -16.41 36.48
CA ARG F 289 -2.04 -16.81 36.17
C ARG F 289 -2.00 -17.92 35.13
N PRO F 290 -3.00 -18.80 35.11
CA PRO F 290 -3.03 -19.88 34.12
C PRO F 290 -3.66 -19.43 32.81
N THR F 291 -3.51 -20.27 31.79
CA THR F 291 -4.22 -20.04 30.54
C THR F 291 -5.68 -20.46 30.66
N ARG F 292 -6.51 -19.85 29.81
CA ARG F 292 -7.90 -20.24 29.70
C ARG F 292 -8.04 -21.72 29.37
N ALA F 293 -7.20 -22.22 28.47
CA ALA F 293 -7.28 -23.64 28.11
C ALA F 293 -7.06 -24.52 29.34
N GLU F 294 -6.05 -24.19 30.15
CA GLU F 294 -5.77 -24.98 31.35
C GLU F 294 -6.95 -24.94 32.32
N ALA F 295 -7.52 -23.75 32.54
CA ALA F 295 -8.63 -23.63 33.48
C ALA F 295 -9.84 -24.43 33.01
N GLY F 296 -10.13 -24.39 31.71
CA GLY F 296 -11.22 -25.18 31.16
C GLY F 296 -10.98 -26.68 31.26
N ASP F 297 -9.75 -27.12 30.97
CA ASP F 297 -9.38 -28.52 31.14
C ASP F 297 -9.65 -28.98 32.57
N VAL F 298 -9.17 -28.21 33.55
CA VAL F 298 -9.35 -28.57 34.94
C VAL F 298 -10.84 -28.67 35.27
N ALA F 299 -11.60 -27.64 34.90
CA ALA F 299 -13.01 -27.59 35.23
C ALA F 299 -13.77 -28.76 34.61
N ASN F 300 -13.45 -29.13 33.37
CA ASN F 300 -14.12 -30.28 32.76
C ASN F 300 -13.76 -31.57 33.48
N SER F 301 -12.54 -31.67 34.01
CA SER F 301 -12.18 -32.83 34.82
C SER F 301 -13.02 -32.92 36.09
N ILE F 302 -13.34 -31.76 36.68
CA ILE F 302 -14.18 -31.75 37.88
C ILE F 302 -15.61 -32.11 37.52
N LEU F 303 -16.14 -31.53 36.43
CA LEU F 303 -17.47 -31.91 35.96
C LEU F 303 -17.52 -33.38 35.58
N ASP F 304 -16.42 -33.93 35.08
CA ASP F 304 -16.35 -35.38 34.86
C ASP F 304 -16.61 -36.15 36.15
N GLY F 305 -16.19 -35.60 37.29
CA GLY F 305 -16.47 -36.19 38.58
C GLY F 305 -15.26 -36.55 39.41
N THR F 306 -14.10 -36.01 39.09
CA THR F 306 -12.89 -36.35 39.83
C THR F 306 -13.02 -35.97 41.30
N ASP F 307 -12.46 -36.79 42.18
CA ASP F 307 -12.38 -36.41 43.58
C ASP F 307 -11.41 -35.27 43.79
N ALA F 308 -10.31 -35.28 43.06
CA ALA F 308 -9.17 -34.42 43.36
C ALA F 308 -8.44 -34.06 42.08
N VAL F 309 -7.76 -32.91 42.13
CA VAL F 309 -6.90 -32.41 41.07
C VAL F 309 -5.51 -32.22 41.66
N MET F 310 -4.47 -32.39 40.83
CA MET F 310 -3.10 -32.45 41.31
C MET F 310 -2.25 -31.39 40.63
N LEU F 311 -1.45 -30.68 41.43
CA LEU F 311 -0.42 -29.76 40.95
C LEU F 311 0.94 -30.42 41.08
N SER F 312 1.78 -30.25 40.07
CA SER F 312 3.12 -30.83 40.07
C SER F 312 4.14 -29.71 40.22
N GLY F 313 4.83 -29.37 39.12
CA GLY F 313 5.80 -28.30 39.16
C GLY F 313 5.23 -26.99 39.66
N GLU F 314 3.95 -26.73 39.36
CA GLU F 314 3.36 -25.46 39.73
C GLU F 314 3.50 -25.18 41.21
N SER F 315 3.43 -26.21 42.05
CA SER F 315 3.44 -26.05 43.50
C SER F 315 4.77 -26.41 44.12
N ALA F 316 5.62 -27.15 43.40
CA ALA F 316 6.88 -27.63 43.96
C ALA F 316 8.03 -26.67 43.66
N LYS F 317 8.32 -26.45 42.38
CA LYS F 317 9.50 -25.71 41.96
C LYS F 317 9.18 -24.42 41.21
N GLY F 318 7.91 -24.13 40.96
CA GLY F 318 7.58 -22.95 40.19
C GLY F 318 7.72 -21.68 40.99
N LYS F 319 7.51 -20.56 40.28
CA LYS F 319 7.67 -19.23 40.84
C LYS F 319 6.44 -18.73 41.59
N TYR F 320 5.27 -19.29 41.31
CA TYR F 320 4.00 -18.80 41.87
C TYR F 320 3.21 -19.95 42.47
N PRO F 321 3.80 -20.64 43.46
CA PRO F 321 3.09 -21.80 44.04
C PRO F 321 1.79 -21.43 44.72
N LEU F 322 1.76 -20.36 45.51
CA LEU F 322 0.54 -19.97 46.21
C LEU F 322 -0.52 -19.50 45.24
N GLU F 323 -0.12 -18.77 44.20
CA GLU F 323 -1.08 -18.35 43.17
C GLU F 323 -1.71 -19.56 42.48
N ALA F 324 -0.90 -20.57 42.17
CA ALA F 324 -1.43 -21.75 41.48
C ALA F 324 -2.46 -22.47 42.34
N VAL F 325 -2.16 -22.65 43.62
CA VAL F 325 -3.11 -23.32 44.51
C VAL F 325 -4.38 -22.48 44.62
N SER F 326 -4.23 -21.16 44.74
CA SER F 326 -5.38 -20.29 44.98
C SER F 326 -6.32 -20.28 43.78
N ILE F 327 -5.78 -20.17 42.56
CA ILE F 327 -6.64 -20.17 41.39
C ILE F 327 -7.22 -21.56 41.16
N MET F 328 -6.46 -22.61 41.49
CA MET F 328 -7.00 -23.96 41.45
C MET F 328 -8.23 -24.06 42.36
N ALA F 329 -8.11 -23.54 43.58
CA ALA F 329 -9.25 -23.56 44.50
C ALA F 329 -10.42 -22.74 43.96
N THR F 330 -10.13 -21.59 43.35
CA THR F 330 -11.20 -20.81 42.74
C THR F 330 -11.90 -21.60 41.64
N ILE F 331 -11.12 -22.31 40.81
CA ILE F 331 -11.72 -23.15 39.78
C ILE F 331 -12.58 -24.24 40.42
N CYS F 332 -12.04 -24.89 41.45
CA CYS F 332 -12.79 -25.95 42.13
C CYS F 332 -14.11 -25.42 42.67
N GLU F 333 -14.07 -24.35 43.45
CA GLU F 333 -15.29 -23.80 44.02
C GLU F 333 -16.27 -23.38 42.93
N ARG F 334 -15.76 -22.67 41.91
CA ARG F 334 -16.62 -22.21 40.81
C ARG F 334 -17.32 -23.37 40.13
N THR F 335 -16.64 -24.50 39.99
CA THR F 335 -17.19 -25.65 39.27
C THR F 335 -18.04 -26.52 40.18
N ASP F 336 -17.53 -26.85 41.37
CA ASP F 336 -18.33 -27.60 42.34
C ASP F 336 -19.67 -26.91 42.53
N ARG F 337 -19.67 -25.58 42.47
CA ARG F 337 -20.83 -24.74 42.75
C ARG F 337 -22.02 -25.07 41.86
N VAL F 338 -21.79 -25.55 40.64
CA VAL F 338 -22.86 -25.77 39.69
C VAL F 338 -23.11 -27.24 39.43
N MET F 339 -22.49 -28.14 40.19
CA MET F 339 -22.72 -29.56 39.99
C MET F 339 -23.91 -30.04 40.82
N ASN F 340 -24.58 -31.07 40.31
CA ASN F 340 -25.76 -31.64 40.94
C ASN F 340 -25.47 -33.05 41.46
N SER F 341 -26.32 -33.50 42.38
CA SER F 341 -26.25 -34.88 42.83
C SER F 341 -26.57 -35.82 41.68
N ARG F 342 -26.11 -37.06 41.83
CA ARG F 342 -26.33 -38.14 40.86
C ARG F 342 -26.98 -39.27 41.65
N LEU F 343 -28.31 -39.31 41.65
CA LEU F 343 -29.04 -40.18 42.55
C LEU F 343 -29.41 -41.52 41.95
N GLU F 344 -29.05 -41.78 40.69
CA GLU F 344 -29.41 -43.02 40.04
C GLU F 344 -28.68 -44.21 40.66
N ILE F 354 -26.87 -53.48 49.84
CA ILE F 354 -27.40 -52.85 51.05
C ILE F 354 -26.72 -51.50 51.31
N THR F 355 -25.39 -51.49 51.34
CA THR F 355 -24.65 -50.25 51.55
C THR F 355 -25.09 -49.19 50.54
N GLU F 356 -25.14 -49.56 49.26
CA GLU F 356 -25.46 -48.58 48.22
C GLU F 356 -26.91 -48.13 48.32
N ALA F 357 -27.83 -49.05 48.63
CA ALA F 357 -29.23 -48.67 48.80
C ALA F 357 -29.39 -47.67 49.95
N VAL F 358 -28.73 -47.91 51.09
CA VAL F 358 -28.86 -47.00 52.24
C VAL F 358 -28.19 -45.66 51.98
N CYS F 359 -26.98 -45.67 51.41
CA CYS F 359 -26.25 -44.42 51.20
C CYS F 359 -26.91 -43.57 50.12
N ARG F 360 -27.37 -44.20 49.03
CA ARG F 360 -28.13 -43.49 48.01
C ARG F 360 -29.40 -42.91 48.60
N GLY F 361 -30.08 -43.66 49.46
CA GLY F 361 -31.31 -43.16 50.07
C GLY F 361 -31.04 -42.03 51.05
N ALA F 362 -29.93 -42.13 51.79
CA ALA F 362 -29.56 -41.05 52.71
C ALA F 362 -29.31 -39.75 51.97
N VAL F 363 -28.67 -39.81 50.81
CA VAL F 363 -28.40 -38.60 50.05
C VAL F 363 -29.71 -38.03 49.50
N GLU F 364 -30.59 -38.88 48.98
CA GLU F 364 -31.87 -38.39 48.49
C GLU F 364 -32.68 -37.80 49.63
N THR F 365 -32.67 -38.44 50.79
CA THR F 365 -33.32 -37.88 51.97
C THR F 365 -32.74 -36.52 52.32
N ALA F 366 -31.40 -36.41 52.31
CA ALA F 366 -30.75 -35.15 52.62
C ALA F 366 -31.20 -34.07 51.64
N GLU F 367 -31.25 -34.39 50.35
CA GLU F 367 -31.67 -33.40 49.37
C GLU F 367 -33.10 -32.96 49.63
N LYS F 368 -34.01 -33.94 49.74
CA LYS F 368 -35.42 -33.61 49.87
C LYS F 368 -35.68 -32.72 51.07
N LEU F 369 -34.90 -32.88 52.14
CA LEU F 369 -35.14 -32.16 53.40
C LEU F 369 -34.20 -30.97 53.58
N ASP F 370 -33.47 -30.57 52.54
CA ASP F 370 -32.58 -29.41 52.59
C ASP F 370 -31.53 -29.54 53.70
N ALA F 371 -30.96 -30.73 53.86
CA ALA F 371 -29.95 -30.93 54.90
C ALA F 371 -28.59 -30.42 54.42
N PRO F 372 -27.93 -29.53 55.17
CA PRO F 372 -26.59 -29.08 54.75
C PRO F 372 -25.50 -30.10 55.04
N LEU F 373 -25.78 -31.16 55.79
CA LEU F 373 -24.72 -32.02 56.29
C LEU F 373 -25.21 -33.45 56.43
N ILE F 374 -24.39 -34.38 55.96
CA ILE F 374 -24.53 -35.81 56.22
C ILE F 374 -23.37 -36.19 57.14
N VAL F 375 -23.70 -36.71 58.32
CA VAL F 375 -22.70 -37.15 59.28
C VAL F 375 -22.59 -38.66 59.17
N VAL F 376 -21.37 -39.16 59.01
CA VAL F 376 -21.13 -40.57 58.76
C VAL F 376 -20.18 -41.11 59.81
N ALA F 377 -20.51 -42.27 60.35
CA ALA F 377 -19.62 -43.03 61.21
C ALA F 377 -18.85 -44.01 60.34
N THR F 378 -17.54 -44.05 60.48
CA THR F 378 -16.74 -44.90 59.61
C THR F 378 -15.45 -45.31 60.29
N GLN F 379 -15.07 -46.57 60.07
CA GLN F 379 -13.81 -47.08 60.57
C GLN F 379 -12.74 -47.13 59.48
N GLY F 380 -13.07 -47.70 58.32
CA GLY F 380 -12.14 -47.83 57.22
C GLY F 380 -12.34 -46.77 56.15
N GLY F 381 -13.42 -46.00 56.27
CA GLY F 381 -13.71 -44.93 55.33
C GLY F 381 -14.74 -45.28 54.28
N LYS F 382 -15.17 -46.54 54.20
CA LYS F 382 -16.05 -46.93 53.10
C LYS F 382 -17.39 -46.21 53.15
N SER F 383 -17.98 -46.05 54.33
CA SER F 383 -19.31 -45.44 54.39
C SER F 383 -19.27 -44.00 53.88
N ALA F 384 -18.19 -43.27 54.20
CA ALA F 384 -18.05 -41.91 53.69
C ALA F 384 -17.90 -41.91 52.18
N ARG F 385 -17.08 -42.83 51.65
CA ARG F 385 -16.90 -42.92 50.20
C ARG F 385 -18.16 -43.38 49.52
N ALA F 386 -18.95 -44.22 50.18
CA ALA F 386 -20.21 -44.68 49.59
C ALA F 386 -21.23 -43.53 49.48
N VAL F 387 -21.25 -42.62 50.44
CA VAL F 387 -22.14 -41.46 50.35
C VAL F 387 -21.66 -40.48 49.26
N ARG F 388 -20.35 -40.24 49.18
CA ARG F 388 -19.81 -39.30 48.21
C ARG F 388 -20.07 -39.72 46.77
N LYS F 389 -20.28 -41.02 46.53
CA LYS F 389 -20.53 -41.52 45.19
C LYS F 389 -21.68 -40.79 44.51
N TYR F 390 -22.65 -40.30 45.28
CA TYR F 390 -23.84 -39.67 44.72
C TYR F 390 -23.72 -38.15 44.65
N PHE F 391 -22.53 -37.60 44.88
CA PHE F 391 -22.27 -36.18 44.72
C PHE F 391 -23.29 -35.36 45.52
N PRO F 392 -23.46 -35.64 46.82
CA PRO F 392 -24.44 -34.88 47.61
C PRO F 392 -24.17 -33.39 47.58
N ASP F 393 -25.25 -32.61 47.59
CA ASP F 393 -25.12 -31.18 47.86
C ASP F 393 -24.53 -30.94 49.24
N ALA F 394 -24.91 -31.76 50.20
CA ALA F 394 -24.45 -31.60 51.57
C ALA F 394 -22.99 -31.99 51.72
N THR F 395 -22.31 -31.29 52.62
CA THR F 395 -20.99 -31.71 53.06
C THR F 395 -21.10 -33.00 53.87
N ILE F 396 -20.05 -33.80 53.81
CA ILE F 396 -19.97 -35.05 54.57
C ILE F 396 -19.01 -34.84 55.72
N LEU F 397 -19.52 -34.96 56.96
CA LEU F 397 -18.69 -34.94 58.15
C LEU F 397 -18.49 -36.39 58.57
N ALA F 398 -17.26 -36.90 58.43
CA ALA F 398 -16.97 -38.30 58.64
C ALA F 398 -16.28 -38.47 59.99
N LEU F 399 -16.94 -39.17 60.90
CA LEU F 399 -16.42 -39.41 62.23
C LEU F 399 -15.76 -40.78 62.29
N THR F 400 -14.52 -40.83 62.77
CA THR F 400 -13.76 -42.06 62.82
C THR F 400 -12.84 -42.02 64.04
N THR F 401 -12.55 -43.21 64.57
CA THR F 401 -11.50 -43.39 65.55
C THR F 401 -10.16 -43.75 64.92
N ASN F 402 -10.14 -43.94 63.61
CA ASN F 402 -8.97 -44.43 62.88
C ASN F 402 -8.25 -43.24 62.26
N GLU F 403 -7.04 -42.95 62.76
CA GLU F 403 -6.31 -41.79 62.27
C GLU F 403 -5.93 -41.93 60.80
N LYS F 404 -5.55 -43.14 60.37
CA LYS F 404 -5.22 -43.32 58.95
C LYS F 404 -6.44 -43.09 58.07
N THR F 405 -7.60 -43.60 58.48
CA THR F 405 -8.83 -43.32 57.75
C THR F 405 -9.10 -41.83 57.70
N ALA F 406 -8.96 -41.14 58.83
CA ALA F 406 -9.19 -39.70 58.86
C ALA F 406 -8.32 -38.98 57.83
N HIS F 407 -7.05 -39.37 57.74
CA HIS F 407 -6.16 -38.74 56.77
C HIS F 407 -6.58 -39.09 55.34
N GLN F 408 -6.89 -40.36 55.09
CA GLN F 408 -7.20 -40.78 53.73
C GLN F 408 -8.47 -40.13 53.20
N LEU F 409 -9.43 -39.85 54.07
CA LEU F 409 -10.68 -39.25 53.63
C LEU F 409 -10.50 -37.81 53.18
N VAL F 410 -9.37 -37.18 53.51
CA VAL F 410 -9.08 -35.83 53.06
C VAL F 410 -9.06 -35.76 51.54
N LEU F 411 -8.77 -36.88 50.88
CA LEU F 411 -8.70 -36.91 49.42
C LEU F 411 -10.06 -37.13 48.74
N SER F 412 -11.06 -37.60 49.48
CA SER F 412 -12.37 -37.86 48.90
C SER F 412 -13.20 -36.58 48.80
N LYS F 413 -13.90 -36.44 47.67
CA LYS F 413 -14.61 -35.21 47.39
C LYS F 413 -15.64 -34.88 48.46
N GLY F 414 -15.59 -33.64 48.95
CA GLY F 414 -16.62 -33.13 49.83
C GLY F 414 -16.69 -33.73 51.21
N VAL F 415 -15.62 -34.35 51.69
CA VAL F 415 -15.62 -35.00 52.99
C VAL F 415 -14.74 -34.18 53.94
N VAL F 416 -15.27 -33.91 55.13
CA VAL F 416 -14.54 -33.30 56.24
C VAL F 416 -14.34 -34.38 57.31
N PRO F 417 -13.12 -34.89 57.50
CA PRO F 417 -12.90 -35.90 58.53
C PRO F 417 -12.76 -35.26 59.91
N GLN F 418 -13.17 -36.03 60.91
CA GLN F 418 -13.00 -35.60 62.29
C GLN F 418 -12.73 -36.83 63.14
N LEU F 419 -11.57 -36.86 63.79
CA LEU F 419 -11.21 -37.95 64.69
C LEU F 419 -11.97 -37.82 66.01
N VAL F 420 -12.51 -38.94 66.48
CA VAL F 420 -13.25 -38.97 67.73
C VAL F 420 -12.71 -40.11 68.59
N LYS F 421 -12.96 -40.00 69.91
CA LYS F 421 -12.48 -41.02 70.84
C LYS F 421 -12.99 -42.38 70.42
N GLU F 422 -14.31 -42.54 70.37
CA GLU F 422 -14.96 -43.74 69.86
C GLU F 422 -16.47 -43.67 70.15
N ILE F 423 -17.27 -44.17 69.23
CA ILE F 423 -18.72 -44.29 69.39
C ILE F 423 -19.08 -45.72 69.72
N THR F 424 -19.79 -45.90 70.85
CA THR F 424 -20.03 -47.20 71.44
C THR F 424 -21.38 -47.77 71.06
N SER F 425 -22.27 -46.96 70.49
CA SER F 425 -23.58 -47.45 70.05
C SER F 425 -24.15 -46.49 69.02
N THR F 426 -25.25 -46.93 68.40
CA THR F 426 -25.89 -46.11 67.37
C THR F 426 -26.47 -44.83 67.97
N ASP F 427 -27.11 -44.93 69.13
CA ASP F 427 -27.69 -43.74 69.74
C ASP F 427 -26.59 -42.77 70.19
N ASP F 428 -25.47 -43.29 70.67
CA ASP F 428 -24.35 -42.41 71.03
C ASP F 428 -23.79 -41.71 69.81
N PHE F 429 -23.81 -42.38 68.66
CA PHE F 429 -23.40 -41.75 67.42
C PHE F 429 -24.31 -40.56 67.10
N TYR F 430 -25.62 -40.74 67.26
CA TYR F 430 -26.54 -39.64 67.00
C TYR F 430 -26.30 -38.49 67.97
N ARG F 431 -26.14 -38.81 69.25
CA ARG F 431 -25.89 -37.76 70.24
C ARG F 431 -24.62 -36.99 69.90
N LEU F 432 -23.51 -37.71 69.70
CA LEU F 432 -22.23 -37.06 69.43
C LEU F 432 -22.24 -36.33 68.11
N GLY F 433 -22.78 -36.96 67.07
CA GLY F 433 -22.77 -36.34 65.75
C GLY F 433 -23.50 -35.02 65.73
N LYS F 434 -24.61 -34.93 66.46
CA LYS F 434 -25.35 -33.68 66.52
C LYS F 434 -24.52 -32.59 67.18
N GLU F 435 -23.79 -32.91 68.27
CA GLU F 435 -22.96 -31.89 68.89
C GLU F 435 -21.82 -31.48 67.97
N LEU F 436 -21.17 -32.45 67.36
CA LEU F 436 -20.05 -32.13 66.49
C LEU F 436 -20.49 -31.44 65.20
N ALA F 437 -21.69 -31.76 64.72
CA ALA F 437 -22.25 -31.00 63.60
C ALA F 437 -22.30 -29.52 63.93
N LEU F 438 -22.90 -29.16 65.07
CA LEU F 438 -22.93 -27.77 65.51
C LEU F 438 -21.53 -27.26 65.75
N GLN F 439 -20.69 -28.07 66.39
CA GLN F 439 -19.33 -27.64 66.72
C GLN F 439 -18.52 -27.33 65.47
N SER F 440 -18.78 -28.05 64.37
CA SER F 440 -18.03 -27.85 63.14
C SER F 440 -18.35 -26.52 62.47
N GLY F 441 -19.50 -25.92 62.78
CA GLY F 441 -19.94 -24.75 62.06
C GLY F 441 -20.45 -25.02 60.67
N LEU F 442 -20.59 -26.30 60.28
CA LEU F 442 -21.14 -26.68 58.99
C LEU F 442 -22.67 -26.75 58.99
N ALA F 443 -23.29 -26.79 60.17
CA ALA F 443 -24.74 -26.78 60.31
C ALA F 443 -25.06 -26.00 61.57
N HIS F 444 -26.32 -25.62 61.72
CA HIS F 444 -26.72 -24.75 62.82
C HIS F 444 -28.04 -25.22 63.41
N LYS F 445 -28.35 -24.70 64.60
CA LYS F 445 -29.62 -25.02 65.24
C LYS F 445 -30.77 -24.88 64.27
N GLY F 446 -31.63 -25.88 64.25
CA GLY F 446 -32.76 -25.94 63.35
C GLY F 446 -32.47 -26.63 62.03
N ASP F 447 -31.20 -26.78 61.65
CA ASP F 447 -30.87 -27.50 60.44
C ASP F 447 -31.18 -28.99 60.60
N VAL F 448 -31.52 -29.62 59.48
CA VAL F 448 -31.65 -31.07 59.42
C VAL F 448 -30.30 -31.66 59.06
N VAL F 449 -29.92 -32.74 59.75
CA VAL F 449 -28.76 -33.52 59.36
C VAL F 449 -29.19 -34.97 59.17
N VAL F 450 -28.55 -35.66 58.23
CA VAL F 450 -28.75 -37.08 57.99
C VAL F 450 -27.52 -37.82 58.50
N MET F 451 -27.73 -38.88 59.26
CA MET F 451 -26.68 -39.57 59.98
C MET F 451 -26.63 -41.03 59.52
N VAL F 452 -25.46 -41.45 59.04
CA VAL F 452 -25.29 -42.70 58.31
C VAL F 452 -24.24 -43.53 59.03
N SER F 453 -24.56 -44.79 59.29
CA SER F 453 -23.66 -45.66 60.03
C SER F 453 -23.98 -47.12 59.77
N GLY F 454 -23.12 -47.97 60.34
CA GLY F 454 -23.36 -49.39 60.40
C GLY F 454 -23.81 -49.76 61.80
N ALA F 455 -24.96 -50.42 61.89
CA ALA F 455 -25.50 -50.86 63.16
C ALA F 455 -25.54 -52.38 63.17
N LEU F 456 -24.91 -52.98 64.17
CA LEU F 456 -24.95 -54.42 64.35
C LEU F 456 -24.51 -55.18 63.10
N VAL F 457 -23.40 -54.73 62.51
CA VAL F 457 -22.88 -55.42 61.33
C VAL F 457 -21.36 -55.37 61.36
N PRO F 458 -20.72 -56.35 60.72
CA PRO F 458 -19.27 -56.34 60.61
C PRO F 458 -18.78 -55.39 59.52
N SER F 459 -17.46 -55.25 59.51
CA SER F 459 -16.68 -54.60 58.48
C SER F 459 -17.37 -54.17 57.20
N GLY F 460 -17.35 -52.86 56.95
CA GLY F 460 -17.65 -52.27 55.67
C GLY F 460 -19.09 -51.95 55.40
N THR F 461 -20.01 -52.74 55.94
CA THR F 461 -21.42 -52.51 55.65
C THR F 461 -21.92 -51.21 56.26
N THR F 462 -22.67 -50.45 55.47
CA THR F 462 -23.42 -49.28 55.93
C THR F 462 -24.89 -49.63 55.79
N ASN F 463 -25.61 -49.62 56.91
CA ASN F 463 -26.98 -50.12 56.87
C ASN F 463 -28.02 -49.26 57.56
N THR F 464 -27.67 -48.07 58.05
CA THR F 464 -28.60 -47.28 58.86
C THR F 464 -28.51 -45.81 58.49
N ALA F 465 -29.65 -45.17 58.28
CA ALA F 465 -29.75 -43.74 58.01
C ALA F 465 -30.78 -43.14 58.95
N SER F 466 -30.46 -41.99 59.55
CA SER F 466 -31.29 -41.39 60.57
C SER F 466 -31.29 -39.87 60.40
N VAL F 467 -32.46 -39.26 60.58
CA VAL F 467 -32.68 -37.84 60.32
C VAL F 467 -32.91 -37.13 61.65
N HIS F 468 -32.13 -36.08 61.91
CA HIS F 468 -32.20 -35.35 63.16
C HIS F 468 -32.18 -33.85 62.92
N VAL F 469 -32.86 -33.13 63.81
CA VAL F 469 -32.85 -31.67 63.84
C VAL F 469 -31.85 -31.25 64.91
N LEU F 470 -30.96 -30.32 64.57
CA LEU F 470 -29.95 -29.88 65.53
C LEU F 470 -30.53 -28.92 66.56
N MET G 1 -21.15 -40.27 8.69
CA MET G 1 -19.86 -39.70 9.19
C MET G 1 -20.13 -38.76 10.35
N LYS G 2 -19.22 -37.81 10.56
CA LYS G 2 -19.40 -36.81 11.60
C LYS G 2 -20.67 -35.98 11.36
N LYS G 3 -21.18 -35.40 12.43
CA LYS G 3 -22.30 -34.46 12.36
C LYS G 3 -21.87 -33.04 12.63
N THR G 4 -20.91 -32.83 13.53
CA THR G 4 -20.36 -31.50 13.77
C THR G 4 -19.69 -30.96 12.53
N LYS G 5 -19.91 -29.68 12.26
CA LYS G 5 -19.45 -29.04 11.04
C LYS G 5 -18.14 -28.28 11.31
N ILE G 6 -17.31 -28.19 10.28
CA ILE G 6 -15.98 -27.60 10.42
C ILE G 6 -15.91 -26.32 9.60
N VAL G 7 -15.57 -25.22 10.26
CA VAL G 7 -15.25 -23.95 9.60
C VAL G 7 -13.74 -23.89 9.44
N CYS G 8 -13.28 -23.61 8.21
CA CYS G 8 -11.86 -23.50 7.92
C CYS G 8 -11.56 -22.11 7.39
N THR G 9 -10.66 -21.39 8.05
CA THR G 9 -10.12 -20.15 7.50
C THR G 9 -9.20 -20.46 6.34
N ILE G 10 -9.48 -19.87 5.17
CA ILE G 10 -8.71 -20.12 3.96
C ILE G 10 -7.74 -18.98 3.75
N GLY G 11 -6.48 -19.31 3.52
CA GLY G 11 -5.44 -18.33 3.29
C GLY G 11 -4.54 -18.75 2.15
N PRO G 12 -3.34 -18.16 2.07
CA PRO G 12 -2.46 -18.47 0.93
C PRO G 12 -2.18 -19.97 0.77
N LYS G 13 -1.95 -20.68 1.87
CA LYS G 13 -1.57 -22.08 1.80
C LYS G 13 -2.71 -22.96 1.30
N THR G 14 -3.96 -22.48 1.37
CA THR G 14 -5.11 -23.34 1.14
C THR G 14 -6.15 -22.80 0.16
N GLU G 15 -5.83 -21.74 -0.57
CA GLU G 15 -6.81 -21.06 -1.40
C GLU G 15 -6.93 -21.67 -2.80
N SER G 16 -5.93 -22.44 -3.25
CA SER G 16 -5.98 -23.01 -4.59
C SER G 16 -7.15 -23.97 -4.70
N GLU G 17 -7.64 -24.14 -5.93
CA GLU G 17 -8.72 -25.09 -6.17
C GLU G 17 -8.33 -26.49 -5.71
N GLU G 18 -7.08 -26.89 -5.96
CA GLU G 18 -6.65 -28.23 -5.57
C GLU G 18 -6.71 -28.40 -4.05
N MET G 19 -6.19 -27.42 -3.31
CA MET G 19 -6.21 -27.49 -1.86
C MET G 19 -7.63 -27.50 -1.33
N LEU G 20 -8.48 -26.61 -1.84
CA LEU G 20 -9.85 -26.53 -1.35
C LEU G 20 -10.58 -27.85 -1.53
N ALA G 21 -10.37 -28.50 -2.68
CA ALA G 21 -10.99 -29.81 -2.90
C ALA G 21 -10.53 -30.84 -1.89
N LYS G 22 -9.23 -30.84 -1.56
CA LYS G 22 -8.74 -31.77 -0.55
C LYS G 22 -9.25 -31.41 0.84
N MET G 23 -9.49 -30.12 1.09
CA MET G 23 -10.05 -29.70 2.38
C MET G 23 -11.47 -30.21 2.55
N LEU G 24 -12.29 -30.08 1.50
CA LEU G 24 -13.65 -30.61 1.55
C LEU G 24 -13.62 -32.11 1.78
N ASP G 25 -12.74 -32.81 1.05
CA ASP G 25 -12.57 -34.25 1.25
C ASP G 25 -12.29 -34.57 2.72
N ALA G 26 -11.42 -33.77 3.35
CA ALA G 26 -11.00 -34.04 4.72
C ALA G 26 -12.01 -33.61 5.76
N GLY G 27 -13.06 -32.88 5.38
CA GLY G 27 -14.15 -32.60 6.30
C GLY G 27 -14.54 -31.13 6.44
N MET G 28 -13.91 -30.24 5.68
CA MET G 28 -14.31 -28.84 5.69
C MET G 28 -15.73 -28.68 5.20
N ASN G 29 -16.51 -27.83 5.89
CA ASN G 29 -17.87 -27.52 5.50
C ASN G 29 -18.09 -26.04 5.17
N VAL G 30 -17.39 -25.14 5.84
CA VAL G 30 -17.59 -23.71 5.67
C VAL G 30 -16.23 -23.04 5.50
N MET G 31 -16.11 -22.17 4.51
CA MET G 31 -14.92 -21.37 4.30
C MET G 31 -15.05 -20.04 5.03
N ARG G 32 -14.10 -19.75 5.91
CA ARG G 32 -14.00 -18.45 6.56
C ARG G 32 -13.00 -17.56 5.83
N LEU G 33 -13.43 -16.35 5.50
CA LEU G 33 -12.57 -15.30 4.97
C LEU G 33 -12.35 -14.31 6.10
N ASN G 34 -11.11 -14.23 6.58
CA ASN G 34 -10.75 -13.34 7.68
C ASN G 34 -10.32 -12.00 7.10
N PHE G 35 -11.19 -11.01 7.20
CA PHE G 35 -10.92 -9.71 6.61
C PHE G 35 -10.06 -8.83 7.49
N SER G 36 -9.50 -9.39 8.57
CA SER G 36 -8.39 -8.73 9.24
C SER G 36 -7.19 -8.62 8.31
N HIS G 37 -7.10 -9.49 7.30
CA HIS G 37 -6.00 -9.47 6.35
C HIS G 37 -6.52 -9.71 4.95
N GLY G 38 -5.64 -9.47 3.96
CA GLY G 38 -5.98 -9.64 2.57
C GLY G 38 -6.70 -8.45 1.97
N ASP G 39 -6.83 -8.48 0.65
CA ASP G 39 -7.52 -7.45 -0.14
C ASP G 39 -8.63 -8.11 -0.96
N TYR G 40 -9.44 -7.29 -1.64
CA TYR G 40 -10.65 -7.83 -2.26
C TYR G 40 -10.33 -8.82 -3.37
N ALA G 41 -9.21 -8.62 -4.08
CA ALA G 41 -8.86 -9.54 -5.15
C ALA G 41 -8.51 -10.93 -4.61
N GLU G 42 -7.78 -10.97 -3.50
CA GLU G 42 -7.45 -12.24 -2.89
C GLU G 42 -8.71 -12.96 -2.39
N HIS G 43 -9.53 -12.25 -1.62
CA HIS G 43 -10.75 -12.87 -1.09
C HIS G 43 -11.70 -13.25 -2.22
N GLY G 44 -11.83 -12.37 -3.22
CA GLY G 44 -12.67 -12.68 -4.38
C GLY G 44 -12.22 -13.93 -5.11
N GLN G 45 -10.91 -14.12 -5.25
CA GLN G 45 -10.39 -15.31 -5.92
C GLN G 45 -10.67 -16.56 -5.10
N ARG G 46 -10.53 -16.46 -3.77
CA ARG G 46 -10.87 -17.57 -2.89
C ARG G 46 -12.32 -17.97 -3.07
N ILE G 47 -13.22 -16.99 -3.11
CA ILE G 47 -14.63 -17.27 -3.32
C ILE G 47 -14.84 -17.97 -4.65
N GLN G 48 -14.19 -17.46 -5.70
CA GLN G 48 -14.35 -18.08 -7.00
C GLN G 48 -13.78 -19.51 -7.00
N ASN G 49 -12.60 -19.70 -6.42
CA ASN G 49 -12.00 -21.03 -6.39
C ASN G 49 -12.94 -22.03 -5.71
N LEU G 50 -13.55 -21.65 -4.59
CA LEU G 50 -14.46 -22.56 -3.91
C LEU G 50 -15.68 -22.86 -4.78
N ARG G 51 -16.24 -21.84 -5.42
CA ARG G 51 -17.40 -22.05 -6.28
C ARG G 51 -17.05 -22.94 -7.46
N ASN G 52 -15.83 -22.82 -8.00
CA ASN G 52 -15.42 -23.75 -9.04
C ASN G 52 -15.36 -25.18 -8.52
N VAL G 53 -14.78 -25.36 -7.34
CA VAL G 53 -14.69 -26.71 -6.77
C VAL G 53 -16.08 -27.28 -6.52
N MET G 54 -16.99 -26.46 -5.98
CA MET G 54 -18.34 -26.97 -5.73
C MET G 54 -19.02 -27.38 -7.03
N SER G 55 -18.82 -26.62 -8.10
CA SER G 55 -19.43 -26.99 -9.39
C SER G 55 -18.83 -28.28 -9.92
N LYS G 56 -17.50 -28.38 -9.92
CA LYS G 56 -16.87 -29.57 -10.47
C LYS G 56 -17.19 -30.81 -9.65
N THR G 57 -17.31 -30.65 -8.33
CA THR G 57 -17.46 -31.82 -7.48
C THR G 57 -18.90 -32.09 -7.07
N GLY G 58 -19.78 -31.12 -7.21
CA GLY G 58 -21.12 -31.23 -6.67
C GLY G 58 -21.20 -31.12 -5.16
N LYS G 59 -20.10 -30.82 -4.48
CA LYS G 59 -20.12 -30.65 -3.05
C LYS G 59 -20.68 -29.28 -2.68
N THR G 60 -21.31 -29.22 -1.52
CA THR G 60 -21.90 -27.99 -1.01
C THR G 60 -21.05 -27.48 0.15
N ALA G 61 -20.77 -26.18 0.13
CA ALA G 61 -20.09 -25.51 1.23
C ALA G 61 -20.72 -24.14 1.39
N ALA G 62 -20.49 -23.53 2.54
CA ALA G 62 -20.95 -22.18 2.82
C ALA G 62 -19.73 -21.28 2.92
N ILE G 63 -19.98 -19.97 2.79
CA ILE G 63 -18.93 -18.95 2.85
C ILE G 63 -19.29 -17.98 3.97
N LEU G 64 -18.33 -17.77 4.86
CA LEU G 64 -18.50 -16.89 6.02
C LEU G 64 -17.46 -15.79 5.96
N LEU G 65 -17.93 -14.55 5.96
CA LEU G 65 -17.07 -13.38 5.97
C LEU G 65 -16.93 -12.91 7.41
N ASP G 66 -15.69 -12.85 7.90
CA ASP G 66 -15.40 -12.51 9.28
C ASP G 66 -14.73 -11.15 9.32
N THR G 67 -15.40 -10.17 9.95
CA THR G 67 -14.92 -8.81 9.93
C THR G 67 -13.70 -8.63 10.83
N LYS G 68 -12.87 -7.64 10.49
CA LYS G 68 -11.81 -7.24 11.41
C LYS G 68 -12.41 -6.65 12.69
N GLY G 69 -13.33 -5.71 12.55
CA GLY G 69 -13.98 -5.13 13.70
C GLY G 69 -13.17 -3.98 14.26
N PRO G 70 -13.77 -3.23 15.17
CA PRO G 70 -13.02 -2.14 15.82
C PRO G 70 -12.03 -2.71 16.84
N GLU G 71 -10.88 -2.06 16.95
CA GLU G 71 -9.90 -2.45 17.95
C GLU G 71 -9.15 -1.22 18.46
N ILE G 72 -8.67 -1.33 19.69
CA ILE G 72 -7.73 -0.37 20.26
C ILE G 72 -6.34 -0.94 20.11
N ARG G 73 -5.42 -0.18 19.51
CA ARG G 73 -4.04 -0.63 19.39
C ARG G 73 -3.11 0.45 19.93
N THR G 74 -1.98 0.02 20.49
CA THR G 74 -0.86 0.92 20.69
C THR G 74 -0.28 1.29 19.33
N MET G 75 0.66 2.23 19.31
CA MET G 75 1.19 2.69 18.02
C MET G 75 2.71 2.59 17.95
N LYS G 76 3.37 3.60 17.40
CA LYS G 76 4.77 3.49 17.02
C LYS G 76 5.70 3.73 18.21
N LEU G 77 6.94 3.26 18.08
CA LEU G 77 7.96 3.38 19.11
C LEU G 77 9.24 3.96 18.52
N GLU G 78 10.09 4.54 19.38
CA GLU G 78 11.34 5.12 18.93
C GLU G 78 12.15 4.10 18.13
N GLY G 79 12.54 4.48 16.92
CA GLY G 79 13.37 3.64 16.09
C GLY G 79 12.69 2.34 15.70
N GLY G 80 11.40 2.23 15.96
CA GLY G 80 10.69 0.97 15.80
C GLY G 80 11.25 -0.18 16.63
N ASN G 81 11.89 0.13 17.75
CA ASN G 81 12.47 -0.89 18.61
C ASN G 81 11.51 -1.24 19.75
N ASP G 82 11.44 -2.53 20.10
CA ASP G 82 10.79 -2.92 21.34
C ASP G 82 11.36 -2.14 22.51
N VAL G 83 10.54 -1.94 23.53
CA VAL G 83 10.98 -1.33 24.78
C VAL G 83 10.62 -2.27 25.91
N SER G 84 11.50 -2.37 26.91
CA SER G 84 11.29 -3.25 28.05
C SER G 84 10.59 -2.49 29.16
N LEU G 85 9.44 -2.99 29.59
CA LEU G 85 8.65 -2.41 30.66
C LEU G 85 8.86 -3.23 31.93
N LYS G 86 8.99 -2.55 33.05
CA LYS G 86 9.36 -3.19 34.32
C LYS G 86 8.22 -3.13 35.31
N ALA G 87 7.98 -4.24 36.00
CA ALA G 87 6.98 -4.29 37.06
C ALA G 87 7.22 -3.17 38.05
N GLY G 88 6.17 -2.40 38.34
CA GLY G 88 6.22 -1.31 39.29
C GLY G 88 6.41 0.04 38.67
N GLN G 89 6.99 0.11 37.47
CA GLN G 89 7.24 1.39 36.82
C GLN G 89 5.92 2.07 36.46
N THR G 90 6.00 3.39 36.30
CA THR G 90 4.93 4.16 35.67
C THR G 90 5.01 4.09 34.15
N PHE G 91 3.84 3.93 33.53
CA PHE G 91 3.72 3.91 32.07
C PHE G 91 2.44 4.64 31.71
N THR G 92 2.48 5.37 30.60
CA THR G 92 1.39 6.27 30.25
C THR G 92 0.91 5.99 28.84
N PHE G 93 -0.40 6.00 28.66
CA PHE G 93 -1.02 5.98 27.34
C PHE G 93 -1.52 7.38 27.00
N THR G 94 -1.29 7.81 25.75
CA THR G 94 -1.82 9.07 25.26
C THR G 94 -2.67 8.84 24.03
N THR G 95 -3.75 9.61 23.91
CA THR G 95 -4.60 9.58 22.72
C THR G 95 -4.10 10.50 21.61
N ASP G 96 -2.98 11.19 21.82
CA ASP G 96 -2.36 12.01 20.79
C ASP G 96 -1.61 11.10 19.83
N LYS G 97 -2.17 10.91 18.63
CA LYS G 97 -1.61 9.97 17.66
C LYS G 97 -0.29 10.43 17.08
N SER G 98 0.14 11.67 17.34
CA SER G 98 1.43 12.14 16.83
C SER G 98 2.60 11.62 17.65
N VAL G 99 2.36 11.13 18.86
CA VAL G 99 3.44 10.82 19.80
C VAL G 99 4.15 9.55 19.37
N ILE G 100 5.48 9.58 19.40
CA ILE G 100 6.33 8.41 19.21
C ILE G 100 6.66 7.84 20.59
N GLY G 101 6.48 6.53 20.76
CA GLY G 101 6.53 5.95 22.08
C GLY G 101 7.92 5.52 22.50
N ASN G 102 8.05 5.26 23.79
CA ASN G 102 9.30 4.84 24.41
C ASN G 102 8.93 4.09 25.68
N SER G 103 9.92 3.80 26.52
CA SER G 103 9.65 3.02 27.71
C SER G 103 8.79 3.74 28.72
N GLU G 104 8.45 5.01 28.50
CA GLU G 104 7.62 5.71 29.48
C GLU G 104 6.19 5.96 29.00
N MET G 105 5.94 6.04 27.70
CA MET G 105 4.60 6.33 27.21
C MET G 105 4.48 5.91 25.76
N VAL G 106 3.26 5.60 25.35
CA VAL G 106 2.95 5.28 23.96
C VAL G 106 1.54 5.77 23.66
N ALA G 107 1.29 6.07 22.39
CA ALA G 107 -0.04 6.49 21.96
C ALA G 107 -0.93 5.27 21.67
N VAL G 108 -2.23 5.48 21.80
CA VAL G 108 -3.23 4.48 21.43
C VAL G 108 -4.12 5.10 20.37
N THR G 109 -4.71 4.23 19.55
CA THR G 109 -5.49 4.68 18.40
C THR G 109 -6.88 5.18 18.75
N TYR G 110 -7.35 5.00 19.99
CA TYR G 110 -8.75 5.25 20.35
C TYR G 110 -8.85 6.49 21.22
N GLU G 111 -9.55 7.50 20.70
CA GLU G 111 -9.64 8.78 21.40
C GLU G 111 -10.42 8.66 22.70
N GLY G 112 -11.35 7.71 22.79
CA GLY G 112 -12.15 7.55 23.99
C GLY G 112 -11.42 6.85 25.12
N PHE G 113 -10.11 6.65 24.94
CA PHE G 113 -9.34 5.92 25.94
C PHE G 113 -9.45 6.60 27.30
N THR G 114 -9.32 7.92 27.33
CA THR G 114 -9.43 8.68 28.57
C THR G 114 -10.85 8.70 29.12
N THR G 115 -11.86 8.57 28.25
CA THR G 115 -13.25 8.67 28.72
C THR G 115 -13.75 7.37 29.33
N ASP G 116 -13.48 6.22 28.69
CA ASP G 116 -14.07 4.96 29.09
C ASP G 116 -13.39 4.33 30.31
N LEU G 117 -12.14 4.67 30.57
CA LEU G 117 -11.39 4.08 31.67
C LEU G 117 -11.60 4.87 32.96
N SER G 118 -11.38 4.20 34.08
CA SER G 118 -11.44 4.81 35.40
C SER G 118 -10.17 4.45 36.16
N VAL G 119 -9.84 5.28 37.15
CA VAL G 119 -8.70 4.97 38.00
C VAL G 119 -8.99 3.64 38.68
N GLY G 120 -8.02 2.73 38.63
CA GLY G 120 -8.19 1.40 39.17
C GLY G 120 -8.52 0.33 38.16
N ASN G 121 -8.92 0.70 36.95
CA ASN G 121 -9.16 -0.27 35.90
C ASN G 121 -7.85 -0.97 35.51
N THR G 122 -7.99 -2.14 34.88
CA THR G 122 -6.86 -2.87 34.34
C THR G 122 -6.75 -2.64 32.85
N VAL G 123 -5.53 -2.34 32.38
CA VAL G 123 -5.21 -2.27 30.96
C VAL G 123 -4.28 -3.43 30.63
N LEU G 124 -4.63 -4.21 29.59
CA LEU G 124 -3.80 -5.28 29.09
C LEU G 124 -3.30 -4.94 27.70
N VAL G 125 -2.03 -5.23 27.42
CA VAL G 125 -1.40 -4.88 26.16
C VAL G 125 -0.81 -6.15 25.55
N ASP G 126 -1.02 -6.33 24.24
CA ASP G 126 -0.45 -7.44 23.47
C ASP G 126 -1.02 -8.75 23.96
N ASP G 127 -2.32 -8.94 23.73
CA ASP G 127 -3.07 -10.13 24.12
C ASP G 127 -2.75 -10.55 25.55
N GLY G 128 -2.74 -9.56 26.45
CA GLY G 128 -2.54 -9.81 27.86
C GLY G 128 -1.12 -10.09 28.29
N LEU G 129 -0.12 -9.84 27.43
CA LEU G 129 1.25 -10.05 27.85
C LEU G 129 1.59 -9.16 29.04
N ILE G 130 1.22 -7.88 28.98
CA ILE G 130 1.58 -6.91 29.99
C ILE G 130 0.29 -6.34 30.58
N GLY G 131 0.17 -6.44 31.90
CA GLY G 131 -0.94 -5.86 32.63
C GLY G 131 -0.53 -4.58 33.32
N MET G 132 -1.48 -3.64 33.42
CA MET G 132 -1.23 -2.36 34.06
C MET G 132 -2.47 -1.92 34.81
N GLU G 133 -2.26 -1.09 35.82
CA GLU G 133 -3.34 -0.51 36.62
C GLU G 133 -3.41 0.99 36.36
N VAL G 134 -4.59 1.48 36.00
CA VAL G 134 -4.77 2.92 35.86
C VAL G 134 -4.63 3.57 37.22
N THR G 135 -3.70 4.51 37.35
CA THR G 135 -3.52 5.28 38.58
C THR G 135 -4.01 6.72 38.47
N ALA G 136 -4.04 7.28 37.27
CA ALA G 136 -4.54 8.62 37.07
C ALA G 136 -4.90 8.81 35.61
N ILE G 137 -5.82 9.74 35.35
CA ILE G 137 -6.22 10.14 34.01
C ILE G 137 -6.19 11.67 33.97
N GLU G 138 -5.34 12.23 33.11
CA GLU G 138 -5.19 13.68 33.01
C GLU G 138 -5.12 14.07 31.54
N GLY G 139 -6.03 14.93 31.12
CA GLY G 139 -6.03 15.37 29.73
C GLY G 139 -6.20 14.19 28.81
N ASN G 140 -5.30 14.08 27.82
CA ASN G 140 -5.32 12.99 26.87
C ASN G 140 -4.36 11.87 27.27
N LYS G 141 -4.11 11.71 28.58
CA LYS G 141 -3.20 10.71 29.09
C LYS G 141 -3.89 9.81 30.11
N VAL G 142 -3.57 8.52 30.06
CA VAL G 142 -3.98 7.54 31.05
C VAL G 142 -2.69 7.04 31.71
N ILE G 143 -2.50 7.43 32.97
CA ILE G 143 -1.27 7.12 33.70
C ILE G 143 -1.46 5.82 34.45
N CYS G 144 -0.52 4.88 34.30
CA CYS G 144 -0.66 3.56 34.90
C CYS G 144 0.59 3.13 35.63
N LYS G 145 0.44 2.05 36.41
CA LYS G 145 1.55 1.29 36.97
C LYS G 145 1.62 -0.06 36.26
N VAL G 146 2.81 -0.41 35.78
CA VAL G 146 2.99 -1.70 35.12
C VAL G 146 3.02 -2.79 36.19
N LEU G 147 2.23 -3.84 35.97
CA LEU G 147 2.10 -4.90 36.97
C LEU G 147 3.07 -6.06 36.75
N ASN G 148 3.62 -6.21 35.55
CA ASN G 148 4.58 -7.29 35.31
C ASN G 148 5.55 -6.90 34.21
N ASN G 149 6.75 -7.49 34.26
CA ASN G 149 7.75 -7.26 33.23
C ASN G 149 7.24 -7.73 31.87
N GLY G 150 7.61 -7.01 30.81
CA GLY G 150 7.32 -7.42 29.46
C GLY G 150 7.86 -6.46 28.42
N ASP G 151 8.13 -6.97 27.22
CA ASP G 151 8.59 -6.12 26.12
C ASP G 151 7.40 -5.65 25.31
N LEU G 152 7.29 -4.34 25.15
CA LEU G 152 6.26 -3.74 24.31
C LEU G 152 6.82 -3.50 22.92
N GLY G 153 6.17 -4.07 21.90
CA GLY G 153 6.49 -3.79 20.53
C GLY G 153 5.56 -2.72 19.95
N GLU G 154 5.57 -2.63 18.63
CA GLU G 154 4.73 -1.65 17.96
C GLU G 154 3.36 -2.23 17.62
N ASN G 155 2.36 -1.35 17.61
CA ASN G 155 1.01 -1.67 17.15
C ASN G 155 0.49 -2.98 17.76
N LYS G 156 0.27 -2.91 19.08
CA LYS G 156 -0.15 -4.07 19.85
C LYS G 156 -1.60 -3.89 20.32
N GLY G 157 -2.34 -4.99 20.33
CA GLY G 157 -3.72 -4.93 20.76
C GLY G 157 -3.83 -4.58 22.24
N VAL G 158 -4.87 -3.81 22.58
CA VAL G 158 -5.18 -3.43 23.95
C VAL G 158 -6.53 -4.03 24.33
N ASN G 159 -6.57 -4.65 25.51
CA ASN G 159 -7.79 -5.20 26.08
C ASN G 159 -8.05 -4.53 27.43
N LEU G 160 -9.32 -4.17 27.67
CA LEU G 160 -9.72 -3.47 28.89
C LEU G 160 -10.77 -4.30 29.63
N PRO G 161 -10.34 -5.27 30.44
CA PRO G 161 -11.30 -6.19 31.07
C PRO G 161 -12.37 -5.46 31.86
N GLY G 162 -13.63 -5.84 31.60
CA GLY G 162 -14.76 -5.34 32.35
C GLY G 162 -15.19 -3.93 32.03
N VAL G 163 -14.60 -3.31 31.01
CA VAL G 163 -14.92 -1.95 30.62
C VAL G 163 -15.85 -1.99 29.43
N SER G 164 -16.92 -1.18 29.47
CA SER G 164 -17.78 -0.98 28.32
C SER G 164 -17.12 0.09 27.43
N ILE G 165 -16.70 -0.32 26.25
CA ILE G 165 -15.89 0.53 25.36
C ILE G 165 -16.80 1.11 24.30
N ALA G 166 -16.81 2.44 24.19
CA ALA G 166 -17.64 3.14 23.21
C ALA G 166 -17.00 3.21 21.83
N LEU G 167 -16.43 2.11 21.36
CA LEU G 167 -15.99 2.03 19.98
C LEU G 167 -17.22 1.78 19.11
N PRO G 168 -17.21 2.22 17.85
CA PRO G 168 -18.38 1.96 16.99
C PRO G 168 -18.54 0.48 16.71
N ALA G 169 -19.78 0.11 16.36
CA ALA G 169 -20.04 -1.27 15.98
C ALA G 169 -19.21 -1.69 14.78
N LEU G 170 -19.03 -0.78 13.82
CA LEU G 170 -18.31 -1.05 12.59
C LEU G 170 -17.21 -0.04 12.37
N ALA G 171 -16.00 -0.52 12.07
CA ALA G 171 -14.98 0.33 11.48
C ALA G 171 -15.38 0.67 10.05
N GLU G 172 -14.85 1.80 9.55
CA GLU G 172 -15.13 2.17 8.17
C GLU G 172 -14.73 1.05 7.21
N LYS G 173 -13.60 0.40 7.46
CA LYS G 173 -13.18 -0.72 6.62
C LYS G 173 -14.20 -1.86 6.66
N ASP G 174 -14.86 -2.05 7.80
CA ASP G 174 -15.84 -3.12 7.91
C ASP G 174 -17.02 -2.84 6.97
N LYS G 175 -17.49 -1.60 6.91
CA LYS G 175 -18.63 -1.26 6.08
C LYS G 175 -18.37 -1.64 4.63
N GLN G 176 -17.18 -1.31 4.11
CA GLN G 176 -16.82 -1.68 2.75
C GLN G 176 -16.70 -3.19 2.59
N ASP G 177 -16.05 -3.85 3.56
CA ASP G 177 -15.94 -5.30 3.51
C ASP G 177 -17.32 -5.95 3.46
N LEU G 178 -18.28 -5.40 4.21
CA LEU G 178 -19.62 -5.96 4.21
C LEU G 178 -20.32 -5.78 2.86
N ILE G 179 -20.10 -4.63 2.22
CA ILE G 179 -20.67 -4.42 0.89
C ILE G 179 -20.08 -5.43 -0.08
N PHE G 180 -18.76 -5.62 -0.03
CA PHE G 180 -18.11 -6.67 -0.82
C PHE G 180 -18.76 -8.02 -0.56
N GLY G 181 -19.04 -8.32 0.71
CA GLY G 181 -19.71 -9.57 1.04
C GLY G 181 -21.06 -9.70 0.36
N CYS G 182 -21.84 -8.63 0.36
CA CYS G 182 -23.14 -8.66 -0.31
C CYS G 182 -22.96 -8.85 -1.81
N GLU G 183 -22.02 -8.12 -2.42
CA GLU G 183 -21.78 -8.28 -3.84
C GLU G 183 -21.44 -9.71 -4.17
N GLN G 184 -20.64 -10.35 -3.33
CA GLN G 184 -20.15 -11.71 -3.57
C GLN G 184 -21.15 -12.77 -3.14
N GLY G 185 -22.22 -12.38 -2.46
CA GLY G 185 -23.22 -13.35 -2.00
C GLY G 185 -22.75 -14.31 -0.93
N VAL G 186 -22.04 -13.80 0.09
CA VAL G 186 -21.62 -14.67 1.20
C VAL G 186 -22.84 -15.15 1.96
N ASP G 187 -22.68 -16.24 2.70
CA ASP G 187 -23.79 -16.86 3.40
C ASP G 187 -23.91 -16.38 4.84
N PHE G 188 -22.79 -16.07 5.47
CA PHE G 188 -22.72 -15.65 6.85
C PHE G 188 -21.79 -14.45 6.93
N VAL G 189 -22.09 -13.55 7.85
CA VAL G 189 -21.16 -12.51 8.29
C VAL G 189 -20.92 -12.73 9.78
N ALA G 190 -19.67 -12.95 10.16
CA ALA G 190 -19.27 -13.02 11.56
C ALA G 190 -18.81 -11.63 11.97
N ALA G 191 -19.54 -11.01 12.89
CA ALA G 191 -19.29 -9.63 13.29
C ALA G 191 -18.46 -9.65 14.56
N SER G 192 -17.30 -8.99 14.51
CA SER G 192 -16.35 -9.02 15.62
C SER G 192 -16.80 -8.07 16.72
N PHE G 193 -16.47 -8.44 17.96
CA PHE G 193 -16.53 -7.54 19.12
C PHE G 193 -17.94 -6.98 19.35
N ILE G 194 -18.93 -7.86 19.28
CA ILE G 194 -20.32 -7.47 19.50
C ILE G 194 -20.56 -7.36 21.00
N ARG G 195 -21.00 -6.17 21.44
CA ARG G 195 -21.13 -5.85 22.85
C ARG G 195 -22.57 -5.64 23.31
N LYS G 196 -23.48 -5.40 22.38
CA LYS G 196 -24.87 -5.06 22.73
C LYS G 196 -25.75 -5.22 21.50
N ARG G 197 -27.05 -5.29 21.74
CA ARG G 197 -27.99 -5.56 20.66
C ARG G 197 -27.89 -4.51 19.56
N SER G 198 -27.65 -3.24 19.93
CA SER G 198 -27.59 -2.20 18.91
C SER G 198 -26.43 -2.42 17.95
N ASP G 199 -25.37 -3.10 18.40
CA ASP G 199 -24.29 -3.43 17.48
C ASP G 199 -24.79 -4.36 16.38
N VAL G 200 -25.58 -5.37 16.76
CA VAL G 200 -26.12 -6.31 15.79
C VAL G 200 -27.05 -5.59 14.83
N ILE G 201 -27.92 -4.72 15.36
CA ILE G 201 -28.85 -3.98 14.52
C ILE G 201 -28.11 -3.15 13.49
N GLU G 202 -27.03 -2.48 13.91
CA GLU G 202 -26.24 -1.69 12.97
C GLU G 202 -25.75 -2.55 11.82
N ILE G 203 -25.27 -3.75 12.11
CA ILE G 203 -24.80 -4.65 11.06
C ILE G 203 -25.95 -4.98 10.12
N ARG G 204 -27.11 -5.31 10.71
CA ARG G 204 -28.27 -5.71 9.94
C ARG G 204 -28.74 -4.60 9.02
N GLU G 205 -28.77 -3.36 9.51
CA GLU G 205 -29.21 -2.24 8.68
C GLU G 205 -28.21 -1.98 7.55
N HIS G 206 -26.92 -2.14 7.82
CA HIS G 206 -25.94 -1.98 6.76
C HIS G 206 -26.10 -3.03 5.67
N LEU G 207 -26.32 -4.28 6.06
CA LEU G 207 -26.50 -5.33 5.06
C LEU G 207 -27.80 -5.15 4.29
N LYS G 208 -28.86 -4.74 4.97
CA LYS G 208 -30.15 -4.57 4.30
C LYS G 208 -30.11 -3.43 3.29
N ALA G 209 -29.17 -2.50 3.44
CA ALA G 209 -29.04 -1.41 2.49
C ALA G 209 -28.31 -1.84 1.23
N HIS G 210 -27.74 -3.04 1.21
CA HIS G 210 -26.99 -3.47 0.03
C HIS G 210 -27.38 -4.85 -0.45
N GLY G 211 -28.63 -5.25 -0.23
CA GLY G 211 -29.07 -6.51 -0.76
C GLY G 211 -28.61 -7.72 0.04
N GLY G 212 -28.24 -7.52 1.30
CA GLY G 212 -27.78 -8.61 2.13
C GLY G 212 -28.80 -9.02 3.17
N GLU G 213 -30.09 -8.78 2.91
CA GLU G 213 -31.11 -9.10 3.90
C GLU G 213 -31.18 -10.59 4.22
N ASN G 214 -30.72 -11.45 3.33
CA ASN G 214 -30.77 -12.88 3.54
C ASN G 214 -29.52 -13.44 4.19
N ILE G 215 -28.55 -12.57 4.51
CA ILE G 215 -27.28 -13.00 5.06
C ILE G 215 -27.45 -13.20 6.56
N HIS G 216 -26.95 -14.31 7.09
CA HIS G 216 -27.07 -14.59 8.51
C HIS G 216 -25.90 -13.94 9.26
N ILE G 217 -26.22 -13.27 10.36
CA ILE G 217 -25.24 -12.57 11.18
C ILE G 217 -24.87 -13.46 12.36
N ILE G 218 -23.58 -13.79 12.44
CA ILE G 218 -23.01 -14.55 13.55
C ILE G 218 -22.27 -13.56 14.45
N SER G 219 -22.81 -13.30 15.63
CA SER G 219 -22.18 -12.33 16.53
C SER G 219 -21.06 -13.01 17.32
N LYS G 220 -19.87 -12.40 17.28
CA LYS G 220 -18.72 -12.88 18.03
C LYS G 220 -18.77 -12.27 19.43
N ILE G 221 -18.80 -13.13 20.44
CA ILE G 221 -18.84 -12.73 21.84
C ILE G 221 -17.40 -12.79 22.35
N GLU G 222 -16.83 -11.63 22.65
CA GLU G 222 -15.41 -11.55 22.94
C GLU G 222 -15.07 -10.88 24.26
N ASN G 223 -16.03 -10.24 24.94
CA ASN G 223 -15.69 -9.58 26.18
C ASN G 223 -16.88 -9.59 27.13
N GLN G 224 -16.67 -8.97 28.30
CA GLN G 224 -17.65 -9.06 29.37
C GLN G 224 -18.96 -8.37 29.00
N GLU G 225 -18.89 -7.20 28.36
CA GLU G 225 -20.11 -6.49 27.99
C GLU G 225 -20.97 -7.36 27.08
N GLY G 226 -20.35 -7.96 26.06
CA GLY G 226 -21.09 -8.87 25.20
C GLY G 226 -21.67 -10.03 25.97
N LEU G 227 -20.91 -10.56 26.93
CA LEU G 227 -21.41 -11.63 27.78
C LEU G 227 -22.60 -11.14 28.61
N ASN G 228 -22.49 -9.94 29.20
CA ASN G 228 -23.58 -9.44 30.03
C ASN G 228 -24.85 -9.27 29.19
N ASN G 229 -24.70 -8.82 27.95
CA ASN G 229 -25.84 -8.57 27.07
C ASN G 229 -26.14 -9.76 26.16
N PHE G 230 -25.68 -10.95 26.52
CA PHE G 230 -25.74 -12.07 25.57
C PHE G 230 -27.17 -12.35 25.13
N ASP G 231 -28.12 -12.34 26.06
CA ASP G 231 -29.49 -12.72 25.72
C ASP G 231 -30.04 -11.83 24.62
N GLU G 232 -29.86 -10.51 24.75
CA GLU G 232 -30.36 -9.60 23.72
C GLU G 232 -29.56 -9.73 22.44
N ILE G 233 -28.25 -10.00 22.54
CA ILE G 233 -27.45 -10.17 21.32
C ILE G 233 -27.93 -11.40 20.55
N LEU G 234 -28.07 -12.53 21.24
CA LEU G 234 -28.53 -13.75 20.58
C LEU G 234 -29.90 -13.54 19.92
N GLU G 235 -30.81 -12.86 20.62
CA GLU G 235 -32.16 -12.69 20.06
C GLU G 235 -32.09 -11.97 18.72
N ALA G 236 -31.22 -10.96 18.62
CA ALA G 236 -31.11 -10.17 17.40
C ALA G 236 -30.22 -10.81 16.35
N SER G 237 -29.42 -11.82 16.71
CA SER G 237 -28.50 -12.46 15.79
C SER G 237 -29.11 -13.73 15.20
N ASP G 238 -28.46 -14.24 14.17
CA ASP G 238 -28.80 -15.55 13.62
C ASP G 238 -27.97 -16.68 14.22
N GLY G 239 -26.86 -16.35 14.87
CA GLY G 239 -25.99 -17.33 15.48
C GLY G 239 -24.90 -16.64 16.27
N ILE G 240 -24.05 -17.45 16.88
CA ILE G 240 -23.03 -16.97 17.81
C ILE G 240 -21.72 -17.65 17.51
N MET G 241 -20.62 -16.89 17.57
CA MET G 241 -19.27 -17.44 17.58
C MET G 241 -18.67 -17.21 18.95
N VAL G 242 -18.30 -18.28 19.63
CA VAL G 242 -17.67 -18.21 20.93
C VAL G 242 -16.16 -18.05 20.72
N ALA G 243 -15.64 -16.84 20.96
CA ALA G 243 -14.22 -16.53 20.76
C ALA G 243 -13.51 -16.71 22.10
N ARG G 244 -13.17 -17.97 22.39
CA ARG G 244 -12.64 -18.28 23.71
C ARG G 244 -11.36 -17.51 24.01
N GLY G 245 -10.46 -17.43 23.03
CA GLY G 245 -9.18 -16.77 23.25
C GLY G 245 -9.33 -15.35 23.74
N ASP G 246 -10.24 -14.59 23.13
CA ASP G 246 -10.47 -13.21 23.53
C ASP G 246 -11.09 -13.15 24.92
N LEU G 247 -12.06 -14.03 25.19
CA LEU G 247 -12.66 -14.06 26.52
C LEU G 247 -11.62 -14.31 27.60
N GLY G 248 -10.59 -15.11 27.29
CA GLY G 248 -9.56 -15.40 28.26
C GLY G 248 -8.78 -14.17 28.70
N VAL G 249 -8.72 -13.15 27.83
CA VAL G 249 -8.04 -11.91 28.21
C VAL G 249 -8.99 -10.89 28.81
N GLU G 250 -10.30 -11.14 28.81
CA GLU G 250 -11.28 -10.13 29.15
C GLU G 250 -12.08 -10.41 30.40
N ILE G 251 -12.22 -11.66 30.81
CA ILE G 251 -13.03 -11.99 31.98
C ILE G 251 -12.25 -12.91 32.91
N PRO G 252 -12.69 -13.10 34.16
CA PRO G 252 -11.98 -14.03 35.06
C PRO G 252 -11.82 -15.40 34.42
N VAL G 253 -10.61 -15.94 34.51
CA VAL G 253 -10.28 -17.13 33.73
C VAL G 253 -11.20 -18.30 34.09
N GLU G 254 -11.62 -18.40 35.34
CA GLU G 254 -12.48 -19.51 35.74
C GLU G 254 -13.90 -19.38 35.18
N GLU G 255 -14.27 -18.23 34.63
CA GLU G 255 -15.59 -18.04 34.05
C GLU G 255 -15.65 -18.47 32.59
N VAL G 256 -14.52 -18.57 31.90
CA VAL G 256 -14.57 -18.75 30.45
C VAL G 256 -15.28 -20.04 30.08
N ILE G 257 -15.01 -21.12 30.80
CA ILE G 257 -15.60 -22.41 30.45
C ILE G 257 -17.12 -22.37 30.56
N PHE G 258 -17.63 -21.71 31.60
CA PHE G 258 -19.07 -21.62 31.78
C PHE G 258 -19.71 -20.60 30.84
N ALA G 259 -18.97 -19.56 30.45
CA ALA G 259 -19.46 -18.67 29.40
C ALA G 259 -19.69 -19.46 28.11
N GLN G 260 -18.72 -20.32 27.74
CA GLN G 260 -18.90 -21.14 26.55
C GLN G 260 -20.10 -22.07 26.70
N LYS G 261 -20.15 -22.82 27.80
CA LYS G 261 -21.23 -23.79 27.98
C LYS G 261 -22.59 -23.12 28.01
N MET G 262 -22.71 -22.00 28.72
CA MET G 262 -23.99 -21.31 28.78
C MET G 262 -24.40 -20.79 27.41
N MET G 263 -23.45 -20.20 26.66
CA MET G 263 -23.80 -19.66 25.36
C MET G 263 -24.21 -20.76 24.39
N ILE G 264 -23.51 -21.90 24.41
CA ILE G 264 -23.91 -23.01 23.55
C ILE G 264 -25.30 -23.50 23.91
N GLU G 265 -25.56 -23.67 25.21
CA GLU G 265 -26.88 -24.14 25.63
C GLU G 265 -28.00 -23.19 25.20
N LYS G 266 -27.78 -21.89 25.36
CA LYS G 266 -28.82 -20.93 24.98
C LYS G 266 -29.00 -20.87 23.47
N CYS G 267 -27.91 -20.99 22.70
CA CYS G 267 -28.04 -21.06 21.25
C CYS G 267 -28.88 -22.27 20.84
N ILE G 268 -28.61 -23.42 21.48
CA ILE G 268 -29.39 -24.62 21.22
C ILE G 268 -30.86 -24.35 21.47
N ARG G 269 -31.18 -23.76 22.62
CA ARG G 269 -32.56 -23.51 22.99
C ARG G 269 -33.24 -22.50 22.07
N ALA G 270 -32.48 -21.56 21.52
CA ALA G 270 -33.02 -20.56 20.62
C ALA G 270 -33.09 -21.05 19.18
N ARG G 271 -32.70 -22.30 18.92
CA ARG G 271 -32.62 -22.86 17.58
C ARG G 271 -31.73 -22.02 16.67
N LYS G 272 -30.58 -21.57 17.19
CA LYS G 272 -29.64 -20.74 16.45
C LYS G 272 -28.25 -21.35 16.49
N VAL G 273 -27.58 -21.33 15.35
CA VAL G 273 -26.32 -22.03 15.19
C VAL G 273 -25.24 -21.39 16.05
N VAL G 274 -24.32 -22.21 16.56
CA VAL G 274 -23.20 -21.74 17.36
C VAL G 274 -21.91 -22.38 16.89
N ILE G 275 -20.84 -21.57 16.82
CA ILE G 275 -19.51 -22.00 16.41
C ILE G 275 -18.57 -21.81 17.59
N THR G 276 -17.81 -22.86 17.93
CA THR G 276 -16.74 -22.76 18.92
C THR G 276 -15.43 -22.46 18.20
N ALA G 277 -14.74 -21.38 18.60
CA ALA G 277 -13.61 -20.91 17.81
C ALA G 277 -12.47 -20.35 18.65
N THR G 278 -11.32 -20.25 17.97
CA THR G 278 -10.04 -19.77 18.50
C THR G 278 -9.42 -20.83 19.40
N GLN G 279 -8.09 -20.94 19.35
CA GLN G 279 -7.34 -21.84 20.20
C GLN G 279 -7.94 -23.25 20.21
N MET G 280 -8.24 -23.73 19.01
CA MET G 280 -8.80 -25.07 18.80
C MET G 280 -7.64 -26.04 18.60
N LEU G 281 -6.95 -25.93 17.47
CA LEU G 281 -5.81 -26.76 17.16
C LEU G 281 -4.59 -25.90 16.82
N ASP G 282 -4.36 -24.79 17.53
CA ASP G 282 -3.36 -23.83 17.06
C ASP G 282 -1.96 -24.43 16.95
N SER G 283 -1.61 -25.40 17.81
CA SER G 283 -0.28 -25.99 17.74
C SER G 283 0.01 -26.59 16.37
N MET G 284 -1.01 -26.90 15.58
CA MET G 284 -0.81 -27.50 14.26
C MET G 284 -0.40 -26.48 13.20
N ILE G 285 -0.32 -25.19 13.55
CA ILE G 285 0.38 -24.26 12.70
C ILE G 285 1.80 -24.74 12.45
N LYS G 286 2.42 -25.34 13.47
CA LYS G 286 3.80 -25.81 13.36
C LYS G 286 3.94 -27.33 13.41
N ASN G 287 2.95 -28.06 13.90
CA ASN G 287 3.08 -29.48 14.12
C ASN G 287 2.05 -30.28 13.33
N PRO G 288 2.41 -31.49 12.88
CA PRO G 288 1.47 -32.28 12.07
C PRO G 288 0.41 -33.01 12.88
N ARG G 289 0.44 -32.93 14.21
CA ARG G 289 -0.58 -33.51 15.07
C ARG G 289 -0.83 -32.56 16.23
N PRO G 290 -2.03 -32.57 16.80
CA PRO G 290 -2.35 -31.62 17.87
C PRO G 290 -1.90 -32.13 19.24
N THR G 291 -1.97 -31.24 20.23
CA THR G 291 -1.71 -31.65 21.60
C THR G 291 -2.94 -32.37 22.20
N ARG G 292 -2.67 -33.20 23.20
CA ARG G 292 -3.74 -33.88 23.93
C ARG G 292 -4.73 -32.87 24.51
N ALA G 293 -4.22 -31.78 25.09
CA ALA G 293 -5.10 -30.77 25.65
C ALA G 293 -6.02 -30.21 24.59
N GLU G 294 -5.47 -29.91 23.41
CA GLU G 294 -6.29 -29.34 22.33
C GLU G 294 -7.41 -30.30 21.92
N ALA G 295 -7.08 -31.58 21.74
CA ALA G 295 -8.09 -32.55 21.31
C ALA G 295 -9.20 -32.66 22.35
N GLY G 296 -8.84 -32.65 23.63
CA GLY G 296 -9.86 -32.69 24.67
C GLY G 296 -10.72 -31.45 24.70
N ASP G 297 -10.10 -30.28 24.55
CA ASP G 297 -10.84 -29.02 24.47
C ASP G 297 -11.88 -29.08 23.35
N VAL G 298 -11.45 -29.50 22.16
CA VAL G 298 -12.36 -29.59 21.01
C VAL G 298 -13.50 -30.56 21.31
N ALA G 299 -13.15 -31.76 21.81
CA ALA G 299 -14.16 -32.77 22.06
C ALA G 299 -15.18 -32.30 23.09
N ASN G 300 -14.71 -31.64 24.16
CA ASN G 300 -15.67 -31.17 25.16
C ASN G 300 -16.57 -30.07 24.60
N SER G 301 -16.06 -29.26 23.67
CA SER G 301 -16.92 -28.27 23.03
C SER G 301 -18.02 -28.96 22.22
N ILE G 302 -17.70 -30.10 21.62
CA ILE G 302 -18.69 -30.86 20.87
C ILE G 302 -19.70 -31.49 21.82
N LEU G 303 -19.21 -32.06 22.93
CA LEU G 303 -20.11 -32.59 23.94
C LEU G 303 -20.97 -31.50 24.55
N ASP G 304 -20.42 -30.27 24.66
CA ASP G 304 -21.23 -29.14 25.10
C ASP G 304 -22.44 -28.94 24.17
N GLY G 305 -22.28 -29.25 22.89
CA GLY G 305 -23.39 -29.20 21.95
C GLY G 305 -23.21 -28.26 20.77
N THR G 306 -21.98 -27.83 20.51
CA THR G 306 -21.73 -26.86 19.45
C THR G 306 -22.16 -27.42 18.09
N ASP G 307 -22.67 -26.54 17.23
CA ASP G 307 -22.92 -26.94 15.84
C ASP G 307 -21.62 -27.17 15.08
N ALA G 308 -20.62 -26.34 15.33
CA ALA G 308 -19.44 -26.30 14.47
C ALA G 308 -18.23 -25.90 15.28
N VAL G 309 -17.07 -26.31 14.79
CA VAL G 309 -15.76 -25.97 15.31
C VAL G 309 -15.01 -25.26 14.20
N MET G 310 -14.14 -24.32 14.57
CA MET G 310 -13.50 -23.44 13.59
C MET G 310 -11.99 -23.53 13.71
N LEU G 311 -11.34 -23.65 12.56
CA LEU G 311 -9.90 -23.53 12.45
C LEU G 311 -9.52 -22.15 11.95
N SER G 312 -8.48 -21.57 12.54
CA SER G 312 -8.00 -20.27 12.11
C SER G 312 -6.64 -20.41 11.41
N GLY G 313 -5.56 -19.99 12.08
CA GLY G 313 -4.25 -20.09 11.47
C GLY G 313 -3.91 -21.49 11.00
N GLU G 314 -4.40 -22.51 11.70
CA GLU G 314 -4.06 -23.89 11.37
C GLU G 314 -4.37 -24.21 9.90
N SER G 315 -5.43 -23.62 9.37
CA SER G 315 -5.85 -23.92 8.01
C SER G 315 -5.53 -22.81 7.02
N ALA G 316 -5.25 -21.60 7.51
CA ALA G 316 -5.04 -20.45 6.63
C ALA G 316 -3.57 -20.24 6.28
N LYS G 317 -2.69 -20.27 7.28
CA LYS G 317 -1.28 -19.96 7.08
C LYS G 317 -0.34 -21.03 7.62
N GLY G 318 -0.83 -22.01 8.36
CA GLY G 318 0.06 -22.96 8.99
C GLY G 318 0.65 -23.98 8.03
N LYS G 319 1.51 -24.84 8.59
CA LYS G 319 2.28 -25.76 7.77
C LYS G 319 1.54 -27.03 7.42
N TYR G 320 0.51 -27.41 8.17
CA TYR G 320 -0.17 -28.69 8.01
C TYR G 320 -1.68 -28.52 7.94
N PRO G 321 -2.17 -27.75 6.96
CA PRO G 321 -3.62 -27.49 6.91
C PRO G 321 -4.47 -28.74 6.72
N LEU G 322 -4.09 -29.63 5.80
CA LEU G 322 -4.90 -30.82 5.58
C LEU G 322 -4.86 -31.75 6.79
N GLU G 323 -3.70 -31.86 7.43
CA GLU G 323 -3.61 -32.66 8.65
C GLU G 323 -4.55 -32.11 9.73
N ALA G 324 -4.60 -30.79 9.88
CA ALA G 324 -5.44 -30.18 10.91
C ALA G 324 -6.91 -30.45 10.67
N VAL G 325 -7.37 -30.29 9.42
CA VAL G 325 -8.76 -30.57 9.10
C VAL G 325 -9.08 -32.04 9.36
N SER G 326 -8.15 -32.92 9.00
CA SER G 326 -8.41 -34.36 9.10
C SER G 326 -8.55 -34.81 10.56
N ILE G 327 -7.63 -34.35 11.42
CA ILE G 327 -7.73 -34.75 12.82
C ILE G 327 -8.93 -34.09 13.48
N MET G 328 -9.26 -32.86 13.06
CA MET G 328 -10.48 -32.23 13.55
C MET G 328 -11.69 -33.09 13.22
N ALA G 329 -11.77 -33.57 11.99
CA ALA G 329 -12.87 -34.44 11.59
C ALA G 329 -12.85 -35.74 12.38
N THR G 330 -11.67 -36.30 12.62
CA THR G 330 -11.60 -37.52 13.42
C THR G 330 -12.12 -37.28 14.82
N ILE G 331 -11.74 -36.15 15.42
CA ILE G 331 -12.24 -35.80 16.74
C ILE G 331 -13.75 -35.66 16.71
N CYS G 332 -14.27 -34.96 15.70
CA CYS G 332 -15.71 -34.76 15.58
C CYS G 332 -16.46 -36.09 15.53
N GLU G 333 -16.06 -36.97 14.61
CA GLU G 333 -16.74 -38.26 14.47
C GLU G 333 -16.66 -39.07 15.76
N ARG G 334 -15.47 -39.14 16.35
CA ARG G 334 -15.31 -39.87 17.61
C ARG G 334 -16.19 -39.32 18.72
N THR G 335 -16.39 -38.00 18.75
CA THR G 335 -17.19 -37.41 19.82
C THR G 335 -18.68 -37.48 19.52
N ASP G 336 -19.08 -37.11 18.29
CA ASP G 336 -20.49 -37.20 17.91
C ASP G 336 -21.06 -38.58 18.17
N ARG G 337 -20.27 -39.62 17.93
CA ARG G 337 -20.78 -40.98 17.98
C ARG G 337 -21.26 -41.39 19.37
N VAL G 338 -20.78 -40.74 20.42
CA VAL G 338 -21.15 -41.14 21.78
C VAL G 338 -22.12 -40.15 22.41
N MET G 339 -22.62 -39.19 21.63
CA MET G 339 -23.60 -38.23 22.14
C MET G 339 -25.00 -38.79 21.99
N ASN G 340 -25.89 -38.38 22.89
CA ASN G 340 -27.25 -38.87 22.90
C ASN G 340 -28.20 -37.76 22.49
N SER G 341 -29.39 -38.14 22.04
CA SER G 341 -30.46 -37.18 21.82
C SER G 341 -30.86 -36.52 23.14
N ARG G 342 -31.43 -35.32 23.04
CA ARG G 342 -31.88 -34.55 24.19
C ARG G 342 -33.36 -34.24 23.92
N LEU G 343 -34.24 -35.08 24.44
CA LEU G 343 -35.64 -35.04 24.03
C LEU G 343 -36.51 -34.18 24.92
N GLU G 344 -35.95 -33.59 25.98
CA GLU G 344 -36.75 -32.78 26.90
C GLU G 344 -37.23 -31.50 26.22
N ARG G 353 -45.07 -24.11 21.78
CA ARG G 353 -45.18 -23.80 20.35
C ARG G 353 -45.41 -25.06 19.53
N ILE G 354 -46.08 -24.91 18.39
CA ILE G 354 -46.41 -26.05 17.55
C ILE G 354 -45.16 -26.64 16.90
N THR G 355 -44.35 -25.78 16.28
CA THR G 355 -43.14 -26.26 15.60
C THR G 355 -42.31 -27.13 16.55
N GLU G 356 -42.12 -26.66 17.78
CA GLU G 356 -41.29 -27.38 18.74
C GLU G 356 -41.92 -28.71 19.14
N ALA G 357 -43.24 -28.72 19.35
CA ALA G 357 -43.93 -29.96 19.70
C ALA G 357 -43.79 -31.00 18.59
N VAL G 358 -43.96 -30.57 17.33
CA VAL G 358 -43.91 -31.50 16.20
C VAL G 358 -42.49 -31.99 15.98
N CYS G 359 -41.50 -31.08 15.99
CA CYS G 359 -40.13 -31.49 15.70
C CYS G 359 -39.56 -32.35 16.82
N ARG G 360 -39.85 -31.98 18.07
CA ARG G 360 -39.44 -32.84 19.18
C ARG G 360 -40.09 -34.21 19.07
N GLY G 361 -41.37 -34.25 18.69
CA GLY G 361 -42.05 -35.53 18.54
C GLY G 361 -41.54 -36.32 17.37
N ALA G 362 -41.18 -35.64 16.28
CA ALA G 362 -40.59 -36.33 15.13
C ALA G 362 -39.28 -37.00 15.51
N VAL G 363 -38.46 -36.33 16.32
CA VAL G 363 -37.19 -36.93 16.72
C VAL G 363 -37.44 -38.12 17.64
N GLU G 364 -38.35 -38.00 18.60
CA GLU G 364 -38.66 -39.13 19.46
C GLU G 364 -39.20 -40.30 18.65
N THR G 365 -40.09 -40.03 17.68
CA THR G 365 -40.59 -41.09 16.82
C THR G 365 -39.46 -41.76 16.04
N ALA G 366 -38.57 -40.96 15.47
CA ALA G 366 -37.44 -41.51 14.73
C ALA G 366 -36.61 -42.43 15.61
N GLU G 367 -36.33 -41.99 16.84
CA GLU G 367 -35.50 -42.77 17.74
C GLU G 367 -36.17 -44.11 18.07
N LYS G 368 -37.45 -44.07 18.41
CA LYS G 368 -38.17 -45.28 18.80
C LYS G 368 -38.29 -46.26 17.64
N LEU G 369 -38.35 -45.77 16.41
CA LEU G 369 -38.45 -46.63 15.24
C LEU G 369 -37.10 -46.86 14.56
N ASP G 370 -36.00 -46.47 15.19
CA ASP G 370 -34.66 -46.73 14.68
C ASP G 370 -34.48 -46.14 13.27
N ALA G 371 -35.01 -44.95 13.05
CA ALA G 371 -34.92 -44.33 11.73
C ALA G 371 -33.56 -43.69 11.52
N PRO G 372 -32.86 -44.01 10.42
CA PRO G 372 -31.57 -43.36 10.16
C PRO G 372 -31.67 -41.96 9.60
N LEU G 373 -32.86 -41.49 9.24
CA LEU G 373 -32.99 -40.25 8.49
C LEU G 373 -34.29 -39.54 8.83
N ILE G 374 -34.19 -38.24 9.08
CA ILE G 374 -35.34 -37.33 9.14
C ILE G 374 -35.22 -36.42 7.93
N VAL G 375 -36.24 -36.46 7.06
CA VAL G 375 -36.30 -35.62 5.87
C VAL G 375 -37.16 -34.42 6.19
N VAL G 376 -36.64 -33.21 5.93
CA VAL G 376 -37.32 -31.97 6.29
C VAL G 376 -37.47 -31.10 5.05
N ALA G 377 -38.67 -30.55 4.88
CA ALA G 377 -38.93 -29.53 3.87
C ALA G 377 -38.79 -28.17 4.54
N THR G 378 -38.02 -27.27 3.91
CA THR G 378 -37.76 -25.98 4.53
C THR G 378 -37.43 -24.94 3.47
N GLN G 379 -37.91 -23.72 3.70
CA GLN G 379 -37.58 -22.59 2.84
C GLN G 379 -36.55 -21.67 3.49
N GLY G 380 -36.74 -21.30 4.76
CA GLY G 380 -35.82 -20.43 5.46
C GLY G 380 -34.81 -21.14 6.33
N GLY G 381 -34.97 -22.45 6.51
CA GLY G 381 -34.08 -23.25 7.30
C GLY G 381 -34.57 -23.56 8.71
N LYS G 382 -35.67 -22.94 9.11
CA LYS G 382 -36.12 -23.03 10.49
C LYS G 382 -36.46 -24.46 10.88
N SER G 383 -37.15 -25.18 10.01
CA SER G 383 -37.58 -26.54 10.34
C SER G 383 -36.40 -27.47 10.54
N ALA G 384 -35.36 -27.32 9.72
CA ALA G 384 -34.17 -28.16 9.88
C ALA G 384 -33.48 -27.86 11.19
N ARG G 385 -33.35 -26.57 11.53
CA ARG G 385 -32.71 -26.19 12.78
C ARG G 385 -33.55 -26.59 13.99
N ALA G 386 -34.88 -26.59 13.85
CA ALA G 386 -35.75 -27.02 14.94
C ALA G 386 -35.64 -28.52 15.21
N VAL G 387 -35.42 -29.33 14.18
CA VAL G 387 -35.20 -30.76 14.41
C VAL G 387 -33.83 -31.00 15.05
N ARG G 388 -32.79 -30.32 14.57
CA ARG G 388 -31.45 -30.53 15.10
C ARG G 388 -31.33 -30.14 16.57
N LYS G 389 -32.19 -29.27 17.08
CA LYS G 389 -32.11 -28.84 18.47
C LYS G 389 -32.11 -30.02 19.44
N TYR G 390 -32.74 -31.12 19.06
CA TYR G 390 -32.86 -32.27 19.94
C TYR G 390 -31.77 -33.30 19.71
N PHE G 391 -30.74 -32.94 18.94
CA PHE G 391 -29.58 -33.79 18.71
C PHE G 391 -30.00 -35.20 18.26
N PRO G 392 -30.80 -35.30 17.21
CA PRO G 392 -31.26 -36.62 16.75
C PRO G 392 -30.10 -37.54 16.42
N ASP G 393 -30.29 -38.84 16.69
CA ASP G 393 -29.38 -39.84 16.14
C ASP G 393 -29.38 -39.81 14.64
N ALA G 394 -30.55 -39.62 14.05
CA ALA G 394 -30.69 -39.65 12.61
C ALA G 394 -30.06 -38.42 11.98
N THR G 395 -29.52 -38.61 10.77
CA THR G 395 -29.13 -37.49 9.92
C THR G 395 -30.37 -36.73 9.46
N ILE G 396 -30.20 -35.43 9.23
CA ILE G 396 -31.26 -34.56 8.74
C ILE G 396 -30.98 -34.23 7.28
N LEU G 397 -31.87 -34.66 6.40
CA LEU G 397 -31.82 -34.29 4.98
C LEU G 397 -32.81 -33.16 4.76
N ALA G 398 -32.31 -31.95 4.50
CA ALA G 398 -33.15 -30.77 4.40
C ALA G 398 -33.32 -30.39 2.93
N LEU G 399 -34.57 -30.45 2.46
CA LEU G 399 -34.91 -30.11 1.08
C LEU G 399 -35.42 -28.69 1.02
N THR G 400 -34.86 -27.90 0.11
CA THR G 400 -35.21 -26.49 -0.02
C THR G 400 -35.10 -26.08 -1.48
N THR G 401 -35.89 -25.09 -1.86
CA THR G 401 -35.71 -24.42 -3.15
C THR G 401 -34.82 -23.18 -3.02
N ASN G 402 -34.45 -22.82 -1.80
CA ASN G 402 -33.75 -21.58 -1.51
C ASN G 402 -32.25 -21.84 -1.41
N GLU G 403 -31.50 -21.32 -2.39
CA GLU G 403 -30.06 -21.56 -2.44
C GLU G 403 -29.36 -21.01 -1.21
N LYS G 404 -29.79 -19.84 -0.72
CA LYS G 404 -29.15 -19.27 0.45
C LYS G 404 -29.37 -20.15 1.67
N THR G 405 -30.60 -20.64 1.84
CA THR G 405 -30.88 -21.56 2.94
C THR G 405 -30.04 -22.82 2.82
N ALA G 406 -29.93 -23.37 1.63
CA ALA G 406 -29.14 -24.57 1.43
C ALA G 406 -27.71 -24.36 1.90
N HIS G 407 -27.12 -23.20 1.59
CA HIS G 407 -25.76 -22.94 2.01
C HIS G 407 -25.68 -22.77 3.53
N GLN G 408 -26.64 -22.03 4.10
CA GLN G 408 -26.57 -21.71 5.53
C GLN G 408 -26.74 -22.96 6.39
N LEU G 409 -27.52 -23.93 5.92
CA LEU G 409 -27.73 -25.16 6.69
C LEU G 409 -26.47 -26.02 6.76
N VAL G 410 -25.47 -25.77 5.90
CA VAL G 410 -24.21 -26.51 5.96
C VAL G 410 -23.53 -26.33 7.30
N LEU G 411 -23.81 -25.23 8.01
CA LEU G 411 -23.20 -24.97 9.30
C LEU G 411 -23.93 -25.64 10.46
N SER G 412 -25.18 -26.08 10.26
CA SER G 412 -25.95 -26.65 11.35
C SER G 412 -25.60 -28.13 11.53
N LYS G 413 -25.49 -28.54 12.80
CA LYS G 413 -25.03 -29.89 13.12
C LYS G 413 -25.94 -30.95 12.51
N GLY G 414 -25.33 -31.91 11.83
CA GLY G 414 -26.02 -33.08 11.37
C GLY G 414 -27.04 -32.85 10.28
N VAL G 415 -26.95 -31.72 9.56
CA VAL G 415 -27.89 -31.37 8.49
C VAL G 415 -27.17 -31.49 7.16
N VAL G 416 -27.77 -32.23 6.24
CA VAL G 416 -27.31 -32.35 4.86
C VAL G 416 -28.33 -31.64 3.98
N PRO G 417 -28.00 -30.49 3.40
CA PRO G 417 -28.95 -29.82 2.52
C PRO G 417 -28.96 -30.41 1.12
N GLN G 418 -30.12 -30.31 0.47
CA GLN G 418 -30.25 -30.71 -0.94
C GLN G 418 -31.19 -29.70 -1.58
N LEU G 419 -30.70 -28.96 -2.57
CA LEU G 419 -31.53 -28.01 -3.29
C LEU G 419 -32.41 -28.76 -4.30
N VAL G 420 -33.71 -28.45 -4.30
CA VAL G 420 -34.66 -29.07 -5.21
C VAL G 420 -35.45 -27.97 -5.90
N LYS G 421 -36.12 -28.34 -7.00
CA LYS G 421 -36.74 -27.35 -7.86
C LYS G 421 -38.05 -26.83 -7.29
N GLU G 422 -38.76 -27.67 -6.54
CA GLU G 422 -40.00 -27.23 -5.91
C GLU G 422 -40.58 -28.38 -5.09
N ILE G 423 -41.50 -28.02 -4.21
CA ILE G 423 -42.30 -28.97 -3.45
C ILE G 423 -43.75 -28.49 -3.63
N THR G 424 -44.57 -29.33 -4.26
CA THR G 424 -45.88 -28.86 -4.72
C THR G 424 -47.05 -29.28 -3.82
N SER G 425 -46.88 -30.26 -2.96
CA SER G 425 -47.91 -30.65 -2.01
C SER G 425 -47.26 -31.49 -0.93
N THR G 426 -48.03 -31.77 0.13
CA THR G 426 -47.50 -32.60 1.20
C THR G 426 -47.21 -34.01 0.71
N ASP G 427 -48.15 -34.60 -0.05
CA ASP G 427 -47.95 -35.96 -0.55
C ASP G 427 -46.80 -36.03 -1.54
N ASP G 428 -46.63 -34.99 -2.37
CA ASP G 428 -45.49 -34.95 -3.28
C ASP G 428 -44.17 -34.84 -2.52
N PHE G 429 -44.17 -34.14 -1.39
CA PHE G 429 -42.99 -34.11 -0.55
C PHE G 429 -42.62 -35.51 -0.08
N TYR G 430 -43.60 -36.30 0.34
CA TYR G 430 -43.34 -37.67 0.78
C TYR G 430 -42.80 -38.51 -0.38
N ARG G 431 -43.43 -38.41 -1.54
CA ARG G 431 -42.94 -39.13 -2.72
C ARG G 431 -41.50 -38.76 -3.02
N LEU G 432 -41.22 -37.46 -3.14
CA LEU G 432 -39.86 -37.04 -3.52
C LEU G 432 -38.86 -37.36 -2.42
N GLY G 433 -39.22 -37.10 -1.17
CA GLY G 433 -38.28 -37.33 -0.08
C GLY G 433 -37.84 -38.78 0.00
N LYS G 434 -38.77 -39.71 -0.24
CA LYS G 434 -38.42 -41.13 -0.21
C LYS G 434 -37.38 -41.45 -1.27
N GLU G 435 -37.54 -40.90 -2.48
CA GLU G 435 -36.58 -41.15 -3.54
C GLU G 435 -35.23 -40.52 -3.22
N LEU G 436 -35.23 -39.26 -2.77
CA LEU G 436 -33.98 -38.59 -2.44
C LEU G 436 -33.32 -39.22 -1.24
N ALA G 437 -34.10 -39.75 -0.30
CA ALA G 437 -33.53 -40.51 0.80
C ALA G 437 -32.71 -41.68 0.27
N LEU G 438 -33.31 -42.48 -0.62
CA LEU G 438 -32.58 -43.58 -1.22
C LEU G 438 -31.40 -43.09 -2.05
N GLN G 439 -31.61 -42.06 -2.88
CA GLN G 439 -30.52 -41.59 -3.72
C GLN G 439 -29.36 -41.05 -2.89
N SER G 440 -29.63 -40.51 -1.71
CA SER G 440 -28.56 -39.95 -0.90
C SER G 440 -27.62 -41.01 -0.38
N GLY G 441 -28.05 -42.26 -0.33
CA GLY G 441 -27.28 -43.32 0.29
C GLY G 441 -27.24 -43.27 1.81
N LEU G 442 -28.01 -42.37 2.43
CA LEU G 442 -28.08 -42.26 3.87
C LEU G 442 -29.09 -43.22 4.48
N ALA G 443 -29.99 -43.78 3.68
CA ALA G 443 -30.95 -44.77 4.11
C ALA G 443 -31.15 -45.74 2.96
N HIS G 444 -31.72 -46.89 3.26
CA HIS G 444 -31.86 -47.92 2.23
C HIS G 444 -33.24 -48.55 2.32
N LYS G 445 -33.57 -49.34 1.30
CA LYS G 445 -34.84 -50.05 1.28
C LYS G 445 -35.13 -50.69 2.63
N GLY G 446 -36.35 -50.49 3.11
CA GLY G 446 -36.76 -51.03 4.39
C GLY G 446 -36.50 -50.13 5.58
N ASP G 447 -35.64 -49.13 5.44
CA ASP G 447 -35.41 -48.21 6.53
C ASP G 447 -36.66 -47.37 6.77
N VAL G 448 -36.85 -46.97 8.01
CA VAL G 448 -37.89 -46.01 8.38
C VAL G 448 -37.31 -44.61 8.25
N VAL G 449 -38.07 -43.69 7.65
CA VAL G 449 -37.72 -42.27 7.67
C VAL G 449 -38.90 -41.48 8.22
N VAL G 450 -38.58 -40.39 8.92
CA VAL G 450 -39.58 -39.44 9.41
C VAL G 450 -39.47 -38.18 8.58
N MET G 451 -40.60 -37.67 8.11
CA MET G 451 -40.64 -36.58 7.15
C MET G 451 -41.42 -35.44 7.77
N VAL G 452 -40.79 -34.28 7.84
CA VAL G 452 -41.27 -33.14 8.61
C VAL G 452 -41.44 -31.96 7.66
N SER G 453 -42.59 -31.31 7.73
CA SER G 453 -42.87 -30.22 6.82
C SER G 453 -43.96 -29.33 7.42
N GLY G 454 -44.22 -28.23 6.73
CA GLY G 454 -45.34 -27.37 7.04
C GLY G 454 -46.42 -27.58 6.00
N ALA G 455 -47.62 -27.93 6.46
CA ALA G 455 -48.76 -28.19 5.59
C ALA G 455 -49.81 -27.13 5.84
N LEU G 456 -50.21 -26.43 4.77
CA LEU G 456 -51.23 -25.40 4.84
C LEU G 456 -50.91 -24.35 5.90
N VAL G 457 -49.65 -23.91 5.91
CA VAL G 457 -49.21 -22.86 6.83
C VAL G 457 -48.16 -22.00 6.14
N PRO G 458 -47.87 -20.80 6.65
CA PRO G 458 -46.79 -19.99 6.05
C PRO G 458 -45.44 -20.65 6.27
N SER G 459 -44.44 -20.17 5.54
CA SER G 459 -43.17 -20.86 5.46
C SER G 459 -42.53 -21.09 6.83
N GLY G 460 -42.86 -20.28 7.83
CA GLY G 460 -42.11 -20.26 9.06
C GLY G 460 -42.48 -21.25 10.15
N THR G 461 -43.58 -21.97 10.00
CA THR G 461 -44.05 -22.93 10.99
C THR G 461 -43.96 -24.35 10.46
N THR G 462 -43.53 -25.27 11.32
CA THR G 462 -43.48 -26.70 11.01
C THR G 462 -44.55 -27.43 11.81
N ASN G 463 -45.46 -28.11 11.12
CA ASN G 463 -46.62 -28.67 11.79
C ASN G 463 -46.97 -30.10 11.44
N THR G 464 -46.16 -30.81 10.66
CA THR G 464 -46.58 -32.11 10.18
C THR G 464 -45.39 -33.07 10.23
N ALA G 465 -45.64 -34.27 10.78
CA ALA G 465 -44.65 -35.35 10.84
C ALA G 465 -45.28 -36.61 10.27
N SER G 466 -44.54 -37.32 9.41
CA SER G 466 -45.07 -38.47 8.71
C SER G 466 -43.99 -39.55 8.63
N VAL G 467 -44.40 -40.80 8.85
CA VAL G 467 -43.46 -41.92 8.97
C VAL G 467 -43.63 -42.83 7.76
N HIS G 468 -42.51 -43.12 7.08
CA HIS G 468 -42.55 -43.91 5.86
C HIS G 468 -41.43 -44.94 5.86
N VAL G 469 -41.73 -46.09 5.24
CA VAL G 469 -40.73 -47.14 5.00
C VAL G 469 -40.28 -47.01 3.56
N LEU G 470 -38.96 -47.00 3.35
CA LEU G 470 -38.41 -46.80 2.02
C LEU G 470 -38.51 -48.08 1.18
N MET H 1 11.54 52.38 -21.35
CA MET H 1 12.81 51.59 -21.26
C MET H 1 12.91 50.58 -22.41
N LYS H 2 11.80 49.95 -22.75
CA LYS H 2 11.81 48.95 -23.80
C LYS H 2 12.01 49.62 -25.16
N LYS H 3 12.55 48.84 -26.10
CA LYS H 3 12.73 49.24 -27.49
C LYS H 3 11.80 48.50 -28.45
N THR H 4 11.52 47.22 -28.20
CA THR H 4 10.59 46.48 -29.04
C THR H 4 9.20 47.09 -28.92
N LYS H 5 8.52 47.21 -30.06
CA LYS H 5 7.24 47.89 -30.14
C LYS H 5 6.12 46.85 -30.08
N ILE H 6 4.99 47.25 -29.51
CA ILE H 6 3.89 46.32 -29.29
C ILE H 6 2.72 46.72 -30.16
N VAL H 7 2.25 45.78 -30.97
CA VAL H 7 1.01 45.92 -31.72
C VAL H 7 -0.10 45.23 -30.93
N CYS H 8 -1.19 45.95 -30.70
CA CYS H 8 -2.36 45.41 -29.98
C CYS H 8 -3.57 45.48 -30.89
N THR H 9 -4.19 44.33 -31.12
CA THR H 9 -5.50 44.29 -31.77
C THR H 9 -6.54 44.83 -30.81
N ILE H 10 -7.29 45.83 -31.26
CA ILE H 10 -8.29 46.49 -30.42
C ILE H 10 -9.67 45.96 -30.79
N GLY H 11 -10.43 45.57 -29.77
CA GLY H 11 -11.76 45.04 -29.94
C GLY H 11 -12.73 45.62 -28.93
N PRO H 12 -13.87 44.94 -28.74
CA PRO H 12 -14.88 45.49 -27.81
C PRO H 12 -14.33 45.75 -26.42
N LYS H 13 -13.48 44.87 -25.89
CA LYS H 13 -13.02 45.01 -24.52
C LYS H 13 -12.05 46.17 -24.33
N THR H 14 -11.45 46.67 -25.41
CA THR H 14 -10.35 47.62 -25.27
C THR H 14 -10.52 48.87 -26.12
N GLU H 15 -11.71 49.14 -26.65
CA GLU H 15 -11.90 50.23 -27.60
C GLU H 15 -12.16 51.59 -26.96
N SER H 16 -12.59 51.63 -25.72
CA SER H 16 -12.90 52.92 -25.10
C SER H 16 -11.64 53.76 -24.93
N GLU H 17 -11.84 55.08 -24.90
CA GLU H 17 -10.73 55.99 -24.69
C GLU H 17 -10.02 55.70 -23.38
N GLU H 18 -10.78 55.36 -22.34
CA GLU H 18 -10.19 55.02 -21.05
C GLU H 18 -9.29 53.80 -21.15
N MET H 19 -9.77 52.74 -21.81
CA MET H 19 -8.96 51.55 -21.99
C MET H 19 -7.74 51.83 -22.86
N LEU H 20 -7.93 52.56 -23.97
CA LEU H 20 -6.81 52.82 -24.86
C LEU H 20 -5.71 53.60 -24.14
N ALA H 21 -6.07 54.57 -23.30
CA ALA H 21 -5.07 55.29 -22.52
C ALA H 21 -4.30 54.35 -21.61
N LYS H 22 -4.99 53.41 -20.96
CA LYS H 22 -4.29 52.48 -20.09
C LYS H 22 -3.44 51.49 -20.89
N MET H 23 -3.86 51.18 -22.12
CA MET H 23 -3.07 50.29 -22.97
C MET H 23 -1.77 50.97 -23.37
N LEU H 24 -1.83 52.24 -23.77
CA LEU H 24 -0.60 52.97 -24.11
C LEU H 24 0.32 53.06 -22.89
N ASP H 25 -0.24 53.38 -21.73
CA ASP H 25 0.55 53.40 -20.50
C ASP H 25 1.27 52.08 -20.30
N ALA H 26 0.59 50.96 -20.55
CA ALA H 26 1.15 49.64 -20.31
C ALA H 26 2.10 49.17 -21.41
N GLY H 27 2.19 49.90 -22.51
CA GLY H 27 3.21 49.64 -23.51
C GLY H 27 2.76 49.47 -24.94
N MET H 28 1.46 49.60 -25.21
CA MET H 28 0.99 49.53 -26.59
C MET H 28 1.56 50.68 -27.41
N ASN H 29 1.97 50.38 -28.63
CA ASN H 29 2.47 51.39 -29.55
C ASN H 29 1.65 51.52 -30.83
N VAL H 30 1.07 50.43 -31.31
CA VAL H 30 0.33 50.42 -32.57
C VAL H 30 -1.00 49.71 -32.36
N MET H 31 -2.06 50.32 -32.86
CA MET H 31 -3.38 49.70 -32.85
C MET H 31 -3.58 48.92 -34.14
N ARG H 32 -3.88 47.63 -34.01
CA ARG H 32 -4.28 46.79 -35.14
C ARG H 32 -5.79 46.72 -35.21
N LEU H 33 -6.33 47.01 -36.39
CA LEU H 33 -7.75 46.80 -36.68
C LEU H 33 -7.84 45.55 -37.55
N ASN H 34 -8.43 44.50 -37.00
CA ASN H 34 -8.58 43.22 -37.70
C ASN H 34 -9.91 43.23 -38.42
N PHE H 35 -9.87 43.41 -39.74
CA PHE H 35 -11.08 43.52 -40.54
C PHE H 35 -11.63 42.16 -40.94
N SER H 36 -11.11 41.08 -40.36
CA SER H 36 -11.81 39.81 -40.39
C SER H 36 -13.13 39.92 -39.65
N HIS H 37 -13.24 40.88 -38.74
CA HIS H 37 -14.46 41.08 -37.97
C HIS H 37 -14.75 42.58 -37.87
N GLY H 38 -15.96 42.89 -37.38
CA GLY H 38 -16.38 44.26 -37.16
C GLY H 38 -16.90 44.94 -38.41
N ASP H 39 -17.50 46.11 -38.21
CA ASP H 39 -18.05 46.91 -39.29
C ASP H 39 -17.37 48.28 -39.28
N TYR H 40 -17.67 49.08 -40.31
CA TYR H 40 -16.93 50.32 -40.51
C TYR H 40 -17.17 51.32 -39.39
N ALA H 41 -18.37 51.32 -38.81
CA ALA H 41 -18.65 52.26 -37.73
C ALA H 41 -17.85 51.94 -36.49
N GLU H 42 -17.72 50.66 -36.15
CA GLU H 42 -16.91 50.28 -35.00
C GLU H 42 -15.44 50.60 -35.23
N HIS H 43 -14.88 50.17 -36.36
CA HIS H 43 -13.48 50.46 -36.62
C HIS H 43 -13.23 51.97 -36.71
N GLY H 44 -14.15 52.70 -37.35
CA GLY H 44 -14.03 54.14 -37.39
C GLY H 44 -14.04 54.79 -36.02
N GLN H 45 -14.88 54.27 -35.11
CA GLN H 45 -14.91 54.82 -33.77
C GLN H 45 -13.62 54.52 -33.01
N ARG H 46 -13.07 53.32 -33.19
CA ARG H 46 -11.78 52.97 -32.59
C ARG H 46 -10.69 53.93 -33.05
N ILE H 47 -10.66 54.23 -34.35
CA ILE H 47 -9.67 55.17 -34.87
C ILE H 47 -9.85 56.53 -34.20
N GLN H 48 -11.09 56.99 -34.10
CA GLN H 48 -11.34 58.30 -33.50
C GLN H 48 -10.97 58.29 -32.01
N ASN H 49 -11.34 57.23 -31.29
CA ASN H 49 -11.02 57.16 -29.86
C ASN H 49 -9.52 57.25 -29.64
N LEU H 50 -8.73 56.50 -30.43
CA LEU H 50 -7.29 56.55 -30.26
C LEU H 50 -6.73 57.94 -30.56
N ARG H 51 -7.19 58.55 -31.66
CA ARG H 51 -6.69 59.87 -32.03
C ARG H 51 -7.05 60.89 -30.95
N ASN H 52 -8.21 60.71 -30.31
CA ASN H 52 -8.60 61.55 -29.17
C ASN H 52 -7.64 61.36 -28.00
N VAL H 53 -7.33 60.12 -27.67
CA VAL H 53 -6.38 59.87 -26.58
C VAL H 53 -5.03 60.47 -26.91
N MET H 54 -4.59 60.34 -28.17
CA MET H 54 -3.31 60.90 -28.59
C MET H 54 -3.31 62.42 -28.43
N SER H 55 -4.42 63.07 -28.77
CA SER H 55 -4.52 64.51 -28.58
C SER H 55 -4.48 64.83 -27.10
N LYS H 56 -5.25 64.09 -26.31
CA LYS H 56 -5.35 64.39 -24.88
C LYS H 56 -4.00 64.20 -24.20
N THR H 57 -3.24 63.17 -24.60
CA THR H 57 -2.05 62.82 -23.86
C THR H 57 -0.76 63.35 -24.47
N GLY H 58 -0.81 63.76 -25.73
CA GLY H 58 0.40 64.06 -26.45
C GLY H 58 1.20 62.84 -26.85
N LYS H 59 0.67 61.64 -26.61
CA LYS H 59 1.34 60.41 -27.00
C LYS H 59 1.12 60.15 -28.48
N THR H 60 2.09 59.49 -29.08
CA THR H 60 2.05 59.12 -30.49
C THR H 60 1.86 57.62 -30.59
N ALA H 61 0.94 57.21 -31.45
CA ALA H 61 0.69 55.81 -31.76
C ALA H 61 0.39 55.72 -33.24
N ALA H 62 0.48 54.52 -33.78
CA ALA H 62 0.16 54.27 -35.17
C ALA H 62 -1.08 53.38 -35.27
N ILE H 63 -1.69 53.40 -36.45
CA ILE H 63 -2.89 52.62 -36.74
C ILE H 63 -2.60 51.71 -37.93
N LEU H 64 -2.87 50.41 -37.75
CA LEU H 64 -2.60 49.40 -38.76
C LEU H 64 -3.89 48.68 -39.10
N LEU H 65 -4.26 48.67 -40.38
CA LEU H 65 -5.43 47.96 -40.87
C LEU H 65 -4.98 46.60 -41.42
N ASP H 66 -5.52 45.53 -40.86
CA ASP H 66 -5.15 44.17 -41.22
C ASP H 66 -6.31 43.54 -41.98
N THR H 67 -6.08 43.19 -43.24
CA THR H 67 -7.15 42.69 -44.09
C THR H 67 -7.54 41.27 -43.70
N LYS H 68 -8.80 40.92 -43.98
CA LYS H 68 -9.23 39.54 -43.84
C LYS H 68 -8.50 38.64 -44.83
N GLY H 69 -8.46 39.04 -46.10
CA GLY H 69 -7.76 38.30 -47.11
C GLY H 69 -8.59 37.20 -47.73
N PRO H 70 -8.11 36.64 -48.84
CA PRO H 70 -8.81 35.53 -49.47
C PRO H 70 -8.60 34.24 -48.70
N GLU H 71 -9.63 33.40 -48.75
CA GLU H 71 -9.60 32.13 -48.04
C GLU H 71 -10.20 31.03 -48.91
N ILE H 72 -9.85 29.80 -48.56
CA ILE H 72 -10.58 28.59 -48.96
C ILE H 72 -11.28 28.06 -47.72
N ARG H 73 -12.60 27.92 -47.78
CA ARG H 73 -13.36 27.36 -46.66
C ARG H 73 -14.29 26.27 -47.17
N THR H 74 -14.52 25.27 -46.32
CA THR H 74 -15.67 24.38 -46.48
C THR H 74 -16.96 25.15 -46.21
N MET H 75 -18.10 24.53 -46.49
CA MET H 75 -19.37 25.23 -46.37
C MET H 75 -20.33 24.47 -45.46
N LYS H 76 -21.61 24.43 -45.81
CA LYS H 76 -22.64 24.01 -44.87
C LYS H 76 -22.81 22.50 -44.86
N LEU H 77 -23.39 22.01 -43.76
CA LEU H 77 -23.60 20.60 -43.53
C LEU H 77 -25.07 20.32 -43.21
N GLU H 78 -25.49 19.08 -43.45
CA GLU H 78 -26.88 18.69 -43.21
C GLU H 78 -27.29 19.04 -41.78
N GLY H 79 -28.35 19.84 -41.66
CA GLY H 79 -28.87 20.24 -40.35
C GLY H 79 -27.86 21.02 -39.53
N GLY H 80 -26.90 21.65 -40.20
CA GLY H 80 -25.74 22.24 -39.56
C GLY H 80 -25.19 21.51 -38.35
N ASN H 81 -25.16 20.18 -38.45
CA ASN H 81 -24.56 19.35 -37.43
C ASN H 81 -23.17 18.91 -37.87
N ASP H 82 -22.24 18.81 -36.91
CA ASP H 82 -20.94 18.25 -37.21
C ASP H 82 -21.09 16.82 -37.72
N VAL H 83 -20.11 16.39 -38.52
CA VAL H 83 -20.04 15.02 -38.99
C VAL H 83 -18.68 14.46 -38.59
N SER H 84 -18.66 13.19 -38.18
CA SER H 84 -17.44 12.53 -37.74
C SER H 84 -16.80 11.83 -38.93
N LEU H 85 -15.56 12.20 -39.23
CA LEU H 85 -14.81 11.63 -40.35
C LEU H 85 -13.82 10.63 -39.78
N LYS H 86 -13.67 9.49 -40.45
CA LYS H 86 -12.89 8.38 -39.94
C LYS H 86 -11.67 8.13 -40.82
N ALA H 87 -10.53 7.91 -40.16
CA ALA H 87 -9.30 7.57 -40.87
C ALA H 87 -9.54 6.41 -41.81
N GLY H 88 -9.12 6.59 -43.07
CA GLY H 88 -9.24 5.57 -44.09
C GLY H 88 -10.43 5.74 -45.00
N GLN H 89 -11.48 6.42 -44.55
CA GLN H 89 -12.66 6.61 -45.37
C GLN H 89 -12.35 7.50 -46.57
N THR H 90 -13.16 7.35 -47.60
CA THR H 90 -13.17 8.31 -48.71
C THR H 90 -14.01 9.53 -48.34
N PHE H 91 -13.51 10.71 -48.72
CA PHE H 91 -14.22 11.97 -48.50
C PHE H 91 -13.99 12.84 -49.73
N THR H 92 -15.01 13.59 -50.12
CA THR H 92 -14.97 14.33 -51.38
C THR H 92 -15.30 15.80 -51.17
N PHE H 93 -14.51 16.66 -51.79
CA PHE H 93 -14.79 18.08 -51.87
C PHE H 93 -15.38 18.40 -53.24
N THR H 94 -16.40 19.23 -53.27
CA THR H 94 -17.00 19.71 -54.52
C THR H 94 -16.95 21.23 -54.56
N THR H 95 -16.73 21.77 -55.76
CA THR H 95 -16.78 23.22 -55.94
C THR H 95 -18.19 23.73 -56.23
N ASP H 96 -19.18 22.85 -56.26
CA ASP H 96 -20.57 23.28 -56.41
C ASP H 96 -21.04 23.85 -55.07
N LYS H 97 -21.17 25.18 -55.00
CA LYS H 97 -21.47 25.84 -53.74
C LYS H 97 -22.90 25.57 -53.27
N SER H 98 -23.74 24.94 -54.10
CA SER H 98 -25.10 24.64 -53.68
C SER H 98 -25.19 23.43 -52.76
N VAL H 99 -24.14 22.61 -52.71
CA VAL H 99 -24.23 21.32 -52.04
C VAL H 99 -24.19 21.50 -50.53
N ILE H 100 -25.11 20.85 -49.84
CA ILE H 100 -25.08 20.74 -48.39
C ILE H 100 -24.38 19.45 -48.01
N GLY H 101 -23.40 19.56 -47.13
CA GLY H 101 -22.47 18.46 -46.94
C GLY H 101 -22.93 17.43 -45.94
N ASN H 102 -22.20 16.33 -45.91
CA ASN H 102 -22.46 15.22 -45.02
C ASN H 102 -21.13 14.50 -44.81
N SER H 103 -21.18 13.31 -44.21
CA SER H 103 -19.94 12.63 -43.85
C SER H 103 -19.16 12.10 -45.04
N GLU H 104 -19.68 12.22 -46.27
CA GLU H 104 -18.96 11.76 -47.45
C GLU H 104 -18.53 12.88 -48.38
N MET H 105 -19.15 14.05 -48.31
CA MET H 105 -18.78 15.14 -49.22
C MET H 105 -19.20 16.47 -48.62
N VAL H 106 -18.45 17.52 -48.98
CA VAL H 106 -18.78 18.89 -48.60
C VAL H 106 -18.30 19.81 -49.71
N ALA H 107 -18.95 20.96 -49.83
CA ALA H 107 -18.55 21.98 -50.79
C ALA H 107 -17.48 22.89 -50.21
N VAL H 108 -16.68 23.47 -51.10
CA VAL H 108 -15.67 24.47 -50.73
C VAL H 108 -15.98 25.74 -51.50
N THR H 109 -15.53 26.88 -50.97
CA THR H 109 -15.87 28.17 -51.54
C THR H 109 -15.05 28.53 -52.78
N TYR H 110 -14.00 27.77 -53.10
CA TYR H 110 -13.02 28.17 -54.11
C TYR H 110 -13.17 27.30 -55.36
N GLU H 111 -13.54 27.94 -56.47
CA GLU H 111 -13.79 27.21 -57.70
C GLU H 111 -12.53 26.56 -58.25
N GLY H 112 -11.37 27.16 -58.02
CA GLY H 112 -10.12 26.59 -58.50
C GLY H 112 -9.62 25.41 -57.72
N PHE H 113 -10.43 24.87 -56.79
CA PHE H 113 -9.99 23.78 -55.94
C PHE H 113 -9.54 22.58 -56.77
N THR H 114 -10.33 22.20 -57.78
CA THR H 114 -9.99 21.07 -58.61
C THR H 114 -8.76 21.36 -59.47
N THR H 115 -8.55 22.63 -59.84
CA THR H 115 -7.48 22.98 -60.75
C THR H 115 -6.12 23.02 -60.06
N ASP H 116 -6.06 23.61 -58.87
CA ASP H 116 -4.78 23.86 -58.21
C ASP H 116 -4.21 22.61 -57.53
N LEU H 117 -5.05 21.64 -57.20
CA LEU H 117 -4.60 20.44 -56.51
C LEU H 117 -4.18 19.36 -57.51
N SER H 118 -3.34 18.45 -57.02
CA SER H 118 -2.89 17.28 -57.79
C SER H 118 -3.11 16.04 -56.94
N VAL H 119 -3.23 14.89 -57.61
CA VAL H 119 -3.37 13.64 -56.88
C VAL H 119 -2.13 13.46 -56.03
N GLY H 120 -2.34 13.13 -54.75
CA GLY H 120 -1.24 13.00 -53.81
C GLY H 120 -1.02 14.21 -52.93
N ASN H 121 -1.58 15.36 -53.30
CA ASN H 121 -1.46 16.54 -52.46
C ASN H 121 -2.17 16.31 -51.12
N THR H 122 -1.81 17.11 -50.13
CA THR H 122 -2.46 17.07 -48.83
C THR H 122 -3.49 18.18 -48.72
N VAL H 123 -4.69 17.84 -48.26
CA VAL H 123 -5.72 18.79 -47.87
C VAL H 123 -5.84 18.77 -46.36
N LEU H 124 -5.73 19.93 -45.73
CA LEU H 124 -5.91 20.09 -44.30
C LEU H 124 -7.16 20.93 -44.06
N VAL H 125 -7.98 20.52 -43.09
CA VAL H 125 -9.25 21.20 -42.84
C VAL H 125 -9.32 21.60 -41.37
N ASP H 126 -9.74 22.83 -41.12
CA ASP H 126 -9.97 23.36 -39.77
C ASP H 126 -8.67 23.43 -38.97
N ASP H 127 -7.83 24.40 -39.35
CA ASP H 127 -6.56 24.63 -38.66
C ASP H 127 -5.75 23.34 -38.54
N GLY H 128 -5.77 22.55 -39.61
CA GLY H 128 -5.01 21.32 -39.61
C GLY H 128 -5.57 20.22 -38.74
N LEU H 129 -6.81 20.36 -38.26
CA LEU H 129 -7.42 19.32 -37.44
C LEU H 129 -7.49 18.00 -38.18
N ILE H 130 -7.95 18.03 -39.43
CA ILE H 130 -8.19 16.82 -40.22
C ILE H 130 -7.33 16.89 -41.47
N GLY H 131 -6.51 15.86 -41.66
CA GLY H 131 -5.69 15.74 -42.86
C GLY H 131 -6.28 14.75 -43.85
N MET H 132 -6.09 15.02 -45.13
CA MET H 132 -6.57 14.15 -46.18
C MET H 132 -5.55 14.15 -47.32
N GLU H 133 -5.55 13.06 -48.09
CA GLU H 133 -4.70 12.91 -49.26
C GLU H 133 -5.58 12.81 -50.50
N VAL H 134 -5.31 13.67 -51.48
CA VAL H 134 -6.05 13.61 -52.74
C VAL H 134 -5.75 12.30 -53.45
N THR H 135 -6.79 11.54 -53.76
CA THR H 135 -6.64 10.31 -54.52
C THR H 135 -7.13 10.42 -55.96
N ALA H 136 -8.04 11.35 -56.24
CA ALA H 136 -8.50 11.56 -57.61
C ALA H 136 -9.16 12.92 -57.72
N ILE H 137 -9.12 13.47 -58.93
CA ILE H 137 -9.78 14.73 -59.26
C ILE H 137 -10.55 14.51 -60.55
N GLU H 138 -11.88 14.65 -60.49
CA GLU H 138 -12.71 14.47 -61.68
C GLU H 138 -13.90 15.40 -61.63
N GLY H 139 -14.07 16.20 -62.68
CA GLY H 139 -15.16 17.15 -62.74
C GLY H 139 -14.97 18.24 -61.70
N ASN H 140 -16.01 18.48 -60.91
CA ASN H 140 -15.95 19.47 -59.84
C ASN H 140 -15.60 18.87 -58.50
N LYS H 141 -15.00 17.68 -58.48
CA LYS H 141 -14.79 16.95 -57.23
C LYS H 141 -13.32 16.64 -57.02
N VAL H 142 -12.89 16.77 -55.77
CA VAL H 142 -11.58 16.34 -55.32
C VAL H 142 -11.83 15.20 -54.34
N ILE H 143 -11.53 13.97 -54.77
CA ILE H 143 -11.80 12.78 -53.97
C ILE H 143 -10.56 12.47 -53.16
N CYS H 144 -10.73 12.27 -51.85
CA CYS H 144 -9.60 12.07 -50.96
C CYS H 144 -9.81 10.87 -50.05
N LYS H 145 -8.71 10.48 -49.39
CA LYS H 145 -8.71 9.52 -48.30
C LYS H 145 -8.41 10.27 -47.01
N VAL H 146 -9.26 10.08 -46.01
CA VAL H 146 -9.08 10.76 -44.73
C VAL H 146 -7.94 10.08 -43.96
N LEU H 147 -7.01 10.88 -43.45
CA LEU H 147 -5.83 10.34 -42.81
C LEU H 147 -5.95 10.20 -41.30
N ASN H 148 -6.87 10.93 -40.65
CA ASN H 148 -7.06 10.78 -39.22
C ASN H 148 -8.50 11.12 -38.87
N ASN H 149 -8.99 10.52 -37.78
CA ASN H 149 -10.35 10.81 -37.35
C ASN H 149 -10.47 12.28 -36.98
N GLY H 150 -11.66 12.83 -37.20
CA GLY H 150 -11.94 14.19 -36.78
C GLY H 150 -13.37 14.60 -37.02
N ASP H 151 -13.86 15.55 -36.23
CA ASP H 151 -15.21 16.07 -36.39
C ASP H 151 -15.13 17.28 -37.32
N LEU H 152 -15.86 17.23 -38.43
CA LEU H 152 -15.92 18.34 -39.37
C LEU H 152 -17.17 19.17 -39.06
N GLY H 153 -16.97 20.46 -38.79
CA GLY H 153 -18.05 21.40 -38.66
C GLY H 153 -18.28 22.19 -39.94
N GLU H 154 -19.05 23.26 -39.80
CA GLU H 154 -19.39 24.12 -40.93
C GLU H 154 -18.36 25.22 -41.09
N ASN H 155 -18.14 25.63 -42.34
CA ASN H 155 -17.36 26.83 -42.65
C ASN H 155 -16.00 26.80 -41.95
N LYS H 156 -15.18 25.83 -42.36
CA LYS H 156 -13.87 25.61 -41.76
C LYS H 156 -12.78 25.96 -42.76
N GLY H 157 -11.69 26.54 -42.25
CA GLY H 157 -10.57 26.87 -43.12
C GLY H 157 -9.92 25.64 -43.72
N VAL H 158 -9.46 25.77 -44.96
CA VAL H 158 -8.76 24.73 -45.68
C VAL H 158 -7.34 25.21 -46.01
N ASN H 159 -6.35 24.36 -45.75
CA ASN H 159 -4.96 24.63 -46.08
C ASN H 159 -4.42 23.55 -47.00
N LEU H 160 -3.67 23.96 -48.02
CA LEU H 160 -3.11 23.08 -49.03
C LEU H 160 -1.59 23.22 -49.02
N PRO H 161 -0.91 22.51 -48.12
CA PRO H 161 0.55 22.71 -47.97
C PRO H 161 1.30 22.52 -49.28
N GLY H 162 2.15 23.51 -49.59
CA GLY H 162 3.03 23.45 -50.73
C GLY H 162 2.39 23.68 -52.08
N VAL H 163 1.11 24.04 -52.12
CA VAL H 163 0.39 24.23 -53.37
C VAL H 163 0.34 25.71 -53.70
N SER H 164 0.54 26.05 -54.98
CA SER H 164 0.36 27.42 -55.46
C SER H 164 -1.13 27.62 -55.74
N ILE H 165 -1.78 28.47 -54.94
CA ILE H 165 -3.22 28.66 -55.01
C ILE H 165 -3.50 29.95 -55.76
N ALA H 166 -4.30 29.86 -56.83
CA ALA H 166 -4.68 30.99 -57.66
C ALA H 166 -5.84 31.80 -57.09
N LEU H 167 -5.81 32.08 -55.80
CA LEU H 167 -6.78 33.01 -55.23
C LEU H 167 -6.32 34.43 -55.53
N PRO H 168 -7.26 35.37 -55.66
CA PRO H 168 -6.86 36.75 -55.95
C PRO H 168 -6.06 37.33 -54.78
N ALA H 169 -5.24 38.33 -55.08
CA ALA H 169 -4.51 39.02 -54.03
C ALA H 169 -5.47 39.64 -53.03
N LEU H 170 -6.58 40.18 -53.50
CA LEU H 170 -7.54 40.88 -52.66
C LEU H 170 -8.93 40.28 -52.87
N ALA H 171 -9.60 39.95 -51.78
CA ALA H 171 -11.03 39.68 -51.86
C ALA H 171 -11.78 40.99 -52.13
N GLU H 172 -13.03 40.87 -52.61
CA GLU H 172 -13.80 42.06 -52.90
C GLU H 172 -14.03 42.88 -51.64
N LYS H 173 -14.18 42.22 -50.49
CA LYS H 173 -14.30 42.95 -49.23
C LYS H 173 -12.99 43.65 -48.90
N ASP H 174 -11.86 43.02 -49.24
CA ASP H 174 -10.57 43.65 -48.96
C ASP H 174 -10.45 44.98 -49.69
N LYS H 175 -10.87 45.02 -50.96
CA LYS H 175 -10.79 46.27 -51.72
C LYS H 175 -11.54 47.39 -51.01
N GLN H 176 -12.77 47.10 -50.58
CA GLN H 176 -13.58 48.09 -49.87
C GLN H 176 -12.92 48.48 -48.55
N ASP H 177 -12.43 47.49 -47.80
CA ASP H 177 -11.77 47.79 -46.53
C ASP H 177 -10.56 48.70 -46.76
N LEU H 178 -9.81 48.45 -47.84
CA LEU H 178 -8.61 49.25 -48.08
C LEU H 178 -8.98 50.69 -48.43
N ILE H 179 -10.07 50.90 -49.17
CA ILE H 179 -10.51 52.26 -49.45
C ILE H 179 -10.88 52.97 -48.16
N PHE H 180 -11.62 52.27 -47.28
CA PHE H 180 -11.90 52.79 -45.95
C PHE H 180 -10.60 53.17 -45.24
N GLY H 181 -9.59 52.32 -45.33
CA GLY H 181 -8.30 52.65 -44.75
C GLY H 181 -7.72 53.94 -45.29
N CYS H 182 -7.78 54.12 -46.62
CA CYS H 182 -7.29 55.36 -47.20
C CYS H 182 -8.12 56.55 -46.75
N GLU H 183 -9.45 56.41 -46.74
CA GLU H 183 -10.30 57.49 -46.27
C GLU H 183 -9.94 57.91 -44.86
N GLN H 184 -9.65 56.94 -44.00
CA GLN H 184 -9.36 57.22 -42.59
C GLN H 184 -7.91 57.62 -42.37
N GLY H 185 -7.05 57.48 -43.38
CA GLY H 185 -5.65 57.83 -43.25
C GLY H 185 -4.88 56.93 -42.30
N VAL H 186 -5.10 55.61 -42.39
CA VAL H 186 -4.33 54.70 -41.56
C VAL H 186 -2.86 54.74 -41.98
N ASP H 187 -1.99 54.31 -41.07
CA ASP H 187 -0.55 54.40 -41.27
C ASP H 187 0.03 53.18 -41.93
N PHE H 188 -0.56 52.01 -41.68
CA PHE H 188 -0.10 50.74 -42.22
C PHE H 188 -1.29 49.94 -42.73
N VAL H 189 -1.03 49.16 -43.76
CA VAL H 189 -1.92 48.09 -44.20
C VAL H 189 -1.14 46.78 -44.07
N ALA H 190 -1.67 45.85 -43.28
CA ALA H 190 -1.15 44.49 -43.21
C ALA H 190 -2.00 43.66 -44.16
N ALA H 191 -1.37 43.18 -45.23
CA ALA H 191 -2.06 42.50 -46.31
C ALA H 191 -1.95 41.01 -46.04
N SER H 192 -3.08 40.30 -46.03
CA SER H 192 -3.07 38.88 -45.72
C SER H 192 -2.65 38.03 -46.91
N PHE H 193 -1.98 36.91 -46.60
CA PHE H 193 -1.80 35.80 -47.55
C PHE H 193 -1.06 36.23 -48.82
N ILE H 194 0.05 36.96 -48.64
CA ILE H 194 0.87 37.37 -49.77
C ILE H 194 1.74 36.20 -50.20
N ARG H 195 1.62 35.83 -51.48
CA ARG H 195 2.29 34.66 -52.02
C ARG H 195 3.37 35.01 -53.05
N LYS H 196 3.34 36.23 -53.59
CA LYS H 196 4.23 36.60 -54.67
C LYS H 196 4.26 38.12 -54.82
N ARG H 197 5.29 38.59 -55.54
CA ARG H 197 5.51 40.02 -55.68
C ARG H 197 4.31 40.73 -56.28
N SER H 198 3.64 40.10 -57.26
CA SER H 198 2.51 40.74 -57.92
C SER H 198 1.35 40.96 -56.96
N ASP H 199 1.24 40.15 -55.91
CA ASP H 199 0.21 40.41 -54.90
C ASP H 199 0.45 41.76 -54.24
N VAL H 200 1.70 42.05 -53.87
CA VAL H 200 2.02 43.32 -53.23
C VAL H 200 1.75 44.47 -54.19
N ILE H 201 2.16 44.33 -55.44
CA ILE H 201 1.97 45.40 -56.42
C ILE H 201 0.49 45.72 -56.57
N GLU H 202 -0.36 44.68 -56.62
CA GLU H 202 -1.80 44.94 -56.75
C GLU H 202 -2.31 45.73 -55.57
N ILE H 203 -1.84 45.41 -54.36
CA ILE H 203 -2.22 46.19 -53.18
C ILE H 203 -1.74 47.63 -53.33
N ARG H 204 -0.50 47.81 -53.77
CA ARG H 204 0.07 49.14 -53.90
C ARG H 204 -0.73 49.97 -54.90
N GLU H 205 -1.10 49.38 -56.03
CA GLU H 205 -1.87 50.11 -57.04
C GLU H 205 -3.23 50.51 -56.49
N HIS H 206 -3.85 49.64 -55.69
CA HIS H 206 -5.15 49.97 -55.11
C HIS H 206 -5.05 51.15 -54.16
N LEU H 207 -4.09 51.11 -53.25
CA LEU H 207 -3.96 52.20 -52.31
C LEU H 207 -3.66 53.52 -53.02
N LYS H 208 -2.73 53.48 -53.97
CA LYS H 208 -2.33 54.68 -54.70
C LYS H 208 -3.49 55.28 -55.48
N ALA H 209 -4.45 54.45 -55.89
CA ALA H 209 -5.64 54.97 -56.58
C ALA H 209 -6.61 55.67 -55.65
N HIS H 210 -6.40 55.62 -54.34
CA HIS H 210 -7.32 56.25 -53.41
C HIS H 210 -6.58 57.12 -52.39
N GLY H 211 -5.45 57.67 -52.81
CA GLY H 211 -4.72 58.61 -51.98
C GLY H 211 -3.91 57.98 -50.88
N GLY H 212 -3.64 56.69 -50.96
CA GLY H 212 -2.90 55.99 -49.94
C GLY H 212 -1.49 55.63 -50.35
N GLU H 213 -0.92 56.41 -51.27
CA GLU H 213 0.42 56.10 -51.78
C GLU H 213 1.46 56.09 -50.67
N ASN H 214 1.22 56.83 -49.58
CA ASN H 214 2.17 56.93 -48.49
C ASN H 214 1.84 56.01 -47.32
N ILE H 215 0.89 55.10 -47.49
CA ILE H 215 0.60 54.08 -46.50
C ILE H 215 1.62 52.97 -46.68
N HIS H 216 2.20 52.49 -45.58
CA HIS H 216 3.19 51.42 -45.65
C HIS H 216 2.48 50.08 -45.70
N ILE H 217 2.92 49.21 -46.60
CA ILE H 217 2.34 47.89 -46.81
C ILE H 217 3.19 46.88 -46.05
N ILE H 218 2.58 46.17 -45.12
CA ILE H 218 3.19 45.07 -44.37
C ILE H 218 2.66 43.76 -44.95
N SER H 219 3.51 43.00 -45.66
CA SER H 219 3.07 41.75 -46.26
C SER H 219 3.12 40.60 -45.25
N LYS H 220 1.99 39.89 -45.11
CA LYS H 220 1.91 38.73 -44.22
C LYS H 220 2.35 37.49 -44.99
N ILE H 221 3.35 36.80 -44.46
CA ILE H 221 3.90 35.58 -45.06
C ILE H 221 3.28 34.39 -44.35
N GLU H 222 2.45 33.62 -45.06
CA GLU H 222 1.68 32.58 -44.41
C GLU H 222 1.81 31.19 -45.01
N ASN H 223 2.47 31.02 -46.16
CA ASN H 223 2.61 29.67 -46.70
C ASN H 223 3.91 29.51 -47.46
N GLN H 224 4.08 28.31 -48.03
CA GLN H 224 5.33 27.95 -48.68
C GLN H 224 5.61 28.84 -49.90
N GLU H 225 4.58 29.11 -50.70
CA GLU H 225 4.77 29.95 -51.88
C GLU H 225 5.32 31.32 -51.49
N GLY H 226 4.73 31.95 -50.47
CA GLY H 226 5.25 33.21 -49.99
C GLY H 226 6.68 33.12 -49.51
N LEU H 227 7.00 32.03 -48.81
CA LEU H 227 8.38 31.79 -48.38
C LEU H 227 9.29 31.63 -49.59
N ASN H 228 8.86 30.87 -50.61
CA ASN H 228 9.70 30.69 -51.79
C ASN H 228 9.99 32.03 -52.47
N ASN H 229 9.01 32.92 -52.49
CA ASN H 229 9.11 34.22 -53.15
C ASN H 229 9.46 35.35 -52.18
N PHE H 230 10.00 35.03 -51.00
CA PHE H 230 10.11 36.05 -49.98
C PHE H 230 10.95 37.24 -50.44
N ASP H 231 12.09 36.97 -51.08
CA ASP H 231 13.00 38.07 -51.43
C ASP H 231 12.29 39.11 -52.28
N GLU H 232 11.58 38.66 -53.32
CA GLU H 232 10.83 39.59 -54.17
C GLU H 232 9.68 40.25 -53.41
N ILE H 233 9.04 39.51 -52.50
CA ILE H 233 7.95 40.11 -51.71
C ILE H 233 8.49 41.23 -50.84
N LEU H 234 9.56 40.95 -50.10
CA LEU H 234 10.14 41.98 -49.23
C LEU H 234 10.53 43.22 -50.01
N GLU H 235 11.15 43.02 -51.19
CA GLU H 235 11.59 44.16 -51.98
C GLU H 235 10.44 45.11 -52.31
N ALA H 236 9.27 44.56 -52.62
CA ALA H 236 8.12 45.36 -53.01
C ALA H 236 7.33 45.88 -51.81
N SER H 237 7.56 45.37 -50.62
CA SER H 237 6.80 45.75 -49.44
C SER H 237 7.57 46.78 -48.63
N ASP H 238 6.88 47.40 -47.67
CA ASP H 238 7.52 48.26 -46.68
C ASP H 238 7.89 47.49 -45.42
N GLY H 239 7.34 46.30 -45.22
CA GLY H 239 7.62 45.50 -44.04
C GLY H 239 6.99 44.13 -44.17
N ILE H 240 7.18 43.32 -43.13
CA ILE H 240 6.78 41.92 -43.16
C ILE H 240 6.11 41.57 -41.83
N MET H 241 5.05 40.78 -41.90
CA MET H 241 4.46 40.14 -40.73
C MET H 241 4.67 38.63 -40.84
N VAL H 242 5.37 38.06 -39.88
CA VAL H 242 5.64 36.63 -39.84
C VAL H 242 4.46 35.96 -39.12
N ALA H 243 3.62 35.26 -39.88
CA ALA H 243 2.42 34.61 -39.34
C ALA H 243 2.76 33.15 -39.03
N ARG H 244 3.35 32.95 -37.84
CA ARG H 244 3.89 31.64 -37.49
C ARG H 244 2.83 30.56 -37.50
N GLY H 245 1.65 30.84 -36.94
CA GLY H 245 0.60 29.84 -36.87
C GLY H 245 0.22 29.25 -38.22
N ASP H 246 0.08 30.11 -39.23
CA ASP H 246 -0.29 29.67 -40.56
C ASP H 246 0.84 28.85 -41.20
N LEU H 247 2.08 29.31 -41.05
CA LEU H 247 3.22 28.56 -41.55
C LEU H 247 3.27 27.17 -40.92
N GLY H 248 2.86 27.05 -39.65
CA GLY H 248 2.89 25.76 -38.99
C GLY H 248 1.98 24.75 -39.63
N VAL H 249 0.93 25.21 -40.33
CA VAL H 249 0.06 24.29 -41.05
C VAL H 249 0.47 24.11 -42.51
N GLU H 250 1.45 24.87 -42.99
CA GLU H 250 1.74 24.93 -44.42
C GLU H 250 3.11 24.40 -44.81
N ILE H 251 4.06 24.35 -43.90
CA ILE H 251 5.40 23.87 -44.22
C ILE H 251 5.85 22.86 -43.16
N PRO H 252 6.90 22.09 -43.41
CA PRO H 252 7.38 21.15 -42.39
C PRO H 252 7.66 21.87 -41.08
N VAL H 253 7.19 21.29 -39.98
CA VAL H 253 7.16 22.01 -38.71
C VAL H 253 8.55 22.44 -38.27
N GLU H 254 9.57 21.63 -38.58
CA GLU H 254 10.93 21.98 -38.17
C GLU H 254 11.50 23.17 -38.95
N GLU H 255 10.85 23.59 -40.04
CA GLU H 255 11.32 24.72 -40.83
C GLU H 255 10.80 26.06 -40.33
N VAL H 256 9.72 26.07 -39.55
CA VAL H 256 9.03 27.33 -39.25
C VAL H 256 9.96 28.29 -38.51
N ILE H 257 10.69 27.78 -37.50
CA ILE H 257 11.52 28.66 -36.68
C ILE H 257 12.58 29.36 -37.53
N PHE H 258 13.17 28.64 -38.48
CA PHE H 258 14.17 29.23 -39.35
C PHE H 258 13.58 30.10 -40.43
N ALA H 259 12.35 29.83 -40.87
CA ALA H 259 11.63 30.78 -41.72
C ALA H 259 11.48 32.13 -41.00
N GLN H 260 11.08 32.08 -39.73
CA GLN H 260 11.00 33.31 -38.94
C GLN H 260 12.36 33.98 -38.81
N LYS H 261 13.36 33.24 -38.37
CA LYS H 261 14.67 33.86 -38.13
C LYS H 261 15.24 34.45 -39.42
N MET H 262 15.11 33.73 -40.55
CA MET H 262 15.60 34.22 -41.84
C MET H 262 14.86 35.47 -42.28
N MET H 263 13.54 35.50 -42.12
CA MET H 263 12.76 36.64 -42.56
C MET H 263 13.07 37.87 -41.71
N ILE H 264 13.23 37.71 -40.40
CA ILE H 264 13.59 38.84 -39.57
C ILE H 264 14.96 39.37 -39.97
N GLU H 265 15.93 38.48 -40.19
CA GLU H 265 17.27 38.89 -40.58
C GLU H 265 17.26 39.68 -41.87
N LYS H 266 16.51 39.22 -42.86
CA LYS H 266 16.50 39.90 -44.15
C LYS H 266 15.78 41.24 -44.04
N CYS H 267 14.70 41.31 -43.25
CA CYS H 267 14.03 42.59 -43.02
C CYS H 267 14.98 43.58 -42.36
N ILE H 268 15.73 43.13 -41.35
CA ILE H 268 16.70 44.01 -40.69
C ILE H 268 17.67 44.59 -41.71
N ARG H 269 18.25 43.73 -42.55
CA ARG H 269 19.22 44.18 -43.54
C ARG H 269 18.63 45.18 -44.52
N ALA H 270 17.36 45.03 -44.85
CA ALA H 270 16.67 45.90 -45.79
C ALA H 270 16.16 47.19 -45.14
N ARG H 271 16.38 47.40 -43.86
CA ARG H 271 15.86 48.55 -43.12
C ARG H 271 14.34 48.64 -43.23
N LYS H 272 13.69 47.47 -43.11
CA LYS H 272 12.24 47.37 -43.24
C LYS H 272 11.67 46.69 -42.00
N VAL H 273 10.56 47.22 -41.50
CA VAL H 273 10.04 46.78 -40.23
C VAL H 273 9.53 45.36 -40.35
N VAL H 274 9.67 44.58 -39.28
CA VAL H 274 9.17 43.21 -39.22
C VAL H 274 8.41 43.02 -37.92
N ILE H 275 7.24 42.37 -38.01
CA ILE H 275 6.36 42.07 -36.89
C ILE H 275 6.24 40.56 -36.76
N THR H 276 6.45 40.05 -35.55
CA THR H 276 6.19 38.65 -35.25
C THR H 276 4.80 38.52 -34.65
N ALA H 277 3.98 37.63 -35.23
CA ALA H 277 2.57 37.55 -34.89
C ALA H 277 2.03 36.12 -34.91
N THR H 278 0.86 35.96 -34.29
CA THR H 278 0.11 34.72 -34.10
C THR H 278 0.77 33.83 -33.05
N GLN H 279 -0.06 33.14 -32.27
CA GLN H 279 0.38 32.21 -31.25
C GLN H 279 1.46 32.84 -30.37
N MET H 280 1.21 34.06 -29.89
CA MET H 280 2.18 34.78 -29.05
C MET H 280 1.85 34.54 -27.57
N LEU H 281 0.77 35.13 -27.08
CA LEU H 281 0.33 34.95 -25.71
C LEU H 281 -1.13 34.55 -25.68
N ASP H 282 -1.55 33.70 -26.63
CA ASP H 282 -2.98 33.45 -26.81
C ASP H 282 -3.62 32.84 -25.56
N SER H 283 -2.86 32.09 -24.77
CA SER H 283 -3.45 31.50 -23.57
C SER H 283 -4.03 32.57 -22.63
N MET H 284 -3.59 33.81 -22.77
CA MET H 284 -4.08 34.89 -21.92
C MET H 284 -5.45 35.42 -22.36
N ILE H 285 -6.01 34.88 -23.45
CA ILE H 285 -7.42 35.08 -23.71
C ILE H 285 -8.24 34.63 -22.51
N LYS H 286 -7.86 33.51 -21.90
CA LYS H 286 -8.58 32.93 -20.78
C LYS H 286 -7.86 33.05 -19.44
N ASN H 287 -6.53 33.24 -19.44
CA ASN H 287 -5.76 33.20 -18.21
C ASN H 287 -5.08 34.54 -17.94
N PRO H 288 -4.90 34.91 -16.67
CA PRO H 288 -4.28 36.21 -16.36
C PRO H 288 -2.76 36.23 -16.48
N ARG H 289 -2.12 35.10 -16.72
CA ARG H 289 -0.69 35.00 -16.92
C ARG H 289 -0.41 34.07 -18.09
N PRO H 290 0.71 34.25 -18.79
CA PRO H 290 1.03 33.39 -19.93
C PRO H 290 1.75 32.13 -19.48
N THR H 291 1.87 31.17 -20.40
CA THR H 291 2.69 30.01 -20.17
C THR H 291 4.18 30.32 -20.38
N ARG H 292 5.01 29.51 -19.73
CA ARG H 292 6.45 29.57 -19.93
C ARG H 292 6.82 29.42 -21.39
N ALA H 293 6.16 28.51 -22.11
CA ALA H 293 6.46 28.32 -23.52
C ALA H 293 6.20 29.60 -24.30
N GLU H 294 5.07 30.26 -24.03
CA GLU H 294 4.73 31.49 -24.73
C GLU H 294 5.77 32.58 -24.47
N ALA H 295 6.14 32.76 -23.20
CA ALA H 295 7.11 33.81 -22.87
C ALA H 295 8.45 33.57 -23.56
N GLY H 296 8.89 32.31 -23.60
CA GLY H 296 10.14 32.01 -24.28
C GLY H 296 10.07 32.23 -25.78
N ASP H 297 8.97 31.81 -26.40
CA ASP H 297 8.77 32.05 -27.82
C ASP H 297 8.87 33.54 -28.13
N VAL H 298 8.15 34.37 -27.38
CA VAL H 298 8.19 35.81 -27.61
C VAL H 298 9.61 36.32 -27.48
N ALA H 299 10.28 35.93 -26.39
CA ALA H 299 11.62 36.45 -26.12
C ALA H 299 12.59 36.06 -27.23
N ASN H 300 12.51 34.81 -27.71
CA ASN H 300 13.40 34.40 -28.78
C ASN H 300 13.11 35.16 -30.08
N SER H 301 11.86 35.52 -30.32
CA SER H 301 11.57 36.37 -31.48
C SER H 301 12.21 37.74 -31.33
N ILE H 302 12.28 38.28 -30.10
CA ILE H 302 12.94 39.56 -29.90
C ILE H 302 14.45 39.42 -30.06
N LEU H 303 15.04 38.36 -29.49
CA LEU H 303 16.44 38.10 -29.71
C LEU H 303 16.73 37.85 -31.19
N ASP H 304 15.79 37.25 -31.92
CA ASP H 304 15.94 37.13 -33.37
C ASP H 304 16.13 38.51 -34.01
N GLY H 305 15.51 39.54 -33.43
CA GLY H 305 15.70 40.91 -33.88
C GLY H 305 14.45 41.63 -34.35
N THR H 306 13.27 41.09 -34.02
CA THR H 306 12.02 41.64 -34.52
C THR H 306 11.87 43.08 -34.06
N ASP H 307 11.30 43.92 -34.93
CA ASP H 307 10.96 45.28 -34.51
C ASP H 307 9.83 45.28 -33.50
N ALA H 308 8.85 44.40 -33.69
CA ALA H 308 7.58 44.51 -32.98
C ALA H 308 6.99 43.12 -32.76
N VAL H 309 6.21 43.01 -31.70
CA VAL H 309 5.45 41.81 -31.35
C VAL H 309 3.98 42.18 -31.32
N MET H 310 3.12 41.22 -31.66
CA MET H 310 1.71 41.49 -31.87
C MET H 310 0.82 40.64 -30.98
N LEU H 311 -0.17 41.28 -30.36
CA LEU H 311 -1.23 40.61 -29.63
C LEU H 311 -2.48 40.57 -30.50
N SER H 312 -3.16 39.43 -30.51
CA SER H 312 -4.37 39.29 -31.31
C SER H 312 -5.57 39.19 -30.38
N GLY H 313 -6.15 38.00 -30.25
CA GLY H 313 -7.28 37.82 -29.37
C GLY H 313 -7.01 38.28 -27.95
N GLU H 314 -5.75 38.15 -27.50
CA GLU H 314 -5.43 38.50 -26.12
C GLU H 314 -5.84 39.92 -25.78
N SER H 315 -5.73 40.84 -26.74
CA SER H 315 -6.00 42.25 -26.48
C SER H 315 -7.33 42.72 -27.05
N ALA H 316 -7.92 41.98 -27.97
CA ALA H 316 -9.13 42.41 -28.66
C ALA H 316 -10.39 41.93 -27.94
N LYS H 317 -10.45 40.65 -27.61
CA LYS H 317 -11.64 40.04 -27.03
C LYS H 317 -11.38 39.25 -25.75
N GLY H 318 -10.13 39.05 -25.36
CA GLY H 318 -9.80 38.24 -24.21
C GLY H 318 -10.23 38.87 -22.89
N LYS H 319 -10.06 38.10 -21.82
CA LYS H 319 -10.52 38.53 -20.51
C LYS H 319 -9.51 39.39 -19.78
N TYR H 320 -8.24 39.34 -20.15
CA TYR H 320 -7.17 40.02 -19.43
C TYR H 320 -6.31 40.84 -20.38
N PRO H 321 -6.92 41.79 -21.10
CA PRO H 321 -6.13 42.54 -22.10
C PRO H 321 -5.00 43.37 -21.50
N LEU H 322 -5.25 44.07 -20.39
CA LEU H 322 -4.20 44.90 -19.80
C LEU H 322 -3.07 44.03 -19.23
N GLU H 323 -3.42 42.89 -18.64
CA GLU H 323 -2.40 41.96 -18.17
C GLU H 323 -1.53 41.48 -19.32
N ALA H 324 -2.15 41.17 -20.47
CA ALA H 324 -1.38 40.66 -21.61
C ALA H 324 -0.41 41.71 -22.12
N VAL H 325 -0.88 42.96 -22.27
CA VAL H 325 0.02 44.02 -22.72
C VAL H 325 1.14 44.23 -21.72
N SER H 326 0.81 44.19 -20.43
CA SER H 326 1.80 44.51 -19.40
C SER H 326 2.90 43.46 -19.35
N ILE H 327 2.53 42.18 -19.38
CA ILE H 327 3.56 41.15 -19.34
C ILE H 327 4.34 41.13 -20.64
N MET H 328 3.69 41.42 -21.77
CA MET H 328 4.41 41.57 -23.03
C MET H 328 5.47 42.65 -22.92
N ALA H 329 5.11 43.81 -22.35
CA ALA H 329 6.07 44.88 -22.15
C ALA H 329 7.18 44.45 -21.20
N THR H 330 6.84 43.72 -20.14
CA THR H 330 7.88 43.23 -19.22
C THR H 330 8.84 42.31 -19.95
N ILE H 331 8.32 41.42 -20.79
CA ILE H 331 9.17 40.54 -21.58
C ILE H 331 10.05 41.36 -22.51
N CYS H 332 9.47 42.36 -23.19
CA CYS H 332 10.24 43.20 -24.10
C CYS H 332 11.40 43.87 -23.39
N GLU H 333 11.12 44.59 -22.30
CA GLU H 333 12.17 45.29 -21.58
C GLU H 333 13.22 44.31 -21.08
N ARG H 334 12.79 43.17 -20.54
CA ARG H 334 13.73 42.20 -20.00
C ARG H 334 14.65 41.65 -21.09
N THR H 335 14.11 41.47 -22.30
CA THR H 335 14.91 40.91 -23.38
C THR H 335 15.75 41.97 -24.08
N ASP H 336 15.12 43.10 -24.41
CA ASP H 336 15.88 44.22 -24.98
C ASP H 336 17.09 44.56 -24.12
N ARG H 337 16.94 44.42 -22.81
CA ARG H 337 17.96 44.86 -21.85
C ARG H 337 19.29 44.16 -22.07
N VAL H 338 19.29 42.93 -22.59
CA VAL H 338 20.49 42.13 -22.71
C VAL H 338 20.95 41.98 -24.15
N MET H 339 20.34 42.71 -25.08
CA MET H 339 20.76 42.63 -26.47
C MET H 339 21.87 43.65 -26.74
N ASN H 340 22.73 43.30 -27.70
CA ASN H 340 23.88 44.10 -28.10
C ASN H 340 23.70 44.63 -29.51
N SER H 341 24.46 45.67 -29.82
CA SER H 341 24.50 46.19 -31.18
C SER H 341 25.08 45.14 -32.13
N ARG H 342 24.77 45.32 -33.41
CA ARG H 342 25.26 44.47 -34.50
C ARG H 342 25.93 45.44 -35.48
N LEU H 343 27.24 45.64 -35.34
CA LEU H 343 27.92 46.71 -36.05
C LEU H 343 28.53 46.29 -37.38
N GLU H 344 28.41 45.03 -37.77
CA GLU H 344 29.04 44.55 -38.99
C GLU H 344 28.43 45.18 -40.24
N ARG H 353 25.11 52.75 -50.05
CA ARG H 353 26.51 52.67 -49.65
C ARG H 353 26.83 53.79 -48.67
N ILE H 354 26.53 55.03 -49.07
CA ILE H 354 26.85 56.20 -48.24
C ILE H 354 25.98 56.22 -46.98
N THR H 355 24.66 56.09 -47.15
CA THR H 355 23.75 56.11 -46.00
C THR H 355 24.18 55.09 -44.95
N GLU H 356 24.45 53.86 -45.37
CA GLU H 356 24.79 52.80 -44.43
C GLU H 356 26.14 53.04 -43.78
N ALA H 357 27.12 53.54 -44.55
CA ALA H 357 28.42 53.86 -43.94
C ALA H 357 28.26 54.90 -42.84
N VAL H 358 27.48 55.95 -43.09
CA VAL H 358 27.29 57.02 -42.10
C VAL H 358 26.47 56.52 -40.93
N CYS H 359 25.38 55.78 -41.19
CA CYS H 359 24.53 55.33 -40.09
C CYS H 359 25.22 54.27 -39.25
N ARG H 360 25.91 53.33 -39.88
CA ARG H 360 26.69 52.35 -39.13
C ARG H 360 27.77 53.04 -38.31
N GLY H 361 28.44 54.04 -38.91
CA GLY H 361 29.47 54.77 -38.19
C GLY H 361 28.89 55.62 -37.07
N ALA H 362 27.72 56.20 -37.29
CA ALA H 362 27.06 56.97 -36.24
C ALA H 362 26.76 56.09 -35.03
N VAL H 363 26.31 54.86 -35.27
CA VAL H 363 26.01 53.97 -34.16
C VAL H 363 27.29 53.57 -33.43
N GLU H 364 28.34 53.24 -34.16
CA GLU H 364 29.61 52.91 -33.51
C GLU H 364 30.16 54.11 -32.73
N THR H 365 30.07 55.31 -33.30
CA THR H 365 30.50 56.50 -32.58
C THR H 365 29.71 56.68 -31.28
N ALA H 366 28.38 56.53 -31.36
CA ALA H 366 27.56 56.67 -30.16
C ALA H 366 27.98 55.68 -29.08
N GLU H 367 28.22 54.43 -29.47
CA GLU H 367 28.61 53.40 -28.52
C GLU H 367 29.95 53.73 -27.87
N LYS H 368 30.95 54.07 -28.68
CA LYS H 368 32.27 54.36 -28.16
C LYS H 368 32.24 55.54 -27.21
N LEU H 369 31.34 56.50 -27.42
CA LEU H 369 31.25 57.68 -26.57
C LEU H 369 30.14 57.60 -25.55
N ASP H 370 29.50 56.43 -25.39
CA ASP H 370 28.43 56.24 -24.41
C ASP H 370 27.30 57.24 -24.56
N ALA H 371 26.88 57.49 -25.79
CA ALA H 371 25.78 58.40 -26.04
C ALA H 371 24.46 57.68 -25.77
N PRO H 372 23.57 58.25 -24.94
CA PRO H 372 22.27 57.61 -24.73
C PRO H 372 21.28 57.84 -25.86
N LEU H 373 21.60 58.70 -26.82
CA LEU H 373 20.61 59.14 -27.80
C LEU H 373 21.28 59.45 -29.12
N ILE H 374 20.68 58.95 -30.20
CA ILE H 374 21.00 59.34 -31.56
C ILE H 374 19.79 60.11 -32.08
N VAL H 375 20.00 61.36 -32.47
CA VAL H 375 18.94 62.21 -33.02
C VAL H 375 19.08 62.20 -34.54
N VAL H 376 17.98 61.92 -35.23
CA VAL H 376 18.00 61.78 -36.68
C VAL H 376 16.97 62.73 -37.27
N ALA H 377 17.36 63.45 -38.33
CA ALA H 377 16.44 64.23 -39.14
C ALA H 377 15.96 63.33 -40.28
N THR H 378 14.65 63.27 -40.48
CA THR H 378 14.10 62.33 -41.46
C THR H 378 12.77 62.84 -42.00
N GLN H 379 12.58 62.63 -43.30
CA GLN H 379 11.34 62.96 -43.99
C GLN H 379 10.44 61.74 -44.20
N GLY H 380 10.99 60.65 -44.74
CA GLY H 380 10.24 59.44 -45.01
C GLY H 380 10.43 58.34 -43.97
N GLY H 381 11.37 58.56 -43.05
CA GLY H 381 11.68 57.62 -42.00
C GLY H 381 12.91 56.78 -42.29
N LYS H 382 13.41 56.89 -43.52
CA LYS H 382 14.53 56.05 -44.03
C LYS H 382 15.77 56.17 -43.15
N SER H 383 16.13 57.37 -42.71
CA SER H 383 17.37 57.56 -41.95
C SER H 383 17.24 56.93 -40.55
N ALA H 384 16.06 57.05 -39.94
CA ALA H 384 15.83 56.41 -38.65
C ALA H 384 15.89 54.90 -38.77
N ARG H 385 15.27 54.34 -39.82
CA ARG H 385 15.32 52.89 -40.04
C ARG H 385 16.72 52.43 -40.41
N ALA H 386 17.50 53.29 -41.08
CA ALA H 386 18.87 52.92 -41.41
C ALA H 386 19.74 52.83 -40.16
N VAL H 387 19.49 53.69 -39.17
CA VAL H 387 20.25 53.60 -37.92
C VAL H 387 19.83 52.38 -37.12
N ARG H 388 18.52 52.10 -37.04
CA ARG H 388 18.02 51.00 -36.24
C ARG H 388 18.54 49.64 -36.72
N LYS H 389 18.94 49.55 -37.99
CA LYS H 389 19.45 48.30 -38.52
C LYS H 389 20.58 47.72 -37.68
N TYR H 390 21.36 48.57 -37.03
CA TYR H 390 22.52 48.14 -36.27
C TYR H 390 22.21 47.94 -34.79
N PHE H 391 20.93 47.94 -34.43
CA PHE H 391 20.49 47.67 -33.06
C PHE H 391 21.22 48.52 -32.05
N PRO H 392 21.19 49.86 -32.22
CA PRO H 392 21.90 50.75 -31.30
C PRO H 392 21.46 50.54 -29.86
N ASP H 393 22.43 50.63 -28.95
CA ASP H 393 22.13 50.72 -27.53
C ASP H 393 21.35 51.98 -27.23
N ALA H 394 21.69 53.07 -27.93
CA ALA H 394 21.04 54.35 -27.72
C ALA H 394 19.63 54.34 -28.32
N THR H 395 18.74 55.10 -27.67
CA THR H 395 17.44 55.40 -28.25
C THR H 395 17.60 56.30 -29.46
N ILE H 396 16.66 56.18 -30.40
CA ILE H 396 16.65 56.99 -31.61
C ILE H 396 15.52 58.01 -31.49
N LEU H 397 15.89 59.29 -31.50
CA LEU H 397 14.92 60.39 -31.57
C LEU H 397 14.84 60.85 -33.03
N ALA H 398 13.72 60.59 -33.67
CA ALA H 398 13.55 60.90 -35.07
C ALA H 398 12.73 62.18 -35.20
N LEU H 399 13.34 63.23 -35.75
CA LEU H 399 12.68 64.50 -35.96
C LEU H 399 12.19 64.59 -37.39
N THR H 400 10.91 64.92 -37.56
CA THR H 400 10.31 64.96 -38.89
C THR H 400 9.23 66.03 -38.94
N THR H 401 9.02 66.58 -40.14
CA THR H 401 7.89 67.44 -40.43
C THR H 401 6.70 66.66 -40.99
N ASN H 402 6.89 65.37 -41.22
CA ASN H 402 5.90 64.51 -41.89
C ASN H 402 5.12 63.76 -40.82
N GLU H 403 3.84 64.09 -40.65
CA GLU H 403 3.03 63.45 -39.63
C GLU H 403 2.91 61.95 -39.87
N LYS H 404 2.78 61.54 -41.14
CA LYS H 404 2.65 60.12 -41.45
C LYS H 404 3.93 59.36 -41.06
N THR H 405 5.08 59.94 -41.37
CA THR H 405 6.34 59.36 -40.95
C THR H 405 6.40 59.26 -39.44
N ALA H 406 5.99 60.32 -38.74
CA ALA H 406 6.00 60.30 -37.29
C ALA H 406 5.22 59.11 -36.75
N HIS H 407 4.05 58.84 -37.34
CA HIS H 407 3.25 57.71 -36.90
C HIS H 407 3.91 56.38 -37.26
N GLN H 408 4.41 56.26 -38.50
CA GLN H 408 4.94 54.98 -38.99
C GLN H 408 6.19 54.56 -38.23
N LEU H 409 7.00 55.53 -37.79
CA LEU H 409 8.21 55.19 -37.04
C LEU H 409 7.93 54.60 -35.66
N VAL H 410 6.70 54.73 -35.16
CA VAL H 410 6.33 54.14 -33.89
C VAL H 410 6.49 52.63 -33.92
N LEU H 411 6.43 52.02 -35.11
CA LEU H 411 6.56 50.58 -35.23
C LEU H 411 8.01 50.11 -35.30
N SER H 412 8.96 51.02 -35.58
CA SER H 412 10.36 50.62 -35.70
C SER H 412 11.02 50.56 -34.34
N LYS H 413 11.85 49.52 -34.15
CA LYS H 413 12.43 49.24 -32.84
C LYS H 413 13.25 50.43 -32.36
N GLY H 414 12.99 50.83 -31.12
CA GLY H 414 13.81 51.79 -30.42
C GLY H 414 13.76 53.20 -30.93
N VAL H 415 12.70 53.57 -31.64
CA VAL H 415 12.56 54.92 -32.20
C VAL H 415 11.47 55.67 -31.47
N VAL H 416 11.78 56.90 -31.06
CA VAL H 416 10.83 57.86 -30.52
C VAL H 416 10.65 58.96 -31.58
N PRO H 417 9.51 59.01 -32.26
CA PRO H 417 9.32 60.07 -33.25
C PRO H 417 8.91 61.37 -32.59
N GLN H 418 9.28 62.47 -33.24
CA GLN H 418 8.86 63.80 -32.79
C GLN H 418 8.61 64.67 -34.01
N LEU H 419 7.36 65.14 -34.16
CA LEU H 419 7.01 66.06 -35.23
C LEU H 419 7.52 67.45 -34.91
N VAL H 420 8.17 68.10 -35.88
CA VAL H 420 8.67 69.45 -35.69
C VAL H 420 8.27 70.32 -36.87
N LYS H 421 8.35 71.64 -36.65
CA LYS H 421 8.42 72.60 -37.74
C LYS H 421 9.75 72.41 -38.49
N GLU H 422 9.72 72.72 -39.78
CA GLU H 422 10.83 72.33 -40.64
C GLU H 422 12.15 72.98 -40.22
N ILE H 423 13.23 72.21 -40.35
CA ILE H 423 14.59 72.64 -40.09
C ILE H 423 15.26 72.93 -41.43
N THR H 424 15.79 74.14 -41.58
CA THR H 424 16.22 74.66 -42.87
C THR H 424 17.71 74.50 -43.15
N SER H 425 18.51 74.10 -42.16
CA SER H 425 19.94 73.90 -42.41
C SER H 425 20.50 72.93 -41.38
N THR H 426 21.74 72.49 -41.64
CA THR H 426 22.39 71.53 -40.76
C THR H 426 22.66 72.13 -39.39
N ASP H 427 23.16 73.36 -39.33
CA ASP H 427 23.41 73.99 -38.03
C ASP H 427 22.11 74.22 -37.28
N ASP H 428 21.03 74.55 -37.98
CA ASP H 428 19.75 74.69 -37.31
C ASP H 428 19.27 73.34 -36.76
N PHE H 429 19.55 72.25 -37.48
CA PHE H 429 19.22 70.92 -36.97
C PHE H 429 19.96 70.64 -35.67
N TYR H 430 21.26 70.98 -35.61
CA TYR H 430 22.02 70.74 -34.39
C TYR H 430 21.48 71.57 -33.24
N ARG H 431 21.22 72.86 -33.48
CA ARG H 431 20.67 73.71 -32.43
C ARG H 431 19.37 73.13 -31.90
N LEU H 432 18.40 72.91 -32.79
CA LEU H 432 17.09 72.42 -32.36
C LEU H 432 17.18 71.02 -31.77
N GLY H 433 17.95 70.13 -32.40
CA GLY H 433 18.03 68.76 -31.92
C GLY H 433 18.53 68.68 -30.50
N LYS H 434 19.50 69.52 -30.14
CA LYS H 434 20.01 69.53 -28.76
C LYS H 434 18.91 69.94 -27.79
N GLU H 435 18.10 70.93 -28.17
CA GLU H 435 17.00 71.37 -27.33
C GLU H 435 15.95 70.28 -27.18
N LEU H 436 15.56 69.67 -28.30
CA LEU H 436 14.54 68.62 -28.26
C LEU H 436 15.08 67.36 -27.58
N ALA H 437 16.39 67.12 -27.68
CA ALA H 437 16.99 66.04 -26.91
C ALA H 437 16.74 66.24 -25.42
N LEU H 438 17.07 67.43 -24.90
CA LEU H 438 16.81 67.72 -23.50
C LEU H 438 15.32 67.67 -23.19
N GLN H 439 14.50 68.28 -24.05
CA GLN H 439 13.06 68.33 -23.79
C GLN H 439 12.45 66.93 -23.77
N SER H 440 13.02 65.99 -24.53
CA SER H 440 12.48 64.63 -24.57
C SER H 440 12.68 63.88 -23.26
N GLY H 441 13.65 64.30 -22.46
CA GLY H 441 14.01 63.54 -21.27
C GLY H 441 14.77 62.27 -21.55
N LEU H 442 15.15 62.02 -22.79
CA LEU H 442 15.94 60.85 -23.17
C LEU H 442 17.43 61.07 -22.97
N ALA H 443 17.86 62.32 -22.81
CA ALA H 443 19.24 62.66 -22.52
C ALA H 443 19.23 63.88 -21.61
N HIS H 444 20.37 64.16 -20.98
CA HIS H 444 20.45 65.22 -19.99
C HIS H 444 21.73 66.02 -20.20
N LYS H 445 21.78 67.19 -19.56
CA LYS H 445 22.97 68.03 -19.62
C LYS H 445 24.23 67.21 -19.37
N GLY H 446 25.22 67.40 -20.23
CA GLY H 446 26.46 66.67 -20.15
C GLY H 446 26.51 65.39 -20.95
N ASP H 447 25.36 64.85 -21.34
CA ASP H 447 25.33 63.66 -22.18
C ASP H 447 25.84 63.97 -23.58
N VAL H 448 26.44 62.97 -24.21
CA VAL H 448 26.81 63.04 -25.62
C VAL H 448 25.63 62.54 -26.45
N VAL H 449 25.33 63.24 -27.54
CA VAL H 449 24.37 62.77 -28.52
C VAL H 449 25.03 62.77 -29.90
N VAL H 450 24.63 61.83 -30.74
CA VAL H 450 25.07 61.77 -32.14
C VAL H 450 23.89 62.18 -33.00
N MET H 451 24.15 63.06 -33.97
CA MET H 451 23.12 63.71 -34.76
C MET H 451 23.35 63.40 -36.23
N VAL H 452 22.34 62.84 -36.88
CA VAL H 452 22.46 62.27 -38.21
C VAL H 452 21.45 62.95 -39.12
N SER H 453 21.88 63.38 -40.29
CA SER H 453 21.00 64.08 -41.22
C SER H 453 21.55 63.98 -42.63
N GLY H 454 20.77 64.47 -43.58
CA GLY H 454 21.23 64.64 -44.94
C GLY H 454 21.52 66.08 -45.25
N ALA H 455 22.75 66.38 -45.69
CA ALA H 455 23.17 67.74 -46.02
C ALA H 455 23.45 67.83 -47.51
N LEU H 456 22.78 68.76 -48.18
CA LEU H 456 22.98 69.01 -49.61
C LEU H 456 22.79 67.73 -50.43
N VAL H 457 21.72 67.00 -50.11
CA VAL H 457 21.41 65.79 -50.87
C VAL H 457 19.90 65.62 -51.00
N PRO H 458 19.42 64.82 -51.94
CA PRO H 458 17.96 64.55 -52.04
C PRO H 458 17.48 63.72 -50.86
N SER H 459 16.16 63.55 -50.80
CA SER H 459 15.52 62.98 -49.63
C SER H 459 15.95 61.55 -49.34
N GLY H 460 16.56 60.86 -50.30
CA GLY H 460 16.86 59.47 -50.11
C GLY H 460 18.17 59.14 -49.40
N THR H 461 19.02 60.14 -49.16
CA THR H 461 20.34 59.92 -48.56
C THR H 461 20.53 60.55 -47.19
N THR H 462 21.21 59.79 -46.33
CA THR H 462 21.73 60.24 -45.05
C THR H 462 23.25 60.28 -45.15
N ASN H 463 23.83 61.46 -44.98
CA ASN H 463 25.26 61.58 -45.25
C ASN H 463 26.07 62.33 -44.20
N THR H 464 25.50 62.68 -43.06
CA THR H 464 26.18 63.56 -42.12
C THR H 464 25.95 63.08 -40.69
N ALA H 465 27.03 62.97 -39.92
CA ALA H 465 26.97 62.60 -38.52
C ALA H 465 27.79 63.58 -37.68
N SER H 466 27.21 64.03 -36.58
CA SER H 466 27.79 65.09 -35.76
C SER H 466 27.58 64.78 -34.29
N VAL H 467 28.61 65.04 -33.48
CA VAL H 467 28.62 64.69 -32.06
C VAL H 467 28.55 65.96 -31.23
N HIS H 468 27.60 66.01 -30.29
CA HIS H 468 27.39 67.21 -29.49
C HIS H 468 27.18 66.84 -28.02
N VAL H 469 27.65 67.72 -27.14
CA VAL H 469 27.42 67.61 -25.71
C VAL H 469 26.24 68.50 -25.35
N LEU H 470 25.26 67.96 -24.65
CA LEU H 470 24.07 68.72 -24.30
C LEU H 470 24.35 69.68 -23.15
S SO4 I . 40.23 11.57 -19.93
O1 SO4 I . 39.89 11.67 -21.35
O2 SO4 I . 39.02 11.41 -19.12
O3 SO4 I . 41.12 10.42 -19.71
O4 SO4 I . 40.93 12.80 -19.55
S SO4 J . -45.10 -43.58 67.48
O1 SO4 J . -46.52 -43.40 67.72
O2 SO4 J . -44.88 -44.57 66.42
O3 SO4 J . -44.45 -44.02 68.71
O4 SO4 J . -44.51 -42.33 67.01
S SO4 K . 40.91 73.39 -35.60
O1 SO4 K . 40.99 72.37 -36.64
O2 SO4 K . 40.10 72.86 -34.51
O3 SO4 K . 40.29 74.61 -36.12
O4 SO4 K . 42.26 73.71 -35.12
S SO4 L . -57.82 -47.74 8.46
O1 SO4 L . -58.28 -47.40 7.12
O2 SO4 L . -58.72 -48.74 9.03
O3 SO4 L . -56.47 -48.30 8.38
O4 SO4 L . -57.81 -46.54 9.29
S SO4 M . 62.05 17.81 -41.00
O1 SO4 M . 60.76 17.59 -41.63
O2 SO4 M . 61.87 18.67 -39.83
O3 SO4 M . 62.96 18.43 -41.96
O4 SO4 M . 62.61 16.53 -40.58
S SO4 N . -16.73 -48.59 57.19
O1 SO4 N . -17.44 -47.43 56.67
O2 SO4 N . -17.57 -49.76 57.01
O3 SO4 N . -15.47 -48.77 56.46
O4 SO4 N . -16.46 -48.42 58.61
S SO4 O . -38.82 -22.69 7.36
O1 SO4 O . -39.43 -22.64 6.03
O2 SO4 O . -39.83 -22.47 8.38
O3 SO4 O . -38.21 -24.01 7.57
O4 SO4 O . -37.79 -21.65 7.46
S SO4 P . 14.78 60.30 -45.10
O1 SO4 P . 13.65 59.41 -45.35
O2 SO4 P . 15.28 60.12 -43.74
O3 SO4 P . 15.84 59.98 -46.06
O4 SO4 P . 14.36 61.69 -45.26
#